data_6IGF
#
_entry.id   6IGF
#
_cell.length_a   306.768
_cell.length_b   105.070
_cell.length_c   196.903
_cell.angle_alpha   90.00
_cell.angle_beta   125.80
_cell.angle_gamma   90.00
#
_symmetry.space_group_name_H-M   'C 1 2 1'
#
_entity_poly.entity_id   1
_entity_poly.type   'polypeptide(L)'
_entity_poly.pdbx_seq_one_letter_code
;MVQILFYILVIFYYVAGVNVFHIFLQMSVWRPSEATVYLPPVPVSKVVSTDEYVSRTSIYYYAGSSRLLTVGHPYFSIKN
TSSGNGKKVLVPKVSGLQYRVFRIKLPDPNKFGFPDTSFYNPETQRLVWACTGLEIGRGQPLGVGISGHPLLNKFDDTET
SNKYAGKPGIDNRECLSMDYKQTQLCILGCKPPIGEHWGKGTPCNNNSGNPGDCPPLQLINSVIQDGDMVDTGFGCMDFN
TLQASKSDVPIDICSSVCKYPDYLQMASEPYGDSLFFFLRREQMFVRHFFNRAGTLGDPVPGDLYIQGSNSGNTATVQSS
AFFPTPSGSMVTSESQLFNKPYWLQRAQGHNNGICWGNQLFVTVVDTTRSTNMTLCAEVKKESTYKNENFKEYLRHGEEF
DLQFIFQLCKITLTADVMTYIHKMDATILEDWQFGLTPPPSASLEDTYRFVTSTAITCQKNTPPKGKEDPLKDYMFWEVD
LKEKFSADLDQFPLGRKFLLQAGLQARPKLKRPASSAPRTSTKKKKVKR
;
_entity_poly.pdbx_strand_id   A,B,C,D,E,F,G,H,I,J
#
# COMPACT_ATOMS: atom_id res chain seq x y z
N LYS A 46 -14.29 17.83 41.46
CA LYS A 46 -15.02 18.85 42.22
C LYS A 46 -16.29 19.28 41.47
N VAL A 47 -16.11 20.01 40.36
CA VAL A 47 -17.19 20.35 39.44
C VAL A 47 -17.27 19.27 38.37
N VAL A 48 -18.48 18.80 38.05
CA VAL A 48 -18.63 17.72 37.09
C VAL A 48 -19.53 18.15 35.95
N SER A 49 -19.41 17.42 34.85
CA SER A 49 -20.32 17.57 33.72
C SER A 49 -21.74 17.26 34.16
N THR A 50 -22.70 17.99 33.59
CA THR A 50 -24.10 17.71 33.88
C THR A 50 -24.50 16.32 33.44
N ASP A 51 -23.71 15.66 32.60
CA ASP A 51 -24.05 14.32 32.17
C ASP A 51 -24.07 13.31 33.31
N GLU A 52 -23.41 13.61 34.44
CA GLU A 52 -23.38 12.67 35.54
C GLU A 52 -24.56 12.80 36.50
N TYR A 53 -25.34 13.89 36.43
CA TYR A 53 -26.46 14.03 37.34
C TYR A 53 -27.72 14.55 36.66
N VAL A 54 -27.75 14.62 35.34
CA VAL A 54 -28.92 15.07 34.60
C VAL A 54 -29.29 13.97 33.62
N SER A 55 -30.48 13.40 33.78
CA SER A 55 -30.88 12.29 32.95
C SER A 55 -31.66 12.85 31.77
N ARG A 56 -31.31 12.39 30.57
CA ARG A 56 -31.96 12.85 29.36
C ARG A 56 -33.16 11.96 29.03
N THR A 57 -34.26 12.59 28.68
CA THR A 57 -35.42 11.89 28.15
C THR A 57 -35.42 12.02 26.63
N SER A 58 -36.35 11.30 26.00
CA SER A 58 -36.55 11.39 24.57
C SER A 58 -37.68 12.33 24.18
N ILE A 59 -38.11 13.18 25.11
CA ILE A 59 -39.16 14.17 24.86
C ILE A 59 -38.50 15.43 24.31
N TYR A 60 -38.92 15.86 23.12
CA TYR A 60 -38.41 17.09 22.53
C TYR A 60 -39.55 18.08 22.31
N TYR A 61 -39.23 19.37 22.42
CA TYR A 61 -40.21 20.42 22.21
C TYR A 61 -39.61 21.50 21.30
N TYR A 62 -40.49 22.15 20.54
CA TYR A 62 -40.13 23.28 19.69
C TYR A 62 -40.65 24.58 20.32
N ALA A 63 -39.92 25.67 20.08
CA ALA A 63 -40.39 26.99 20.48
C ALA A 63 -39.81 28.03 19.53
N GLY A 64 -40.65 28.92 19.03
CA GLY A 64 -40.20 29.97 18.14
C GLY A 64 -40.75 31.32 18.55
N SER A 65 -39.93 32.35 18.37
CA SER A 65 -40.35 33.68 18.78
C SER A 65 -41.23 34.38 17.74
N SER A 66 -41.31 33.85 16.51
CA SER A 66 -41.89 34.57 15.39
C SER A 66 -41.13 35.87 15.13
N ARG A 67 -41.68 36.77 14.30
CA ARG A 67 -40.90 37.93 13.87
C ARG A 67 -40.61 38.86 15.04
N LEU A 68 -39.35 39.32 15.10
CA LEU A 68 -38.88 40.33 16.04
C LEU A 68 -38.37 41.52 15.25
N LEU A 69 -38.84 42.73 15.59
CA LEU A 69 -38.49 43.94 14.87
C LEU A 69 -38.15 45.04 15.86
N THR A 70 -37.14 45.84 15.51
CA THR A 70 -36.88 47.08 16.21
C THR A 70 -36.37 48.07 15.18
N VAL A 71 -36.89 49.29 15.22
CA VAL A 71 -36.49 50.33 14.28
C VAL A 71 -36.12 51.57 15.09
N GLY A 72 -35.08 52.26 14.66
CA GLY A 72 -34.64 53.42 15.40
C GLY A 72 -33.64 54.24 14.63
N HIS A 73 -32.96 55.11 15.34
CA HIS A 73 -31.92 55.95 14.78
C HIS A 73 -30.55 55.29 14.98
N PRO A 74 -29.70 55.29 13.97
CA PRO A 74 -28.46 54.51 14.06
C PRO A 74 -27.39 55.11 14.97
N TYR A 75 -27.46 56.39 15.30
CA TYR A 75 -26.39 57.09 16.01
C TYR A 75 -26.72 57.47 17.43
N PHE A 76 -27.98 57.77 17.73
CA PHE A 76 -28.34 58.23 19.06
C PHE A 76 -29.83 58.08 19.24
N SER A 77 -30.26 57.91 20.49
CA SER A 77 -31.67 57.91 20.77
C SER A 77 -32.19 59.34 20.75
N ILE A 78 -33.46 59.50 20.38
CA ILE A 78 -34.05 60.82 20.30
C ILE A 78 -34.98 60.93 21.50
N LYS A 79 -34.55 61.75 22.46
CA LYS A 79 -35.19 61.94 23.75
C LYS A 79 -35.96 63.25 23.65
N ASN A 80 -37.25 63.23 23.92
CA ASN A 80 -38.02 64.47 23.77
C ASN A 80 -39.16 64.56 24.79
N LYS A 87 -36.35 62.02 31.25
CA LYS A 87 -35.66 61.36 30.13
C LYS A 87 -36.52 60.25 29.52
N LYS A 88 -37.25 60.57 28.45
CA LYS A 88 -38.14 59.63 27.77
C LYS A 88 -37.72 59.49 26.30
N VAL A 89 -37.80 58.28 25.77
CA VAL A 89 -37.28 57.94 24.44
C VAL A 89 -38.42 57.91 23.41
N LEU A 90 -38.35 58.79 22.41
CA LEU A 90 -39.29 58.70 21.29
C LEU A 90 -38.75 57.83 20.16
N VAL A 91 -37.46 57.90 19.85
CA VAL A 91 -36.84 57.01 18.89
C VAL A 91 -35.63 56.39 19.58
N PRO A 92 -35.56 55.06 19.74
CA PRO A 92 -34.39 54.45 20.38
C PRO A 92 -33.22 54.39 19.42
N LYS A 93 -32.03 54.16 19.99
CA LYS A 93 -30.82 53.97 19.18
C LYS A 93 -30.79 52.53 18.70
N VAL A 94 -30.93 52.32 17.39
CA VAL A 94 -30.94 50.99 16.80
C VAL A 94 -29.89 50.98 15.70
N SER A 95 -28.83 50.18 15.89
CA SER A 95 -27.68 50.17 15.00
C SER A 95 -27.21 48.74 14.77
N GLY A 96 -26.71 48.48 13.56
CA GLY A 96 -26.07 47.20 13.30
C GLY A 96 -24.79 46.96 14.09
N LEU A 97 -24.31 47.96 14.81
CA LEU A 97 -23.11 47.85 15.62
C LEU A 97 -23.42 47.59 17.09
N GLN A 98 -24.65 47.22 17.41
CA GLN A 98 -25.05 46.93 18.77
C GLN A 98 -25.02 45.42 19.05
N TYR A 99 -24.72 45.07 20.30
CA TYR A 99 -25.04 43.74 20.79
C TYR A 99 -26.56 43.60 20.92
N ARG A 100 -27.08 42.47 20.48
CA ARG A 100 -28.44 42.05 20.79
C ARG A 100 -28.34 40.89 21.77
N VAL A 101 -28.80 41.09 23.00
CA VAL A 101 -28.72 40.08 24.05
C VAL A 101 -30.15 39.71 24.40
N PHE A 102 -30.60 38.54 23.93
CA PHE A 102 -31.95 38.07 24.13
C PHE A 102 -32.02 37.24 25.40
N ARG A 103 -32.94 37.60 26.30
CA ARG A 103 -33.25 36.78 27.48
C ARG A 103 -34.53 35.99 27.19
N ILE A 104 -34.38 34.70 26.94
CA ILE A 104 -35.49 33.83 26.54
C ILE A 104 -36.11 33.19 27.78
N LYS A 105 -37.42 33.32 27.92
CA LYS A 105 -38.14 32.82 29.08
C LYS A 105 -38.80 31.48 28.74
N LEU A 106 -38.44 30.40 29.49
CA LEU A 106 -39.00 29.08 29.24
C LEU A 106 -40.07 28.74 30.27
N PRO A 107 -41.06 27.92 29.92
CA PRO A 107 -42.01 27.45 30.92
C PRO A 107 -41.35 26.50 31.90
N ASP A 108 -41.67 26.65 33.18
CA ASP A 108 -41.16 25.73 34.19
C ASP A 108 -41.68 24.33 33.89
N PRO A 109 -40.81 23.37 33.57
CA PRO A 109 -41.32 22.02 33.27
C PRO A 109 -41.91 21.32 34.47
N ASN A 110 -41.52 21.70 35.69
CA ASN A 110 -42.13 21.07 36.86
C ASN A 110 -43.56 21.54 37.08
N LYS A 111 -43.94 22.69 36.51
CA LYS A 111 -45.31 23.19 36.52
C LYS A 111 -45.92 23.20 35.14
N PHE A 112 -45.30 22.54 34.17
CA PHE A 112 -45.77 22.57 32.80
C PHE A 112 -46.94 21.63 32.69
N GLY A 113 -47.94 22.02 31.90
CA GLY A 113 -49.12 21.19 31.80
C GLY A 113 -48.83 19.96 30.99
N PHE A 114 -48.00 19.07 31.56
CA PHE A 114 -47.77 17.82 30.89
C PHE A 114 -49.04 16.99 30.94
N PRO A 115 -49.41 16.38 29.81
CA PRO A 115 -50.59 15.51 29.75
C PRO A 115 -50.41 14.21 30.53
N ASP A 116 -49.18 13.76 30.73
CA ASP A 116 -48.91 12.56 31.51
C ASP A 116 -47.68 12.81 32.37
N THR A 117 -47.86 12.80 33.68
CA THR A 117 -46.80 13.08 34.63
C THR A 117 -46.28 11.82 35.31
N SER A 118 -46.34 10.67 34.63
CA SER A 118 -45.90 9.41 35.22
C SER A 118 -44.48 9.02 34.79
N PHE A 119 -43.79 9.88 34.04
CA PHE A 119 -42.40 9.62 33.63
C PHE A 119 -41.37 10.07 34.66
N TYR A 120 -41.77 10.87 35.65
CA TYR A 120 -40.86 11.30 36.70
C TYR A 120 -41.62 11.35 38.02
N ASN A 121 -40.87 11.43 39.11
CA ASN A 121 -41.43 11.36 40.46
C ASN A 121 -41.20 12.66 41.20
N PRO A 122 -42.23 13.49 41.37
CA PRO A 122 -42.04 14.76 42.11
C PRO A 122 -41.61 14.57 43.57
N GLU A 123 -41.61 13.33 44.10
CA GLU A 123 -41.11 13.10 45.45
C GLU A 123 -39.59 13.16 45.52
N THR A 124 -38.90 12.67 44.49
CA THR A 124 -37.45 12.58 44.50
C THR A 124 -36.78 13.21 43.28
N GLN A 125 -37.55 13.71 42.31
CA GLN A 125 -37.01 14.19 41.04
C GLN A 125 -37.61 15.53 40.67
N ARG A 126 -36.85 16.31 39.90
CA ARG A 126 -37.30 17.54 39.29
C ARG A 126 -36.93 17.58 37.81
N LEU A 127 -37.62 18.43 37.06
CA LEU A 127 -37.45 18.56 35.63
C LEU A 127 -36.69 19.83 35.29
N VAL A 128 -36.00 19.81 34.15
CA VAL A 128 -35.28 20.96 33.62
C VAL A 128 -35.19 20.79 32.12
N TRP A 129 -35.11 21.91 31.40
CA TRP A 129 -34.94 21.87 29.96
C TRP A 129 -33.46 21.89 29.60
N ALA A 130 -33.11 21.16 28.55
CA ALA A 130 -31.79 21.23 27.95
C ALA A 130 -31.94 21.66 26.51
N CYS A 131 -31.06 22.54 26.06
CA CYS A 131 -31.09 23.03 24.69
C CYS A 131 -30.32 22.10 23.78
N THR A 132 -30.98 21.62 22.72
CA THR A 132 -30.29 20.80 21.74
C THR A 132 -30.14 21.46 20.38
N GLY A 133 -30.97 22.45 20.07
CA GLY A 133 -30.92 23.09 18.77
C GLY A 133 -31.34 24.55 18.81
N LEU A 134 -30.88 25.29 17.80
CA LEU A 134 -31.03 26.73 17.76
C LEU A 134 -30.81 27.18 16.31
N GLU A 135 -31.71 28.02 15.80
CA GLU A 135 -31.48 28.71 14.53
C GLU A 135 -31.74 30.19 14.72
N ILE A 136 -30.75 31.03 14.41
CA ILE A 136 -30.87 32.48 14.55
C ILE A 136 -31.27 33.04 13.18
N GLY A 137 -32.54 33.39 13.05
CA GLY A 137 -33.04 33.95 11.80
C GLY A 137 -32.70 35.43 11.69
N ARG A 138 -32.36 35.84 10.47
CA ARG A 138 -32.06 37.23 10.17
C ARG A 138 -32.81 37.63 8.91
N GLY A 139 -33.68 38.63 9.02
CA GLY A 139 -34.27 39.28 7.88
C GLY A 139 -33.43 40.43 7.37
N GLN A 140 -33.99 41.15 6.39
CA GLN A 140 -33.38 42.32 5.76
C GLN A 140 -32.26 41.89 4.82
N PRO A 141 -31.94 42.69 3.81
CA PRO A 141 -30.84 42.35 2.91
C PRO A 141 -29.51 42.56 3.59
N LEU A 142 -28.47 41.92 3.03
CA LEU A 142 -27.13 42.26 3.45
C LEU A 142 -26.80 43.68 3.03
N GLY A 143 -26.04 44.38 3.86
CA GLY A 143 -25.69 45.77 3.57
C GLY A 143 -24.75 46.30 4.63
N VAL A 144 -24.19 47.48 4.34
CA VAL A 144 -23.20 48.11 5.22
C VAL A 144 -23.64 49.53 5.52
N GLY A 145 -23.65 49.89 6.81
CA GLY A 145 -23.89 51.26 7.23
C GLY A 145 -22.59 52.00 7.50
N ILE A 146 -22.71 53.32 7.66
CA ILE A 146 -21.55 54.18 7.90
C ILE A 146 -21.86 55.09 9.07
N SER A 147 -20.81 55.38 9.86
CA SER A 147 -20.91 56.28 10.99
C SER A 147 -19.91 57.42 10.81
N GLY A 148 -20.20 58.55 11.45
CA GLY A 148 -19.33 59.70 11.33
C GLY A 148 -19.51 60.70 12.45
N HIS A 149 -18.90 61.87 12.26
CA HIS A 149 -18.94 62.92 13.24
C HIS A 149 -18.87 64.22 12.45
N PRO A 150 -19.81 65.14 12.63
CA PRO A 150 -19.71 66.41 11.92
C PRO A 150 -18.49 67.21 12.35
N LEU A 151 -17.93 66.93 13.53
CA LEU A 151 -16.76 67.63 14.05
C LEU A 151 -15.72 66.61 14.55
N LEU A 152 -15.24 65.77 13.65
CA LEU A 152 -14.20 64.81 14.01
C LEU A 152 -12.83 65.47 14.08
N ASN A 153 -12.05 65.12 15.10
CA ASN A 153 -10.70 65.66 15.26
C ASN A 153 -9.78 64.95 14.29
N LYS A 154 -9.88 65.35 13.02
CA LYS A 154 -8.89 65.01 12.02
C LYS A 154 -8.14 66.28 11.67
N PHE A 155 -6.81 66.19 11.62
CA PHE A 155 -6.02 67.33 11.20
C PHE A 155 -5.49 67.13 9.78
N ASP A 156 -4.38 66.41 9.62
CA ASP A 156 -3.81 66.19 8.30
C ASP A 156 -3.99 64.73 7.87
N ASP A 157 -4.00 64.54 6.56
CA ASP A 157 -3.91 63.21 5.96
C ASP A 157 -2.44 62.86 5.81
N THR A 158 -1.99 61.82 6.52
CA THR A 158 -0.59 61.47 6.61
C THR A 158 -0.21 60.28 5.73
N GLU A 159 -0.99 59.99 4.70
CA GLU A 159 -0.72 58.80 3.89
C GLU A 159 0.32 59.07 2.82
N THR A 160 0.18 60.16 2.07
CA THR A 160 1.07 60.44 0.94
C THR A 160 1.71 61.80 1.01
N SER A 161 0.98 62.84 1.41
CA SER A 161 1.46 64.22 1.35
C SER A 161 1.09 64.96 2.64
N ASN A 162 2.10 65.31 3.42
CA ASN A 162 1.88 66.10 4.62
C ASN A 162 3.14 66.95 4.86
N LYS A 163 3.35 67.94 3.99
CA LYS A 163 4.53 68.78 4.09
C LYS A 163 4.42 69.82 5.19
N TYR A 164 5.60 70.28 5.61
CA TYR A 164 5.73 71.35 6.59
C TYR A 164 5.56 72.69 5.89
N ALA A 165 4.66 73.52 6.40
CA ALA A 165 3.93 73.22 7.61
C ALA A 165 2.52 73.78 7.59
N GLY A 166 1.92 73.77 8.78
CA GLY A 166 0.59 74.25 9.04
C GLY A 166 0.23 73.85 10.45
N LYS A 167 0.17 74.79 11.35
CA LYS A 167 -0.07 74.41 12.73
C LYS A 167 -1.56 74.41 13.03
N PRO A 168 -1.99 73.71 14.10
CA PRO A 168 -3.43 73.54 14.33
C PRO A 168 -4.31 74.79 14.29
N GLY A 169 -4.04 75.81 15.08
CA GLY A 169 -5.05 76.83 15.23
C GLY A 169 -6.13 76.37 16.20
N ILE A 170 -7.26 77.07 16.21
CA ILE A 170 -8.24 76.86 17.28
C ILE A 170 -9.19 75.70 17.06
N ASP A 171 -9.59 75.42 15.82
CA ASP A 171 -10.61 74.40 15.58
C ASP A 171 -10.51 73.99 14.12
N ASN A 172 -9.94 72.81 13.87
CA ASN A 172 -9.81 72.29 12.51
C ASN A 172 -10.64 71.05 12.30
N ARG A 173 -11.62 70.82 13.19
CA ARG A 173 -12.43 69.62 13.09
C ARG A 173 -13.21 69.61 11.79
N GLU A 174 -13.36 68.42 11.22
CA GLU A 174 -13.97 68.22 9.93
C GLU A 174 -15.15 67.27 10.07
N CYS A 175 -15.98 67.24 9.02
CA CYS A 175 -17.19 66.44 8.97
C CYS A 175 -16.92 65.17 8.16
N LEU A 176 -16.53 64.09 8.83
CA LEU A 176 -16.11 62.85 8.18
C LEU A 176 -16.93 61.65 8.64
N SER A 177 -16.95 60.63 7.79
CA SER A 177 -17.61 59.36 8.10
C SER A 177 -16.76 58.20 7.60
N MET A 178 -17.17 56.99 7.96
CA MET A 178 -16.40 55.79 7.70
C MET A 178 -17.32 54.60 7.85
N ASP A 179 -16.87 53.46 7.33
CA ASP A 179 -17.53 52.18 7.57
C ASP A 179 -16.72 51.40 8.60
N TYR A 180 -17.41 50.75 9.52
CA TYR A 180 -16.75 50.16 10.68
C TYR A 180 -16.22 48.76 10.36
N LYS A 181 -15.46 48.23 11.32
CA LYS A 181 -15.02 46.83 11.31
C LYS A 181 -16.21 45.87 11.28
N GLN A 182 -16.15 44.87 10.39
CA GLN A 182 -17.23 43.90 10.28
C GLN A 182 -17.08 42.80 11.33
N THR A 183 -18.18 42.48 12.01
CA THR A 183 -18.24 41.52 13.11
C THR A 183 -19.55 40.74 13.05
N GLN A 184 -19.45 39.43 13.05
CA GLN A 184 -20.58 38.55 13.33
C GLN A 184 -20.24 37.72 14.55
N LEU A 185 -21.18 37.59 15.48
CA LEU A 185 -20.95 36.64 16.56
C LEU A 185 -22.25 36.23 17.20
N CYS A 186 -22.26 35.00 17.72
CA CYS A 186 -23.37 34.50 18.51
CA CYS A 186 -23.37 34.48 18.51
C CYS A 186 -22.83 33.76 19.73
N ILE A 187 -23.40 34.03 20.88
CA ILE A 187 -23.06 33.33 22.12
C ILE A 187 -24.34 32.77 22.73
N LEU A 188 -24.26 31.54 23.20
CA LEU A 188 -25.39 30.83 23.81
C LEU A 188 -25.01 30.40 25.22
N GLY A 189 -25.89 30.67 26.18
CA GLY A 189 -25.67 30.24 27.55
C GLY A 189 -26.93 30.42 28.35
N CYS A 190 -26.88 29.96 29.60
CA CYS A 190 -28.02 30.14 30.49
C CYS A 190 -27.82 31.29 31.48
N LYS A 191 -26.65 31.90 31.49
CA LYS A 191 -26.38 33.16 32.18
C LYS A 191 -25.82 34.16 31.19
N PRO A 192 -26.03 35.46 31.42
CA PRO A 192 -25.65 36.44 30.40
C PRO A 192 -24.19 36.50 30.19
N PRO A 193 -23.69 36.91 29.01
CA PRO A 193 -22.28 36.90 28.69
C PRO A 193 -21.51 38.07 29.30
N ILE A 194 -20.20 37.86 29.44
CA ILE A 194 -19.29 38.83 30.05
C ILE A 194 -18.35 39.36 28.98
N GLY A 195 -18.27 40.69 28.88
CA GLY A 195 -17.39 41.37 27.96
C GLY A 195 -16.23 42.06 28.68
N GLU A 196 -15.28 42.55 27.89
CA GLU A 196 -14.15 43.30 28.40
C GLU A 196 -13.99 44.64 27.66
N HIS A 197 -13.51 45.65 28.39
CA HIS A 197 -13.22 46.96 27.82
C HIS A 197 -12.26 47.72 28.74
N TRP A 198 -11.56 48.70 28.16
CA TRP A 198 -10.63 49.53 28.90
C TRP A 198 -11.34 50.75 29.48
N GLY A 199 -11.11 51.01 30.77
CA GLY A 199 -11.71 52.15 31.43
C GLY A 199 -10.68 52.98 32.20
N LYS A 200 -11.16 54.11 32.71
CA LYS A 200 -10.32 54.99 33.51
C LYS A 200 -10.03 54.36 34.86
N GLY A 201 -8.74 54.28 35.21
CA GLY A 201 -8.29 53.74 36.47
C GLY A 201 -8.44 54.74 37.62
N THR A 202 -7.78 54.40 38.72
CA THR A 202 -7.66 55.09 40.00
C THR A 202 -6.53 56.12 39.93
N PRO A 203 -6.69 57.29 40.56
CA PRO A 203 -5.74 58.38 40.33
C PRO A 203 -4.33 58.15 40.87
N CYS A 204 -4.11 57.12 41.69
CA CYS A 204 -2.78 56.79 42.20
C CYS A 204 -2.07 57.98 42.86
N ASN A 210 -1.20 68.04 35.91
CA ASN A 210 -2.12 66.96 36.29
C ASN A 210 -3.36 67.04 35.38
N PRO A 211 -3.91 68.26 35.15
CA PRO A 211 -5.02 68.36 34.20
C PRO A 211 -4.52 68.20 32.78
N GLY A 212 -4.93 67.10 32.15
CA GLY A 212 -4.43 66.72 30.86
C GLY A 212 -3.35 65.65 30.92
N ASP A 213 -3.12 65.05 32.08
CA ASP A 213 -2.24 63.91 32.14
C ASP A 213 -2.94 62.71 31.53
N CYS A 214 -2.15 61.77 31.05
CA CYS A 214 -2.74 60.60 30.44
C CYS A 214 -3.49 59.79 31.49
N PRO A 215 -4.74 59.41 31.23
CA PRO A 215 -5.49 58.63 32.22
C PRO A 215 -4.87 57.25 32.40
N PRO A 216 -4.91 56.70 33.61
CA PRO A 216 -4.45 55.32 33.79
C PRO A 216 -5.49 54.33 33.25
N LEU A 217 -5.00 53.22 32.69
CA LEU A 217 -5.86 52.25 32.05
C LEU A 217 -6.09 51.01 32.93
N GLN A 218 -7.31 50.48 32.85
CA GLN A 218 -7.70 49.32 33.63
C GLN A 218 -8.69 48.49 32.84
N LEU A 219 -8.45 47.17 32.77
CA LEU A 219 -9.32 46.24 32.05
C LEU A 219 -10.54 45.92 32.90
N ILE A 220 -11.73 46.15 32.35
CA ILE A 220 -12.98 46.05 33.10
C ILE A 220 -13.85 44.92 32.54
N ASN A 221 -14.38 44.09 33.43
CA ASN A 221 -15.36 43.09 33.09
C ASN A 221 -16.76 43.56 33.45
N SER A 222 -17.74 43.20 32.62
CA SER A 222 -19.11 43.62 32.82
C SER A 222 -20.01 42.66 32.06
N VAL A 223 -21.30 42.65 32.44
CA VAL A 223 -22.30 41.90 31.70
C VAL A 223 -22.65 42.68 30.44
N ILE A 224 -22.68 42.00 29.30
CA ILE A 224 -23.08 42.63 28.05
C ILE A 224 -24.60 42.74 28.00
N GLN A 225 -25.09 43.97 27.91
CA GLN A 225 -26.51 44.25 27.89
C GLN A 225 -26.99 44.53 26.46
N ASP A 226 -28.30 44.35 26.26
CA ASP A 226 -28.88 44.67 24.96
C ASP A 226 -28.73 46.15 24.69
N GLY A 227 -28.19 46.49 23.51
CA GLY A 227 -27.95 47.87 23.15
C GLY A 227 -26.52 48.34 23.35
N ASP A 228 -25.70 47.58 24.07
CA ASP A 228 -24.29 47.90 24.17
C ASP A 228 -23.65 47.90 22.79
N MET A 229 -22.59 48.69 22.63
CA MET A 229 -21.93 48.81 21.35
C MET A 229 -20.77 47.82 21.24
N VAL A 230 -20.62 47.22 20.07
CA VAL A 230 -19.47 46.38 19.82
C VAL A 230 -18.27 47.25 19.42
N ASP A 231 -17.07 46.69 19.54
CA ASP A 231 -15.88 47.37 19.05
C ASP A 231 -15.96 47.55 17.54
N THR A 232 -15.40 48.65 17.05
CA THR A 232 -15.60 49.11 15.68
C THR A 232 -14.33 49.31 14.88
N GLY A 233 -13.16 49.06 15.47
CA GLY A 233 -11.89 49.42 14.88
C GLY A 233 -11.07 50.37 15.74
N PHE A 234 -11.69 51.02 16.73
CA PHE A 234 -10.99 51.86 17.67
C PHE A 234 -10.79 51.19 19.03
N GLY A 235 -11.01 49.88 19.12
CA GLY A 235 -10.75 49.15 20.34
C GLY A 235 -11.96 49.09 21.26
N CYS A 236 -11.82 48.28 22.30
CA CYS A 236 -12.87 48.11 23.30
C CYS A 236 -12.55 48.99 24.49
N MET A 237 -13.18 50.18 24.52
CA MET A 237 -12.87 51.15 25.56
C MET A 237 -14.10 51.98 25.90
N ASP A 238 -14.05 52.61 27.07
CA ASP A 238 -15.06 53.58 27.52
C ASP A 238 -14.69 54.93 26.95
N PHE A 239 -15.28 55.27 25.79
CA PHE A 239 -14.95 56.53 25.14
C PHE A 239 -15.45 57.74 25.93
N ASN A 240 -16.52 57.56 26.71
CA ASN A 240 -17.08 58.69 27.47
C ASN A 240 -16.07 59.25 28.45
N THR A 241 -15.21 58.40 29.03
CA THR A 241 -14.25 58.81 30.04
C THR A 241 -12.82 58.91 29.53
N LEU A 242 -12.45 58.20 28.47
CA LEU A 242 -11.08 58.23 27.98
C LEU A 242 -10.86 59.20 26.83
N GLN A 243 -11.92 59.74 26.22
CA GLN A 243 -11.82 60.74 25.15
C GLN A 243 -12.72 61.91 25.53
N ALA A 244 -12.13 62.96 26.11
CA ALA A 244 -12.90 64.04 26.72
C ALA A 244 -13.48 65.02 25.69
N SER A 245 -12.84 65.21 24.55
CA SER A 245 -13.29 66.19 23.56
C SER A 245 -14.57 65.78 22.84
N LYS A 246 -14.96 64.50 22.90
CA LYS A 246 -16.11 63.97 22.19
C LYS A 246 -15.94 64.04 20.68
N SER A 247 -14.72 64.23 20.18
CA SER A 247 -14.50 64.43 18.75
C SER A 247 -13.49 63.44 18.15
N ASP A 248 -13.04 62.44 18.90
CA ASP A 248 -12.02 61.54 18.39
C ASP A 248 -12.59 60.31 17.68
N VAL A 249 -13.85 59.97 17.91
CA VAL A 249 -14.50 58.86 17.23
C VAL A 249 -15.91 59.27 16.86
N PRO A 250 -16.54 58.56 15.91
CA PRO A 250 -17.87 58.98 15.44
C PRO A 250 -18.88 59.06 16.58
N ILE A 251 -19.98 59.79 16.32
CA ILE A 251 -20.89 60.16 17.40
C ILE A 251 -21.67 58.96 17.91
N ASP A 252 -21.74 57.86 17.18
CA ASP A 252 -22.51 56.73 17.69
C ASP A 252 -21.74 55.91 18.71
N ILE A 253 -20.47 56.25 18.95
CA ILE A 253 -19.69 55.57 19.98
C ILE A 253 -18.92 56.54 20.87
N CYS A 254 -18.97 57.85 20.60
CA CYS A 254 -18.11 58.80 21.30
C CYS A 254 -18.51 59.04 22.74
N SER A 255 -19.75 58.75 23.13
CA SER A 255 -20.15 58.78 24.54
C SER A 255 -20.73 57.45 24.98
N SER A 256 -20.34 56.37 24.31
CA SER A 256 -20.76 55.01 24.61
C SER A 256 -19.54 54.21 25.07
N VAL A 257 -19.80 53.00 25.55
CA VAL A 257 -18.76 52.03 25.88
C VAL A 257 -18.77 50.93 24.82
N CYS A 258 -17.61 50.67 24.21
CA CYS A 258 -17.45 49.58 23.26
C CYS A 258 -16.89 48.35 23.96
N LYS A 259 -17.63 47.24 23.91
CA LYS A 259 -17.25 46.03 24.61
C LYS A 259 -16.94 44.89 23.63
N TYR A 260 -15.97 44.07 24.01
CA TYR A 260 -15.62 42.84 23.31
C TYR A 260 -15.78 41.65 24.25
N PRO A 261 -16.29 40.52 23.77
CA PRO A 261 -16.57 39.39 24.68
C PRO A 261 -15.29 38.85 25.32
N ASP A 262 -15.32 38.66 26.64
CA ASP A 262 -14.18 38.07 27.34
C ASP A 262 -14.26 36.55 27.18
N TYR A 263 -13.93 36.11 25.96
CA TYR A 263 -13.99 34.69 25.66
C TYR A 263 -13.08 33.88 26.59
N LEU A 264 -11.89 34.38 26.87
CA LEU A 264 -10.97 33.65 27.73
C LEU A 264 -11.53 33.45 29.13
N GLN A 265 -12.07 34.52 29.72
CA GLN A 265 -12.62 34.37 31.07
C GLN A 265 -13.88 33.50 31.07
N MET A 266 -14.79 33.71 30.12
CA MET A 266 -16.00 32.91 30.07
C MET A 266 -15.69 31.44 29.84
N ALA A 267 -14.64 31.13 29.07
CA ALA A 267 -14.32 29.72 28.83
C ALA A 267 -13.78 29.06 30.09
N SER A 268 -13.13 29.81 30.97
CA SER A 268 -12.48 29.29 32.16
C SER A 268 -13.37 29.29 33.40
N GLU A 269 -14.63 29.71 33.28
CA GLU A 269 -15.52 29.61 34.42
C GLU A 269 -15.80 28.13 34.71
N PRO A 270 -15.79 27.71 35.97
CA PRO A 270 -15.87 26.27 36.25
C PRO A 270 -17.15 25.61 35.74
N TYR A 271 -18.30 26.22 35.96
CA TYR A 271 -19.54 25.53 35.58
C TYR A 271 -19.85 25.70 34.09
N GLY A 272 -19.41 26.79 33.48
CA GLY A 272 -19.65 27.04 32.07
C GLY A 272 -21.07 27.44 31.73
N ASP A 273 -21.70 28.28 32.56
CA ASP A 273 -23.08 28.68 32.31
C ASP A 273 -23.20 29.81 31.29
N SER A 274 -22.12 30.56 31.07
CA SER A 274 -22.16 31.69 30.13
C SER A 274 -21.94 31.27 28.69
N LEU A 275 -21.09 30.26 28.47
CA LEU A 275 -20.64 29.85 27.14
C LEU A 275 -20.91 28.36 26.94
N PHE A 276 -22.07 28.04 26.34
CA PHE A 276 -22.23 26.71 25.78
C PHE A 276 -21.40 26.57 24.52
N PHE A 277 -21.50 27.55 23.62
CA PHE A 277 -20.71 27.60 22.41
C PHE A 277 -20.75 29.02 21.90
N PHE A 278 -19.88 29.30 20.93
CA PHE A 278 -19.89 30.60 20.28
C PHE A 278 -19.37 30.46 18.86
N LEU A 279 -19.82 31.37 18.01
CA LEU A 279 -19.27 31.54 16.68
C LEU A 279 -18.90 33.00 16.52
N ARG A 280 -17.81 33.27 15.79
CA ARG A 280 -17.36 34.64 15.57
C ARG A 280 -16.70 34.75 14.20
N ARG A 281 -16.88 35.90 13.57
CA ARG A 281 -16.17 36.21 12.33
C ARG A 281 -15.96 37.71 12.25
N GLU A 282 -14.72 38.14 12.47
CA GLU A 282 -14.34 39.55 12.46
C GLU A 282 -13.41 39.80 11.29
N GLN A 283 -13.48 41.02 10.75
CA GLN A 283 -12.50 41.44 9.76
C GLN A 283 -12.51 42.95 9.62
N MET A 284 -11.33 43.49 9.32
CA MET A 284 -11.17 44.90 9.04
C MET A 284 -9.81 45.11 8.40
N PHE A 285 -9.69 46.24 7.71
CA PHE A 285 -8.40 46.74 7.27
C PHE A 285 -8.39 48.25 7.48
N VAL A 286 -7.21 48.84 7.31
CA VAL A 286 -7.01 50.27 7.53
C VAL A 286 -7.27 51.00 6.22
N ARG A 287 -8.26 51.90 6.23
CA ARG A 287 -8.68 52.61 5.04
C ARG A 287 -7.98 53.97 4.86
N HIS A 288 -7.80 54.74 5.94
CA HIS A 288 -7.12 56.03 5.83
C HIS A 288 -6.23 56.26 7.04
N PHE A 289 -5.25 57.15 6.83
CA PHE A 289 -4.16 57.41 7.78
C PHE A 289 -4.22 58.90 8.12
N PHE A 290 -4.63 59.22 9.35
CA PHE A 290 -4.80 60.59 9.82
C PHE A 290 -3.96 60.83 11.07
N ASN A 291 -3.91 62.09 11.50
CA ASN A 291 -3.40 62.46 12.81
C ASN A 291 -4.35 63.46 13.48
N ARG A 292 -4.12 63.70 14.76
CA ARG A 292 -5.03 64.47 15.60
C ARG A 292 -4.55 65.91 15.79
N ALA A 293 -5.50 66.84 15.87
CA ALA A 293 -5.18 68.14 16.45
C ALA A 293 -5.25 68.07 17.97
N GLY A 294 -4.77 69.11 18.63
CA GLY A 294 -4.54 69.08 20.05
C GLY A 294 -3.07 68.89 20.37
N THR A 295 -2.71 69.14 21.62
CA THR A 295 -1.31 69.05 22.03
C THR A 295 -0.91 67.59 22.20
N LEU A 296 0.25 67.22 21.62
CA LEU A 296 0.77 65.87 21.78
C LEU A 296 1.22 65.67 23.22
N GLY A 297 0.56 64.75 23.92
CA GLY A 297 0.80 64.58 25.34
C GLY A 297 2.15 63.96 25.65
N ASP A 298 2.58 63.00 24.82
CA ASP A 298 3.87 62.34 24.97
C ASP A 298 4.75 62.72 23.78
N PRO A 299 5.54 63.79 23.88
CA PRO A 299 6.36 64.21 22.74
C PRO A 299 7.43 63.17 22.41
N VAL A 300 7.80 63.13 21.13
CA VAL A 300 8.76 62.13 20.66
C VAL A 300 10.12 62.41 21.28
N PRO A 301 10.76 61.43 21.91
CA PRO A 301 12.09 61.66 22.50
C PRO A 301 13.12 62.03 21.45
N GLY A 302 14.09 62.85 21.86
CA GLY A 302 15.06 63.41 20.92
C GLY A 302 16.00 62.39 20.29
N ASP A 303 16.16 61.22 20.92
CA ASP A 303 17.04 60.18 20.39
C ASP A 303 16.43 59.40 19.23
N LEU A 304 15.21 59.71 18.83
CA LEU A 304 14.58 59.00 17.73
C LEU A 304 14.61 59.79 16.42
N TYR A 305 15.16 61.00 16.42
CA TYR A 305 15.25 61.76 15.18
C TYR A 305 16.29 62.86 15.31
N ILE A 306 16.75 63.32 14.16
CA ILE A 306 17.60 64.50 14.07
C ILE A 306 16.68 65.70 13.89
N GLN A 307 16.73 66.61 14.84
CA GLN A 307 15.81 67.74 14.88
C GLN A 307 16.03 68.60 13.64
N GLY A 308 14.97 69.30 13.23
CA GLY A 308 15.12 70.19 12.11
C GLY A 308 15.84 71.46 12.50
N SER A 309 16.29 72.20 11.50
CA SER A 309 17.09 73.37 11.78
C SER A 309 16.19 74.51 12.20
N ASN A 310 16.68 75.30 13.16
CA ASN A 310 15.92 76.47 13.58
C ASN A 310 15.90 77.44 12.40
N SER A 311 14.84 78.25 12.34
CA SER A 311 14.59 79.12 11.20
C SER A 311 14.48 78.27 9.93
N GLY A 312 13.76 77.17 10.05
CA GLY A 312 13.57 76.22 8.96
C GLY A 312 12.22 75.59 9.19
N ASN A 313 11.52 75.27 8.10
CA ASN A 313 10.12 74.90 8.20
C ASN A 313 9.87 73.69 9.10
N THR A 314 10.92 72.99 9.52
CA THR A 314 10.84 71.70 10.19
C THR A 314 11.18 71.79 11.68
N ALA A 315 11.34 72.99 12.24
CA ALA A 315 11.91 73.11 13.57
C ALA A 315 10.88 73.00 14.69
N THR A 316 9.62 72.77 14.36
CA THR A 316 8.67 72.33 15.37
C THR A 316 7.94 71.12 14.77
N VAL A 317 8.08 69.97 15.41
CA VAL A 317 7.61 68.72 14.82
C VAL A 317 6.09 68.69 14.80
N GLN A 318 5.54 68.13 13.72
CA GLN A 318 4.11 67.90 13.66
C GLN A 318 3.71 66.77 14.61
N SER A 319 2.42 66.71 14.92
CA SER A 319 1.93 65.70 15.86
C SER A 319 2.02 64.30 15.27
N SER A 320 2.62 63.38 16.04
CA SER A 320 2.64 61.95 15.71
C SER A 320 1.53 61.21 16.43
N ALA A 321 0.42 61.90 16.73
CA ALA A 321 -0.79 61.26 17.23
C ALA A 321 -1.61 60.72 16.06
N PHE A 322 -1.12 59.63 15.47
CA PHE A 322 -1.79 59.09 14.30
C PHE A 322 -3.00 58.25 14.71
N PHE A 323 -3.94 58.10 13.77
CA PHE A 323 -5.03 57.18 14.03
C PHE A 323 -5.59 56.69 12.70
N PRO A 324 -5.95 55.40 12.62
CA PRO A 324 -6.47 54.86 11.36
C PRO A 324 -7.98 54.97 11.27
N THR A 325 -8.46 55.00 10.01
CA THR A 325 -9.87 54.63 10.04
C THR A 325 -10.03 53.16 9.65
N PRO A 326 -10.98 52.45 10.23
CA PRO A 326 -11.21 51.05 9.84
C PRO A 326 -12.09 50.95 8.60
N SER A 327 -12.17 49.72 8.08
CA SER A 327 -13.10 49.37 7.01
C SER A 327 -13.34 47.86 7.05
N GLY A 328 -14.61 47.47 6.97
CA GLY A 328 -14.98 46.08 7.05
C GLY A 328 -14.95 45.31 5.75
N SER A 329 -14.67 45.99 4.65
CA SER A 329 -14.64 45.38 3.31
C SER A 329 -16.00 44.71 3.04
N MET A 330 -16.02 43.69 2.18
CA MET A 330 -17.28 43.14 1.68
C MET A 330 -18.05 42.34 2.75
N VAL A 331 -19.37 42.37 2.63
CA VAL A 331 -20.26 41.45 3.33
C VAL A 331 -20.76 40.44 2.29
N THR A 332 -20.73 39.15 2.64
CA THR A 332 -21.07 38.10 1.68
C THR A 332 -22.00 37.06 2.30
N SER A 333 -22.80 36.45 1.42
CA SER A 333 -23.71 35.38 1.83
C SER A 333 -22.94 34.18 2.38
N GLU A 334 -21.85 33.80 1.71
CA GLU A 334 -21.07 32.62 2.07
C GLU A 334 -20.41 32.75 3.43
N SER A 335 -20.36 33.95 3.99
CA SER A 335 -19.77 34.21 5.30
C SER A 335 -20.79 34.18 6.43
N GLN A 336 -22.06 33.96 6.13
CA GLN A 336 -23.08 34.15 7.14
C GLN A 336 -22.99 33.11 8.25
N LEU A 337 -23.09 33.57 9.48
CA LEU A 337 -23.22 32.66 10.61
C LEU A 337 -24.66 32.27 10.91
N PHE A 338 -25.63 32.98 10.35
CA PHE A 338 -27.03 32.87 10.74
C PHE A 338 -27.87 32.28 9.61
N ASN A 339 -29.16 32.14 9.89
CA ASN A 339 -30.13 31.53 8.98
C ASN A 339 -29.72 30.10 8.61
N LYS A 340 -29.03 29.43 9.52
CA LYS A 340 -28.72 28.02 9.37
C LYS A 340 -28.72 27.43 10.78
N PRO A 341 -29.21 26.21 10.95
CA PRO A 341 -29.33 25.66 12.30
C PRO A 341 -27.98 25.27 12.87
N TYR A 342 -27.88 25.38 14.19
CA TYR A 342 -26.74 24.90 14.96
C TYR A 342 -27.25 23.95 16.02
N TRP A 343 -26.71 22.71 16.03
CA TRP A 343 -27.07 21.68 16.99
C TRP A 343 -26.00 21.56 18.06
N LEU A 344 -26.40 21.72 19.31
CA LEU A 344 -25.51 21.52 20.44
C LEU A 344 -25.38 20.02 20.69
N GLN A 345 -24.27 19.43 20.26
CA GLN A 345 -24.04 18.05 20.65
C GLN A 345 -23.29 17.94 21.97
N ARG A 346 -22.23 18.72 22.14
CA ARG A 346 -21.40 18.63 23.33
C ARG A 346 -20.84 20.01 23.64
N ALA A 347 -21.24 20.57 24.78
CA ALA A 347 -20.75 21.89 25.15
C ALA A 347 -19.27 21.83 25.50
N GLN A 348 -18.64 23.02 25.50
CA GLN A 348 -17.23 23.15 25.80
C GLN A 348 -16.95 23.07 27.30
N GLY A 349 -17.92 23.51 28.12
CA GLY A 349 -17.78 23.50 29.56
C GLY A 349 -18.57 22.37 30.20
N HIS A 350 -18.70 22.46 31.53
CA HIS A 350 -19.37 21.40 32.26
C HIS A 350 -20.89 21.46 32.12
N ASN A 351 -21.45 22.64 31.89
CA ASN A 351 -22.89 22.74 31.66
C ASN A 351 -23.15 22.35 30.22
N ASN A 352 -23.68 21.14 30.03
CA ASN A 352 -23.91 20.62 28.69
C ASN A 352 -25.30 21.02 28.20
N GLY A 353 -25.53 22.33 28.18
CA GLY A 353 -26.75 22.86 27.61
C GLY A 353 -27.94 22.87 28.54
N ILE A 354 -27.75 22.70 29.84
CA ILE A 354 -28.87 22.70 30.77
C ILE A 354 -29.28 24.15 31.02
N CYS A 355 -30.56 24.44 30.82
CA CYS A 355 -31.08 25.80 30.98
C CYS A 355 -31.59 26.00 32.41
N TRP A 356 -30.62 26.12 33.33
CA TRP A 356 -30.97 26.36 34.72
C TRP A 356 -31.81 27.62 34.88
N GLY A 357 -32.76 27.56 35.80
CA GLY A 357 -33.65 28.68 36.01
C GLY A 357 -34.67 28.86 34.91
N ASN A 358 -34.79 27.89 34.00
CA ASN A 358 -35.78 27.93 32.91
C ASN A 358 -35.63 29.19 32.08
N GLN A 359 -34.38 29.55 31.77
CA GLN A 359 -34.09 30.73 30.98
C GLN A 359 -32.87 30.45 30.11
N LEU A 360 -32.77 31.21 29.03
CA LEU A 360 -31.64 31.06 28.11
C LEU A 360 -31.30 32.43 27.54
N PHE A 361 -30.01 32.68 27.34
CA PHE A 361 -29.50 33.94 26.80
C PHE A 361 -28.87 33.70 25.43
N VAL A 362 -29.28 34.47 24.42
CA VAL A 362 -28.68 34.41 23.10
C VAL A 362 -28.09 35.78 22.78
N THR A 363 -26.78 35.84 22.60
CA THR A 363 -26.11 37.09 22.27
C THR A 363 -25.72 37.07 20.80
N VAL A 364 -26.07 38.13 20.08
CA VAL A 364 -25.85 38.22 18.64
C VAL A 364 -25.22 39.58 18.33
N VAL A 365 -24.18 39.56 17.50
CA VAL A 365 -23.69 40.75 16.82
C VAL A 365 -23.69 40.45 15.33
N ASP A 366 -24.28 41.32 14.53
CA ASP A 366 -24.32 41.11 13.08
C ASP A 366 -24.25 42.47 12.40
N THR A 367 -23.07 42.83 11.91
CA THR A 367 -22.90 44.07 11.17
C THR A 367 -23.15 43.91 9.68
N THR A 368 -23.54 42.71 9.22
CA THR A 368 -23.67 42.47 7.79
C THR A 368 -25.00 42.92 7.23
N ARG A 369 -25.83 43.54 8.06
CA ARG A 369 -27.13 44.07 7.64
C ARG A 369 -27.31 45.47 8.19
N SER A 370 -26.23 46.25 8.23
CA SER A 370 -26.19 47.52 8.94
C SER A 370 -26.61 48.72 8.09
N THR A 371 -27.23 48.47 6.94
CA THR A 371 -27.70 49.53 6.06
C THR A 371 -28.58 50.52 6.82
N ASN A 372 -28.22 51.80 6.74
CA ASN A 372 -28.99 52.86 7.36
C ASN A 372 -29.84 53.53 6.29
N MET A 373 -31.15 53.52 6.49
CA MET A 373 -32.08 54.01 5.49
C MET A 373 -32.15 55.53 5.48
N THR A 374 -32.13 56.10 4.27
CA THR A 374 -32.30 57.53 4.08
C THR A 374 -33.79 57.83 3.90
N LEU A 375 -34.34 58.64 4.78
CA LEU A 375 -35.72 59.09 4.69
C LEU A 375 -35.74 60.58 4.40
N CYS A 376 -36.65 60.99 3.52
CA CYS A 376 -36.69 62.38 3.05
C CYS A 376 -38.14 62.84 2.96
N ALA A 377 -38.49 63.85 3.75
CA ALA A 377 -39.83 64.41 3.79
C ALA A 377 -39.83 65.83 3.25
N GLU A 378 -40.95 66.20 2.62
CA GLU A 378 -41.10 67.49 1.95
C GLU A 378 -41.73 68.50 2.91
N VAL A 379 -41.08 69.65 3.07
CA VAL A 379 -41.62 70.72 3.91
C VAL A 379 -42.62 71.58 3.14
N LYS A 380 -42.26 71.99 1.92
CA LYS A 380 -43.15 72.72 1.03
C LYS A 380 -43.05 72.11 -0.36
N LYS A 381 -44.19 71.85 -0.98
CA LYS A 381 -44.20 71.38 -2.35
C LYS A 381 -44.10 72.59 -3.29
N GLU A 382 -43.04 72.61 -4.11
CA GLU A 382 -42.84 73.67 -5.09
C GLU A 382 -42.39 73.05 -6.40
N SER A 383 -42.56 73.81 -7.48
CA SER A 383 -42.25 73.30 -8.82
C SER A 383 -40.76 73.18 -9.10
N THR A 384 -39.89 73.78 -8.29
CA THR A 384 -38.45 73.65 -8.49
C THR A 384 -37.81 73.23 -7.18
N TYR A 385 -36.60 72.67 -7.29
CA TYR A 385 -35.94 72.10 -6.12
C TYR A 385 -35.22 73.17 -5.31
N LYS A 386 -35.43 73.16 -4.00
CA LYS A 386 -34.70 73.98 -3.06
C LYS A 386 -34.36 73.12 -1.86
N ASN A 387 -33.10 73.16 -1.42
CA ASN A 387 -32.66 72.35 -0.29
C ASN A 387 -33.51 72.62 0.94
N GLU A 388 -33.94 73.87 1.15
CA GLU A 388 -34.67 74.20 2.36
C GLU A 388 -36.04 73.52 2.44
N ASN A 389 -36.54 72.94 1.34
CA ASN A 389 -37.86 72.32 1.30
C ASN A 389 -37.87 70.87 1.80
N PHE A 390 -36.74 70.31 2.20
CA PHE A 390 -36.71 68.91 2.56
C PHE A 390 -35.93 68.72 3.85
N LYS A 391 -36.36 67.72 4.64
CA LYS A 391 -35.64 67.29 5.83
C LYS A 391 -35.18 65.84 5.69
N GLU A 392 -33.94 65.59 6.14
CA GLU A 392 -33.26 64.32 5.99
C GLU A 392 -33.16 63.62 7.34
N TYR A 393 -33.54 62.34 7.35
CA TYR A 393 -33.50 61.52 8.55
C TYR A 393 -32.75 60.22 8.26
N LEU A 394 -32.34 59.53 9.32
CA LEU A 394 -31.70 58.23 9.22
C LEU A 394 -32.43 57.26 10.12
N ARG A 395 -32.74 56.07 9.60
CA ARG A 395 -33.37 55.03 10.39
C ARG A 395 -32.74 53.68 10.06
N HIS A 396 -32.68 52.82 11.05
CA HIS A 396 -32.17 51.48 10.89
C HIS A 396 -33.16 50.49 11.47
N GLY A 397 -33.29 49.34 10.81
CA GLY A 397 -34.17 48.28 11.28
C GLY A 397 -33.47 46.95 11.35
N GLU A 398 -33.71 46.22 12.44
CA GLU A 398 -33.15 44.90 12.62
C GLU A 398 -34.28 43.90 12.80
N GLU A 399 -34.20 42.78 12.08
CA GLU A 399 -35.22 41.74 12.07
C GLU A 399 -34.60 40.41 12.46
N PHE A 400 -35.20 39.74 13.45
CA PHE A 400 -34.74 38.46 13.96
C PHE A 400 -35.89 37.45 13.98
N ASP A 401 -35.50 36.17 14.05
CA ASP A 401 -36.45 35.09 14.30
C ASP A 401 -35.67 33.97 14.99
N LEU A 402 -35.93 33.80 16.29
CA LEU A 402 -35.23 32.81 17.10
C LEU A 402 -36.05 31.53 17.15
N GLN A 403 -35.43 30.42 16.75
CA GLN A 403 -36.04 29.10 16.83
C GLN A 403 -35.18 28.20 17.70
N PHE A 404 -35.83 27.40 18.54
CA PHE A 404 -35.12 26.51 19.44
C PHE A 404 -35.73 25.12 19.40
N ILE A 405 -34.94 24.14 19.80
CA ILE A 405 -35.43 22.81 20.09
C ILE A 405 -34.88 22.37 21.44
N PHE A 406 -35.79 22.02 22.35
CA PHE A 406 -35.45 21.70 23.73
C PHE A 406 -35.68 20.23 24.01
N GLN A 407 -34.87 19.68 24.91
CA GLN A 407 -34.97 18.30 25.35
C GLN A 407 -35.38 18.29 26.82
N LEU A 408 -36.42 17.52 27.14
CA LEU A 408 -36.86 17.38 28.52
C LEU A 408 -35.88 16.50 29.29
N CYS A 409 -35.50 16.96 30.49
CA CYS A 409 -34.56 16.23 31.33
C CYS A 409 -35.11 16.14 32.75
N LYS A 410 -34.71 15.09 33.46
CA LYS A 410 -35.11 14.91 34.85
C LYS A 410 -33.85 14.71 35.68
N ILE A 411 -33.92 15.13 36.94
CA ILE A 411 -32.80 15.08 37.86
C ILE A 411 -33.25 14.37 39.11
N THR A 412 -32.63 13.25 39.43
CA THR A 412 -32.91 12.55 40.68
C THR A 412 -32.16 13.26 41.81
N LEU A 413 -32.91 13.76 42.78
CA LEU A 413 -32.37 14.63 43.82
C LEU A 413 -31.95 13.79 45.03
N THR A 414 -30.84 13.07 44.86
CA THR A 414 -30.24 12.35 45.99
C THR A 414 -29.54 13.34 46.92
N ALA A 415 -28.94 12.81 47.98
CA ALA A 415 -28.28 13.67 48.96
C ALA A 415 -27.08 14.41 48.35
N ASP A 416 -26.24 13.69 47.63
CA ASP A 416 -25.05 14.30 47.03
C ASP A 416 -25.43 15.32 45.96
N VAL A 417 -26.44 15.01 45.15
CA VAL A 417 -26.83 15.88 44.05
C VAL A 417 -27.35 17.22 44.56
N MET A 418 -28.17 17.19 45.61
CA MET A 418 -28.69 18.45 46.16
C MET A 418 -27.59 19.33 46.75
N THR A 419 -26.56 18.73 47.34
CA THR A 419 -25.46 19.54 47.84
C THR A 419 -24.72 20.24 46.71
N TYR A 420 -24.44 19.51 45.63
CA TYR A 420 -23.72 20.08 44.48
C TYR A 420 -24.52 21.21 43.84
N ILE A 421 -25.82 20.99 43.62
CA ILE A 421 -26.64 22.02 42.99
C ILE A 421 -26.71 23.25 43.90
N HIS A 422 -26.74 23.04 45.21
CA HIS A 422 -26.79 24.17 46.13
C HIS A 422 -25.52 25.00 46.06
N LYS A 423 -24.36 24.33 45.97
CA LYS A 423 -23.10 25.06 45.86
C LYS A 423 -23.00 25.76 44.51
N MET A 424 -23.57 25.17 43.46
CA MET A 424 -23.53 25.79 42.12
C MET A 424 -24.34 27.07 42.07
N ASP A 425 -25.62 27.00 42.43
CA ASP A 425 -26.51 28.16 42.41
C ASP A 425 -27.71 27.80 43.29
N ALA A 426 -27.71 28.34 44.51
CA ALA A 426 -28.73 27.95 45.47
C ALA A 426 -30.14 28.29 44.99
N THR A 427 -30.27 29.29 44.11
CA THR A 427 -31.59 29.65 43.63
C THR A 427 -32.24 28.54 42.82
N ILE A 428 -31.47 27.57 42.33
CA ILE A 428 -32.05 26.48 41.56
C ILE A 428 -32.92 25.59 42.44
N LEU A 429 -32.40 25.20 43.61
CA LEU A 429 -33.19 24.40 44.54
C LEU A 429 -34.34 25.20 45.14
N GLU A 430 -34.11 26.48 45.46
CA GLU A 430 -35.18 27.27 46.07
C GLU A 430 -36.37 27.40 45.13
N ASP A 431 -36.11 27.57 43.82
CA ASP A 431 -37.20 27.67 42.86
C ASP A 431 -37.93 26.35 42.67
N TRP A 432 -37.26 25.22 42.87
CA TRP A 432 -37.90 23.93 42.71
C TRP A 432 -38.82 23.55 43.86
N GLN A 433 -38.73 24.24 44.99
CA GLN A 433 -39.55 23.94 46.17
C GLN A 433 -39.34 22.50 46.66
N PHE A 434 -38.11 22.22 47.07
CA PHE A 434 -37.68 20.89 47.45
C PHE A 434 -36.89 20.91 48.76
N GLU A 468 -35.73 41.43 43.45
CA GLU A 468 -35.51 40.03 43.82
C GLU A 468 -34.51 39.37 42.87
N ASP A 469 -34.84 39.34 41.58
CA ASP A 469 -33.94 38.80 40.55
C ASP A 469 -32.70 39.68 40.44
N PRO A 470 -31.49 39.16 40.61
CA PRO A 470 -30.30 40.03 40.55
C PRO A 470 -30.02 40.61 39.18
N LEU A 471 -30.62 40.07 38.11
CA LEU A 471 -30.41 40.57 36.77
C LEU A 471 -31.37 41.70 36.38
N LYS A 472 -32.19 42.18 37.31
CA LYS A 472 -33.18 43.20 36.97
C LYS A 472 -32.58 44.60 36.82
N ASP A 473 -31.30 44.78 37.14
CA ASP A 473 -30.63 46.03 36.84
C ASP A 473 -30.11 46.09 35.42
N TYR A 474 -30.13 44.97 34.69
CA TYR A 474 -29.58 44.86 33.36
C TYR A 474 -30.67 44.97 32.28
N MET A 475 -30.23 45.32 31.07
CA MET A 475 -31.09 45.49 29.92
C MET A 475 -30.98 44.29 29.01
N PHE A 476 -32.08 43.59 28.81
CA PHE A 476 -32.14 42.48 27.85
C PHE A 476 -33.39 42.61 27.01
N TRP A 477 -33.33 42.06 25.80
CA TRP A 477 -34.51 41.93 24.95
C TRP A 477 -35.27 40.69 25.41
N GLU A 478 -36.37 40.92 26.12
CA GLU A 478 -37.15 39.84 26.70
C GLU A 478 -37.93 39.11 25.63
N VAL A 479 -37.77 37.80 25.58
CA VAL A 479 -38.50 36.93 24.67
C VAL A 479 -39.25 35.93 25.51
N ASP A 480 -40.56 36.06 25.53
CA ASP A 480 -41.41 35.21 26.35
C ASP A 480 -41.85 34.02 25.52
N LEU A 481 -41.38 32.82 25.89
CA LEU A 481 -41.75 31.56 25.24
C LEU A 481 -42.59 30.65 26.14
N LYS A 482 -43.20 31.20 27.22
CA LYS A 482 -43.98 30.38 28.17
C LYS A 482 -45.07 29.62 27.46
N GLU A 483 -45.86 30.30 26.64
CA GLU A 483 -46.98 29.66 25.96
C GLU A 483 -46.65 29.32 24.52
N LYS A 484 -45.37 29.17 24.19
CA LYS A 484 -44.95 28.97 22.81
C LYS A 484 -44.37 27.58 22.56
N PHE A 485 -44.40 26.70 23.56
CA PHE A 485 -43.87 25.35 23.39
C PHE A 485 -44.88 24.49 22.65
N SER A 486 -44.37 23.62 21.78
CA SER A 486 -45.18 22.70 21.00
C SER A 486 -44.47 21.36 20.94
N ALA A 487 -45.24 20.27 21.01
CA ALA A 487 -44.64 18.96 20.88
C ALA A 487 -44.64 18.44 19.44
N ASP A 488 -45.41 19.06 18.55
CA ASP A 488 -45.50 18.61 17.16
C ASP A 488 -44.45 19.34 16.33
N LEU A 489 -43.22 18.77 16.31
CA LEU A 489 -42.08 19.49 15.74
C LEU A 489 -42.26 19.80 14.26
N ASP A 490 -42.89 18.92 13.50
CA ASP A 490 -42.87 19.16 12.06
C ASP A 490 -43.82 20.26 11.62
N GLN A 491 -44.51 20.94 12.54
CA GLN A 491 -45.29 22.11 12.12
C GLN A 491 -44.41 23.33 11.90
N PHE A 492 -43.11 23.26 12.20
CA PHE A 492 -42.27 24.44 12.27
C PHE A 492 -40.95 24.19 11.56
N PRO A 493 -40.32 25.26 11.04
CA PRO A 493 -39.12 25.06 10.20
C PRO A 493 -37.99 24.31 10.88
N LEU A 494 -37.53 24.77 12.05
CA LEU A 494 -36.43 24.07 12.69
C LEU A 494 -36.83 22.71 13.27
N GLY A 495 -38.09 22.31 13.16
CA GLY A 495 -38.47 21.08 13.79
C GLY A 495 -38.48 20.05 12.69
N ARG A 496 -38.90 20.48 11.52
CA ARG A 496 -38.75 19.64 10.33
C ARG A 496 -37.27 19.34 10.09
N LYS A 497 -36.40 20.33 10.30
CA LYS A 497 -34.98 20.08 10.13
C LYS A 497 -34.44 19.12 11.19
N PHE A 498 -34.96 19.19 12.41
CA PHE A 498 -34.54 18.24 13.44
C PHE A 498 -34.95 16.82 13.08
N LEU A 499 -36.17 16.65 12.58
CA LEU A 499 -36.63 15.32 12.21
C LEU A 499 -35.80 14.73 11.09
N LEU A 500 -34.96 15.53 10.44
CA LEU A 500 -34.03 15.03 9.43
C LEU A 500 -32.58 15.04 9.88
N GLN A 501 -32.03 16.24 10.16
CA GLN A 501 -30.61 16.43 10.46
C GLN A 501 -30.20 15.90 11.83
N ALA A 502 -31.07 16.05 12.83
CA ALA A 502 -30.74 15.69 14.22
C ALA A 502 -29.52 16.46 14.74
N PRO B 41 -55.21 7.56 6.65
CA PRO B 41 -54.01 8.06 5.97
C PRO B 41 -53.69 9.52 6.29
N VAL B 42 -54.73 10.30 6.60
CA VAL B 42 -54.60 11.72 6.84
C VAL B 42 -55.22 12.05 8.20
N PRO B 43 -54.46 12.63 9.13
CA PRO B 43 -55.07 13.09 10.38
C PRO B 43 -55.86 14.36 10.16
N VAL B 44 -57.05 14.42 10.74
CA VAL B 44 -57.91 15.57 10.54
C VAL B 44 -57.36 16.76 11.33
N SER B 45 -57.48 17.95 10.74
CA SER B 45 -57.13 19.21 11.40
C SER B 45 -55.68 19.17 11.90
N LYS B 46 -54.77 19.01 10.94
CA LYS B 46 -53.34 18.99 11.17
C LYS B 46 -52.70 19.11 9.79
N VAL B 47 -51.70 19.96 9.62
CA VAL B 47 -51.04 20.08 8.33
C VAL B 47 -49.93 19.06 8.25
N VAL B 48 -49.88 18.31 7.15
CA VAL B 48 -48.96 17.20 6.98
C VAL B 48 -48.21 17.31 5.66
N SER B 49 -47.10 16.58 5.59
CA SER B 49 -46.33 16.44 4.36
C SER B 49 -47.19 15.82 3.26
N THR B 50 -46.93 16.26 2.01
CA THR B 50 -47.62 15.64 0.88
C THR B 50 -47.26 14.18 0.74
N ASP B 51 -46.15 13.73 1.35
CA ASP B 51 -45.80 12.32 1.27
C ASP B 51 -46.83 11.44 1.95
N GLU B 52 -47.70 12.02 2.77
CA GLU B 52 -48.70 11.22 3.45
C GLU B 52 -49.94 10.98 2.61
N TYR B 53 -50.13 11.72 1.52
CA TYR B 53 -51.33 11.50 0.71
C TYR B 53 -51.07 11.62 -0.79
N VAL B 54 -49.83 11.68 -1.23
CA VAL B 54 -49.50 11.78 -2.65
C VAL B 54 -48.56 10.65 -3.01
N SER B 55 -48.98 9.81 -3.96
CA SER B 55 -48.21 8.64 -4.37
C SER B 55 -47.38 8.96 -5.62
N ARG B 56 -46.13 8.51 -5.60
CA ARG B 56 -45.23 8.75 -6.71
C ARG B 56 -45.28 7.61 -7.72
N THR B 57 -45.27 7.97 -9.01
CA THR B 57 -45.11 7.04 -10.11
C THR B 57 -43.66 7.08 -10.59
N SER B 58 -43.34 6.21 -11.54
CA SER B 58 -42.05 6.27 -12.22
C SER B 58 -42.12 7.00 -13.55
N ILE B 59 -43.20 7.74 -13.80
CA ILE B 59 -43.37 8.47 -15.06
C ILE B 59 -42.74 9.85 -14.93
N TYR B 60 -41.74 10.13 -15.75
CA TYR B 60 -41.08 11.44 -15.77
C TYR B 60 -41.25 12.07 -17.15
N TYR B 61 -41.36 13.40 -17.17
CA TYR B 61 -41.47 14.17 -18.40
C TYR B 61 -40.51 15.35 -18.37
N TYR B 62 -40.05 15.75 -19.57
CA TYR B 62 -39.20 16.91 -19.75
C TYR B 62 -40.02 18.06 -20.32
N ALA B 63 -39.64 19.29 -19.94
CA ALA B 63 -40.26 20.48 -20.50
C ALA B 63 -39.24 21.61 -20.51
N GLY B 64 -39.12 22.27 -21.64
CA GLY B 64 -38.21 23.40 -21.78
C GLY B 64 -38.88 24.56 -22.48
N SER B 65 -38.54 25.78 -22.04
CA SER B 65 -39.15 26.98 -22.60
C SER B 65 -38.51 27.44 -23.89
N SER B 66 -37.33 26.92 -24.25
CA SER B 66 -36.47 27.50 -25.30
C SER B 66 -36.08 28.94 -24.97
N ARG B 67 -35.49 29.66 -25.92
CA ARG B 67 -34.88 30.95 -25.59
C ARG B 67 -35.92 31.97 -25.16
N LEU B 68 -35.65 32.67 -24.05
CA LEU B 68 -36.47 33.77 -23.58
C LEU B 68 -35.65 35.06 -23.60
N LEU B 69 -36.21 36.12 -24.19
CA LEU B 69 -35.52 37.39 -24.43
C LEU B 69 -36.38 38.57 -24.05
N THR B 70 -35.80 39.59 -23.42
CA THR B 70 -36.51 40.84 -23.28
C THR B 70 -35.44 41.94 -23.35
N VAL B 71 -35.74 43.02 -24.12
CA VAL B 71 -34.79 44.10 -24.39
C VAL B 71 -35.44 45.43 -24.08
N GLY B 72 -34.69 46.31 -23.43
CA GLY B 72 -35.26 47.59 -23.04
C GLY B 72 -34.23 48.55 -22.52
N HIS B 73 -34.71 49.57 -21.85
CA HIS B 73 -33.94 50.63 -21.22
C HIS B 73 -33.69 50.27 -19.76
N PRO B 74 -32.47 50.49 -19.26
CA PRO B 74 -32.15 50.03 -17.91
C PRO B 74 -32.74 50.88 -16.78
N TYR B 75 -33.18 52.11 -17.05
CA TYR B 75 -33.58 53.01 -15.97
C TYR B 75 -35.07 53.30 -15.92
N PHE B 76 -35.75 53.33 -17.06
CA PHE B 76 -37.16 53.69 -17.10
C PHE B 76 -37.75 53.24 -18.42
N SER B 77 -39.06 53.03 -18.43
CA SER B 77 -39.76 52.75 -19.68
C SER B 77 -40.02 54.04 -20.45
N ILE B 78 -40.10 53.91 -21.77
CA ILE B 78 -40.28 55.04 -22.68
C ILE B 78 -41.68 54.94 -23.27
N LYS B 79 -42.46 56.01 -23.09
CA LYS B 79 -43.88 55.99 -23.38
C LYS B 79 -44.22 56.53 -24.77
N ASN B 80 -45.46 56.26 -25.18
CA ASN B 80 -45.91 56.53 -26.55
C ASN B 80 -45.89 58.02 -26.87
N THR B 81 -46.50 58.83 -26.01
CA THR B 81 -46.87 60.23 -26.30
C THR B 81 -47.58 60.32 -27.67
N GLY B 86 -52.43 58.03 -23.89
CA GLY B 86 -51.08 58.55 -23.96
C GLY B 86 -50.11 57.86 -23.02
N LYS B 87 -50.42 56.62 -22.61
CA LYS B 87 -49.57 55.87 -21.70
C LYS B 87 -49.27 54.47 -22.22
N LYS B 88 -48.98 54.37 -23.50
CA LYS B 88 -48.58 53.11 -24.13
C LYS B 88 -47.06 53.02 -24.06
N VAL B 89 -46.57 51.80 -23.86
CA VAL B 89 -45.15 51.55 -23.62
C VAL B 89 -44.49 51.15 -24.93
N LEU B 90 -43.55 51.96 -25.42
CA LEU B 90 -42.77 51.65 -26.60
C LEU B 90 -41.52 50.84 -26.29
N VAL B 91 -40.80 51.21 -25.23
CA VAL B 91 -39.61 50.50 -24.79
C VAL B 91 -39.80 50.20 -23.30
N PRO B 92 -39.82 48.94 -22.89
CA PRO B 92 -40.02 48.64 -21.47
C PRO B 92 -38.74 48.84 -20.65
N LYS B 93 -38.92 48.92 -19.34
CA LYS B 93 -37.79 48.98 -18.42
C LYS B 93 -37.27 47.56 -18.23
N VAL B 94 -36.05 47.29 -18.69
CA VAL B 94 -35.42 45.98 -18.57
C VAL B 94 -34.05 46.17 -17.92
N SER B 95 -33.89 45.65 -16.70
CA SER B 95 -32.71 45.90 -15.90
C SER B 95 -32.25 44.62 -15.23
N GLY B 96 -30.93 44.50 -15.09
CA GLY B 96 -30.38 43.40 -14.31
C GLY B 96 -30.72 43.46 -12.85
N LEU B 97 -31.36 44.54 -12.40
CA LEU B 97 -31.75 44.66 -11.01
C LEU B 97 -33.22 44.37 -10.75
N GLN B 98 -33.91 43.74 -11.71
CA GLN B 98 -35.31 43.40 -11.58
C GLN B 98 -35.47 41.93 -11.19
N TYR B 99 -36.48 41.64 -10.37
CA TYR B 99 -36.92 40.26 -10.21
C TYR B 99 -37.53 39.79 -11.52
N ARG B 100 -37.13 38.62 -11.96
CA ARG B 100 -37.78 37.93 -13.05
C ARG B 100 -38.62 36.83 -12.39
N VAL B 101 -39.95 36.94 -12.50
CA VAL B 101 -40.86 35.99 -11.87
C VAL B 101 -41.63 35.25 -12.97
N PHE B 102 -41.24 34.02 -13.25
CA PHE B 102 -41.83 33.21 -14.30
C PHE B 102 -42.96 32.40 -13.71
N ARG B 103 -44.13 32.52 -14.32
CA ARG B 103 -45.27 31.67 -14.00
C ARG B 103 -45.31 30.58 -15.08
N ILE B 104 -44.97 29.37 -14.68
CA ILE B 104 -44.88 28.26 -15.60
C ILE B 104 -46.21 27.52 -15.58
N LYS B 105 -46.80 27.38 -16.77
CA LYS B 105 -48.08 26.71 -16.96
C LYS B 105 -47.83 25.28 -17.40
N LEU B 106 -48.34 24.30 -16.63
CA LEU B 106 -48.18 22.92 -16.99
C LEU B 106 -49.47 22.40 -17.61
N PRO B 107 -49.41 21.39 -18.49
CA PRO B 107 -50.66 20.78 -18.96
C PRO B 107 -51.34 20.03 -17.83
N ASP B 108 -52.66 20.13 -17.78
CA ASP B 108 -53.42 19.34 -16.81
C ASP B 108 -53.21 17.87 -17.12
N PRO B 109 -52.60 17.10 -16.20
CA PRO B 109 -52.37 15.68 -16.50
C PRO B 109 -53.63 14.86 -16.54
N ASN B 110 -54.70 15.31 -15.88
CA ASN B 110 -55.95 14.57 -15.91
C ASN B 110 -56.66 14.70 -17.25
N LYS B 111 -56.31 15.70 -18.07
CA LYS B 111 -56.83 15.83 -19.42
C LYS B 111 -55.75 15.58 -20.46
N PHE B 112 -54.59 15.09 -20.00
CA PHE B 112 -53.40 14.96 -20.84
C PHE B 112 -53.46 13.68 -21.67
N GLY B 113 -52.93 13.78 -22.88
CA GLY B 113 -52.91 12.65 -23.78
C GLY B 113 -51.84 11.61 -23.48
N PHE B 114 -51.99 10.90 -22.38
CA PHE B 114 -51.09 9.79 -22.12
C PHE B 114 -51.36 8.68 -23.12
N PRO B 115 -50.33 7.97 -23.59
CA PRO B 115 -50.59 6.92 -24.58
C PRO B 115 -51.45 5.78 -24.04
N ASP B 116 -51.39 5.52 -22.73
CA ASP B 116 -52.22 4.50 -22.09
C ASP B 116 -52.56 5.01 -20.70
N THR B 117 -53.86 5.14 -20.40
CA THR B 117 -54.32 5.71 -19.14
C THR B 117 -54.60 4.65 -18.08
N SER B 118 -53.89 3.52 -18.13
CA SER B 118 -54.10 2.40 -17.23
C SER B 118 -53.12 2.34 -16.05
N PHE B 119 -52.31 3.38 -15.86
CA PHE B 119 -51.40 3.41 -14.71
C PHE B 119 -52.10 3.92 -13.45
N TYR B 120 -53.30 4.46 -13.59
CA TYR B 120 -54.08 4.99 -12.49
C TYR B 120 -55.55 4.70 -12.74
N ASN B 121 -56.38 5.01 -11.73
CA ASN B 121 -57.82 4.78 -11.80
C ASN B 121 -58.55 6.13 -11.81
N PRO B 122 -59.03 6.61 -12.96
CA PRO B 122 -59.73 7.90 -12.99
C PRO B 122 -61.02 7.96 -12.19
N GLU B 123 -61.55 6.84 -11.71
CA GLU B 123 -62.78 6.88 -10.93
C GLU B 123 -62.55 7.36 -9.52
N THR B 124 -61.38 7.05 -8.94
CA THR B 124 -61.09 7.36 -7.55
C THR B 124 -59.80 8.15 -7.33
N GLN B 125 -59.08 8.50 -8.39
CA GLN B 125 -57.78 9.14 -8.22
C GLN B 125 -57.67 10.31 -9.18
N ARG B 126 -56.82 11.27 -8.82
CA ARG B 126 -56.47 12.38 -9.70
C ARG B 126 -54.95 12.48 -9.82
N LEU B 127 -54.52 13.12 -10.89
CA LEU B 127 -53.11 13.26 -11.22
C LEU B 127 -52.65 14.69 -10.95
N VAL B 128 -51.36 14.82 -10.67
CA VAL B 128 -50.72 16.11 -10.48
C VAL B 128 -49.25 15.94 -10.78
N TRP B 129 -48.62 17.00 -11.25
CA TRP B 129 -47.18 16.97 -11.51
C TRP B 129 -46.42 17.36 -10.26
N ALA B 130 -45.25 16.75 -10.11
CA ALA B 130 -44.29 17.12 -9.09
C ALA B 130 -43.02 17.55 -9.81
N CYS B 131 -42.35 18.57 -9.29
CA CYS B 131 -41.11 19.05 -9.88
C CYS B 131 -39.93 18.28 -9.27
N THR B 132 -39.12 17.64 -10.11
CA THR B 132 -37.94 16.95 -9.60
C THR B 132 -36.63 17.57 -10.01
N GLY B 133 -36.60 18.33 -11.11
CA GLY B 133 -35.37 18.92 -11.58
C GLY B 133 -35.62 20.22 -12.31
N LEU B 134 -34.56 21.04 -12.36
CA LEU B 134 -34.68 22.40 -12.85
C LEU B 134 -33.29 22.92 -13.22
N GLU B 135 -33.14 23.50 -14.40
CA GLU B 135 -31.92 24.24 -14.74
C GLU B 135 -32.31 25.60 -15.29
N ILE B 136 -31.81 26.67 -14.66
CA ILE B 136 -32.09 28.04 -15.08
C ILE B 136 -30.98 28.50 -16.03
N GLY B 137 -31.27 28.47 -17.33
CA GLY B 137 -30.27 28.87 -18.30
C GLY B 137 -30.12 30.39 -18.37
N ARG B 138 -28.88 30.84 -18.54
CA ARG B 138 -28.62 32.26 -18.69
C ARG B 138 -27.67 32.46 -19.86
N GLY B 139 -28.16 33.15 -20.90
CA GLY B 139 -27.30 33.61 -21.97
C GLY B 139 -26.74 34.96 -21.62
N GLN B 140 -26.00 35.55 -22.58
CA GLN B 140 -25.34 36.86 -22.50
C GLN B 140 -24.09 36.78 -21.63
N PRO B 141 -23.09 37.63 -21.88
CA PRO B 141 -21.84 37.54 -21.09
C PRO B 141 -22.02 38.07 -19.68
N LEU B 142 -21.10 37.66 -18.81
CA LEU B 142 -21.01 38.27 -17.50
C LEU B 142 -20.60 39.72 -17.64
N GLY B 143 -21.13 40.57 -16.76
CA GLY B 143 -20.84 41.98 -16.81
C GLY B 143 -21.53 42.70 -15.67
N VAL B 144 -21.17 43.97 -15.51
CA VAL B 144 -21.74 44.81 -14.46
C VAL B 144 -22.26 46.11 -15.08
N GLY B 145 -23.51 46.45 -14.77
CA GLY B 145 -24.09 47.70 -15.18
C GLY B 145 -23.97 48.77 -14.10
N ILE B 146 -24.27 49.99 -14.49
CA ILE B 146 -24.12 51.14 -13.62
C ILE B 146 -25.41 51.94 -13.63
N SER B 147 -25.76 52.52 -12.48
CA SER B 147 -26.96 53.35 -12.35
C SER B 147 -26.58 54.71 -11.79
N GLY B 148 -27.40 55.71 -12.07
CA GLY B 148 -27.09 57.03 -11.56
C GLY B 148 -28.30 57.96 -11.53
N HIS B 149 -27.99 59.24 -11.28
CA HIS B 149 -29.01 60.29 -11.21
C HIS B 149 -28.38 61.60 -11.65
N PRO B 150 -28.93 62.29 -12.66
CA PRO B 150 -28.33 63.57 -13.08
C PRO B 150 -28.41 64.63 -12.00
N LEU B 151 -29.32 64.50 -11.04
CA LEU B 151 -29.42 65.43 -9.91
C LEU B 151 -29.47 64.63 -8.60
N LEU B 152 -28.40 63.87 -8.32
CA LEU B 152 -28.30 63.13 -7.07
C LEU B 152 -27.95 64.08 -5.93
N ASN B 153 -28.64 63.92 -4.80
CA ASN B 153 -28.40 64.74 -3.62
C ASN B 153 -27.18 64.24 -2.86
N LYS B 154 -26.02 64.55 -3.44
CA LYS B 154 -24.74 64.46 -2.77
C LYS B 154 -24.25 65.88 -2.53
N PHE B 155 -23.79 66.16 -1.32
CA PHE B 155 -23.24 67.47 -1.04
C PHE B 155 -21.72 67.41 -1.03
N ASP B 156 -21.13 66.99 0.08
CA ASP B 156 -19.68 66.90 0.18
C ASP B 156 -19.25 65.44 0.24
N ASP B 157 -18.00 65.21 -0.14
CA ASP B 157 -17.32 63.93 0.06
C ASP B 157 -16.73 63.92 1.47
N THR B 158 -17.21 63.00 2.32
CA THR B 158 -16.85 62.96 3.73
C THR B 158 -15.82 61.88 4.05
N GLU B 159 -15.04 61.43 3.06
CA GLU B 159 -14.10 60.34 3.31
C GLU B 159 -12.77 60.84 3.89
N THR B 160 -12.17 61.90 3.30
CA THR B 160 -10.86 62.34 3.78
C THR B 160 -10.78 63.82 4.13
N SER B 161 -11.37 64.71 3.32
CA SER B 161 -11.21 66.15 3.53
C SER B 161 -12.55 66.86 3.30
N ASN B 162 -13.08 67.45 4.37
CA ASN B 162 -14.32 68.20 4.39
C ASN B 162 -14.17 69.30 5.44
N LYS B 163 -13.33 70.29 5.16
CA LYS B 163 -13.09 71.33 6.16
C LYS B 163 -14.26 72.30 6.28
N TYR B 164 -14.32 72.96 7.44
CA TYR B 164 -15.29 74.02 7.68
C TYR B 164 -14.77 75.32 7.06
N ALA B 165 -15.54 75.88 6.14
CA ALA B 165 -16.84 75.33 5.81
C ALA B 165 -17.11 75.45 4.33
N GLY B 166 -18.38 75.27 3.97
CA GLY B 166 -18.82 75.31 2.59
C GLY B 166 -20.12 76.08 2.51
N LYS B 167 -20.61 76.23 1.28
CA LYS B 167 -21.80 77.02 0.97
C LYS B 167 -23.09 76.21 0.77
N PRO B 168 -23.77 75.76 1.85
CA PRO B 168 -25.07 75.05 1.68
C PRO B 168 -26.09 75.88 0.90
N GLY B 169 -26.11 75.78 -0.43
CA GLY B 169 -26.93 76.66 -1.28
C GLY B 169 -28.37 76.22 -1.48
N ILE B 170 -28.92 76.61 -2.64
CA ILE B 170 -30.30 76.29 -2.98
C ILE B 170 -30.40 74.94 -3.71
N ASP B 171 -29.38 74.55 -4.46
CA ASP B 171 -29.44 73.34 -5.29
C ASP B 171 -28.00 72.94 -5.59
N ASN B 172 -27.50 71.90 -4.90
CA ASN B 172 -26.13 71.44 -5.09
C ASN B 172 -26.08 70.04 -5.68
N ARG B 173 -27.18 69.56 -6.25
CA ARG B 173 -27.23 68.20 -6.75
C ARG B 173 -26.23 67.99 -7.89
N GLU B 174 -25.65 66.79 -7.94
CA GLU B 174 -24.60 66.44 -8.89
C GLU B 174 -25.03 65.23 -9.71
N CYS B 175 -24.34 65.02 -10.83
CA CYS B 175 -24.63 63.95 -11.77
C CYS B 175 -23.67 62.79 -11.48
N LEU B 176 -24.12 61.87 -10.64
CA LEU B 176 -23.29 60.79 -10.14
C LEU B 176 -23.89 59.44 -10.51
N SER B 177 -23.02 58.43 -10.57
CA SER B 177 -23.44 57.08 -10.85
C SER B 177 -22.65 56.11 -9.98
N MET B 178 -23.07 54.85 -10.03
CA MET B 178 -22.53 53.83 -9.14
C MET B 178 -22.87 52.47 -9.72
N ASP B 179 -22.14 51.45 -9.25
CA ASP B 179 -22.49 50.06 -9.53
C ASP B 179 -23.13 49.50 -8.28
N TYR B 180 -24.20 48.73 -8.47
CA TYR B 180 -25.05 48.33 -7.36
C TYR B 180 -24.53 47.06 -6.68
N LYS B 181 -25.13 46.78 -5.52
CA LYS B 181 -24.87 45.54 -4.80
C LYS B 181 -25.23 44.34 -5.68
N GLN B 182 -24.34 43.35 -5.71
CA GLN B 182 -24.51 42.16 -6.55
C GLN B 182 -25.38 41.12 -5.85
N THR B 183 -26.34 40.57 -6.60
CA THR B 183 -27.29 39.62 -6.03
C THR B 183 -27.56 38.51 -7.04
N GLN B 184 -27.43 37.26 -6.60
CA GLN B 184 -27.98 36.11 -7.31
C GLN B 184 -28.95 35.40 -6.38
N LEU B 185 -30.12 35.04 -6.90
CA LEU B 185 -31.05 34.23 -6.14
C LEU B 185 -32.01 33.49 -7.08
N CYS B 186 -32.58 32.41 -6.56
CA CYS B 186 -33.65 31.72 -7.23
CA CYS B 186 -33.62 31.65 -7.23
C CYS B 186 -34.55 31.07 -6.19
N ILE B 187 -35.84 31.03 -6.49
CA ILE B 187 -36.85 30.50 -5.58
C ILE B 187 -37.86 29.72 -6.40
N LEU B 188 -38.24 28.56 -5.90
CA LEU B 188 -39.17 27.68 -6.58
C LEU B 188 -40.33 27.40 -5.64
N GLY B 189 -41.55 27.47 -6.16
CA GLY B 189 -42.73 27.13 -5.40
C GLY B 189 -43.88 27.02 -6.37
N CYS B 190 -45.04 26.63 -5.84
CA CYS B 190 -46.24 26.57 -6.66
C CYS B 190 -47.16 27.77 -6.42
N LYS B 191 -46.84 28.61 -5.46
CA LYS B 191 -47.48 29.90 -5.29
C LYS B 191 -46.39 30.97 -5.33
N PRO B 192 -46.72 32.19 -5.75
CA PRO B 192 -45.69 33.21 -6.01
C PRO B 192 -44.95 33.60 -4.74
N PRO B 193 -43.73 34.09 -4.85
CA PRO B 193 -42.94 34.42 -3.66
C PRO B 193 -43.41 35.70 -2.99
N ILE B 194 -43.06 35.80 -1.71
CA ILE B 194 -43.46 36.92 -0.87
C ILE B 194 -42.21 37.72 -0.50
N GLY B 195 -42.25 39.02 -0.71
CA GLY B 195 -41.16 39.91 -0.38
C GLY B 195 -41.49 40.77 0.83
N GLU B 196 -40.46 41.46 1.33
CA GLU B 196 -40.61 42.43 2.40
C GLU B 196 -39.95 43.73 2.00
N HIS B 197 -40.53 44.84 2.46
CA HIS B 197 -39.95 46.17 2.22
C HIS B 197 -40.51 47.13 3.26
N TRP B 198 -39.80 48.24 3.47
CA TRP B 198 -40.21 49.28 4.40
C TRP B 198 -41.05 50.31 3.68
N GLY B 199 -42.22 50.62 4.25
CA GLY B 199 -43.11 51.60 3.67
C GLY B 199 -43.57 52.60 4.73
N LYS B 200 -44.25 53.64 4.24
CA LYS B 200 -44.77 54.68 5.13
C LYS B 200 -45.96 54.13 5.89
N GLY B 201 -45.90 54.18 7.22
CA GLY B 201 -46.98 53.70 8.06
C GLY B 201 -48.11 54.71 8.21
N THR B 202 -49.06 54.36 9.08
CA THR B 202 -50.20 55.21 9.39
C THR B 202 -49.89 56.10 10.60
N PRO B 203 -50.26 57.39 10.57
CA PRO B 203 -49.91 58.33 11.63
C PRO B 203 -50.68 58.08 12.93
N ASN B 210 -47.38 67.02 11.08
CA ASN B 210 -46.46 68.13 10.87
C ASN B 210 -45.71 68.03 9.53
N PRO B 211 -45.60 69.16 8.82
CA PRO B 211 -44.97 69.14 7.48
C PRO B 211 -43.48 68.88 7.55
N GLY B 212 -43.06 67.74 7.02
CA GLY B 212 -41.65 67.43 6.95
C GLY B 212 -41.14 66.59 8.09
N ASP B 213 -42.01 66.07 8.92
CA ASP B 213 -41.56 65.17 9.96
C ASP B 213 -41.19 63.82 9.36
N CYS B 214 -40.37 63.09 10.12
CA CYS B 214 -39.91 61.80 9.64
C CYS B 214 -41.11 60.88 9.49
N PRO B 215 -41.28 60.24 8.33
CA PRO B 215 -42.43 59.37 8.15
C PRO B 215 -42.34 58.17 9.08
N PRO B 216 -43.49 57.68 9.55
CA PRO B 216 -43.48 56.44 10.35
C PRO B 216 -43.22 55.23 9.47
N LEU B 217 -42.48 54.26 10.00
CA LEU B 217 -42.05 53.11 9.22
C LEU B 217 -42.87 51.87 9.55
N GLN B 218 -43.11 51.05 8.53
CA GLN B 218 -43.86 49.79 8.67
C GLN B 218 -43.33 48.77 7.69
N LEU B 219 -43.06 47.55 8.18
CA LEU B 219 -42.57 46.47 7.33
C LEU B 219 -43.74 45.85 6.56
N ILE B 220 -43.66 45.87 5.24
CA ILE B 220 -44.79 45.52 4.39
C ILE B 220 -44.46 44.23 3.65
N ASN B 221 -45.39 43.29 3.70
CA ASN B 221 -45.28 42.05 2.95
C ASN B 221 -46.11 42.16 1.69
N SER B 222 -45.61 41.57 0.61
CA SER B 222 -46.28 41.67 -0.67
C SER B 222 -45.79 40.54 -1.57
N VAL B 223 -46.58 40.25 -2.59
CA VAL B 223 -46.16 39.33 -3.63
C VAL B 223 -45.16 40.05 -4.51
N ILE B 224 -44.04 39.40 -4.77
CA ILE B 224 -43.02 39.90 -5.68
C ILE B 224 -43.47 39.64 -7.10
N GLN B 225 -43.60 40.70 -7.88
CA GLN B 225 -44.02 40.60 -9.27
C GLN B 225 -42.83 40.72 -10.22
N ASP B 226 -43.02 40.23 -11.44
CA ASP B 226 -42.01 40.38 -12.47
C ASP B 226 -41.81 41.86 -12.77
N GLY B 227 -40.56 42.30 -12.71
CA GLY B 227 -40.22 43.70 -12.90
C GLY B 227 -40.01 44.48 -11.62
N ASP B 228 -40.40 43.91 -10.48
CA ASP B 228 -40.09 44.56 -9.20
C ASP B 228 -38.58 44.70 -9.04
N MET B 229 -38.16 45.70 -8.28
CA MET B 229 -36.75 45.96 -8.08
C MET B 229 -36.23 45.24 -6.84
N VAL B 230 -35.04 44.66 -6.96
CA VAL B 230 -34.35 44.09 -5.81
C VAL B 230 -33.61 45.21 -5.07
N ASP B 231 -33.25 44.95 -3.82
CA ASP B 231 -32.44 45.91 -3.08
C ASP B 231 -31.10 46.09 -3.76
N THR B 232 -30.56 47.30 -3.68
CA THR B 232 -29.41 47.68 -4.46
C THR B 232 -28.22 48.15 -3.63
N GLY B 233 -28.36 48.18 -2.32
CA GLY B 233 -27.41 48.81 -1.43
C GLY B 233 -28.00 49.90 -0.56
N PHE B 234 -29.21 50.39 -0.86
CA PHE B 234 -29.92 51.35 -0.03
C PHE B 234 -31.08 50.74 0.75
N GLY B 235 -31.15 49.41 0.85
CA GLY B 235 -32.19 48.79 1.65
C GLY B 235 -33.43 48.44 0.84
N CYS B 236 -34.35 47.74 1.50
CA CYS B 236 -35.62 47.38 0.87
C CYS B 236 -36.68 48.37 1.35
N MET B 237 -36.99 49.36 0.52
CA MET B 237 -37.94 50.38 0.93
C MET B 237 -38.71 50.93 -0.26
N ASP B 238 -39.84 51.58 0.04
CA ASP B 238 -40.67 52.30 -0.92
C ASP B 238 -40.08 53.70 -1.10
N PHE B 239 -39.23 53.84 -2.11
CA PHE B 239 -38.58 55.13 -2.33
C PHE B 239 -39.57 56.18 -2.83
N ASN B 240 -40.63 55.74 -3.50
CA ASN B 240 -41.62 56.68 -4.02
C ASN B 240 -42.27 57.47 -2.89
N THR B 241 -42.48 56.83 -1.74
CA THR B 241 -43.13 57.50 -0.62
C THR B 241 -42.19 57.88 0.51
N LEU B 242 -41.07 57.18 0.69
CA LEU B 242 -40.16 57.46 1.80
C LEU B 242 -39.01 58.39 1.44
N GLN B 243 -38.82 58.72 0.17
CA GLN B 243 -37.81 59.70 -0.26
C GLN B 243 -38.51 60.69 -1.20
N ALA B 244 -38.95 61.81 -0.63
CA ALA B 244 -39.84 62.71 -1.36
C ALA B 244 -39.12 63.56 -2.40
N SER B 245 -37.84 63.89 -2.18
CA SER B 245 -37.17 64.80 -3.11
C SER B 245 -36.88 64.14 -4.45
N LYS B 246 -37.01 62.81 -4.54
CA LYS B 246 -36.71 62.02 -5.73
C LYS B 246 -35.23 62.12 -6.12
N SER B 247 -34.36 62.57 -5.22
CA SER B 247 -32.95 62.77 -5.56
C SER B 247 -31.98 62.04 -4.63
N ASP B 248 -32.47 61.22 -3.71
CA ASP B 248 -31.54 60.61 -2.76
C ASP B 248 -30.99 59.27 -3.24
N VAL B 249 -31.61 58.63 -4.23
CA VAL B 249 -31.09 57.40 -4.84
C VAL B 249 -31.26 57.50 -6.34
N PRO B 250 -30.54 56.67 -7.10
CA PRO B 250 -30.61 56.77 -8.57
C PRO B 250 -32.01 56.59 -9.13
N ILE B 251 -32.17 57.00 -10.39
CA ILE B 251 -33.49 57.11 -10.98
C ILE B 251 -34.14 55.77 -11.28
N ASP B 252 -33.39 54.67 -11.30
CA ASP B 252 -34.05 53.40 -11.57
C ASP B 252 -34.69 52.78 -10.33
N ILE B 253 -34.53 53.41 -9.16
CA ILE B 253 -35.17 52.89 -7.95
C ILE B 253 -35.83 54.02 -7.16
N CYS B 254 -35.64 55.27 -7.61
CA CYS B 254 -36.11 56.41 -6.83
C CYS B 254 -37.63 56.57 -6.83
N SER B 255 -38.34 55.99 -7.81
CA SER B 255 -39.80 55.97 -7.77
C SER B 255 -40.33 54.55 -7.83
N SER B 256 -39.51 53.58 -7.40
CA SER B 256 -39.85 52.18 -7.33
C SER B 256 -39.83 51.72 -5.87
N VAL B 257 -40.32 50.50 -5.66
CA VAL B 257 -40.21 49.82 -4.39
C VAL B 257 -39.19 48.71 -4.56
N CYS B 258 -38.18 48.70 -3.70
CA CYS B 258 -37.17 47.65 -3.69
C CYS B 258 -37.57 46.62 -2.65
N LYS B 259 -37.74 45.37 -3.08
CA LYS B 259 -38.21 44.30 -2.21
C LYS B 259 -37.11 43.28 -2.01
N TYR B 260 -37.07 42.72 -0.80
CA TYR B 260 -36.19 41.62 -0.43
C TYR B 260 -37.03 40.43 -0.04
N PRO B 261 -36.66 39.22 -0.44
CA PRO B 261 -37.51 38.06 -0.17
C PRO B 261 -37.65 37.81 1.32
N ASP B 262 -38.89 37.63 1.77
CA ASP B 262 -39.16 37.27 3.16
C ASP B 262 -38.99 35.77 3.33
N TYR B 263 -37.72 35.36 3.37
CA TYR B 263 -37.40 33.94 3.53
C TYR B 263 -37.94 33.40 4.84
N LEU B 264 -37.84 34.18 5.93
CA LEU B 264 -38.32 33.71 7.21
C LEU B 264 -39.82 33.43 7.19
N GLN B 265 -40.61 34.38 6.66
CA GLN B 265 -42.05 34.17 6.66
C GLN B 265 -42.46 33.07 5.70
N MET B 266 -41.87 33.02 4.51
CA MET B 266 -42.18 31.95 3.56
C MET B 266 -41.86 30.57 4.14
N ALA B 267 -40.80 30.45 4.93
CA ALA B 267 -40.47 29.14 5.48
C ALA B 267 -41.47 28.69 6.54
N SER B 268 -42.06 29.63 7.26
CA SER B 268 -42.93 29.28 8.37
C SER B 268 -44.40 29.12 7.98
N GLU B 269 -44.75 29.30 6.70
CA GLU B 269 -46.11 29.03 6.27
C GLU B 269 -46.42 27.54 6.37
N PRO B 270 -47.62 27.16 6.84
CA PRO B 270 -47.88 25.73 7.14
C PRO B 270 -47.75 24.81 5.94
N TYR B 271 -48.35 25.16 4.80
CA TYR B 271 -48.33 24.24 3.67
C TYR B 271 -47.01 24.30 2.89
N GLY B 272 -46.32 25.43 2.93
CA GLY B 272 -45.04 25.54 2.24
C GLY B 272 -45.15 25.64 0.74
N ASP B 273 -46.15 26.35 0.22
CA ASP B 273 -46.33 26.43 -1.22
C ASP B 273 -45.41 27.45 -1.87
N SER B 274 -44.88 28.40 -1.09
CA SER B 274 -44.03 29.44 -1.67
C SER B 274 -42.58 28.99 -1.83
N LEU B 275 -42.09 28.18 -0.91
CA LEU B 275 -40.67 27.82 -0.82
C LEU B 275 -40.50 26.32 -0.89
N PHE B 276 -40.28 25.80 -2.10
CA PHE B 276 -39.73 24.45 -2.19
C PHE B 276 -38.25 24.47 -1.77
N PHE B 277 -37.48 25.40 -2.31
CA PHE B 277 -36.07 25.58 -1.98
C PHE B 277 -35.65 26.96 -2.45
N PHE B 278 -34.48 27.40 -2.02
CA PHE B 278 -33.95 28.64 -2.55
C PHE B 278 -32.44 28.63 -2.49
N LEU B 279 -31.83 29.39 -3.40
CA LEU B 279 -30.42 29.68 -3.37
C LEU B 279 -30.24 31.20 -3.44
N ARG B 280 -29.24 31.72 -2.73
CA ARG B 280 -28.98 33.15 -2.74
C ARG B 280 -27.49 33.39 -2.56
N ARG B 281 -27.01 34.45 -3.20
CA ARG B 281 -25.62 34.87 -3.03
C ARG B 281 -25.60 36.39 -3.19
N GLU B 282 -25.41 37.11 -2.09
CA GLU B 282 -25.36 38.56 -2.07
C GLU B 282 -24.00 39.05 -1.61
N GLN B 283 -23.58 40.22 -2.11
CA GLN B 283 -22.36 40.84 -1.63
C GLN B 283 -22.29 42.31 -2.00
N MET B 284 -21.66 43.10 -1.14
CA MET B 284 -21.43 44.50 -1.42
C MET B 284 -20.38 45.04 -0.45
N PHE B 285 -19.78 46.17 -0.84
CA PHE B 285 -18.96 46.96 0.08
C PHE B 285 -19.26 48.45 -0.13
N VAL B 286 -18.68 49.26 0.75
CA VAL B 286 -18.88 50.69 0.72
C VAL B 286 -17.78 51.31 -0.11
N ARG B 287 -18.16 51.94 -1.22
CA ARG B 287 -17.18 52.49 -2.13
C ARG B 287 -16.87 53.97 -1.86
N HIS B 288 -17.87 54.79 -1.51
CA HIS B 288 -17.67 56.21 -1.20
C HIS B 288 -18.56 56.63 -0.03
N PHE B 289 -18.18 57.74 0.62
CA PHE B 289 -18.86 58.24 1.82
C PHE B 289 -19.30 59.68 1.57
N PHE B 290 -20.60 59.90 1.48
CA PHE B 290 -21.15 61.21 1.18
C PHE B 290 -22.04 61.70 2.32
N ASN B 291 -22.49 62.95 2.23
CA ASN B 291 -23.59 63.40 3.05
C ASN B 291 -24.57 64.18 2.18
N ARG B 292 -25.74 64.45 2.75
CA ARG B 292 -26.87 65.01 2.01
C ARG B 292 -26.95 66.52 2.22
N ALA B 293 -27.39 67.22 1.18
CA ALA B 293 -27.88 68.58 1.33
C ALA B 293 -29.34 68.54 1.78
N GLY B 294 -29.85 69.67 2.23
CA GLY B 294 -31.12 69.67 2.91
C GLY B 294 -30.94 69.76 4.42
N THR B 295 -32.03 70.04 5.10
CA THR B 295 -32.02 70.22 6.55
C THR B 295 -31.94 68.86 7.28
N LEU B 296 -31.03 68.77 8.24
CA LEU B 296 -30.92 67.57 9.07
C LEU B 296 -32.12 67.52 10.00
N GLY B 297 -32.97 66.51 9.82
CA GLY B 297 -34.22 66.46 10.57
C GLY B 297 -34.04 66.18 12.05
N ASP B 298 -33.09 65.30 12.39
CA ASP B 298 -32.78 64.94 13.77
C ASP B 298 -31.38 65.47 14.09
N PRO B 299 -31.26 66.69 14.60
CA PRO B 299 -29.92 67.26 14.85
C PRO B 299 -29.19 66.50 15.94
N VAL B 300 -27.86 66.52 15.83
CA VAL B 300 -27.03 65.77 16.78
C VAL B 300 -27.22 66.33 18.18
N PRO B 301 -27.57 65.52 19.18
CA PRO B 301 -27.76 66.06 20.53
C PRO B 301 -26.46 66.63 21.09
N GLY B 302 -26.61 67.65 21.94
CA GLY B 302 -25.48 68.43 22.42
C GLY B 302 -24.53 67.68 23.35
N ASP B 303 -24.98 66.59 23.97
CA ASP B 303 -24.11 65.81 24.86
C ASP B 303 -23.13 64.94 24.09
N LEU B 304 -23.15 64.98 22.76
CA LEU B 304 -22.28 64.16 21.93
C LEU B 304 -21.11 64.94 21.35
N TYR B 305 -21.01 66.25 21.61
CA TYR B 305 -19.87 67.01 21.10
C TYR B 305 -19.75 68.32 21.88
N ILE B 306 -18.54 68.88 21.83
CA ILE B 306 -18.31 70.24 22.32
C ILE B 306 -18.51 71.19 21.15
N GLN B 307 -19.45 72.12 21.29
CA GLN B 307 -19.82 73.02 20.21
C GLN B 307 -18.68 73.95 19.82
N GLY B 308 -18.69 74.38 18.56
CA GLY B 308 -17.67 75.27 18.05
C GLY B 308 -17.85 76.70 18.53
N SER B 309 -16.81 77.49 18.30
CA SER B 309 -16.80 78.87 18.77
C SER B 309 -17.63 79.74 17.83
N ASN B 310 -18.31 80.75 18.40
CA ASN B 310 -19.19 81.61 17.61
C ASN B 310 -18.42 82.41 16.56
N SER B 311 -17.16 82.73 16.85
CA SER B 311 -16.34 83.53 15.93
C SER B 311 -15.81 82.67 14.78
N GLY B 312 -15.30 81.48 15.09
CA GLY B 312 -14.70 80.62 14.10
C GLY B 312 -15.70 80.09 13.09
N ASN B 313 -15.25 79.06 12.35
CA ASN B 313 -16.01 78.54 11.23
C ASN B 313 -16.90 77.36 11.62
N THR B 314 -16.88 76.94 12.88
CA THR B 314 -17.47 75.69 13.31
C THR B 314 -18.78 75.90 14.06
N ALA B 315 -19.30 77.12 14.11
CA ALA B 315 -20.42 77.32 15.03
C ALA B 315 -21.76 76.96 14.42
N THR B 316 -21.77 76.44 13.20
CA THR B 316 -22.94 75.78 12.63
C THR B 316 -22.47 74.45 12.09
N VAL B 317 -22.99 73.36 12.66
CA VAL B 317 -22.46 72.03 12.35
C VAL B 317 -22.89 71.61 10.95
N GLN B 318 -22.00 70.94 10.24
CA GLN B 318 -22.33 70.38 8.94
C GLN B 318 -23.28 69.19 9.13
N SER B 319 -23.95 68.82 8.04
CA SER B 319 -24.92 67.76 8.10
C SER B 319 -24.25 66.41 8.34
N SER B 320 -24.73 65.68 9.35
CA SER B 320 -24.32 64.30 9.58
C SER B 320 -25.34 63.31 9.03
N ALA B 321 -26.09 63.72 8.00
CA ALA B 321 -26.97 62.81 7.25
C ALA B 321 -26.11 62.13 6.18
N PHE B 322 -25.32 61.17 6.64
CA PHE B 322 -24.39 60.47 5.77
C PHE B 322 -25.08 59.41 4.94
N PHE B 323 -24.46 59.07 3.81
CA PHE B 323 -24.94 57.93 3.06
C PHE B 323 -23.81 57.36 2.22
N PRO B 324 -23.69 56.03 2.16
CA PRO B 324 -22.64 55.40 1.36
C PRO B 324 -23.11 55.07 -0.04
N THR B 325 -22.15 55.00 -0.96
CA THR B 325 -22.53 54.31 -2.18
C THR B 325 -22.06 52.87 -2.12
N PRO B 326 -22.88 51.94 -2.63
CA PRO B 326 -22.50 50.52 -2.62
C PRO B 326 -21.63 50.17 -3.81
N SER B 327 -21.10 48.94 -3.77
CA SER B 327 -20.38 48.36 -4.90
C SER B 327 -20.46 46.83 -4.82
N GLY B 328 -20.77 46.21 -5.95
CA GLY B 328 -20.93 44.78 -6.02
C GLY B 328 -19.65 44.01 -6.25
N SER B 329 -18.53 44.69 -6.41
CA SER B 329 -17.21 44.06 -6.61
C SER B 329 -17.27 43.16 -7.86
N MET B 330 -16.41 42.16 -7.93
CA MET B 330 -16.29 41.36 -9.15
C MET B 330 -17.47 40.39 -9.33
N VAL B 331 -17.80 40.12 -10.60
CA VAL B 331 -18.65 38.99 -10.95
C VAL B 331 -17.76 37.92 -11.56
N THR B 332 -17.95 36.67 -11.14
CA THR B 332 -17.09 35.57 -11.55
C THR B 332 -17.92 34.37 -11.99
N SER B 333 -17.32 33.58 -12.88
CA SER B 333 -17.92 32.33 -13.31
C SER B 333 -18.07 31.36 -12.15
N GLU B 334 -17.04 31.23 -11.31
CA GLU B 334 -17.07 30.22 -10.27
C GLU B 334 -18.17 30.46 -9.24
N SER B 335 -18.77 31.65 -9.21
CA SER B 335 -19.84 31.97 -8.26
C SER B 335 -21.24 31.75 -8.83
N GLN B 336 -21.37 31.34 -10.08
CA GLN B 336 -22.67 31.34 -10.73
C GLN B 336 -23.61 30.30 -10.12
N LEU B 337 -24.85 30.70 -9.88
CA LEU B 337 -25.89 29.77 -9.45
C LEU B 337 -26.59 29.08 -10.60
N PHE B 338 -26.44 29.59 -11.83
CA PHE B 338 -27.27 29.17 -12.96
C PHE B 338 -26.48 28.35 -13.96
N ASN B 339 -27.18 27.91 -15.02
CA ASN B 339 -26.63 27.03 -16.05
C ASN B 339 -26.09 25.72 -15.48
N LYS B 340 -26.65 25.28 -14.35
CA LYS B 340 -26.30 24.01 -13.79
C LYS B 340 -27.53 23.42 -13.12
N PRO B 341 -27.72 22.12 -13.21
CA PRO B 341 -28.97 21.53 -12.73
C PRO B 341 -29.05 21.47 -11.21
N TYR B 342 -30.28 21.63 -10.72
CA TYR B 342 -30.60 21.43 -9.31
C TYR B 342 -31.74 20.42 -9.22
N TRP B 343 -31.51 19.33 -8.48
CA TRP B 343 -32.50 18.28 -8.25
C TRP B 343 -32.99 18.47 -6.82
N LEU B 344 -34.28 18.72 -6.65
CA LEU B 344 -34.82 18.89 -5.30
C LEU B 344 -35.01 17.51 -4.70
N GLN B 345 -34.25 17.20 -3.66
CA GLN B 345 -34.39 15.89 -3.03
C GLN B 345 -35.63 15.85 -2.13
N ARG B 346 -35.76 16.82 -1.24
CA ARG B 346 -36.90 16.89 -0.34
C ARG B 346 -37.07 18.36 0.03
N ALA B 347 -38.22 18.94 -0.31
CA ALA B 347 -38.45 20.33 0.02
C ALA B 347 -38.45 20.56 1.54
N GLN B 348 -38.30 21.83 1.91
CA GLN B 348 -38.16 22.21 3.32
C GLN B 348 -39.48 22.17 4.06
N GLY B 349 -40.57 22.42 3.36
CA GLY B 349 -41.89 22.47 3.95
C GLY B 349 -42.70 21.22 3.66
N HIS B 350 -44.00 21.34 3.92
CA HIS B 350 -44.86 20.19 3.75
C HIS B 350 -45.17 19.89 2.29
N ASN B 351 -45.13 20.91 1.43
CA ASN B 351 -45.34 20.68 0.00
C ASN B 351 -44.02 20.22 -0.61
N ASN B 352 -43.89 18.92 -0.84
CA ASN B 352 -42.66 18.37 -1.38
C ASN B 352 -42.71 18.39 -2.91
N GLY B 353 -42.81 19.62 -3.44
CA GLY B 353 -42.68 19.87 -4.86
C GLY B 353 -43.93 19.68 -5.69
N ILE B 354 -45.11 19.57 -5.06
CA ILE B 354 -46.33 19.34 -5.81
C ILE B 354 -46.78 20.65 -6.45
N CYS B 355 -47.01 20.61 -7.76
CA CYS B 355 -47.42 21.79 -8.50
C CYS B 355 -48.95 21.85 -8.54
N TRP B 356 -49.52 22.20 -7.38
CA TRP B 356 -50.96 22.35 -7.29
C TRP B 356 -51.45 23.36 -8.31
N GLY B 357 -52.62 23.09 -8.89
CA GLY B 357 -53.15 23.97 -9.90
C GLY B 357 -52.42 23.91 -11.21
N ASN B 358 -51.54 22.93 -11.38
CA ASN B 358 -50.79 22.74 -12.63
C ASN B 358 -49.99 23.97 -13.01
N GLN B 359 -49.36 24.59 -12.01
CA GLN B 359 -48.50 25.74 -12.23
C GLN B 359 -47.39 25.75 -11.17
N LEU B 360 -46.29 26.41 -11.52
CA LEU B 360 -45.19 26.64 -10.59
C LEU B 360 -44.54 27.97 -10.94
N PHE B 361 -43.99 28.62 -9.90
CA PHE B 361 -43.35 29.91 -10.03
C PHE B 361 -41.85 29.77 -9.85
N VAL B 362 -41.08 30.34 -10.78
CA VAL B 362 -39.63 30.41 -10.69
C VAL B 362 -39.25 31.88 -10.59
N THR B 363 -38.65 32.25 -9.46
CA THR B 363 -38.24 33.62 -9.19
C THR B 363 -36.73 33.71 -9.30
N VAL B 364 -36.25 34.70 -10.06
CA VAL B 364 -34.82 34.84 -10.33
C VAL B 364 -34.40 36.28 -10.19
N VAL B 365 -33.29 36.53 -9.50
CA VAL B 365 -32.55 37.77 -9.61
C VAL B 365 -31.11 37.41 -9.97
N ASP B 366 -30.57 38.08 -10.98
CA ASP B 366 -29.20 37.86 -11.43
C ASP B 366 -28.62 39.19 -11.87
N THR B 367 -27.87 39.84 -10.99
CA THR B 367 -27.19 41.08 -11.31
C THR B 367 -25.79 40.86 -11.89
N THR B 368 -25.41 39.60 -12.17
CA THR B 368 -24.07 39.30 -12.67
C THR B 368 -23.97 39.43 -14.18
N ARG B 369 -25.05 39.86 -14.85
CA ARG B 369 -25.07 40.10 -16.29
C ARG B 369 -25.73 41.42 -16.61
N SER B 370 -25.48 42.44 -15.77
CA SER B 370 -26.23 43.69 -15.84
C SER B 370 -25.61 44.70 -16.81
N THR B 371 -24.70 44.26 -17.69
CA THR B 371 -24.11 45.16 -18.67
C THR B 371 -25.15 45.92 -19.48
N ASN B 372 -25.00 47.24 -19.52
CA ASN B 372 -25.85 48.13 -20.30
C ASN B 372 -25.13 48.51 -21.59
N MET B 373 -25.74 48.21 -22.72
CA MET B 373 -25.13 48.52 -24.00
C MET B 373 -25.29 50.00 -24.33
N THR B 374 -24.23 50.59 -24.85
CA THR B 374 -24.25 51.95 -25.36
C THR B 374 -24.64 51.91 -26.83
N LEU B 375 -25.71 52.60 -27.20
CA LEU B 375 -26.11 52.74 -28.60
C LEU B 375 -25.94 54.19 -29.02
N CYS B 376 -25.45 54.39 -30.23
CA CYS B 376 -25.12 55.74 -30.70
C CYS B 376 -25.51 55.85 -32.17
N ALA B 377 -26.44 56.76 -32.48
CA ALA B 377 -26.91 56.98 -33.84
C ALA B 377 -26.51 58.37 -34.33
N GLU B 378 -26.28 58.46 -35.65
CA GLU B 378 -25.78 59.67 -36.28
C GLU B 378 -26.95 60.52 -36.80
N VAL B 379 -26.97 61.79 -36.39
CA VAL B 379 -27.99 62.72 -36.87
C VAL B 379 -27.60 63.32 -38.22
N LYS B 380 -26.36 63.80 -38.34
CA LYS B 380 -25.82 64.37 -39.58
C LYS B 380 -24.45 63.80 -39.84
N LYS B 381 -24.20 63.37 -41.08
CA LYS B 381 -22.88 62.93 -41.48
C LYS B 381 -22.01 64.12 -41.88
N GLU B 382 -20.90 64.30 -41.18
CA GLU B 382 -19.95 65.36 -41.49
C GLU B 382 -18.54 64.79 -41.45
N SER B 383 -17.61 65.46 -42.14
CA SER B 383 -16.25 64.95 -42.20
C SER B 383 -15.49 65.15 -40.90
N THR B 384 -16.02 65.93 -39.95
CA THR B 384 -15.39 66.08 -38.64
C THR B 384 -16.44 65.87 -37.54
N TYR B 385 -15.94 65.61 -36.34
CA TYR B 385 -16.77 65.24 -35.21
C TYR B 385 -17.39 66.47 -34.56
N LYS B 386 -18.69 66.40 -34.27
CA LYS B 386 -19.39 67.36 -33.42
C LYS B 386 -20.34 66.60 -32.53
N ASN B 387 -20.32 66.90 -31.22
CA ASN B 387 -21.20 66.22 -30.29
C ASN B 387 -22.65 66.31 -30.74
N GLU B 388 -23.06 67.47 -31.27
CA GLU B 388 -24.45 67.69 -31.66
C GLU B 388 -24.88 66.76 -32.79
N ASN B 389 -23.95 66.07 -33.44
CA ASN B 389 -24.23 65.18 -34.56
C ASN B 389 -24.62 63.78 -34.13
N PHE B 390 -24.65 63.47 -32.83
CA PHE B 390 -24.94 62.12 -32.36
C PHE B 390 -25.91 62.14 -31.19
N LYS B 391 -26.72 61.09 -31.10
CA LYS B 391 -27.58 60.86 -29.95
C LYS B 391 -27.16 59.57 -29.25
N GLU B 392 -27.16 59.60 -27.92
CA GLU B 392 -26.67 58.50 -27.09
C GLU B 392 -27.85 57.82 -26.39
N TYR B 393 -27.89 56.49 -26.46
CA TYR B 393 -28.94 55.67 -25.86
C TYR B 393 -28.35 54.57 -24.99
N LEU B 394 -29.21 54.01 -24.14
CA LEU B 394 -28.90 52.87 -23.28
C LEU B 394 -29.93 51.75 -23.49
N ARG B 395 -29.44 50.52 -23.64
CA ARG B 395 -30.32 49.35 -23.75
C ARG B 395 -29.71 48.20 -22.96
N HIS B 396 -30.59 47.36 -22.41
CA HIS B 396 -30.19 46.18 -21.66
C HIS B 396 -30.95 44.96 -22.15
N GLY B 397 -30.28 43.82 -22.18
CA GLY B 397 -30.91 42.59 -22.63
C GLY B 397 -30.72 41.48 -21.63
N GLU B 398 -31.78 40.72 -21.40
CA GLU B 398 -31.76 39.55 -20.52
C GLU B 398 -32.20 38.34 -21.32
N GLU B 399 -31.45 37.22 -21.18
CA GLU B 399 -31.70 35.99 -21.91
C GLU B 399 -31.82 34.83 -20.92
N PHE B 400 -32.91 34.06 -21.04
CA PHE B 400 -33.17 32.92 -20.17
C PHE B 400 -33.50 31.68 -21.01
N ASP B 401 -33.35 30.51 -20.38
CA ASP B 401 -33.82 29.25 -20.96
C ASP B 401 -34.15 28.30 -19.81
N LEU B 402 -35.45 28.10 -19.56
CA LEU B 402 -35.91 27.32 -18.43
C LEU B 402 -36.18 25.88 -18.86
N GLN B 403 -35.52 24.93 -18.18
CA GLN B 403 -35.70 23.50 -18.38
C GLN B 403 -36.14 22.86 -17.08
N PHE B 404 -37.09 21.93 -17.17
CA PHE B 404 -37.65 21.25 -16.01
C PHE B 404 -37.76 19.76 -16.26
N ILE B 405 -37.84 19.01 -15.17
CA ILE B 405 -38.22 17.60 -15.22
C ILE B 405 -39.30 17.37 -14.19
N PHE B 406 -40.42 16.85 -14.63
CA PHE B 406 -41.57 16.65 -13.77
C PHE B 406 -41.84 15.16 -13.58
N GLN B 407 -42.31 14.82 -12.37
CA GLN B 407 -42.69 13.47 -12.00
C GLN B 407 -44.21 13.42 -11.87
N LEU B 408 -44.84 12.46 -12.54
CA LEU B 408 -46.28 12.31 -12.44
C LEU B 408 -46.65 11.71 -11.08
N CYS B 409 -47.69 12.25 -10.47
CA CYS B 409 -48.16 11.78 -9.17
C CYS B 409 -49.66 11.55 -9.20
N LYS B 410 -50.10 10.67 -8.32
CA LYS B 410 -51.51 10.33 -8.16
C LYS B 410 -51.92 10.53 -6.71
N ILE B 411 -53.18 10.90 -6.52
CA ILE B 411 -53.77 11.15 -5.21
C ILE B 411 -55.06 10.35 -5.11
N THR B 412 -55.12 9.43 -4.15
CA THR B 412 -56.37 8.69 -3.91
C THR B 412 -57.34 9.56 -3.12
N LEU B 413 -58.51 9.81 -3.70
CA LEU B 413 -59.50 10.75 -3.14
C LEU B 413 -60.47 10.02 -2.20
N THR B 414 -59.93 9.63 -1.04
CA THR B 414 -60.75 9.13 0.05
C THR B 414 -61.46 10.32 0.72
N ALA B 415 -62.28 10.03 1.72
CA ALA B 415 -63.05 11.10 2.38
C ALA B 415 -62.13 12.06 3.12
N ASP B 416 -61.19 11.53 3.90
CA ASP B 416 -60.28 12.39 4.66
C ASP B 416 -59.34 13.17 3.73
N VAL B 417 -58.89 12.56 2.65
CA VAL B 417 -57.99 13.26 1.74
C VAL B 417 -58.73 14.42 1.08
N MET B 418 -59.97 14.18 0.66
CA MET B 418 -60.76 15.24 0.04
C MET B 418 -61.05 16.35 1.03
N THR B 419 -61.32 16.01 2.29
CA THR B 419 -61.53 17.04 3.31
C THR B 419 -60.25 17.83 3.51
N TYR B 420 -59.10 17.16 3.58
CA TYR B 420 -57.84 17.86 3.78
C TYR B 420 -57.53 18.78 2.61
N ILE B 421 -57.69 18.30 1.38
CA ILE B 421 -57.42 19.15 0.24
C ILE B 421 -58.42 20.31 0.17
N HIS B 422 -59.66 20.09 0.61
CA HIS B 422 -60.64 21.18 0.57
C HIS B 422 -60.26 22.31 1.52
N LYS B 423 -59.80 21.98 2.72
CA LYS B 423 -59.37 23.00 3.66
C LYS B 423 -58.10 23.69 3.17
N MET B 424 -57.23 22.95 2.48
CA MET B 424 -55.99 23.54 1.99
C MET B 424 -56.26 24.57 0.91
N ASP B 425 -57.01 24.19 -0.13
CA ASP B 425 -57.32 25.09 -1.23
C ASP B 425 -58.51 24.46 -1.97
N ALA B 426 -59.71 25.02 -1.74
CA ALA B 426 -60.91 24.43 -2.31
C ALA B 426 -60.89 24.40 -3.84
N THR B 427 -60.14 25.31 -4.48
CA THR B 427 -60.08 25.34 -5.94
C THR B 427 -59.41 24.11 -6.54
N ILE B 428 -58.62 23.36 -5.75
CA ILE B 428 -57.99 22.15 -6.27
C ILE B 428 -59.04 21.09 -6.58
N LEU B 429 -59.96 20.86 -5.64
CA LEU B 429 -61.05 19.90 -5.88
C LEU B 429 -62.01 20.40 -6.95
N GLU B 430 -62.33 21.70 -6.93
CA GLU B 430 -63.29 22.21 -7.89
C GLU B 430 -62.77 22.08 -9.33
N ASP B 431 -61.47 22.30 -9.52
CA ASP B 431 -60.91 22.15 -10.87
C ASP B 431 -60.82 20.70 -11.32
N TRP B 432 -60.71 19.76 -10.38
CA TRP B 432 -60.63 18.33 -10.69
C TRP B 432 -61.96 17.72 -11.13
N GLN B 433 -63.08 18.43 -10.94
CA GLN B 433 -64.43 17.94 -11.25
C GLN B 433 -64.73 16.66 -10.46
N PHE B 434 -64.71 16.79 -9.14
CA PHE B 434 -64.90 15.64 -8.28
C PHE B 434 -65.83 15.98 -7.11
N GLU B 468 -61.26 35.60 -12.15
CA GLU B 468 -61.65 34.75 -11.04
C GLU B 468 -60.41 34.24 -10.30
N ASP B 469 -59.29 34.16 -11.00
CA ASP B 469 -58.02 33.77 -10.41
C ASP B 469 -57.47 34.94 -9.61
N PRO B 470 -57.16 34.77 -8.31
CA PRO B 470 -56.66 35.91 -7.53
C PRO B 470 -55.28 36.41 -7.96
N LEU B 471 -54.53 35.63 -8.73
CA LEU B 471 -53.18 36.04 -9.13
C LEU B 471 -53.12 36.86 -10.42
N LYS B 472 -54.22 37.09 -11.13
CA LYS B 472 -54.13 37.87 -12.36
C LYS B 472 -54.14 39.39 -12.13
N ASP B 473 -54.31 39.85 -10.90
CA ASP B 473 -54.04 41.26 -10.66
C ASP B 473 -52.54 41.53 -10.58
N TYR B 474 -51.74 40.47 -10.55
CA TYR B 474 -50.29 40.52 -10.45
C TYR B 474 -49.65 40.36 -11.82
N MET B 475 -48.40 40.81 -11.92
CA MET B 475 -47.63 40.80 -13.15
C MET B 475 -46.60 39.68 -13.11
N PHE B 476 -46.71 38.71 -14.03
CA PHE B 476 -45.74 37.63 -14.13
C PHE B 476 -45.36 37.45 -15.59
N TRP B 477 -44.14 36.94 -15.80
CA TRP B 477 -43.68 36.51 -17.12
C TRP B 477 -44.22 35.11 -17.37
N GLU B 478 -45.28 35.01 -18.17
CA GLU B 478 -45.98 33.75 -18.41
C GLU B 478 -45.16 32.85 -19.32
N VAL B 479 -44.96 31.60 -18.90
CA VAL B 479 -44.26 30.59 -19.68
C VAL B 479 -45.23 29.43 -19.88
N ASP B 480 -45.69 29.24 -21.12
CA ASP B 480 -46.68 28.22 -21.44
C ASP B 480 -45.97 26.95 -21.89
N LEU B 481 -46.07 25.89 -21.08
CA LEU B 481 -45.45 24.60 -21.40
C LEU B 481 -46.48 23.50 -21.67
N LYS B 482 -47.75 23.85 -21.90
CA LYS B 482 -48.78 22.85 -22.17
C LYS B 482 -48.38 21.94 -23.31
N GLU B 483 -47.88 22.53 -24.38
CA GLU B 483 -47.56 21.80 -25.59
C GLU B 483 -46.09 21.45 -25.66
N LYS B 484 -45.39 21.52 -24.51
CA LYS B 484 -43.94 21.38 -24.48
C LYS B 484 -43.46 20.16 -23.70
N PHE B 485 -44.36 19.32 -23.22
CA PHE B 485 -43.98 18.13 -22.46
C PHE B 485 -43.54 17.02 -23.41
N SER B 486 -42.52 16.28 -22.99
CA SER B 486 -41.98 15.20 -23.80
C SER B 486 -41.61 14.04 -22.89
N ALA B 487 -41.84 12.83 -23.38
CA ALA B 487 -41.46 11.64 -22.63
C ALA B 487 -40.10 11.09 -23.02
N ASP B 488 -39.52 11.53 -24.15
CA ASP B 488 -38.21 11.02 -24.58
C ASP B 488 -37.15 11.93 -23.99
N LEU B 489 -36.73 11.62 -22.78
CA LEU B 489 -35.91 12.53 -22.00
C LEU B 489 -34.58 12.82 -22.68
N ASP B 490 -33.95 11.82 -23.31
CA ASP B 490 -32.58 12.05 -23.75
C ASP B 490 -32.50 12.91 -25.02
N GLN B 491 -33.62 13.42 -25.54
CA GLN B 491 -33.53 14.37 -26.64
C GLN B 491 -33.13 15.76 -26.19
N PHE B 492 -33.00 15.99 -24.89
CA PHE B 492 -32.90 17.34 -24.39
C PHE B 492 -31.79 17.44 -23.35
N PRO B 493 -31.18 18.62 -23.20
CA PRO B 493 -30.03 18.72 -22.29
C PRO B 493 -30.34 18.29 -20.87
N LEU B 494 -31.38 18.84 -20.25
CA LEU B 494 -31.62 18.51 -18.86
C LEU B 494 -32.05 17.05 -18.71
N GLY B 495 -32.68 16.48 -19.73
CA GLY B 495 -33.15 15.11 -19.62
C GLY B 495 -32.01 14.11 -19.64
N ARG B 496 -31.01 14.35 -20.48
CA ARG B 496 -29.83 13.50 -20.43
C ARG B 496 -29.15 13.59 -19.07
N LYS B 497 -29.05 14.80 -18.51
CA LYS B 497 -28.47 14.92 -17.18
C LYS B 497 -29.31 14.21 -16.14
N PHE B 498 -30.63 14.20 -16.33
CA PHE B 498 -31.49 13.47 -15.40
C PHE B 498 -31.22 11.98 -15.48
N LEU B 499 -31.11 11.44 -16.70
CA LEU B 499 -30.86 10.02 -16.88
C LEU B 499 -29.52 9.58 -16.30
N LEU B 500 -28.61 10.50 -15.98
CA LEU B 500 -27.40 10.10 -15.28
C LEU B 500 -27.59 10.18 -13.78
N GLN B 501 -28.21 11.26 -13.28
CA GLN B 501 -28.36 11.44 -11.84
C GLN B 501 -29.20 10.31 -11.24
N ALA B 502 -30.41 10.11 -11.75
CA ALA B 502 -31.27 9.05 -11.22
C ALA B 502 -30.75 7.66 -11.56
N GLY B 503 -29.74 7.54 -12.43
CA GLY B 503 -29.22 6.25 -12.83
C GLY B 503 -30.07 5.51 -13.84
N LEU B 504 -31.20 6.06 -14.25
CA LEU B 504 -32.10 5.44 -15.24
C LEU B 504 -31.49 5.43 -16.66
N SER C 45 28.88 9.10 19.30
CA SER C 45 28.89 10.47 18.80
C SER C 45 27.83 10.66 17.70
N LYS C 46 26.57 10.51 18.10
CA LYS C 46 25.43 10.58 17.20
C LYS C 46 24.27 11.09 18.03
N VAL C 47 23.50 12.04 17.47
CA VAL C 47 22.33 12.55 18.17
C VAL C 47 21.13 11.67 17.83
N VAL C 48 20.36 11.33 18.85
CA VAL C 48 19.25 10.40 18.71
C VAL C 48 17.98 11.05 19.23
N SER C 49 16.85 10.52 18.77
CA SER C 49 15.55 10.94 19.26
C SER C 49 15.49 10.75 20.76
N THR C 50 14.83 11.68 21.45
CA THR C 50 14.66 11.51 22.89
C THR C 50 13.84 10.27 23.20
N ASP C 51 13.11 9.74 22.22
CA ASP C 51 12.35 8.51 22.38
C ASP C 51 13.26 7.31 22.66
N GLU C 52 14.57 7.44 22.41
CA GLU C 52 15.51 6.34 22.60
C GLU C 52 15.93 6.20 24.06
N TYR C 53 15.72 7.23 24.86
CA TYR C 53 16.14 7.17 26.26
C TYR C 53 15.15 7.83 27.23
N VAL C 54 13.97 8.23 26.78
CA VAL C 54 12.99 8.87 27.65
C VAL C 54 11.68 8.10 27.54
N SER C 55 11.21 7.56 28.66
CA SER C 55 10.02 6.73 28.73
C SER C 55 8.83 7.58 29.14
N ARG C 56 7.72 7.42 28.44
CA ARG C 56 6.51 8.17 28.71
C ARG C 56 5.66 7.42 29.72
N THR C 57 5.12 8.15 30.69
CA THR C 57 4.14 7.59 31.61
C THR C 57 2.74 7.95 31.13
N SER C 58 1.73 7.47 31.85
CA SER C 58 0.36 7.88 31.57
C SER C 58 -0.09 9.04 32.46
N ILE C 59 0.85 9.67 33.16
CA ILE C 59 0.54 10.77 34.07
C ILE C 59 0.55 12.06 33.27
N TYR C 60 -0.58 12.78 33.25
CA TYR C 60 -0.67 14.06 32.56
C TYR C 60 -1.05 15.16 33.54
N TYR C 61 -0.54 16.36 33.30
CA TYR C 61 -0.85 17.52 34.14
C TYR C 61 -1.20 18.72 33.26
N TYR C 62 -2.08 19.57 33.78
CA TYR C 62 -2.49 20.83 33.17
C TYR C 62 -1.80 21.98 33.90
N ALA C 63 -1.53 23.06 33.17
CA ALA C 63 -1.01 24.28 33.78
C ALA C 63 -1.46 25.48 32.98
N GLY C 64 -1.95 26.51 33.67
CA GLY C 64 -2.40 27.72 33.01
C GLY C 64 -1.86 28.96 33.70
N SER C 65 -1.53 29.96 32.89
CA SER C 65 -0.96 31.22 33.37
C SER C 65 -1.99 32.20 33.89
N SER C 66 -3.27 31.97 33.60
CA SER C 66 -4.34 32.96 33.74
C SER C 66 -4.04 34.18 32.87
N ARG C 67 -4.82 35.25 33.04
CA ARG C 67 -4.71 36.40 32.16
C ARG C 67 -3.34 37.07 32.32
N LEU C 68 -2.72 37.41 31.20
CA LEU C 68 -1.47 38.16 31.15
C LEU C 68 -1.73 39.50 30.46
N LEU C 69 -1.29 40.60 31.07
CA LEU C 69 -1.58 41.94 30.58
C LEU C 69 -0.34 42.82 30.59
N THR C 70 -0.18 43.60 29.52
CA THR C 70 0.79 44.68 29.46
C THR C 70 0.18 45.81 28.66
N VAL C 71 0.36 47.02 29.17
CA VAL C 71 -0.15 48.23 28.53
C VAL C 71 1.01 49.21 28.43
N GLY C 72 1.11 49.89 27.30
CA GLY C 72 2.18 50.84 27.13
C GLY C 72 1.97 51.71 25.91
N HIS C 73 3.03 52.38 25.53
CA HIS C 73 3.03 53.24 24.37
C HIS C 73 3.50 52.46 23.15
N PRO C 74 2.81 52.58 22.01
CA PRO C 74 3.12 51.73 20.86
C PRO C 74 4.41 52.09 20.13
N TYR C 75 5.00 53.26 20.36
CA TYR C 75 6.15 53.72 19.59
C TYR C 75 7.44 53.83 20.38
N PHE C 76 7.39 54.14 21.68
CA PHE C 76 8.60 54.34 22.46
C PHE C 76 8.24 54.28 23.93
N SER C 77 9.24 53.95 24.76
CA SER C 77 9.03 54.02 26.21
C SER C 77 9.16 55.46 26.72
N ILE C 78 8.43 55.73 27.79
CA ILE C 78 8.41 57.03 28.46
C ILE C 78 9.08 56.85 29.81
N LYS C 79 10.22 57.52 30.03
CA LYS C 79 11.08 57.18 31.18
C LYS C 79 11.46 58.39 32.06
N ASN C 80 10.46 59.07 32.63
CA ASN C 80 10.71 60.11 33.65
C ASN C 80 11.82 61.07 33.21
N THR C 81 11.70 61.58 31.98
CA THR C 81 12.77 62.38 31.37
C THR C 81 13.17 63.54 32.27
N SER C 82 12.21 64.37 32.65
CA SER C 82 12.41 65.35 33.70
C SER C 82 11.91 64.81 35.04
N SER C 83 12.47 65.35 36.11
CA SER C 83 12.14 65.02 37.51
C SER C 83 12.69 63.67 37.95
N GLY C 84 13.75 63.17 37.34
CA GLY C 84 14.34 61.93 37.82
C GLY C 84 15.28 61.29 36.81
N ASN C 85 15.50 59.99 37.02
CA ASN C 85 16.52 59.21 36.32
C ASN C 85 16.07 58.80 34.93
N GLY C 86 17.05 58.50 34.08
CA GLY C 86 16.74 57.96 32.77
C GLY C 86 16.20 56.55 32.83
N LYS C 87 16.71 55.73 33.74
CA LYS C 87 16.31 54.32 33.74
C LYS C 87 14.85 54.17 34.17
N LYS C 88 14.41 54.92 35.19
CA LYS C 88 13.05 54.85 35.70
C LYS C 88 12.04 54.85 34.57
N VAL C 89 11.38 53.72 34.32
CA VAL C 89 10.43 53.60 33.22
C VAL C 89 9.03 53.79 33.79
N LEU C 90 8.34 54.83 33.32
CA LEU C 90 6.97 55.05 33.73
C LEU C 90 5.98 54.30 32.86
N VAL C 91 6.17 54.33 31.54
CA VAL C 91 5.30 53.64 30.60
C VAL C 91 6.20 52.83 29.66
N PRO C 92 6.07 51.50 29.60
CA PRO C 92 6.93 50.71 28.71
C PRO C 92 6.46 50.77 27.27
N LYS C 93 7.34 50.38 26.36
CA LYS C 93 7.01 50.31 24.94
C LYS C 93 6.27 49.01 24.68
N VAL C 94 4.99 49.11 24.33
CA VAL C 94 4.16 47.94 24.08
C VAL C 94 3.49 48.09 22.73
N SER C 95 3.87 47.25 21.78
CA SER C 95 3.40 47.35 20.40
C SER C 95 3.08 45.96 19.87
N GLY C 96 2.04 45.90 19.05
CA GLY C 96 1.66 44.69 18.34
C GLY C 96 2.70 44.24 17.34
N LEU C 97 3.77 45.02 17.17
CA LEU C 97 4.86 44.65 16.27
C LEU C 97 6.04 44.06 17.02
N GLN C 98 5.88 43.73 18.30
CA GLN C 98 6.93 43.15 19.12
C GLN C 98 6.79 41.64 19.21
N TYR C 99 7.94 40.97 19.36
CA TYR C 99 7.94 39.59 19.81
C TYR C 99 7.51 39.50 21.28
N ARG C 100 6.65 38.53 21.58
CA ARG C 100 6.38 38.12 22.94
C ARG C 100 7.10 36.79 23.15
N VAL C 101 8.12 36.77 24.01
CA VAL C 101 8.91 35.58 24.27
C VAL C 101 8.72 35.21 25.74
N PHE C 102 7.90 34.18 25.99
CA PHE C 102 7.59 33.74 27.34
C PHE C 102 8.55 32.64 27.77
N ARG C 103 9.21 32.83 28.92
CA ARG C 103 10.02 31.79 29.53
C ARG C 103 9.17 31.15 30.64
N ILE C 104 8.61 29.98 30.37
CA ILE C 104 7.69 29.31 31.28
C ILE C 104 8.48 28.38 32.17
N LYS C 105 8.33 28.55 33.48
CA LYS C 105 9.07 27.77 34.45
C LYS C 105 8.18 26.68 35.03
N LEU C 106 8.61 25.46 34.92
CA LEU C 106 7.87 24.32 35.40
C LEU C 106 8.40 23.84 36.74
N PRO C 107 7.54 23.30 37.59
CA PRO C 107 8.01 22.71 38.86
C PRO C 107 8.86 21.48 38.58
N ASP C 108 9.95 21.37 39.33
CA ASP C 108 10.84 20.21 39.20
C ASP C 108 10.10 18.93 39.58
N PRO C 109 9.90 17.99 38.65
CA PRO C 109 9.14 16.78 39.00
C PRO C 109 9.88 15.87 39.96
N ASN C 110 11.21 15.94 40.03
CA ASN C 110 11.94 15.13 40.99
C ASN C 110 11.75 15.62 42.41
N LYS C 111 11.30 16.86 42.60
CA LYS C 111 10.97 17.39 43.91
C LYS C 111 9.48 17.70 44.06
N PHE C 112 8.65 17.26 43.12
CA PHE C 112 7.22 17.56 43.15
C PHE C 112 6.49 16.56 44.04
N GLY C 113 5.52 17.07 44.79
CA GLY C 113 4.78 16.23 45.73
C GLY C 113 3.75 15.34 45.07
N PHE C 114 4.21 14.30 44.38
CA PHE C 114 3.28 13.38 43.74
C PHE C 114 2.52 12.56 44.78
N PRO C 115 1.23 12.30 44.55
CA PRO C 115 0.47 11.48 45.51
C PRO C 115 0.92 10.02 45.56
N ASP C 116 1.47 9.50 44.47
CA ASP C 116 2.00 8.15 44.41
C ASP C 116 3.30 8.19 43.63
N THR C 117 4.42 7.93 44.32
CA THR C 117 5.75 8.00 43.71
C THR C 117 6.33 6.61 43.42
N SER C 118 5.45 5.64 43.17
CA SER C 118 5.86 4.26 42.92
C SER C 118 5.94 3.93 41.43
N PHE C 119 5.75 4.92 40.57
CA PHE C 119 5.86 4.72 39.13
C PHE C 119 7.30 4.81 38.64
N TYR C 120 8.22 5.30 39.48
CA TYR C 120 9.62 5.39 39.11
C TYR C 120 10.49 5.12 40.33
N ASN C 121 11.78 4.91 40.07
CA ASN C 121 12.74 4.57 41.12
C ASN C 121 13.77 5.69 41.24
N PRO C 122 13.69 6.56 42.25
CA PRO C 122 14.67 7.64 42.38
C PRO C 122 16.10 7.14 42.54
N GLU C 123 16.29 5.83 42.73
CA GLU C 123 17.64 5.28 42.84
C GLU C 123 18.32 5.24 41.47
N THR C 124 17.56 4.97 40.42
CA THR C 124 18.12 4.78 39.09
C THR C 124 17.51 5.66 38.01
N GLN C 125 16.52 6.50 38.35
CA GLN C 125 15.76 7.25 37.36
C GLN C 125 15.58 8.70 37.78
N ARG C 126 15.40 9.56 36.80
CA ARG C 126 15.03 10.94 37.04
C ARG C 126 13.83 11.30 36.19
N LEU C 127 13.11 12.32 36.62
CA LEU C 127 11.88 12.75 35.98
C LEU C 127 12.09 14.04 35.20
N VAL C 128 11.28 14.21 34.15
CA VAL C 128 11.27 15.42 33.34
C VAL C 128 9.89 15.54 32.71
N TRP C 129 9.46 16.77 32.49
CA TRP C 129 8.17 17.05 31.86
C TRP C 129 8.34 17.07 30.35
N ALA C 130 7.31 16.60 29.64
CA ALA C 130 7.22 16.71 28.19
C ALA C 130 5.96 17.49 27.83
N CYS C 131 6.08 18.34 26.82
CA CYS C 131 4.95 19.12 26.36
C CYS C 131 4.17 18.31 25.32
N THR C 132 2.88 18.09 25.58
CA THR C 132 2.05 17.41 24.60
C THR C 132 0.98 18.30 24.00
N GLY C 133 0.62 19.38 24.66
CA GLY C 133 -0.43 20.25 24.16
C GLY C 133 -0.20 21.67 24.61
N LEU C 134 -0.81 22.60 23.87
CA LEU C 134 -0.57 24.02 24.02
C LEU C 134 -1.72 24.78 23.39
N GLU C 135 -2.27 25.77 24.10
CA GLU C 135 -3.20 26.74 23.51
C GLU C 135 -2.76 28.14 23.87
N ILE C 136 -2.49 28.96 22.85
CA ILE C 136 -2.06 30.34 23.05
C ILE C 136 -3.33 31.20 22.97
N GLY C 137 -3.82 31.61 24.13
CA GLY C 137 -5.02 32.43 24.18
C GLY C 137 -4.71 33.88 23.89
N ARG C 138 -5.63 34.54 23.19
CA ARG C 138 -5.51 35.95 22.87
C ARG C 138 -6.82 36.64 23.22
N GLY C 139 -6.77 37.60 24.13
CA GLY C 139 -7.86 38.53 24.34
C GLY C 139 -7.74 39.72 23.43
N GLN C 140 -8.65 40.67 23.61
CA GLN C 140 -8.72 41.91 22.84
C GLN C 140 -9.25 41.61 21.43
N PRO C 141 -9.91 42.57 20.80
CA PRO C 141 -10.44 42.35 19.45
C PRO C 141 -9.33 42.39 18.40
N LEU C 142 -9.63 41.77 17.27
CA LEU C 142 -8.77 41.93 16.11
C LEU C 142 -8.79 43.39 15.66
N GLY C 143 -7.65 43.86 15.19
CA GLY C 143 -7.53 45.23 14.74
C GLY C 143 -6.14 45.45 14.19
N VAL C 144 -5.98 46.61 13.56
CA VAL C 144 -4.71 46.99 12.94
C VAL C 144 -4.28 48.34 13.48
N GLY C 145 -3.02 48.44 13.91
CA GLY C 145 -2.43 49.69 14.33
C GLY C 145 -1.66 50.39 13.20
N ILE C 146 -1.28 51.64 13.49
CA ILE C 146 -0.59 52.48 12.53
C ILE C 146 0.67 53.03 13.17
N SER C 147 1.74 53.10 12.39
CA SER C 147 3.00 53.68 12.84
C SER C 147 3.44 54.75 11.86
N GLY C 148 4.25 55.69 12.34
CA GLY C 148 4.70 56.76 11.49
C GLY C 148 5.94 57.47 12.01
N HIS C 149 6.23 58.61 11.38
CA HIS C 149 7.37 59.45 11.72
C HIS C 149 7.00 60.89 11.39
N PRO C 150 7.11 61.82 12.35
CA PRO C 150 6.84 63.24 12.03
C PRO C 150 7.83 63.86 11.04
N LEU C 151 9.02 63.28 10.89
CA LEU C 151 10.03 63.74 9.94
C LEU C 151 10.54 62.54 9.13
N LEU C 152 9.64 61.89 8.40
CA LEU C 152 10.02 60.77 7.56
C LEU C 152 10.69 61.28 6.28
N ASN C 153 11.80 60.65 5.89
CA ASN C 153 12.50 61.06 4.67
C ASN C 153 11.77 60.50 3.44
N LYS C 154 10.63 61.12 3.14
CA LYS C 154 9.95 60.94 1.86
C LYS C 154 10.10 62.22 1.06
N PHE C 155 10.49 62.10 -0.21
CA PHE C 155 10.64 63.26 -1.08
C PHE C 155 9.47 63.40 -2.04
N ASP C 156 9.49 62.64 -3.13
CA ASP C 156 8.41 62.70 -4.11
C ASP C 156 7.61 61.41 -4.08
N ASP C 157 6.37 61.51 -4.55
CA ASP C 157 5.54 60.35 -4.84
C ASP C 157 5.85 59.93 -6.26
N THR C 158 6.42 58.73 -6.43
CA THR C 158 6.90 58.30 -7.73
C THR C 158 5.95 57.33 -8.41
N GLU C 159 4.67 57.33 -8.02
CA GLU C 159 3.73 56.34 -8.56
C GLU C 159 3.15 56.77 -9.90
N THR C 160 2.67 58.01 -10.00
CA THR C 160 1.96 58.43 -11.20
C THR C 160 2.55 59.67 -11.86
N SER C 161 2.94 60.70 -11.10
CA SER C 161 3.41 61.95 -11.69
C SER C 161 4.60 62.48 -10.91
N ASN C 162 5.76 62.54 -11.57
CA ASN C 162 6.93 63.09 -10.88
C ASN C 162 7.80 63.80 -11.93
N LYS C 163 7.33 64.96 -12.35
CA LYS C 163 7.96 65.75 -13.41
C LYS C 163 9.26 66.35 -12.89
N TYR C 164 10.12 66.75 -13.83
CA TYR C 164 11.43 67.30 -13.48
C TYR C 164 11.37 68.75 -13.02
N ALA C 165 11.88 68.95 -11.82
CA ALA C 165 12.37 70.18 -11.22
C ALA C 165 13.57 69.72 -10.40
N GLY C 166 13.29 69.15 -9.22
CA GLY C 166 14.00 67.99 -8.74
C GLY C 166 14.97 68.20 -7.60
N LYS C 167 15.40 69.42 -7.31
CA LYS C 167 16.42 69.33 -6.25
C LYS C 167 15.77 69.47 -4.88
N PRO C 168 16.03 68.53 -3.95
CA PRO C 168 15.34 68.59 -2.65
C PRO C 168 15.43 69.89 -1.86
N GLY C 169 16.62 70.37 -1.50
CA GLY C 169 16.66 71.46 -0.54
C GLY C 169 17.26 71.00 0.79
N ILE C 170 17.10 71.77 1.87
CA ILE C 170 17.78 71.41 3.11
C ILE C 170 16.97 70.44 3.97
N ASP C 171 15.64 70.49 3.93
CA ASP C 171 14.86 69.63 4.81
C ASP C 171 13.44 69.50 4.22
N ASN C 172 13.16 68.35 3.62
CA ASN C 172 11.88 68.08 2.98
C ASN C 172 11.11 66.96 3.69
N ARG C 173 11.52 66.60 4.91
CA ARG C 173 10.90 65.49 5.61
C ARG C 173 9.44 65.80 5.91
N GLU C 174 8.62 64.76 5.89
CA GLU C 174 7.17 64.88 6.03
C GLU C 174 6.67 64.06 7.20
N CYS C 175 5.45 64.36 7.61
CA CYS C 175 4.81 63.68 8.72
C CYS C 175 3.85 62.64 8.12
N LEU C 176 4.36 61.41 7.96
CA LEU C 176 3.63 60.34 7.28
C LEU C 176 3.49 59.12 8.19
N SER C 177 2.48 58.30 7.90
CA SER C 177 2.25 57.07 8.64
C SER C 177 1.85 55.97 7.69
N MET C 178 1.76 54.75 8.22
CA MET C 178 1.51 53.56 7.42
C MET C 178 1.07 52.43 8.34
N ASP C 179 0.45 51.42 7.75
CA ASP C 179 0.15 50.17 8.44
C ASP C 179 1.15 49.11 7.97
N TYR C 180 1.62 48.29 8.91
CA TYR C 180 2.76 47.41 8.70
C TYR C 180 2.35 46.06 8.08
N LYS C 181 3.38 45.31 7.66
CA LYS C 181 3.19 43.95 7.20
C LYS C 181 2.57 43.08 8.30
N GLN C 182 1.55 42.31 7.93
CA GLN C 182 0.85 41.48 8.89
C GLN C 182 1.62 40.17 9.10
N THR C 183 1.81 39.80 10.36
CA THR C 183 2.59 38.63 10.74
C THR C 183 1.93 37.96 11.93
N GLN C 184 1.69 36.66 11.81
CA GLN C 184 1.40 35.78 12.92
C GLN C 184 2.45 34.69 12.98
N LEU C 185 2.94 34.38 14.17
CA LEU C 185 3.82 33.21 14.31
C LEU C 185 3.82 32.72 15.75
N CYS C 186 4.09 31.42 15.91
CA CYS C 186 4.32 30.84 17.23
C CYS C 186 5.37 29.73 17.15
N ILE C 187 6.40 29.86 17.98
CA ILE C 187 7.48 28.90 18.05
C ILE C 187 7.55 28.36 19.48
N LEU C 188 7.71 27.05 19.61
CA LEU C 188 7.76 26.39 20.91
C LEU C 188 9.05 25.59 21.03
N GLY C 189 9.73 25.74 22.18
CA GLY C 189 10.94 24.98 22.47
C GLY C 189 11.32 25.09 23.92
N CYS C 190 12.36 24.37 24.31
CA CYS C 190 12.87 24.46 25.67
C CYS C 190 14.10 25.37 25.78
N LYS C 191 14.59 25.89 24.66
CA LYS C 191 15.59 26.93 24.63
C LYS C 191 15.06 28.11 23.79
N PRO C 192 15.55 29.33 24.03
CA PRO C 192 14.95 30.50 23.35
C PRO C 192 15.17 30.45 21.85
N PRO C 193 14.32 31.10 21.08
CA PRO C 193 14.45 31.04 19.62
C PRO C 193 15.55 31.95 19.11
N ILE C 194 16.04 31.65 17.91
CA ILE C 194 17.13 32.37 17.27
C ILE C 194 16.59 33.08 16.03
N GLY C 195 16.90 34.37 15.93
CA GLY C 195 16.49 35.17 14.80
C GLY C 195 17.69 35.54 13.93
N GLU C 196 17.39 36.17 12.80
CA GLU C 196 18.38 36.72 11.90
C GLU C 196 18.05 38.18 11.59
N HIS C 197 19.09 38.99 11.38
CA HIS C 197 18.92 40.38 10.96
C HIS C 197 20.23 40.87 10.35
N TRP C 198 20.10 41.90 9.51
CA TRP C 198 21.26 42.50 8.86
C TRP C 198 21.83 43.61 9.73
N GLY C 199 23.15 43.60 9.93
CA GLY C 199 23.81 44.63 10.71
C GLY C 199 24.97 45.21 9.91
N LYS C 200 25.56 46.28 10.46
CA LYS C 200 26.73 46.88 9.83
C LYS C 200 27.90 45.91 9.96
N GLY C 201 28.49 45.55 8.83
CA GLY C 201 29.65 44.68 8.82
C GLY C 201 30.93 45.44 9.10
N THR C 202 32.03 44.71 8.97
CA THR C 202 33.35 45.30 9.10
C THR C 202 33.91 45.65 7.72
N PRO C 203 34.60 46.79 7.58
CA PRO C 203 35.05 47.22 6.25
C PRO C 203 36.15 46.30 5.73
N CYS C 204 36.21 46.17 4.41
CA CYS C 204 37.24 45.36 3.77
C CYS C 204 38.62 45.80 4.25
N ASN C 205 39.50 44.83 4.42
CA ASN C 205 40.82 45.11 4.98
C ASN C 205 41.66 45.88 3.98
N ASN C 206 42.41 46.88 4.46
CA ASN C 206 43.21 47.76 3.60
C ASN C 206 42.33 48.51 2.62
N ASN C 207 41.10 48.82 3.03
CA ASN C 207 40.11 49.46 2.17
C ASN C 207 39.41 50.55 2.97
N SER C 208 39.68 51.80 2.60
CA SER C 208 39.04 52.97 3.20
C SER C 208 38.02 53.51 2.21
N GLY C 209 36.94 54.09 2.74
CA GLY C 209 36.75 54.33 4.16
C GLY C 209 36.35 55.78 4.31
N ASN C 210 36.04 56.39 3.17
CA ASN C 210 35.56 57.76 3.16
C ASN C 210 34.21 57.85 3.88
N PRO C 211 33.95 58.96 4.55
CA PRO C 211 32.70 59.08 5.31
C PRO C 211 31.47 59.16 4.40
N GLY C 212 30.50 58.31 4.69
CA GLY C 212 29.31 58.29 3.87
C GLY C 212 29.33 57.21 2.81
N ASP C 213 30.30 56.32 2.88
CA ASP C 213 30.31 55.18 2.01
C ASP C 213 29.24 54.19 2.45
N CYS C 214 28.83 53.35 1.52
CA CYS C 214 27.78 52.41 1.83
C CYS C 214 28.24 51.47 2.94
N PRO C 215 27.42 51.27 3.98
CA PRO C 215 27.87 50.43 5.09
C PRO C 215 28.02 48.99 4.65
N PRO C 216 28.99 48.28 5.21
CA PRO C 216 29.10 46.84 4.92
C PRO C 216 28.03 46.06 5.66
N LEU C 217 27.46 45.07 4.97
CA LEU C 217 26.33 44.32 5.52
C LEU C 217 26.76 42.95 6.02
N GLN C 218 26.12 42.51 7.10
CA GLN C 218 26.46 41.24 7.72
C GLN C 218 25.21 40.63 8.34
N LEU C 219 24.96 39.35 8.04
CA LEU C 219 23.83 38.64 8.61
C LEU C 219 24.21 38.16 10.01
N ILE C 220 23.45 38.58 11.02
CA ILE C 220 23.79 38.35 12.41
C ILE C 220 22.73 37.44 13.03
N ASN C 221 23.18 36.39 13.72
CA ASN C 221 22.29 35.53 14.48
C ASN C 221 22.34 35.92 15.96
N SER C 222 21.20 35.84 16.62
CA SER C 222 21.07 36.27 18.00
C SER C 222 19.83 35.63 18.60
N VAL C 223 19.75 35.67 19.92
CA VAL C 223 18.54 35.25 20.62
C VAL C 223 17.48 36.34 20.53
N ILE C 224 16.26 35.94 20.19
CA ILE C 224 15.12 36.85 20.17
C ILE C 224 14.57 37.01 21.59
N GLN C 225 14.54 38.24 22.08
CA GLN C 225 14.07 38.56 23.41
C GLN C 225 12.65 39.11 23.38
N ASP C 226 12.00 39.13 24.55
CA ASP C 226 10.71 39.79 24.65
C ASP C 226 10.89 41.29 24.40
N GLY C 227 10.11 41.82 23.46
CA GLY C 227 10.22 43.21 23.07
C GLY C 227 11.00 43.47 21.80
N ASP C 228 11.73 42.49 21.27
CA ASP C 228 12.37 42.69 19.98
C ASP C 228 11.31 42.99 18.93
N MET C 229 11.70 43.73 17.89
CA MET C 229 10.75 44.11 16.87
C MET C 229 10.79 43.10 15.72
N VAL C 230 9.60 42.74 15.22
CA VAL C 230 9.52 41.90 14.04
C VAL C 230 9.70 42.75 12.80
N ASP C 231 10.03 42.09 11.68
CA ASP C 231 10.11 42.81 10.41
C ASP C 231 8.74 43.37 10.05
N THR C 232 8.74 44.54 9.39
CA THR C 232 7.54 45.32 9.20
C THR C 232 7.22 45.61 7.74
N GLY C 233 8.02 45.13 6.81
CA GLY C 233 7.94 45.53 5.41
C GLY C 233 9.20 46.17 4.89
N PHE C 234 10.09 46.61 5.80
CA PHE C 234 11.38 47.16 5.41
C PHE C 234 12.53 46.20 5.67
N GLY C 235 12.25 44.93 5.94
CA GLY C 235 13.30 43.94 6.11
C GLY C 235 13.76 43.78 7.54
N CYS C 236 14.60 42.77 7.75
CA CYS C 236 15.17 42.48 9.07
C CYS C 236 16.57 43.09 9.14
N MET C 237 16.66 44.27 9.74
CA MET C 237 17.94 44.95 9.82
C MET C 237 18.02 45.78 11.08
N ASP C 238 19.26 46.13 11.43
CA ASP C 238 19.62 47.03 12.53
C ASP C 238 19.49 48.46 12.02
N PHE C 239 18.32 49.06 12.23
CA PHE C 239 18.10 50.42 11.74
C PHE C 239 18.93 51.44 12.50
N ASN C 240 19.32 51.13 13.75
CA ASN C 240 20.11 52.07 14.53
C ASN C 240 21.46 52.36 13.88
N THR C 241 22.07 51.34 13.27
CA THR C 241 23.39 51.49 12.67
C THR C 241 23.38 51.57 11.15
N LEU C 242 22.36 51.05 10.49
CA LEU C 242 22.34 51.04 9.04
C LEU C 242 21.57 52.21 8.44
N GLN C 243 20.84 52.97 9.25
CA GLN C 243 20.12 54.17 8.80
C GLN C 243 20.48 55.28 9.78
N ALA C 244 21.47 56.10 9.41
CA ALA C 244 22.05 57.08 10.33
C ALA C 244 21.15 58.30 10.51
N SER C 245 20.33 58.65 9.53
CA SER C 245 19.53 59.87 9.66
C SER C 245 18.42 59.77 10.68
N LYS C 246 18.09 58.55 11.13
CA LYS C 246 16.97 58.28 12.04
C LYS C 246 15.60 58.65 11.45
N SER C 247 15.55 58.86 10.13
CA SER C 247 14.32 59.35 9.51
C SER C 247 13.84 58.51 8.34
N ASP C 248 14.47 57.37 8.06
CA ASP C 248 14.09 56.60 6.87
C ASP C 248 12.99 55.57 7.14
N VAL C 249 12.74 55.25 8.41
CA VAL C 249 11.63 54.38 8.79
C VAL C 249 10.95 54.97 10.01
N PRO C 250 9.70 54.57 10.28
CA PRO C 250 8.94 55.19 11.39
C PRO C 250 9.65 55.06 12.73
N ILE C 251 9.19 55.86 13.70
CA ILE C 251 9.96 56.01 14.95
C ILE C 251 9.92 54.76 15.83
N ASP C 252 9.00 53.82 15.61
CA ASP C 252 9.00 52.65 16.47
C ASP C 252 10.01 51.59 16.07
N ILE C 253 10.73 51.77 14.97
CA ILE C 253 11.77 50.82 14.61
C ILE C 253 13.05 51.53 14.18
N CYS C 254 13.02 52.88 14.08
CA CYS C 254 14.17 53.58 13.48
C CYS C 254 15.40 53.55 14.38
N SER C 255 15.24 53.22 15.66
CA SER C 255 16.38 52.97 16.55
C SER C 255 16.29 51.57 17.17
N SER C 256 15.59 50.67 16.49
CA SER C 256 15.44 49.30 16.95
C SER C 256 16.13 48.36 15.98
N VAL C 257 16.23 47.09 16.39
CA VAL C 257 16.64 46.01 15.51
C VAL C 257 15.40 45.18 15.21
N CYS C 258 15.11 45.01 13.93
CA CYS C 258 14.00 44.16 13.49
C CYS C 258 14.55 42.79 13.10
N LYS C 259 14.05 41.75 13.75
CA LYS C 259 14.56 40.39 13.58
C LYS C 259 13.54 39.48 12.95
N TYR C 260 14.02 38.55 12.14
CA TYR C 260 13.23 37.50 11.55
C TYR C 260 13.72 36.14 12.01
N PRO C 261 12.84 35.19 12.33
CA PRO C 261 13.31 33.91 12.87
C PRO C 261 14.13 33.13 11.85
N ASP C 262 15.33 32.68 12.27
CA ASP C 262 16.17 31.84 11.41
C ASP C 262 15.64 30.42 11.51
N TYR C 263 14.52 30.19 10.84
CA TYR C 263 13.88 28.87 10.86
C TYR C 263 14.84 27.81 10.32
N LEU C 264 15.60 28.14 9.28
CA LEU C 264 16.53 27.18 8.70
C LEU C 264 17.58 26.74 9.71
N GLN C 265 18.17 27.70 10.44
CA GLN C 265 19.20 27.31 11.40
C GLN C 265 18.61 26.55 12.58
N MET C 266 17.48 27.00 13.10
CA MET C 266 16.88 26.30 14.24
C MET C 266 16.54 24.85 13.89
N ALA C 267 16.14 24.60 12.64
CA ALA C 267 15.81 23.25 12.20
C ALA C 267 17.05 22.36 12.03
N SER C 268 18.19 22.95 11.66
CA SER C 268 19.40 22.19 11.40
C SER C 268 20.27 22.06 12.64
N GLU C 269 19.83 22.59 13.78
CA GLU C 269 20.54 22.33 15.02
C GLU C 269 20.41 20.86 15.38
N PRO C 270 21.49 20.22 15.85
CA PRO C 270 21.46 18.74 16.00
C PRO C 270 20.40 18.24 16.97
N TYR C 271 20.27 18.89 18.13
CA TYR C 271 19.34 18.40 19.15
C TYR C 271 17.91 18.85 18.91
N GLY C 272 17.70 20.00 18.28
CA GLY C 272 16.36 20.50 18.06
C GLY C 272 15.71 21.08 19.29
N ASP C 273 16.47 21.81 20.12
CA ASP C 273 15.92 22.38 21.34
C ASP C 273 15.19 23.69 21.12
N SER C 274 15.49 24.40 20.03
CA SER C 274 14.83 25.68 19.77
C SER C 274 13.50 25.51 19.09
N LEU C 275 13.37 24.48 18.25
CA LEU C 275 12.19 24.28 17.40
C LEU C 275 11.54 22.93 17.66
N PHE C 276 10.55 22.89 18.56
CA PHE C 276 9.66 21.74 18.55
C PHE C 276 8.76 21.79 17.32
N PHE C 277 8.16 22.95 17.08
CA PHE C 277 7.34 23.21 15.90
C PHE C 277 7.17 24.71 15.77
N PHE C 278 6.63 25.12 14.63
CA PHE C 278 6.27 26.52 14.45
C PHE C 278 5.09 26.65 13.50
N LEU C 279 4.32 27.70 13.69
CA LEU C 279 3.32 28.12 12.73
C LEU C 279 3.60 29.56 12.41
N ARG C 280 3.40 29.94 11.15
CA ARG C 280 3.67 31.30 10.72
C ARG C 280 2.68 31.66 9.63
N ARG C 281 2.29 32.94 9.59
CA ARG C 281 1.45 33.43 8.50
C ARG C 281 1.75 34.91 8.27
N GLU C 282 2.44 35.21 7.19
CA GLU C 282 2.84 36.56 6.83
C GLU C 282 2.13 36.96 5.54
N GLN C 283 1.86 38.28 5.43
CA GLN C 283 1.36 38.84 4.19
C GLN C 283 1.57 40.34 4.18
N MET C 284 1.84 40.87 2.98
CA MET C 284 1.92 42.31 2.78
C MET C 284 1.86 42.60 1.28
N PHE C 285 1.50 43.86 0.98
CA PHE C 285 1.61 44.41 -0.37
C PHE C 285 2.16 45.83 -0.31
N VAL C 286 2.49 46.35 -1.49
CA VAL C 286 3.07 47.68 -1.62
C VAL C 286 1.95 48.69 -1.84
N ARG C 287 1.81 49.63 -0.91
CA ARG C 287 0.74 50.62 -0.92
C ARG C 287 1.13 51.92 -1.62
N HIS C 288 2.34 52.43 -1.37
CA HIS C 288 2.80 53.65 -2.02
C HIS C 288 4.26 53.52 -2.41
N PHE C 289 4.64 54.38 -3.37
CA PHE C 289 5.95 54.35 -4.00
C PHE C 289 6.61 55.72 -3.85
N PHE C 290 7.63 55.79 -3.00
CA PHE C 290 8.29 57.05 -2.69
C PHE C 290 9.76 56.98 -3.07
N ASN C 291 10.45 58.12 -2.96
CA ASN C 291 11.90 58.12 -3.02
C ASN C 291 12.44 59.02 -1.91
N ARG C 292 13.77 58.96 -1.73
CA ARG C 292 14.45 59.58 -0.60
C ARG C 292 15.04 60.93 -1.00
N ALA C 293 15.05 61.85 -0.04
CA ALA C 293 15.95 62.98 -0.16
C ALA C 293 17.32 62.59 0.38
N GLY C 294 18.32 63.42 0.12
CA GLY C 294 19.70 63.08 0.37
C GLY C 294 20.42 62.68 -0.91
N THR C 295 21.75 62.65 -0.85
CA THR C 295 22.53 62.32 -2.03
C THR C 295 22.44 60.84 -2.37
N LEU C 296 22.18 60.54 -3.63
CA LEU C 296 22.14 59.16 -4.10
C LEU C 296 23.56 58.60 -4.08
N GLY C 297 23.78 57.59 -3.22
CA GLY C 297 25.13 57.11 -2.99
C GLY C 297 25.73 56.36 -4.18
N ASP C 298 24.91 55.59 -4.89
CA ASP C 298 25.35 54.85 -6.07
C ASP C 298 24.65 55.39 -7.31
N PRO C 299 25.26 56.31 -8.04
CA PRO C 299 24.57 56.90 -9.21
C PRO C 299 24.28 55.86 -10.29
N VAL C 300 23.20 56.11 -11.02
CA VAL C 300 22.79 55.21 -12.10
C VAL C 300 23.85 55.24 -13.20
N PRO C 301 24.38 54.09 -13.62
CA PRO C 301 25.41 54.10 -14.68
C PRO C 301 24.86 54.66 -15.98
N GLY C 302 25.74 55.31 -16.75
CA GLY C 302 25.35 55.97 -17.97
C GLY C 302 24.90 55.04 -19.09
N ASP C 303 25.27 53.77 -19.04
CA ASP C 303 24.83 52.86 -20.09
C ASP C 303 23.38 52.43 -19.93
N LEU C 304 22.70 52.88 -18.88
CA LEU C 304 21.31 52.50 -18.61
C LEU C 304 20.32 53.58 -19.00
N TYR C 305 20.78 54.74 -19.49
CA TYR C 305 19.84 55.76 -19.93
C TYR C 305 20.55 56.74 -20.85
N ILE C 306 19.78 57.39 -21.69
CA ILE C 306 20.25 58.50 -22.48
C ILE C 306 20.02 59.76 -21.66
N GLN C 307 21.09 60.47 -21.34
CA GLN C 307 21.01 61.62 -20.45
C GLN C 307 20.18 62.72 -21.09
N GLY C 308 19.58 63.55 -20.24
CA GLY C 308 18.78 64.64 -20.75
C GLY C 308 19.64 65.76 -21.29
N SER C 309 19.00 66.66 -22.04
CA SER C 309 19.74 67.74 -22.66
C SER C 309 19.96 68.83 -21.65
N ASN C 310 21.16 69.39 -21.63
CA ASN C 310 21.36 70.50 -20.70
C ASN C 310 20.57 71.70 -21.22
N SER C 311 20.40 72.70 -20.35
CA SER C 311 19.48 73.80 -20.63
C SER C 311 18.09 73.23 -20.89
N GLY C 312 17.75 72.23 -20.09
CA GLY C 312 16.49 71.53 -20.18
C GLY C 312 16.23 70.93 -18.82
N ASN C 313 14.95 70.78 -18.47
CA ASN C 313 14.62 70.35 -17.11
C ASN C 313 15.21 68.99 -16.72
N THR C 314 15.82 68.26 -17.65
CA THR C 314 16.21 66.87 -17.41
C THR C 314 17.71 66.74 -17.24
N ALA C 315 18.37 67.81 -16.83
CA ALA C 315 19.82 67.84 -16.88
C ALA C 315 20.46 67.28 -15.63
N THR C 316 19.71 67.15 -14.54
CA THR C 316 20.18 66.46 -13.35
C THR C 316 19.18 65.39 -12.95
N VAL C 317 19.67 64.16 -12.86
CA VAL C 317 18.81 63.01 -12.66
C VAL C 317 18.19 63.08 -11.26
N GLN C 318 16.91 62.73 -11.16
CA GLN C 318 16.31 62.63 -9.84
C GLN C 318 16.78 61.38 -9.12
N SER C 319 16.62 61.39 -7.80
CA SER C 319 17.10 60.28 -7.00
C SER C 319 16.27 59.04 -7.31
N SER C 320 16.95 57.95 -7.68
CA SER C 320 16.31 56.65 -7.83
C SER C 320 16.51 55.80 -6.58
N ALA C 321 16.60 56.45 -5.43
CA ALA C 321 16.57 55.79 -4.13
C ALA C 321 15.10 55.57 -3.74
N PHE C 322 14.47 54.59 -4.39
CA PHE C 322 13.07 54.35 -4.14
C PHE C 322 12.85 53.57 -2.86
N PHE C 323 11.64 53.70 -2.29
CA PHE C 323 11.25 52.85 -1.17
C PHE C 323 9.75 52.74 -1.12
N PRO C 324 9.20 51.56 -0.87
CA PRO C 324 7.75 51.39 -0.80
C PRO C 324 7.21 51.53 0.61
N THR C 325 5.95 51.90 0.69
CA THR C 325 5.40 51.60 2.00
C THR C 325 4.67 50.26 1.99
N PRO C 326 4.72 49.50 3.07
CA PRO C 326 4.00 48.23 3.13
C PRO C 326 2.55 48.44 3.56
N SER C 327 1.77 47.37 3.44
CA SER C 327 0.43 47.31 4.01
C SER C 327 0.09 45.85 4.23
N GLY C 328 -0.48 45.55 5.40
CA GLY C 328 -0.84 44.21 5.84
C GLY C 328 -2.21 43.72 5.41
N SER C 329 -2.99 44.55 4.73
CA SER C 329 -4.33 44.17 4.28
C SER C 329 -5.21 43.72 5.45
N MET C 330 -6.25 42.93 5.17
CA MET C 330 -7.26 42.63 6.17
C MET C 330 -6.77 41.67 7.24
N VAL C 331 -7.30 41.83 8.43
CA VAL C 331 -7.21 40.82 9.48
C VAL C 331 -8.56 40.12 9.55
N THR C 332 -8.53 38.79 9.67
CA THR C 332 -9.72 37.96 9.64
C THR C 332 -9.67 36.91 10.74
N SER C 333 -10.86 36.50 11.18
CA SER C 333 -10.98 35.42 12.17
C SER C 333 -10.47 34.10 11.62
N GLU C 334 -10.79 33.78 10.36
CA GLU C 334 -10.43 32.49 9.80
C GLU C 334 -8.93 32.28 9.64
N SER C 335 -8.12 33.34 9.74
CA SER C 335 -6.67 33.24 9.60
C SER C 335 -5.96 33.03 10.92
N GLN C 336 -6.68 32.99 12.03
CA GLN C 336 -6.03 33.03 13.33
C GLN C 336 -5.25 31.74 13.58
N LEU C 337 -4.03 31.90 14.07
CA LEU C 337 -3.21 30.82 14.57
C LEU C 337 -3.46 30.52 16.03
N PHE C 338 -4.16 31.41 16.73
CA PHE C 338 -4.30 31.36 18.17
C PHE C 338 -5.73 31.03 18.56
N ASN C 339 -5.97 30.98 19.88
CA ASN C 339 -7.28 30.60 20.46
C ASN C 339 -7.74 29.24 19.96
N LYS C 340 -6.79 28.37 19.63
CA LYS C 340 -7.08 27.01 19.26
C LYS C 340 -5.92 26.13 19.69
N PRO C 341 -6.20 24.92 20.18
CA PRO C 341 -5.14 24.08 20.72
C PRO C 341 -4.26 23.47 19.63
N TYR C 342 -2.99 23.27 19.97
CA TYR C 342 -2.07 22.56 19.11
C TYR C 342 -1.41 21.45 19.94
N TRP C 343 -1.47 20.22 19.41
CA TRP C 343 -0.94 19.02 20.06
C TRP C 343 0.37 18.59 19.41
N LEU C 344 1.44 18.49 20.21
CA LEU C 344 2.70 17.95 19.72
C LEU C 344 2.60 16.45 19.62
N GLN C 345 2.44 15.93 18.40
CA GLN C 345 2.55 14.50 18.22
C GLN C 345 3.98 14.04 17.94
N ARG C 346 4.68 14.77 17.07
CA ARG C 346 6.05 14.44 16.67
C ARG C 346 6.77 15.73 16.35
N ALA C 347 7.71 16.13 17.20
CA ALA C 347 8.46 17.34 16.94
C ALA C 347 9.35 17.14 15.71
N GLN C 348 9.82 18.25 15.15
CA GLN C 348 10.59 18.17 13.92
C GLN C 348 12.01 17.70 14.17
N GLY C 349 12.55 17.99 15.35
CA GLY C 349 13.91 17.62 15.69
C GLY C 349 13.95 16.40 16.58
N HIS C 350 15.12 16.17 17.16
CA HIS C 350 15.32 15.00 17.99
C HIS C 350 14.72 15.18 19.38
N ASN C 351 14.59 16.43 19.85
CA ASN C 351 13.93 16.69 21.13
C ASN C 351 12.43 16.62 20.89
N ASN C 352 11.82 15.49 21.25
CA ASN C 352 10.40 15.30 21.00
C ASN C 352 9.57 15.89 22.16
N GLY C 353 9.74 17.19 22.35
CA GLY C 353 8.92 17.89 23.30
C GLY C 353 9.36 17.80 24.74
N ILE C 354 10.59 17.35 24.99
CA ILE C 354 11.10 17.24 26.35
C ILE C 354 11.56 18.61 26.84
N CYS C 355 11.08 19.03 28.01
CA CYS C 355 11.39 20.34 28.58
C CYS C 355 12.58 20.24 29.54
N TRP C 356 13.78 20.18 28.95
CA TRP C 356 15.01 20.15 29.74
C TRP C 356 15.11 21.37 30.65
N GLY C 357 15.62 21.15 31.86
CA GLY C 357 15.76 22.23 32.81
C GLY C 357 14.44 22.72 33.38
N ASN C 358 13.34 22.01 33.11
CA ASN C 358 12.02 22.36 33.62
C ASN C 358 11.60 23.77 33.19
N GLN C 359 11.85 24.09 31.92
CA GLN C 359 11.48 25.37 31.35
C GLN C 359 11.11 25.17 29.89
N LEU C 360 10.27 26.06 29.36
CA LEU C 360 9.96 26.04 27.94
C LEU C 360 9.70 27.47 27.48
N PHE C 361 10.04 27.73 26.21
CA PHE C 361 9.91 29.04 25.60
C PHE C 361 8.78 29.02 24.57
N VAL C 362 7.87 29.99 24.68
CA VAL C 362 6.79 30.18 23.72
C VAL C 362 6.98 31.56 23.08
N THR C 363 7.19 31.57 21.77
CA THR C 363 7.42 32.80 21.02
C THR C 363 6.20 33.14 20.20
N VAL C 364 5.74 34.39 20.28
CA VAL C 364 4.52 34.81 19.59
C VAL C 364 4.78 36.14 18.89
N VAL C 365 4.34 36.24 17.64
CA VAL C 365 4.12 37.51 16.98
C VAL C 365 2.68 37.54 16.51
N ASP C 366 1.96 38.59 16.87
CA ASP C 366 0.54 38.68 16.49
C ASP C 366 0.23 40.15 16.23
N THR C 367 0.27 40.55 14.96
CA THR C 367 -0.09 41.90 14.57
C THR C 367 -1.56 42.03 14.24
N THR C 368 -2.35 40.98 14.47
CA THR C 368 -3.77 41.01 14.12
C THR C 368 -4.62 41.67 15.20
N ARG C 369 -4.00 42.15 16.27
CA ARG C 369 -4.66 42.85 17.37
C ARG C 369 -3.88 44.08 17.76
N SER C 370 -3.28 44.76 16.78
CA SER C 370 -2.35 45.85 17.05
C SER C 370 -3.04 47.22 17.15
N THR C 371 -4.37 47.25 17.31
CA THR C 371 -5.10 48.51 17.43
C THR C 371 -4.53 49.36 18.57
N ASN C 372 -4.20 50.61 18.24
CA ASN C 372 -3.67 51.56 19.21
C ASN C 372 -4.81 52.47 19.66
N MET C 373 -5.04 52.52 20.97
CA MET C 373 -6.13 53.32 21.50
C MET C 373 -5.75 54.80 21.56
N THR C 374 -6.70 55.66 21.17
CA THR C 374 -6.53 57.10 21.29
C THR C 374 -7.09 57.56 22.63
N LEU C 375 -6.26 58.15 23.46
CA LEU C 375 -6.68 58.72 24.74
C LEU C 375 -6.55 60.23 24.69
N CYS C 376 -7.53 60.93 25.26
CA CYS C 376 -7.62 62.38 25.18
C CYS C 376 -8.09 62.92 26.52
N ALA C 377 -7.27 63.74 27.16
CA ALA C 377 -7.58 64.33 28.46
C ALA C 377 -7.80 65.83 28.33
N GLU C 378 -8.65 66.38 29.20
CA GLU C 378 -9.04 67.78 29.15
C GLU C 378 -8.15 68.64 30.04
N VAL C 379 -7.55 69.69 29.46
CA VAL C 379 -6.71 70.61 30.23
C VAL C 379 -7.58 71.69 30.90
N LYS C 380 -8.51 72.28 30.14
CA LYS C 380 -9.46 73.27 30.65
C LYS C 380 -10.85 72.93 30.15
N LYS C 381 -11.83 72.96 31.04
CA LYS C 381 -13.22 72.79 30.60
C LYS C 381 -13.76 74.16 30.16
N GLU C 382 -14.19 74.25 28.90
CA GLU C 382 -14.78 75.48 28.38
C GLU C 382 -16.02 75.15 27.56
N SER C 383 -16.88 76.16 27.38
CA SER C 383 -18.14 75.96 26.68
C SER C 383 -17.95 75.84 25.17
N THR C 384 -16.80 76.18 24.62
CA THR C 384 -16.53 76.02 23.21
C THR C 384 -15.22 75.28 23.04
N TYR C 385 -15.02 74.71 21.86
CA TYR C 385 -13.87 73.85 21.59
C TYR C 385 -12.65 74.69 21.21
N LYS C 386 -11.49 74.34 21.80
CA LYS C 386 -10.20 74.88 21.41
C LYS C 386 -9.17 73.77 21.47
N ASN C 387 -8.36 73.65 20.40
CA ASN C 387 -7.35 72.60 20.35
C ASN C 387 -6.43 72.63 21.56
N GLU C 388 -6.07 73.83 22.03
CA GLU C 388 -5.12 73.94 23.12
C GLU C 388 -5.67 73.37 24.43
N ASN C 389 -6.96 73.06 24.52
CA ASN C 389 -7.56 72.53 25.74
C ASN C 389 -7.44 71.02 25.90
N PHE C 390 -6.83 70.31 24.95
CA PHE C 390 -6.81 68.86 25.03
C PHE C 390 -5.43 68.33 24.67
N LYS C 391 -5.06 67.21 25.30
CA LYS C 391 -3.84 66.49 25.00
C LYS C 391 -4.17 65.10 24.46
N GLU C 392 -3.40 64.65 23.46
CA GLU C 392 -3.63 63.37 22.81
C GLU C 392 -2.54 62.37 23.17
N TYR C 393 -2.96 61.17 23.55
CA TYR C 393 -2.02 60.11 23.93
C TYR C 393 -2.33 58.85 23.13
N LEU C 394 -1.37 57.94 23.13
CA LEU C 394 -1.50 56.65 22.48
C LEU C 394 -1.16 55.55 23.47
N ARG C 395 -2.02 54.54 23.57
CA ARG C 395 -1.75 53.39 24.42
C ARG C 395 -2.18 52.12 23.71
N HIS C 396 -1.44 51.05 23.95
CA HIS C 396 -1.73 49.75 23.37
C HIS C 396 -1.76 48.70 24.47
N GLY C 397 -2.67 47.76 24.34
CA GLY C 397 -2.80 46.69 25.31
C GLY C 397 -2.73 45.32 24.67
N GLU C 398 -2.01 44.42 25.32
CA GLU C 398 -1.89 43.04 24.86
C GLU C 398 -2.40 42.13 25.96
N GLU C 399 -3.24 41.17 25.58
CA GLU C 399 -3.87 40.23 26.50
C GLU C 399 -3.54 38.81 26.06
N PHE C 400 -3.05 38.00 27.00
CA PHE C 400 -2.70 36.60 26.74
C PHE C 400 -3.30 35.68 27.78
N ASP C 401 -3.40 34.39 27.42
CA ASP C 401 -3.67 33.32 28.39
C ASP C 401 -3.07 32.04 27.84
N LEU C 402 -1.95 31.60 28.41
CA LEU C 402 -1.24 30.43 27.94
C LEU C 402 -1.67 29.19 28.73
N GLN C 403 -2.11 28.15 28.01
CA GLN C 403 -2.48 26.88 28.62
C GLN C 403 -1.63 25.76 28.06
N PHE C 404 -1.23 24.84 28.93
CA PHE C 404 -0.35 23.73 28.59
C PHE C 404 -0.88 22.43 29.17
N ILE C 405 -0.47 21.33 28.54
CA ILE C 405 -0.68 19.99 29.08
C ILE C 405 0.65 19.25 29.01
N PHE C 406 1.13 18.78 30.16
CA PHE C 406 2.44 18.16 30.25
C PHE C 406 2.31 16.68 30.59
N GLN C 407 3.19 15.88 30.01
CA GLN C 407 3.25 14.45 30.24
C GLN C 407 4.51 14.16 31.04
N LEU C 408 4.33 13.44 32.14
CA LEU C 408 5.44 13.08 33.02
C LEU C 408 6.27 11.98 32.38
N CYS C 409 7.59 12.13 32.43
CA CYS C 409 8.51 11.18 31.83
C CYS C 409 9.57 10.78 32.84
N LYS C 410 10.11 9.58 32.66
CA LYS C 410 11.18 9.06 33.49
C LYS C 410 12.35 8.63 32.61
N ILE C 411 13.55 8.78 33.14
CA ILE C 411 14.77 8.48 32.39
C ILE C 411 15.65 7.58 33.24
N THR C 412 15.91 6.37 32.74
CA THR C 412 16.85 5.45 33.40
C THR C 412 18.27 5.87 33.09
N LEU C 413 19.04 6.17 34.14
CA LEU C 413 20.36 6.77 34.00
C LEU C 413 21.44 5.70 33.93
N THR C 414 21.48 5.00 32.80
CA THR C 414 22.54 4.04 32.55
C THR C 414 23.86 4.74 32.20
N ALA C 415 24.89 3.93 31.97
CA ALA C 415 26.21 4.47 31.67
C ALA C 415 26.22 5.23 30.35
N ASP C 416 25.62 4.65 29.31
CA ASP C 416 25.60 5.30 28.01
C ASP C 416 24.75 6.57 28.05
N VAL C 417 23.61 6.53 28.75
CA VAL C 417 22.67 7.67 28.80
C VAL C 417 23.27 8.86 29.54
N MET C 418 23.90 8.63 30.68
CA MET C 418 24.53 9.76 31.37
C MET C 418 25.65 10.36 30.54
N THR C 419 26.38 9.52 29.81
CA THR C 419 27.42 10.02 28.92
C THR C 419 26.81 10.88 27.82
N TYR C 420 25.70 10.41 27.24
CA TYR C 420 25.03 11.14 26.17
C TYR C 420 24.47 12.45 26.69
N ILE C 421 23.77 12.43 27.82
CA ILE C 421 23.19 13.66 28.36
C ILE C 421 24.29 14.64 28.76
N HIS C 422 25.44 14.13 29.21
CA HIS C 422 26.55 15.02 29.59
C HIS C 422 27.09 15.77 28.38
N LYS C 423 27.21 15.09 27.23
CA LYS C 423 27.66 15.75 26.01
C LYS C 423 26.64 16.77 25.52
N MET C 424 25.35 16.45 25.70
CA MET C 424 24.28 17.33 25.24
C MET C 424 24.25 18.62 26.06
N ASP C 425 24.17 18.48 27.38
CA ASP C 425 24.15 19.64 28.28
C ASP C 425 24.50 19.11 29.68
N ALA C 426 25.75 19.34 30.10
CA ALA C 426 26.19 18.79 31.38
C ALA C 426 25.38 19.33 32.55
N THR C 427 24.81 20.54 32.39
CA THR C 427 24.03 21.15 33.47
C THR C 427 22.76 20.37 33.79
N ILE C 428 22.28 19.52 32.87
CA ILE C 428 21.10 18.73 33.17
C ILE C 428 21.41 17.71 34.27
N LEU C 429 22.53 17.01 34.14
CA LEU C 429 22.90 16.03 35.17
C LEU C 429 23.24 16.72 36.48
N GLU C 430 23.89 17.88 36.41
CA GLU C 430 24.28 18.59 37.62
C GLU C 430 23.05 19.00 38.43
N ASP C 431 21.99 19.43 37.74
CA ASP C 431 20.76 19.83 38.42
C ASP C 431 20.03 18.64 39.04
N TRP C 432 20.18 17.44 38.48
CA TRP C 432 19.51 16.25 39.00
C TRP C 432 20.17 15.68 40.25
N GLN C 433 21.41 16.09 40.55
CA GLN C 433 22.16 15.58 41.69
C GLN C 433 22.35 14.06 41.58
N PHE C 434 23.00 13.65 40.49
CA PHE C 434 23.15 12.23 40.20
C PHE C 434 24.56 11.91 39.72
N GLU C 468 24.85 32.82 37.18
CA GLU C 468 25.12 31.41 36.92
C GLU C 468 24.47 30.98 35.61
N ASP C 469 23.17 31.24 35.49
CA ASP C 469 22.40 30.88 34.30
C ASP C 469 22.79 31.77 33.12
N PRO C 470 23.20 31.20 31.97
CA PRO C 470 23.60 32.06 30.85
C PRO C 470 22.47 32.86 30.23
N LEU C 471 21.22 32.51 30.52
CA LEU C 471 20.07 33.23 29.99
C LEU C 471 19.66 34.41 30.86
N LYS C 472 20.43 34.72 31.91
CA LYS C 472 20.09 35.80 32.82
C LYS C 472 20.41 37.18 32.29
N ASP C 473 21.13 37.29 31.17
CA ASP C 473 21.32 38.57 30.51
C ASP C 473 20.20 38.91 29.54
N TYR C 474 19.30 37.97 29.24
CA TYR C 474 18.26 38.16 28.25
C TYR C 474 16.94 38.54 28.91
N MET C 475 16.06 39.16 28.12
CA MET C 475 14.78 39.67 28.57
C MET C 475 13.66 38.72 28.12
N PHE C 476 12.94 38.16 29.07
CA PHE C 476 11.81 37.30 28.78
C PHE C 476 10.63 37.69 29.67
N TRP C 477 9.43 37.39 29.18
CA TRP C 477 8.23 37.51 30.00
C TRP C 477 8.16 36.24 30.83
N GLU C 478 8.58 36.33 32.10
CA GLU C 478 8.67 35.17 32.97
C GLU C 478 7.27 34.75 33.43
N VAL C 479 6.95 33.48 33.23
CA VAL C 479 5.68 32.93 33.66
C VAL C 479 5.98 31.79 34.63
N ASP C 480 5.66 32.00 35.90
CA ASP C 480 5.98 31.04 36.95
C ASP C 480 4.80 30.09 37.11
N LEU C 481 5.00 28.82 36.78
CA LEU C 481 3.96 27.81 36.91
C LEU C 481 4.29 26.78 37.99
N LYS C 482 5.23 27.08 38.89
CA LYS C 482 5.58 26.16 39.98
C LYS C 482 4.36 25.74 40.78
N GLU C 483 3.53 26.70 41.15
CA GLU C 483 2.34 26.45 41.96
C GLU C 483 1.07 26.34 41.12
N LYS C 484 1.21 26.06 39.83
CA LYS C 484 0.07 26.07 38.92
C LYS C 484 -0.24 24.71 38.28
N PHE C 485 0.46 23.65 38.63
CA PHE C 485 0.18 22.34 38.04
C PHE C 485 -0.99 21.64 38.73
N SER C 486 -1.81 20.95 37.93
CA SER C 486 -2.97 20.22 38.44
C SER C 486 -3.15 18.91 37.70
N ALA C 487 -3.57 17.86 38.43
CA ALA C 487 -3.84 16.55 37.83
C ALA C 487 -5.29 16.37 37.41
N ASP C 488 -6.17 17.30 37.80
CA ASP C 488 -7.60 17.21 37.45
C ASP C 488 -7.79 17.91 36.12
N LEU C 489 -7.56 17.17 35.04
CA LEU C 489 -7.53 17.78 33.71
C LEU C 489 -8.89 18.38 33.34
N ASP C 490 -9.99 17.69 33.66
CA ASP C 490 -11.26 18.18 33.15
C ASP C 490 -11.77 19.40 33.89
N GLN C 491 -11.01 19.92 34.88
CA GLN C 491 -11.41 21.15 35.54
C GLN C 491 -11.09 22.39 34.72
N PHE C 492 -10.41 22.24 33.59
CA PHE C 492 -9.85 23.39 32.88
C PHE C 492 -10.12 23.26 31.39
N PRO C 493 -10.16 24.39 30.66
CA PRO C 493 -10.53 24.34 29.23
C PRO C 493 -9.66 23.43 28.38
N LEU C 494 -8.34 23.68 28.38
CA LEU C 494 -7.47 22.87 27.54
C LEU C 494 -7.37 21.43 28.03
N GLY C 495 -7.95 21.11 29.17
CA GLY C 495 -7.75 19.79 29.70
C GLY C 495 -8.95 18.97 29.33
N ARG C 496 -10.13 19.60 29.37
CA ARG C 496 -11.30 18.96 28.80
C ARG C 496 -11.08 18.66 27.32
N LYS C 497 -10.45 19.58 26.60
CA LYS C 497 -10.16 19.33 25.19
C LYS C 497 -9.18 18.18 25.03
N PHE C 498 -8.23 18.04 25.95
CA PHE C 498 -7.29 16.93 25.88
C PHE C 498 -8.00 15.59 26.04
N LEU C 499 -8.94 15.51 27.00
CA LEU C 499 -9.66 14.27 27.27
C LEU C 499 -10.54 13.83 26.11
N LEU C 500 -10.84 14.68 25.14
CA LEU C 500 -11.58 14.23 23.97
C LEU C 500 -10.64 13.76 22.87
N GLN C 501 -9.56 14.50 22.63
CA GLN C 501 -8.60 14.19 21.59
C GLN C 501 -7.96 12.83 21.80
N ALA C 502 -7.20 12.67 22.89
CA ALA C 502 -6.51 11.41 23.13
C ALA C 502 -7.45 10.27 23.49
N GLY C 503 -8.72 10.57 23.74
CA GLY C 503 -9.69 9.54 24.07
C GLY C 503 -9.65 9.04 25.49
N LEU C 504 -8.75 9.54 26.33
CA LEU C 504 -8.67 9.16 27.73
C LEU C 504 -9.93 9.56 28.51
N LYS D 46 13.91 4.93 -31.12
CA LYS D 46 12.97 4.82 -30.00
C LYS D 46 13.61 5.23 -28.68
N VAL D 47 13.06 6.24 -28.03
CA VAL D 47 13.47 6.64 -26.69
C VAL D 47 12.63 5.91 -25.66
N VAL D 48 13.27 5.42 -24.61
CA VAL D 48 12.57 4.66 -23.58
C VAL D 48 12.80 5.32 -22.24
N SER D 49 11.87 5.05 -21.33
CA SER D 49 11.98 5.50 -19.95
C SER D 49 13.22 4.90 -19.30
N THR D 50 13.84 5.67 -18.40
CA THR D 50 14.97 5.12 -17.68
C THR D 50 14.56 3.93 -16.81
N ASP D 51 13.26 3.75 -16.55
CA ASP D 51 12.84 2.60 -15.78
C ASP D 51 13.16 1.29 -16.50
N GLU D 52 13.39 1.32 -17.81
CA GLU D 52 13.65 0.07 -18.50
C GLU D 52 15.10 -0.37 -18.43
N TYR D 53 16.03 0.52 -18.07
CA TYR D 53 17.44 0.14 -18.04
C TYR D 53 18.21 0.68 -16.84
N VAL D 54 17.54 1.24 -15.84
CA VAL D 54 18.19 1.78 -14.65
C VAL D 54 17.55 1.11 -13.45
N SER D 55 18.34 0.42 -12.65
CA SER D 55 17.85 -0.34 -11.51
C SER D 55 18.01 0.47 -10.24
N ARG D 56 16.97 0.47 -9.41
CA ARG D 56 16.99 1.19 -8.14
C ARG D 56 17.46 0.28 -7.01
N THR D 57 18.32 0.81 -6.15
CA THR D 57 18.71 0.16 -4.91
C THR D 57 17.91 0.79 -3.78
N SER D 58 18.08 0.26 -2.57
CA SER D 58 17.48 0.84 -1.37
C SER D 58 18.43 1.75 -0.61
N ILE D 59 19.55 2.14 -1.22
CA ILE D 59 20.53 3.01 -0.59
C ILE D 59 20.15 4.46 -0.87
N TYR D 60 19.92 5.24 0.18
CA TYR D 60 19.60 6.65 0.04
C TYR D 60 20.66 7.48 0.74
N TYR D 61 20.93 8.66 0.19
CA TYR D 61 21.89 9.60 0.75
C TYR D 61 21.28 11.00 0.79
N TYR D 62 21.72 11.77 1.79
CA TYR D 62 21.32 13.16 1.99
C TYR D 62 22.47 14.09 1.61
N ALA D 63 22.12 15.28 1.12
CA ALA D 63 23.10 16.32 0.83
C ALA D 63 22.48 17.69 1.02
N GLY D 64 23.18 18.56 1.73
CA GLY D 64 22.72 19.91 1.97
C GLY D 64 23.82 20.90 1.70
N SER D 65 23.44 22.06 1.17
CA SER D 65 24.41 23.09 0.77
C SER D 65 24.91 23.94 1.94
N SER D 66 24.26 23.84 3.10
CA SER D 66 24.38 24.82 4.18
C SER D 66 23.90 26.17 3.66
N ARG D 67 24.06 27.22 4.46
CA ARG D 67 23.46 28.50 4.11
C ARG D 67 24.14 29.11 2.90
N LEU D 68 23.34 29.62 1.98
CA LEU D 68 23.82 30.34 0.79
C LEU D 68 23.34 31.78 0.87
N LEU D 69 24.27 32.73 0.69
CA LEU D 69 24.02 34.16 0.83
C LEU D 69 24.65 34.93 -0.32
N THR D 70 23.92 35.91 -0.85
CA THR D 70 24.51 36.84 -1.79
C THR D 70 23.82 38.18 -1.57
N VAL D 71 24.62 39.26 -1.56
CA VAL D 71 24.15 40.62 -1.31
C VAL D 71 24.62 41.52 -2.44
N GLY D 72 23.77 42.46 -2.85
CA GLY D 72 24.15 43.34 -3.91
C GLY D 72 23.18 44.48 -4.09
N HIS D 73 23.31 45.13 -5.23
CA HIS D 73 22.45 46.23 -5.63
C HIS D 73 21.31 45.68 -6.46
N PRO D 74 20.06 46.09 -6.22
CA PRO D 74 18.94 45.44 -6.90
C PRO D 74 18.78 45.84 -8.36
N TYR D 75 19.44 46.91 -8.81
CA TYR D 75 19.19 47.45 -10.15
C TYR D 75 20.35 47.26 -11.13
N PHE D 76 21.60 47.30 -10.66
CA PHE D 76 22.76 47.23 -11.54
C PHE D 76 23.99 46.88 -10.72
N SER D 77 25.01 46.36 -11.40
CA SER D 77 26.30 46.13 -10.74
C SER D 77 27.09 47.44 -10.62
N ILE D 78 27.91 47.52 -9.57
CA ILE D 78 28.75 48.67 -9.28
C ILE D 78 30.22 48.29 -9.47
N LYS D 79 30.95 49.05 -10.30
CA LYS D 79 32.34 48.77 -10.63
C LYS D 79 33.27 49.66 -9.78
N ASN D 80 34.58 49.38 -9.84
CA ASN D 80 35.58 49.77 -8.85
C ASN D 80 36.12 51.19 -8.98
N THR D 81 36.62 51.68 -7.83
CA THR D 81 37.46 52.88 -7.61
C THR D 81 36.98 54.11 -8.37
N GLY D 86 39.47 49.50 -12.74
CA GLY D 86 38.25 50.00 -13.36
C GLY D 86 37.22 48.93 -13.64
N LYS D 87 37.68 47.76 -14.07
CA LYS D 87 36.80 46.65 -14.45
C LYS D 87 36.77 45.64 -13.31
N LYS D 88 35.68 45.65 -12.55
CA LYS D 88 35.57 44.79 -11.37
C LYS D 88 34.18 44.95 -10.77
N VAL D 89 33.64 43.86 -10.23
CA VAL D 89 32.35 43.90 -9.55
C VAL D 89 32.64 43.92 -8.05
N LEU D 90 32.31 45.05 -7.42
CA LEU D 90 32.40 45.27 -5.99
C LEU D 90 31.13 44.84 -5.32
N VAL D 91 30.04 45.24 -5.96
CA VAL D 91 28.70 44.91 -5.51
C VAL D 91 28.06 44.31 -6.76
N PRO D 92 27.62 43.06 -6.72
CA PRO D 92 26.95 42.47 -7.87
C PRO D 92 25.50 42.96 -7.94
N LYS D 93 24.90 42.73 -9.10
CA LYS D 93 23.46 42.96 -9.23
C LYS D 93 22.76 41.76 -8.61
N VAL D 94 22.09 41.97 -7.48
CA VAL D 94 21.40 40.92 -6.76
C VAL D 94 19.97 41.39 -6.54
N SER D 95 19.02 40.69 -7.18
CA SER D 95 17.65 41.16 -7.24
C SER D 95 16.69 39.99 -7.06
N GLY D 96 15.57 40.26 -6.39
CA GLY D 96 14.52 39.26 -6.29
C GLY D 96 13.87 38.91 -7.62
N LEU D 97 14.20 39.62 -8.69
CA LEU D 97 13.67 39.38 -10.01
C LEU D 97 14.62 38.59 -10.90
N GLN D 98 15.66 38.00 -10.32
CA GLN D 98 16.61 37.20 -11.07
C GLN D 98 16.28 35.71 -10.99
N TYR D 99 16.58 35.00 -12.08
CA TYR D 99 16.69 33.56 -11.97
C TYR D 99 17.91 33.23 -11.14
N ARG D 100 17.76 32.29 -10.22
CA ARG D 100 18.87 31.64 -9.55
C ARG D 100 18.97 30.23 -10.13
N VAL D 101 20.07 29.94 -10.84
CA VAL D 101 20.28 28.65 -11.47
C VAL D 101 21.48 28.00 -10.80
N PHE D 102 21.19 27.02 -9.96
CA PHE D 102 22.21 26.28 -9.22
C PHE D 102 22.67 25.07 -10.03
N ARG D 103 23.97 24.97 -10.26
CA ARG D 103 24.56 23.77 -10.84
C ARG D 103 25.12 22.94 -9.69
N ILE D 104 24.43 21.86 -9.33
CA ILE D 104 24.81 21.05 -8.18
C ILE D 104 25.73 19.93 -8.65
N LYS D 105 26.91 19.85 -8.05
CA LYS D 105 27.89 18.85 -8.44
C LYS D 105 27.83 17.73 -7.40
N LEU D 106 27.57 16.47 -7.88
CA LEU D 106 27.47 15.27 -7.05
C LEU D 106 28.77 14.46 -7.12
N PRO D 107 29.07 13.72 -6.06
CA PRO D 107 30.21 12.79 -6.11
C PRO D 107 29.95 11.66 -7.10
N ASP D 108 30.97 11.32 -7.85
CA ASP D 108 30.91 10.19 -8.78
C ASP D 108 30.72 8.93 -7.95
N PRO D 109 29.57 8.25 -8.06
CA PRO D 109 29.35 7.05 -7.25
C PRO D 109 30.23 5.88 -7.66
N ASN D 110 30.75 5.88 -8.89
CA ASN D 110 31.68 4.85 -9.30
C ASN D 110 33.05 5.03 -8.66
N LYS D 111 33.34 6.22 -8.15
CA LYS D 111 34.57 6.52 -7.43
C LYS D 111 34.29 6.84 -5.97
N PHE D 112 33.08 6.60 -5.50
CA PHE D 112 32.69 7.00 -4.15
C PHE D 112 33.10 5.95 -3.14
N GLY D 113 33.54 6.41 -1.97
CA GLY D 113 33.96 5.52 -0.90
C GLY D 113 32.79 4.91 -0.16
N PHE D 114 32.08 3.98 -0.80
CA PHE D 114 30.98 3.31 -0.14
C PHE D 114 31.49 2.37 0.95
N PRO D 115 30.82 2.32 2.11
CA PRO D 115 31.21 1.35 3.13
C PRO D 115 30.96 -0.08 2.70
N ASP D 116 30.05 -0.28 1.75
CA ASP D 116 29.70 -1.60 1.23
C ASP D 116 29.58 -1.50 -0.28
N THR D 117 30.51 -2.15 -0.99
CA THR D 117 30.55 -2.09 -2.46
C THR D 117 30.13 -3.40 -3.12
N SER D 118 29.32 -4.22 -2.43
CA SER D 118 28.94 -5.55 -2.90
C SER D 118 27.55 -5.61 -3.53
N PHE D 119 26.88 -4.47 -3.69
CA PHE D 119 25.54 -4.42 -4.28
C PHE D 119 25.56 -4.40 -5.81
N TYR D 120 26.72 -4.22 -6.42
CA TYR D 120 26.81 -4.17 -7.88
C TYR D 120 28.10 -4.82 -8.35
N ASN D 121 28.17 -5.02 -9.66
CA ASN D 121 29.28 -5.70 -10.33
C ASN D 121 30.05 -4.68 -11.16
N PRO D 122 31.20 -4.20 -10.70
CA PRO D 122 31.92 -3.18 -11.47
C PRO D 122 32.43 -3.63 -12.83
N GLU D 123 32.46 -4.94 -13.12
CA GLU D 123 32.85 -5.37 -14.46
C GLU D 123 31.73 -5.17 -15.48
N THR D 124 30.47 -5.26 -15.06
CA THR D 124 29.36 -5.20 -16.00
C THR D 124 28.34 -4.11 -15.69
N GLN D 125 28.54 -3.35 -14.61
CA GLN D 125 27.56 -2.36 -14.17
C GLN D 125 28.26 -1.07 -13.81
N ARG D 126 27.53 0.04 -13.94
CA ARG D 126 27.98 1.35 -13.51
C ARG D 126 26.93 2.01 -12.62
N LEU D 127 27.37 2.98 -11.84
CA LEU D 127 26.51 3.64 -10.87
C LEU D 127 26.12 5.04 -11.34
N VAL D 128 24.95 5.50 -10.89
CA VAL D 128 24.47 6.84 -11.16
C VAL D 128 23.50 7.22 -10.06
N TRP D 129 23.40 8.51 -9.76
CA TRP D 129 22.47 9.02 -8.78
C TRP D 129 21.12 9.34 -9.42
N ALA D 130 20.06 9.15 -8.65
CA ALA D 130 18.71 9.60 -8.99
C ALA D 130 18.23 10.55 -7.91
N CYS D 131 17.53 11.60 -8.31
CA CYS D 131 17.00 12.52 -7.32
C CYS D 131 15.61 12.03 -6.91
N THR D 132 15.41 11.82 -5.61
CA THR D 132 14.10 11.44 -5.12
C THR D 132 13.45 12.50 -4.25
N GLY D 133 14.22 13.42 -3.71
CA GLY D 133 13.67 14.45 -2.84
C GLY D 133 14.44 15.75 -2.92
N LEU D 134 13.77 16.82 -2.52
CA LEU D 134 14.29 18.16 -2.70
C LEU D 134 13.51 19.08 -1.78
N GLU D 135 14.23 19.89 -0.99
CA GLU D 135 13.60 21.01 -0.29
C GLU D 135 14.42 22.26 -0.56
N ILE D 136 13.75 23.28 -1.11
CA ILE D 136 14.37 24.56 -1.45
C ILE D 136 14.11 25.50 -0.28
N GLY D 137 15.12 25.67 0.58
CA GLY D 137 14.98 26.53 1.72
C GLY D 137 15.13 27.99 1.31
N ARG D 138 14.34 28.84 1.96
CA ARG D 138 14.40 30.29 1.74
C ARG D 138 14.41 30.97 3.09
N GLY D 139 15.47 31.73 3.36
CA GLY D 139 15.50 32.64 4.48
C GLY D 139 15.00 34.01 4.08
N GLN D 140 15.13 34.96 5.02
CA GLN D 140 14.72 36.36 4.86
C GLN D 140 13.20 36.47 4.93
N PRO D 141 12.66 37.62 5.33
CA PRO D 141 11.20 37.75 5.44
C PRO D 141 10.55 37.90 4.09
N LEU D 142 9.26 37.53 4.05
CA LEU D 142 8.45 37.84 2.89
C LEU D 142 8.33 39.35 2.75
N GLY D 143 8.40 39.83 1.51
CA GLY D 143 8.32 41.26 1.25
C GLY D 143 8.36 41.50 -0.25
N VAL D 144 8.09 42.76 -0.61
CA VAL D 144 8.03 43.17 -2.01
C VAL D 144 8.99 44.35 -2.19
N GLY D 145 9.85 44.25 -3.20
CA GLY D 145 10.70 45.35 -3.60
C GLY D 145 10.09 46.09 -4.78
N ILE D 146 10.64 47.27 -5.07
CA ILE D 146 10.13 48.09 -6.16
C ILE D 146 11.29 48.50 -7.04
N SER D 147 11.01 48.62 -8.33
CA SER D 147 11.97 49.07 -9.33
C SER D 147 11.44 50.32 -10.03
N GLY D 148 12.36 51.09 -10.60
CA GLY D 148 11.96 52.30 -11.28
C GLY D 148 12.99 52.79 -12.27
N HIS D 149 12.76 53.98 -12.75
CA HIS D 149 13.60 54.66 -13.73
C HIS D 149 13.48 56.15 -13.46
N PRO D 150 14.59 56.83 -13.22
CA PRO D 150 14.51 58.29 -13.04
C PRO D 150 14.10 59.02 -14.31
N LEU D 151 14.25 58.40 -15.49
CA LEU D 151 13.85 58.99 -16.77
C LEU D 151 12.99 58.00 -17.55
N LEU D 152 11.85 57.62 -16.95
CA LEU D 152 10.92 56.69 -17.58
C LEU D 152 10.07 57.40 -18.63
N ASN D 153 9.89 56.75 -19.79
CA ASN D 153 9.07 57.33 -20.86
C ASN D 153 7.58 57.12 -20.53
N LYS D 154 7.11 57.88 -19.56
CA LYS D 154 5.69 58.06 -19.31
C LYS D 154 5.31 59.48 -19.69
N PHE D 155 4.23 59.62 -20.46
CA PHE D 155 3.75 60.94 -20.85
C PHE D 155 2.53 61.34 -20.04
N ASP D 156 1.35 60.83 -20.41
CA ASP D 156 0.12 61.16 -19.69
C ASP D 156 -0.41 59.96 -18.91
N ASP D 157 -1.18 60.28 -17.87
CA ASP D 157 -1.99 59.29 -17.18
C ASP D 157 -3.30 59.23 -17.95
N THR D 158 -3.55 58.09 -18.61
CA THR D 158 -4.69 57.94 -19.51
C THR D 158 -5.83 57.15 -18.89
N GLU D 159 -5.89 57.12 -17.57
CA GLU D 159 -6.89 56.32 -16.88
C GLU D 159 -8.22 57.03 -16.76
N THR D 160 -8.21 58.28 -16.32
CA THR D 160 -9.46 58.96 -15.99
C THR D 160 -9.66 60.29 -16.72
N SER D 161 -8.64 61.13 -16.80
CA SER D 161 -8.79 62.48 -17.36
C SER D 161 -7.59 62.80 -18.21
N ASN D 162 -7.80 63.00 -19.51
CA ASN D 162 -6.69 63.38 -20.38
C ASN D 162 -7.20 64.25 -21.53
N LYS D 163 -7.58 65.50 -21.24
CA LYS D 163 -8.18 66.35 -22.27
C LYS D 163 -7.13 66.78 -23.28
N TYR D 164 -7.62 67.18 -24.46
CA TYR D 164 -6.73 67.65 -25.52
C TYR D 164 -6.29 69.07 -25.20
N ALA D 165 -5.16 69.14 -24.52
CA ALA D 165 -4.44 70.39 -24.29
C ALA D 165 -2.97 70.03 -24.22
N GLY D 166 -2.17 70.40 -25.23
CA GLY D 166 -0.77 70.04 -25.09
C GLY D 166 -0.09 69.08 -26.05
N LYS D 167 0.94 69.61 -26.73
CA LYS D 167 1.84 68.98 -27.67
C LYS D 167 3.02 68.40 -26.89
N PRO D 168 3.40 67.14 -27.16
CA PRO D 168 4.38 66.46 -26.29
C PRO D 168 5.63 67.25 -25.91
N GLY D 169 6.49 67.69 -26.81
CA GLY D 169 7.68 68.41 -26.34
C GLY D 169 8.99 67.65 -26.55
N ILE D 170 10.03 68.17 -25.91
CA ILE D 170 11.40 67.73 -26.13
C ILE D 170 11.82 66.57 -25.21
N ASP D 171 11.40 66.59 -23.94
CA ASP D 171 11.87 65.61 -22.97
C ASP D 171 10.88 65.66 -21.80
N ASN D 172 9.99 64.67 -21.72
CA ASN D 172 8.97 64.64 -20.68
C ASN D 172 9.11 63.44 -19.75
N ARG D 173 10.26 62.79 -19.75
CA ARG D 173 10.45 61.60 -18.92
C ARG D 173 10.32 61.95 -17.45
N GLU D 174 9.79 61.01 -16.67
CA GLU D 174 9.52 61.22 -15.25
C GLU D 174 10.23 60.15 -14.42
N CYS D 175 10.32 60.42 -13.12
CA CYS D 175 11.03 59.55 -12.17
C CYS D 175 9.98 58.71 -11.45
N LEU D 176 9.69 57.53 -12.00
CA LEU D 176 8.59 56.67 -11.56
C LEU D 176 9.10 55.29 -11.19
N SER D 177 8.35 54.61 -10.30
CA SER D 177 8.68 53.26 -9.89
C SER D 177 7.40 52.43 -9.80
N MET D 178 7.57 51.13 -9.58
CA MET D 178 6.45 50.22 -9.63
C MET D 178 6.82 48.92 -8.94
N ASP D 179 5.81 48.14 -8.61
CA ASP D 179 6.01 46.79 -8.12
C ASP D 179 5.73 45.81 -9.24
N TYR D 180 6.59 44.81 -9.36
CA TYR D 180 6.58 43.96 -10.53
C TYR D 180 5.58 42.83 -10.37
N LYS D 181 5.36 42.13 -11.49
CA LYS D 181 4.58 40.91 -11.48
C LYS D 181 5.22 39.87 -10.54
N GLN D 182 4.40 39.24 -9.71
CA GLN D 182 4.89 38.27 -8.74
C GLN D 182 5.05 36.90 -9.39
N THR D 183 6.20 36.26 -9.17
CA THR D 183 6.52 34.98 -9.78
C THR D 183 7.28 34.11 -8.80
N GLN D 184 6.79 32.89 -8.58
CA GLN D 184 7.57 31.82 -7.95
C GLN D 184 7.65 30.68 -8.94
N LEU D 185 8.84 30.12 -9.11
CA LEU D 185 8.94 28.88 -9.89
C LEU D 185 10.19 28.13 -9.47
N CYS D 186 10.17 26.82 -9.73
CA CYS D 186 11.37 26.00 -9.59
C CYS D 186 11.33 24.86 -10.60
N ILE D 187 12.46 24.67 -11.27
CA ILE D 187 12.61 23.66 -12.31
C ILE D 187 13.78 22.78 -11.95
N LEU D 188 13.60 21.47 -12.09
CA LEU D 188 14.63 20.51 -11.73
C LEU D 188 14.92 19.63 -12.93
N GLY D 189 16.21 19.45 -13.23
CA GLY D 189 16.64 18.60 -14.32
C GLY D 189 18.12 18.33 -14.20
N CYS D 190 18.63 17.51 -15.11
CA CYS D 190 20.06 17.24 -15.14
C CYS D 190 20.79 18.01 -16.24
N LYS D 191 20.07 18.76 -17.08
CA LYS D 191 20.65 19.71 -18.01
C LYS D 191 20.03 21.08 -17.75
N PRO D 192 20.71 22.17 -18.07
CA PRO D 192 20.21 23.47 -17.69
C PRO D 192 18.87 23.76 -18.41
N PRO D 193 18.05 24.61 -17.82
CA PRO D 193 16.73 24.86 -18.41
C PRO D 193 16.83 25.80 -19.59
N ILE D 194 15.80 25.76 -20.44
CA ILE D 194 15.76 26.54 -21.66
C ILE D 194 14.66 27.57 -21.55
N GLY D 195 14.99 28.83 -21.84
CA GLY D 195 14.02 29.90 -21.83
C GLY D 195 13.68 30.41 -23.22
N GLU D 196 12.64 31.25 -23.24
CA GLU D 196 12.21 31.94 -24.45
C GLU D 196 12.15 33.44 -24.17
N HIS D 197 12.41 34.22 -25.22
CA HIS D 197 12.30 35.66 -25.19
C HIS D 197 12.26 36.15 -26.63
N TRP D 198 11.70 37.36 -26.82
CA TRP D 198 11.63 38.01 -28.13
C TRP D 198 12.87 38.86 -28.35
N GLY D 199 13.49 38.67 -29.53
CA GLY D 199 14.67 39.41 -29.90
C GLY D 199 14.53 40.00 -31.30
N LYS D 200 15.52 40.81 -31.67
CA LYS D 200 15.56 41.41 -33.00
C LYS D 200 15.90 40.38 -34.08
N GLY D 201 15.02 40.28 -35.07
CA GLY D 201 15.22 39.40 -36.21
C GLY D 201 16.14 40.00 -37.26
N THR D 202 16.10 39.39 -38.44
CA THR D 202 16.81 39.77 -39.66
C THR D 202 16.01 40.84 -40.42
N PRO D 203 16.66 41.87 -40.99
CA PRO D 203 15.88 43.00 -41.52
C PRO D 203 15.04 42.69 -42.75
N CYS D 204 15.42 41.72 -43.58
CA CYS D 204 14.67 41.41 -44.82
C CYS D 204 14.56 42.61 -45.76
N GLY D 209 14.24 49.60 -45.79
CA GLY D 209 14.70 49.29 -44.45
C GLY D 209 15.13 50.53 -43.70
N ASN D 210 14.17 51.44 -43.47
CA ASN D 210 14.43 52.78 -42.96
C ASN D 210 14.85 52.74 -41.50
N PRO D 211 15.37 53.87 -40.95
CA PRO D 211 15.93 53.82 -39.59
C PRO D 211 14.92 53.64 -38.47
N GLY D 212 13.89 54.46 -38.44
CA GLY D 212 12.93 54.37 -37.35
C GLY D 212 11.88 53.28 -37.51
N ASP D 213 12.08 52.33 -38.41
CA ASP D 213 11.09 51.29 -38.66
C ASP D 213 10.99 50.30 -37.50
N CYS D 214 9.83 49.67 -37.38
CA CYS D 214 9.61 48.73 -36.30
C CYS D 214 10.56 47.53 -36.45
N PRO D 215 11.29 47.15 -35.42
CA PRO D 215 12.21 46.03 -35.56
C PRO D 215 11.43 44.75 -35.81
N PRO D 216 11.94 43.86 -36.64
CA PRO D 216 11.28 42.57 -36.84
C PRO D 216 11.48 41.67 -35.63
N LEU D 217 10.46 40.90 -35.31
CA LEU D 217 10.49 40.09 -34.12
C LEU D 217 10.80 38.62 -34.46
N GLN D 218 11.49 37.98 -33.53
CA GLN D 218 11.86 36.57 -33.64
C GLN D 218 11.91 35.99 -32.24
N LEU D 219 11.25 34.85 -32.06
CA LEU D 219 11.26 34.16 -30.77
C LEU D 219 12.55 33.36 -30.64
N ILE D 220 13.31 33.62 -29.59
CA ILE D 220 14.66 33.08 -29.41
C ILE D 220 14.69 32.17 -28.19
N ASN D 221 15.29 30.99 -28.36
CA ASN D 221 15.56 30.07 -27.26
C ASN D 221 17.01 30.18 -26.81
N SER D 222 17.22 30.01 -25.51
CA SER D 222 18.55 30.14 -24.93
C SER D 222 18.56 29.40 -23.61
N VAL D 223 19.76 29.10 -23.13
CA VAL D 223 19.90 28.53 -21.79
C VAL D 223 19.67 29.63 -20.77
N ILE D 224 18.87 29.35 -19.76
CA ILE D 224 18.65 30.30 -18.67
C ILE D 224 19.85 30.17 -17.73
N GLN D 225 20.56 31.28 -17.54
CA GLN D 225 21.72 31.33 -16.67
C GLN D 225 21.37 31.99 -15.34
N ASP D 226 22.21 31.74 -14.35
CA ASP D 226 22.08 32.42 -13.08
C ASP D 226 22.32 33.91 -13.27
N GLY D 227 21.43 34.72 -12.72
CA GLY D 227 21.52 36.16 -12.86
C GLY D 227 20.64 36.75 -13.95
N ASP D 228 20.14 35.92 -14.87
CA ASP D 228 19.20 36.38 -15.87
C ASP D 228 17.93 36.93 -15.22
N MET D 229 17.26 37.85 -15.92
CA MET D 229 16.05 38.48 -15.40
C MET D 229 14.80 37.74 -15.87
N VAL D 230 13.86 37.56 -14.94
CA VAL D 230 12.55 37.00 -15.26
C VAL D 230 11.64 38.09 -15.83
N ASP D 231 10.59 37.67 -16.52
CA ASP D 231 9.62 38.65 -17.00
C ASP D 231 8.94 39.32 -15.80
N THR D 232 8.57 40.59 -15.98
CA THR D 232 8.14 41.45 -14.89
C THR D 232 6.75 42.05 -15.09
N GLY D 233 6.10 41.77 -16.22
CA GLY D 233 4.90 42.48 -16.64
C GLY D 233 5.05 43.18 -17.97
N PHE D 234 6.28 43.39 -18.44
CA PHE D 234 6.51 43.98 -19.75
C PHE D 234 6.91 42.93 -20.79
N GLY D 235 6.76 41.65 -20.45
CA GLY D 235 7.02 40.59 -21.40
C GLY D 235 8.43 40.05 -21.32
N CYS D 236 8.65 38.98 -22.09
CA CYS D 236 9.96 38.37 -22.23
C CYS D 236 10.58 38.85 -23.55
N MET D 237 11.43 39.87 -23.45
CA MET D 237 12.03 40.44 -24.64
C MET D 237 13.42 40.96 -24.32
N ASP D 238 14.21 41.11 -25.37
CA ASP D 238 15.54 41.69 -25.30
C ASP D 238 15.33 43.19 -25.32
N PHE D 239 15.25 43.79 -24.14
CA PHE D 239 15.02 45.23 -24.07
C PHE D 239 16.20 46.02 -24.59
N ASN D 240 17.41 45.46 -24.50
CA ASN D 240 18.59 46.17 -24.98
C ASN D 240 18.45 46.47 -26.46
N THR D 241 17.83 45.58 -27.22
CA THR D 241 17.73 45.76 -28.66
C THR D 241 16.35 46.19 -29.15
N LEU D 242 15.28 45.89 -28.43
CA LEU D 242 13.94 46.21 -28.90
C LEU D 242 13.40 47.51 -28.33
N GLN D 243 14.08 48.11 -27.36
CA GLN D 243 13.71 49.42 -26.81
C GLN D 243 14.96 50.29 -26.84
N ALA D 244 15.05 51.12 -27.89
CA ALA D 244 16.27 51.87 -28.15
C ALA D 244 16.44 53.06 -27.21
N SER D 245 15.35 53.64 -26.72
CA SER D 245 15.46 54.83 -25.90
C SER D 245 16.04 54.56 -24.52
N LYS D 246 16.11 53.29 -24.11
CA LYS D 246 16.56 52.87 -22.79
C LYS D 246 15.68 53.42 -21.68
N SER D 247 14.50 53.96 -22.02
CA SER D 247 13.63 54.64 -21.07
C SER D 247 12.20 54.08 -21.03
N ASP D 248 11.91 53.01 -21.74
CA ASP D 248 10.52 52.55 -21.76
C ASP D 248 10.21 51.59 -20.62
N VAL D 249 11.22 51.00 -19.99
CA VAL D 249 11.04 50.13 -18.83
C VAL D 249 12.13 50.46 -17.81
N PRO D 250 11.91 50.09 -16.53
CA PRO D 250 12.86 50.50 -15.49
C PRO D 250 14.28 49.99 -15.75
N ILE D 251 15.24 50.61 -15.05
CA ILE D 251 16.65 50.42 -15.39
C ILE D 251 17.19 49.04 -15.03
N ASP D 252 16.50 48.28 -14.18
CA ASP D 252 16.99 46.95 -13.84
C ASP D 252 16.68 45.91 -14.89
N ILE D 253 15.94 46.27 -15.94
CA ILE D 253 15.68 45.36 -17.04
C ILE D 253 15.84 46.08 -18.37
N CYS D 254 16.06 47.40 -18.34
CA CYS D 254 15.99 48.17 -19.58
C CYS D 254 17.15 47.88 -20.53
N SER D 255 18.26 47.33 -20.04
CA SER D 255 19.32 46.86 -20.93
C SER D 255 19.62 45.38 -20.72
N SER D 256 18.65 44.64 -20.21
CA SER D 256 18.75 43.21 -19.96
C SER D 256 17.81 42.47 -20.92
N VAL D 257 17.95 41.14 -20.90
CA VAL D 257 17.04 40.23 -21.58
C VAL D 257 16.19 39.55 -20.52
N CYS D 258 14.87 39.66 -20.64
CA CYS D 258 13.94 38.98 -19.75
C CYS D 258 13.48 37.67 -20.37
N LYS D 259 13.69 36.57 -19.67
CA LYS D 259 13.41 35.24 -20.21
C LYS D 259 12.24 34.57 -19.49
N TYR D 260 11.46 33.82 -20.26
CA TYR D 260 10.42 32.97 -19.70
C TYR D 260 10.72 31.53 -20.08
N PRO D 261 10.53 30.57 -19.17
CA PRO D 261 10.90 29.19 -19.48
C PRO D 261 10.02 28.65 -20.59
N ASP D 262 10.65 28.06 -21.61
CA ASP D 262 9.91 27.41 -22.70
C ASP D 262 9.49 26.04 -22.20
N TYR D 263 8.45 26.05 -21.37
CA TYR D 263 7.94 24.81 -20.80
C TYR D 263 7.50 23.85 -21.89
N LEU D 264 6.87 24.37 -22.94
CA LEU D 264 6.41 23.51 -24.02
C LEU D 264 7.58 22.78 -24.68
N GLN D 265 8.67 23.50 -25.00
CA GLN D 265 9.80 22.86 -25.66
C GLN D 265 10.51 21.85 -24.75
N MET D 266 10.72 22.22 -23.48
CA MET D 266 11.40 21.32 -22.55
C MET D 266 10.62 20.03 -22.35
N ALA D 267 9.28 20.11 -22.35
CA ALA D 267 8.48 18.91 -22.17
C ALA D 267 8.50 18.04 -23.41
N SER D 268 8.62 18.63 -24.59
CA SER D 268 8.54 17.86 -25.81
C SER D 268 9.89 17.37 -26.32
N GLU D 269 10.99 17.69 -25.65
CA GLU D 269 12.27 17.12 -26.06
C GLU D 269 12.26 15.63 -25.75
N PRO D 270 12.82 14.80 -26.65
CA PRO D 270 12.66 13.35 -26.51
C PRO D 270 13.21 12.75 -25.22
N TYR D 271 14.41 13.12 -24.76
CA TYR D 271 14.95 12.48 -23.56
C TYR D 271 14.43 13.08 -22.26
N GLY D 272 14.05 14.35 -22.27
CA GLY D 272 13.50 14.97 -21.07
C GLY D 272 14.52 15.25 -19.98
N ASP D 273 15.73 15.67 -20.33
CA ASP D 273 16.77 15.90 -19.35
C ASP D 273 16.64 17.24 -18.64
N SER D 274 15.93 18.18 -19.24
CA SER D 274 15.79 19.53 -18.70
C SER D 274 14.68 19.66 -17.66
N LEU D 275 13.60 18.92 -17.81
CA LEU D 275 12.41 19.04 -16.97
C LEU D 275 12.07 17.70 -16.35
N PHE D 276 12.54 17.45 -15.12
CA PHE D 276 11.94 16.36 -14.34
C PHE D 276 10.55 16.77 -13.87
N PHE D 277 10.45 17.97 -13.31
CA PHE D 277 9.20 18.55 -12.86
C PHE D 277 9.40 20.04 -12.72
N PHE D 278 8.29 20.76 -12.55
CA PHE D 278 8.30 22.19 -12.29
C PHE D 278 7.09 22.59 -11.47
N LEU D 279 7.25 23.66 -10.71
CA LEU D 279 6.16 24.33 -10.02
C LEU D 279 6.23 25.81 -10.39
N ARG D 280 5.07 26.43 -10.58
CA ARG D 280 5.05 27.84 -10.95
C ARG D 280 3.81 28.49 -10.35
N ARG D 281 3.95 29.76 -9.98
CA ARG D 281 2.81 30.53 -9.49
C ARG D 281 3.04 32.00 -9.86
N GLU D 282 2.31 32.48 -10.87
CA GLU D 282 2.42 33.85 -11.35
C GLU D 282 1.13 34.63 -11.09
N GLN D 283 1.28 35.93 -10.87
CA GLN D 283 0.10 36.78 -10.76
C GLN D 283 0.47 38.24 -10.96
N MET D 284 -0.44 38.98 -11.57
CA MET D 284 -0.26 40.41 -11.70
C MET D 284 -1.60 41.05 -12.07
N PHE D 285 -1.72 42.34 -11.77
CA PHE D 285 -2.81 43.11 -12.31
C PHE D 285 -2.25 44.45 -12.78
N VAL D 286 -3.10 45.18 -13.47
CA VAL D 286 -2.73 46.45 -14.07
C VAL D 286 -2.99 47.54 -13.05
N ARG D 287 -1.94 48.23 -12.62
CA ARG D 287 -2.04 49.25 -11.58
C ARG D 287 -2.25 50.64 -12.15
N HIS D 288 -1.57 51.02 -13.24
CA HIS D 288 -1.76 52.35 -13.82
C HIS D 288 -1.73 52.27 -15.35
N PHE D 289 -2.31 53.29 -15.98
CA PHE D 289 -2.52 53.33 -17.42
C PHE D 289 -1.86 54.58 -17.97
N PHE D 290 -0.77 54.39 -18.72
CA PHE D 290 0.01 55.50 -19.24
C PHE D 290 0.07 55.42 -20.76
N ASN D 291 0.62 56.46 -21.38
CA ASN D 291 1.01 56.39 -22.78
C ASN D 291 2.42 56.94 -22.94
N ARG D 292 2.98 56.75 -24.12
CA ARG D 292 4.37 57.04 -24.38
C ARG D 292 4.58 58.38 -25.07
N ALA D 293 5.68 59.03 -24.74
CA ALA D 293 6.17 60.07 -25.63
C ALA D 293 7.02 59.44 -26.73
N GLY D 294 7.35 60.25 -27.73
CA GLY D 294 7.94 59.79 -28.96
C GLY D 294 6.89 59.71 -30.07
N THR D 295 7.37 59.66 -31.30
CA THR D 295 6.45 59.68 -32.43
C THR D 295 5.80 58.31 -32.56
N LEU D 296 4.48 58.29 -32.68
CA LEU D 296 3.74 57.04 -32.82
C LEU D 296 4.06 56.43 -34.17
N GLY D 297 4.69 55.25 -34.15
CA GLY D 297 5.17 54.64 -35.38
C GLY D 297 4.08 54.13 -36.29
N ASP D 298 3.01 53.57 -35.70
CA ASP D 298 1.88 53.03 -36.45
C ASP D 298 0.67 53.92 -36.19
N PRO D 299 0.42 54.96 -36.99
CA PRO D 299 -0.73 55.83 -36.72
C PRO D 299 -2.06 55.11 -36.89
N VAL D 300 -3.03 55.52 -36.09
CA VAL D 300 -4.33 54.85 -36.08
C VAL D 300 -5.00 55.04 -37.42
N PRO D 301 -5.43 53.98 -38.10
CA PRO D 301 -6.05 54.12 -39.42
C PRO D 301 -7.33 54.96 -39.34
N GLY D 302 -7.62 55.68 -40.43
CA GLY D 302 -8.73 56.61 -40.40
C GLY D 302 -10.11 55.96 -40.28
N ASP D 303 -10.22 54.69 -40.64
CA ASP D 303 -11.52 54.03 -40.57
C ASP D 303 -11.93 53.69 -39.14
N LEU D 304 -11.12 54.04 -38.14
CA LEU D 304 -11.45 53.74 -36.75
C LEU D 304 -11.97 54.94 -35.98
N TYR D 305 -12.04 56.13 -36.59
CA TYR D 305 -12.58 57.28 -35.88
C TYR D 305 -12.96 58.40 -36.84
N ILE D 306 -13.81 59.29 -36.32
CA ILE D 306 -14.15 60.55 -36.96
C ILE D 306 -13.16 61.60 -36.51
N GLN D 307 -12.44 62.20 -37.45
CA GLN D 307 -11.35 63.09 -37.10
C GLN D 307 -11.86 64.33 -36.38
N GLY D 308 -11.00 64.88 -35.51
CA GLY D 308 -11.33 66.09 -34.77
C GLY D 308 -11.19 67.40 -35.55
N SER D 309 -11.75 68.45 -34.96
CA SER D 309 -11.80 69.80 -35.51
C SER D 309 -10.93 70.75 -34.70
N ASN D 310 -10.51 71.84 -35.33
CA ASN D 310 -9.67 72.82 -34.66
C ASN D 310 -10.40 73.52 -33.52
N SER D 311 -11.72 73.65 -33.60
CA SER D 311 -12.47 74.30 -32.52
C SER D 311 -12.49 73.45 -31.26
N GLY D 312 -12.19 72.15 -31.38
CA GLY D 312 -12.12 71.21 -30.29
C GLY D 312 -10.72 70.92 -29.81
N ASN D 313 -9.71 71.55 -30.43
CA ASN D 313 -8.29 71.32 -30.16
C ASN D 313 -7.88 69.86 -30.43
N THR D 314 -8.70 69.12 -31.14
CA THR D 314 -8.56 67.67 -31.26
C THR D 314 -8.05 67.22 -32.62
N ALA D 315 -7.55 68.14 -33.45
CA ALA D 315 -7.27 67.79 -34.84
C ALA D 315 -5.90 67.15 -35.01
N THR D 316 -5.17 66.92 -33.92
CA THR D 316 -4.00 66.05 -33.91
C THR D 316 -4.23 65.05 -32.78
N VAL D 317 -4.29 63.77 -33.13
CA VAL D 317 -4.65 62.76 -32.14
C VAL D 317 -3.50 62.60 -31.15
N GLN D 318 -3.84 62.37 -29.88
CA GLN D 318 -2.80 62.04 -28.93
C GLN D 318 -2.29 60.62 -29.19
N SER D 319 -1.10 60.33 -28.68
CA SER D 319 -0.47 59.04 -28.94
C SER D 319 -1.25 57.94 -28.26
N SER D 320 -1.63 56.92 -29.03
CA SER D 320 -2.24 55.70 -28.52
C SER D 320 -1.23 54.57 -28.32
N ALA D 321 0.03 54.92 -28.04
CA ALA D 321 1.03 53.96 -27.60
C ALA D 321 0.84 53.80 -26.09
N PHE D 322 -0.19 53.03 -25.72
CA PHE D 322 -0.49 52.85 -24.31
C PHE D 322 0.43 51.80 -23.70
N PHE D 323 0.62 51.88 -22.37
CA PHE D 323 1.35 50.82 -21.69
C PHE D 323 0.92 50.78 -20.24
N PRO D 324 0.72 49.60 -19.66
CA PRO D 324 0.29 49.50 -18.26
C PRO D 324 1.46 49.37 -17.30
N THR D 325 1.21 49.82 -16.05
CA THR D 325 2.20 49.27 -15.13
C THR D 325 1.65 48.03 -14.43
N PRO D 326 2.48 47.05 -14.16
CA PRO D 326 2.01 45.86 -13.42
C PRO D 326 2.03 46.09 -11.91
N SER D 327 1.47 45.11 -11.21
CA SER D 327 1.54 45.00 -9.76
C SER D 327 1.34 43.54 -9.41
N GLY D 328 2.17 43.03 -8.52
CA GLY D 328 2.13 41.65 -8.10
C GLY D 328 1.16 41.36 -6.98
N SER D 329 0.50 42.39 -6.46
CA SER D 329 -0.48 42.26 -5.36
C SER D 329 0.22 41.68 -4.12
N MET D 330 -0.53 41.04 -3.24
CA MET D 330 0.00 40.58 -1.96
C MET D 330 0.90 39.36 -2.12
N VAL D 331 1.89 39.25 -1.22
CA VAL D 331 2.64 38.03 -0.99
C VAL D 331 2.14 37.42 0.31
N THR D 332 1.94 36.09 0.32
CA THR D 332 1.36 35.40 1.48
C THR D 332 2.13 34.12 1.81
N SER D 333 2.05 33.74 3.09
CA SER D 333 2.65 32.50 3.56
C SER D 333 2.03 31.29 2.87
N GLU D 334 0.71 31.26 2.78
CA GLU D 334 0.00 30.11 2.22
C GLU D 334 0.26 29.90 0.73
N SER D 335 0.83 30.87 0.03
CA SER D 335 1.10 30.73 -1.40
C SER D 335 2.49 30.19 -1.68
N GLN D 336 3.28 29.93 -0.65
CA GLN D 336 4.69 29.64 -0.82
C GLN D 336 4.93 28.28 -1.50
N LEU D 337 5.85 28.28 -2.47
CA LEU D 337 6.33 27.03 -3.06
C LEU D 337 7.50 26.42 -2.31
N PHE D 338 8.18 27.18 -1.46
CA PHE D 338 9.44 26.75 -0.92
C PHE D 338 9.31 26.49 0.58
N ASN D 339 10.42 26.06 1.17
CA ASN D 339 10.49 25.66 2.57
C ASN D 339 9.56 24.49 2.89
N LYS D 340 9.30 23.65 1.89
CA LYS D 340 8.53 22.44 2.08
C LYS D 340 9.06 21.41 1.12
N PRO D 341 9.11 20.13 1.50
CA PRO D 341 9.75 19.14 0.63
C PRO D 341 8.89 18.82 -0.59
N TYR D 342 9.58 18.48 -1.67
CA TYR D 342 8.95 17.97 -2.87
C TYR D 342 9.62 16.63 -3.23
N TRP D 343 8.81 15.58 -3.39
CA TRP D 343 9.29 14.24 -3.71
C TRP D 343 9.01 13.90 -5.17
N LEU D 344 10.05 13.56 -5.91
CA LEU D 344 9.88 13.11 -7.29
C LEU D 344 9.46 11.65 -7.30
N GLN D 345 8.19 11.37 -7.54
CA GLN D 345 7.86 9.97 -7.73
C GLN D 345 7.96 9.55 -9.19
N ARG D 346 7.44 10.39 -10.09
CA ARG D 346 7.40 10.06 -11.51
C ARG D 346 7.59 11.34 -12.29
N ALA D 347 8.73 11.44 -12.96
CA ALA D 347 9.04 12.59 -13.78
C ALA D 347 8.12 12.65 -15.00
N GLN D 348 8.10 13.80 -15.63
CA GLN D 348 7.20 13.95 -16.77
C GLN D 348 7.74 13.29 -18.02
N GLY D 349 9.06 13.22 -18.17
CA GLY D 349 9.68 12.67 -19.36
C GLY D 349 10.24 11.27 -19.12
N HIS D 350 11.08 10.83 -20.06
CA HIS D 350 11.65 9.50 -19.97
C HIS D 350 12.79 9.43 -18.96
N ASN D 351 13.49 10.54 -18.69
CA ASN D 351 14.50 10.57 -17.65
C ASN D 351 13.79 10.75 -16.31
N ASN D 352 13.67 9.67 -15.55
CA ASN D 352 12.95 9.73 -14.28
C ASN D 352 13.90 10.13 -13.14
N GLY D 353 14.46 11.33 -13.28
CA GLY D 353 15.24 11.92 -12.21
C GLY D 353 16.68 11.45 -12.14
N ILE D 354 17.19 10.82 -13.19
CA ILE D 354 18.56 10.32 -13.19
C ILE D 354 19.50 11.48 -13.42
N CYS D 355 20.49 11.64 -12.54
CA CYS D 355 21.43 12.75 -12.62
C CYS D 355 22.67 12.35 -13.43
N TRP D 356 22.47 12.26 -14.75
CA TRP D 356 23.57 11.95 -15.64
C TRP D 356 24.69 12.98 -15.46
N GLY D 357 25.93 12.50 -15.54
CA GLY D 357 27.10 13.34 -15.36
C GLY D 357 27.33 13.75 -13.93
N ASN D 358 26.60 13.16 -12.98
CA ASN D 358 26.75 13.43 -11.55
C ASN D 358 26.51 14.90 -11.24
N GLN D 359 25.50 15.48 -11.88
CA GLN D 359 25.18 16.88 -11.70
C GLN D 359 23.67 17.10 -11.76
N LEU D 360 23.23 18.16 -11.11
CA LEU D 360 21.81 18.48 -11.07
C LEU D 360 21.64 19.99 -11.14
N PHE D 361 20.61 20.43 -11.86
CA PHE D 361 20.31 21.85 -12.03
C PHE D 361 19.02 22.19 -11.30
N VAL D 362 19.09 23.23 -10.47
CA VAL D 362 17.92 23.74 -9.76
C VAL D 362 17.74 25.19 -10.17
N THR D 363 16.65 25.48 -10.85
CA THR D 363 16.33 26.83 -11.30
C THR D 363 15.23 27.37 -10.40
N VAL D 364 15.42 28.58 -9.87
CA VAL D 364 14.46 29.16 -8.94
C VAL D 364 14.20 30.63 -9.30
N VAL D 365 12.94 31.03 -9.28
CA VAL D 365 12.56 32.43 -9.21
C VAL D 365 11.64 32.58 -8.00
N ASP D 366 11.92 33.55 -7.13
CA ASP D 366 11.09 33.82 -5.95
C ASP D 366 11.10 35.33 -5.71
N THR D 367 10.06 36.01 -6.19
CA THR D 367 9.94 37.44 -5.96
C THR D 367 9.21 37.76 -4.66
N THR D 368 8.87 36.75 -3.85
CA THR D 368 8.10 37.00 -2.64
C THR D 368 8.96 37.43 -1.47
N ARG D 369 10.26 37.58 -1.68
CA ARG D 369 11.22 38.04 -0.67
C ARG D 369 12.12 39.10 -1.26
N SER D 370 11.56 39.96 -2.11
CA SER D 370 12.31 40.91 -2.91
C SER D 370 12.53 42.25 -2.22
N THR D 371 12.34 42.32 -0.90
CA THR D 371 12.55 43.56 -0.15
C THR D 371 13.93 44.15 -0.40
N ASN D 372 13.96 45.43 -0.78
CA ASN D 372 15.21 46.16 -0.98
C ASN D 372 15.44 47.06 0.21
N MET D 373 16.56 46.85 0.89
CA MET D 373 16.85 47.59 2.11
C MET D 373 17.32 49.01 1.78
N THR D 374 16.84 49.97 2.56
CA THR D 374 17.36 51.33 2.47
C THR D 374 18.51 51.48 3.46
N LEU D 375 19.68 51.82 2.96
CA LEU D 375 20.84 52.09 3.80
C LEU D 375 21.16 53.57 3.74
N CYS D 376 21.53 54.14 4.89
CA CYS D 376 21.73 55.58 5.01
C CYS D 376 22.98 55.86 5.85
N ALA D 377 23.97 56.49 5.25
CA ALA D 377 25.24 56.82 5.90
C ALA D 377 25.40 58.33 6.07
N GLU D 378 26.06 58.71 7.16
CA GLU D 378 26.24 60.11 7.54
C GLU D 378 27.57 60.62 7.00
N VAL D 379 27.52 61.70 6.24
CA VAL D 379 28.75 62.31 5.71
C VAL D 379 29.37 63.26 6.73
N LYS D 380 28.54 64.12 7.32
CA LYS D 380 28.96 65.02 8.39
C LYS D 380 27.93 64.98 9.51
N LYS D 381 28.41 64.81 10.73
CA LYS D 381 27.55 64.84 11.91
C LYS D 381 27.32 66.29 12.31
N GLU D 382 26.05 66.71 12.32
CA GLU D 382 25.68 68.05 12.76
C GLU D 382 24.46 67.95 13.66
N SER D 383 24.26 69.00 14.45
CA SER D 383 23.16 69.03 15.42
C SER D 383 21.79 69.23 14.77
N THR D 384 21.74 69.60 13.49
CA THR D 384 20.48 69.78 12.78
C THR D 384 20.53 68.98 11.48
N TYR D 385 19.33 68.72 10.94
CA TYR D 385 19.23 67.89 9.74
C TYR D 385 19.47 68.72 8.49
N LYS D 386 20.29 68.18 7.58
CA LYS D 386 20.49 68.74 6.24
C LYS D 386 20.59 67.56 5.27
N ASN D 387 19.86 67.63 4.15
CA ASN D 387 19.91 66.52 3.18
C ASN D 387 21.34 66.23 2.72
N GLU D 388 22.17 67.27 2.55
CA GLU D 388 23.52 67.06 2.02
C GLU D 388 24.42 66.25 2.96
N ASN D 389 24.01 66.00 4.20
CA ASN D 389 24.84 65.25 5.14
C ASN D 389 24.69 63.74 5.03
N PHE D 390 23.85 63.25 4.11
CA PHE D 390 23.58 61.81 4.04
C PHE D 390 23.60 61.33 2.59
N LYS D 391 24.05 60.08 2.43
CA LYS D 391 24.00 59.39 1.15
C LYS D 391 23.06 58.18 1.28
N GLU D 392 22.25 57.95 0.24
CA GLU D 392 21.23 56.90 0.28
C GLU D 392 21.61 55.76 -0.65
N TYR D 393 21.60 54.54 -0.15
CA TYR D 393 21.96 53.36 -0.92
C TYR D 393 20.87 52.30 -0.85
N LEU D 394 20.91 51.35 -1.79
CA LEU D 394 19.99 50.24 -1.83
C LEU D 394 20.75 48.92 -1.87
N ARG D 395 20.34 47.94 -1.06
CA ARG D 395 20.95 46.63 -1.08
C ARG D 395 19.88 45.55 -0.90
N HIS D 396 20.09 44.41 -1.55
CA HIS D 396 19.18 43.28 -1.48
C HIS D 396 19.94 42.00 -1.17
N GLY D 397 19.34 41.15 -0.36
CA GLY D 397 19.96 39.88 0.01
C GLY D 397 19.04 38.71 -0.20
N GLU D 398 19.59 37.64 -0.75
CA GLU D 398 18.86 36.39 -0.98
C GLU D 398 19.54 35.28 -0.20
N GLU D 399 18.75 34.47 0.51
CA GLU D 399 19.26 33.40 1.36
C GLU D 399 18.63 32.08 0.92
N PHE D 400 19.47 31.09 0.65
CA PHE D 400 19.00 29.79 0.20
C PHE D 400 19.61 28.69 1.06
N ASP D 401 18.97 27.54 1.04
CA ASP D 401 19.54 26.34 1.64
C ASP D 401 18.96 25.15 0.89
N LEU D 402 19.79 24.50 0.07
CA LEU D 402 19.33 23.40 -0.76
C LEU D 402 19.58 22.07 -0.06
N GLN D 403 18.52 21.29 0.12
CA GLN D 403 18.60 19.95 0.68
C GLN D 403 18.06 18.96 -0.33
N PHE D 404 18.74 17.83 -0.45
CA PHE D 404 18.40 16.81 -1.41
C PHE D 404 18.45 15.44 -0.74
N ILE D 405 17.72 14.51 -1.34
CA ILE D 405 17.87 13.10 -1.02
C ILE D 405 18.02 12.36 -2.32
N PHE D 406 19.09 11.58 -2.44
CA PHE D 406 19.44 10.86 -3.65
C PHE D 406 19.38 9.35 -3.44
N GLN D 407 18.98 8.63 -4.47
CA GLN D 407 18.91 7.18 -4.46
C GLN D 407 19.98 6.63 -5.39
N LEU D 408 20.75 5.67 -4.90
CA LEU D 408 21.79 5.05 -5.70
C LEU D 408 21.17 4.08 -6.70
N CYS D 409 21.64 4.14 -7.94
CA CYS D 409 21.11 3.32 -9.02
C CYS D 409 22.25 2.63 -9.75
N LYS D 410 21.95 1.48 -10.34
CA LYS D 410 22.91 0.70 -11.10
C LYS D 410 22.36 0.45 -12.50
N ILE D 411 23.28 0.36 -13.45
CA ILE D 411 22.96 0.15 -14.86
C ILE D 411 23.81 -1.01 -15.37
N THR D 412 23.16 -2.07 -15.84
CA THR D 412 23.88 -3.18 -16.47
C THR D 412 24.20 -2.81 -17.92
N LEU D 413 25.49 -2.79 -18.25
CA LEU D 413 25.95 -2.25 -19.54
C LEU D 413 26.05 -3.35 -20.59
N THR D 414 24.88 -3.82 -21.03
CA THR D 414 24.84 -4.78 -22.12
C THR D 414 25.16 -4.08 -23.44
N ALA D 415 25.16 -4.86 -24.53
CA ALA D 415 25.43 -4.27 -25.84
C ALA D 415 24.31 -3.31 -26.24
N ASP D 416 23.05 -3.70 -26.02
CA ASP D 416 21.93 -2.82 -26.37
C ASP D 416 21.95 -1.54 -25.54
N VAL D 417 22.19 -1.68 -24.24
CA VAL D 417 22.19 -0.52 -23.36
C VAL D 417 23.35 0.40 -23.70
N MET D 418 24.53 -0.15 -23.96
CA MET D 418 25.66 0.68 -24.36
C MET D 418 25.36 1.39 -25.67
N THR D 419 24.66 0.72 -26.57
CA THR D 419 24.26 1.35 -27.83
C THR D 419 23.30 2.52 -27.59
N TYR D 420 22.30 2.29 -26.73
CA TYR D 420 21.32 3.34 -26.44
C TYR D 420 21.98 4.52 -25.72
N ILE D 421 22.80 4.24 -24.72
CA ILE D 421 23.42 5.34 -23.98
C ILE D 421 24.39 6.11 -24.88
N HIS D 422 25.06 5.44 -25.82
CA HIS D 422 25.96 6.17 -26.72
C HIS D 422 25.18 7.12 -27.62
N LYS D 423 24.01 6.67 -28.11
CA LYS D 423 23.16 7.52 -28.93
C LYS D 423 22.63 8.71 -28.16
N MET D 424 22.32 8.54 -26.87
CA MET D 424 21.76 9.63 -26.07
C MET D 424 22.81 10.69 -25.75
N ASP D 425 23.94 10.29 -25.18
CA ASP D 425 24.98 11.23 -24.80
C ASP D 425 26.26 10.39 -24.61
N ALA D 426 27.13 10.42 -25.62
CA ALA D 426 28.30 9.54 -25.64
C ALA D 426 29.26 9.83 -24.50
N THR D 427 29.29 11.07 -23.99
CA THR D 427 30.22 11.40 -22.91
C THR D 427 29.88 10.67 -21.62
N ILE D 428 28.68 10.11 -21.50
CA ILE D 428 28.34 9.35 -20.30
C ILE D 428 29.20 8.10 -20.20
N LEU D 429 29.31 7.33 -21.30
CA LEU D 429 30.16 6.14 -21.30
C LEU D 429 31.62 6.52 -21.20
N GLU D 430 32.03 7.60 -21.86
CA GLU D 430 33.43 7.98 -21.85
C GLU D 430 33.90 8.32 -20.43
N ASP D 431 33.07 9.02 -19.66
CA ASP D 431 33.44 9.34 -18.28
C ASP D 431 33.43 8.11 -17.39
N TRP D 432 32.67 7.08 -17.72
CA TRP D 432 32.63 5.86 -16.91
C TRP D 432 33.85 4.98 -17.11
N GLN D 433 34.65 5.20 -18.17
CA GLN D 433 35.81 4.37 -18.47
C GLN D 433 35.41 2.90 -18.64
N PHE D 434 34.58 2.65 -19.65
CA PHE D 434 34.02 1.31 -19.90
C PHE D 434 34.10 0.90 -21.37
N ASP D 469 33.21 20.17 -22.05
CA ASP D 469 32.04 20.67 -21.33
C ASP D 469 31.52 21.95 -21.94
N PRO D 470 30.55 21.83 -22.85
CA PRO D 470 30.00 23.02 -23.52
C PRO D 470 29.31 24.01 -22.59
N LEU D 471 29.03 23.63 -21.34
CA LEU D 471 28.36 24.52 -20.40
C LEU D 471 29.33 25.47 -19.69
N LYS D 472 30.62 25.46 -20.05
CA LYS D 472 31.58 26.30 -19.37
C LYS D 472 31.55 27.75 -19.83
N ASP D 473 30.79 28.08 -20.88
CA ASP D 473 30.53 29.47 -21.27
C ASP D 473 29.36 30.08 -20.50
N TYR D 474 28.60 29.29 -19.79
CA TYR D 474 27.41 29.78 -19.09
C TYR D 474 27.74 30.06 -17.62
N MET D 475 26.95 30.92 -17.02
CA MET D 475 27.16 31.36 -15.65
C MET D 475 26.14 30.69 -14.74
N PHE D 476 26.62 29.87 -13.80
CA PHE D 476 25.77 29.19 -12.84
C PHE D 476 26.31 29.38 -11.43
N TRP D 477 25.41 29.34 -10.46
CA TRP D 477 25.80 29.33 -9.06
C TRP D 477 26.21 27.90 -8.74
N GLU D 478 27.53 27.66 -8.70
CA GLU D 478 28.04 26.32 -8.52
C GLU D 478 27.88 25.92 -7.06
N VAL D 479 27.25 24.76 -6.83
CA VAL D 479 27.05 24.23 -5.49
C VAL D 479 27.71 22.86 -5.44
N ASP D 480 28.80 22.75 -4.68
CA ASP D 480 29.60 21.53 -4.64
C ASP D 480 29.12 20.63 -3.50
N LEU D 481 28.61 19.46 -3.86
CA LEU D 481 28.17 18.48 -2.86
C LEU D 481 29.03 17.22 -2.84
N LYS D 482 30.20 17.23 -3.49
CA LYS D 482 31.08 16.06 -3.48
C LYS D 482 31.38 15.58 -2.07
N GLU D 483 31.73 16.49 -1.18
CA GLU D 483 32.09 16.15 0.17
C GLU D 483 30.93 16.34 1.15
N LYS D 484 29.70 16.37 0.65
CA LYS D 484 28.54 16.67 1.48
C LYS D 484 27.54 15.53 1.56
N PHE D 485 27.82 14.38 0.98
CA PHE D 485 26.87 13.28 1.04
C PHE D 485 26.99 12.55 2.38
N SER D 486 25.85 12.16 2.92
CA SER D 486 25.79 11.44 4.19
C SER D 486 24.74 10.36 4.09
N ALA D 487 25.05 9.20 4.66
CA ALA D 487 24.08 8.11 4.70
C ALA D 487 23.25 8.12 5.97
N ASP D 488 23.63 8.92 6.97
CA ASP D 488 22.92 8.93 8.25
C ASP D 488 21.79 9.94 8.09
N LEU D 489 20.67 9.45 7.58
CA LEU D 489 19.59 10.32 7.10
C LEU D 489 18.97 11.16 8.21
N ASP D 490 18.76 10.59 9.39
CA ASP D 490 18.01 11.28 10.43
C ASP D 490 18.80 12.37 11.15
N GLN D 491 20.06 12.62 10.76
CA GLN D 491 20.78 13.74 11.35
C GLN D 491 20.42 15.09 10.77
N PHE D 492 19.59 15.14 9.73
CA PHE D 492 19.36 16.35 8.94
C PHE D 492 17.88 16.59 8.72
N PRO D 493 17.48 17.86 8.50
CA PRO D 493 16.04 18.17 8.39
C PRO D 493 15.29 17.40 7.32
N LEU D 494 15.76 17.45 6.06
CA LEU D 494 15.04 16.72 5.01
C LEU D 494 15.19 15.20 5.13
N GLY D 495 15.95 14.70 6.08
CA GLY D 495 16.18 13.27 6.13
C GLY D 495 15.23 12.70 7.15
N ARG D 496 14.98 13.48 8.20
CA ARG D 496 13.90 13.14 9.12
C ARG D 496 12.54 13.16 8.41
N LYS D 497 12.33 14.16 7.54
CA LYS D 497 11.06 14.21 6.81
C LYS D 497 10.93 13.08 5.81
N PHE D 498 12.05 12.64 5.22
CA PHE D 498 12.03 11.50 4.31
C PHE D 498 11.67 10.22 5.04
N LEU D 499 12.23 10.02 6.22
CA LEU D 499 11.96 8.79 6.97
C LEU D 499 10.50 8.66 7.41
N LEU D 500 9.70 9.75 7.35
CA LEU D 500 8.28 9.65 7.69
C LEU D 500 7.41 9.39 6.47
N GLN D 501 7.56 10.17 5.41
CA GLN D 501 6.83 9.91 4.17
C GLN D 501 7.39 8.67 3.48
N PRO E 41 -31.65 -0.86 -35.79
CA PRO E 41 -31.23 -0.65 -34.41
C PRO E 41 -30.92 0.80 -34.05
N VAL E 42 -30.76 1.68 -35.03
CA VAL E 42 -30.87 3.12 -34.80
C VAL E 42 -32.06 3.64 -35.60
N PRO E 43 -33.03 4.29 -34.97
CA PRO E 43 -34.23 4.72 -35.70
C PRO E 43 -34.01 6.01 -36.46
N VAL E 44 -34.62 6.10 -37.64
CA VAL E 44 -34.43 7.30 -38.46
C VAL E 44 -35.26 8.46 -37.92
N SER E 45 -36.35 8.17 -37.21
CA SER E 45 -37.25 9.21 -36.71
C SER E 45 -36.70 9.94 -35.48
N LYS E 46 -35.57 9.52 -34.94
CA LYS E 46 -35.08 10.02 -33.66
C LYS E 46 -33.57 10.17 -33.73
N VAL E 47 -33.02 11.12 -32.98
CA VAL E 47 -31.57 11.25 -32.88
C VAL E 47 -31.08 10.48 -31.67
N VAL E 48 -30.02 9.69 -31.85
CA VAL E 48 -29.48 8.84 -30.79
C VAL E 48 -28.01 9.16 -30.61
N SER E 49 -27.50 8.77 -29.45
CA SER E 49 -26.07 8.91 -29.18
C SER E 49 -25.28 8.08 -30.19
N THR E 50 -24.08 8.58 -30.53
CA THR E 50 -23.23 7.82 -31.44
C THR E 50 -22.84 6.47 -30.88
N ASP E 51 -22.98 6.27 -29.57
CA ASP E 51 -22.65 4.99 -28.95
C ASP E 51 -23.50 3.86 -29.50
N GLU E 52 -24.62 4.16 -30.15
CA GLU E 52 -25.51 3.13 -30.65
C GLU E 52 -25.10 2.60 -32.02
N TYR E 53 -24.25 3.31 -32.75
CA TYR E 53 -23.88 2.89 -34.09
C TYR E 53 -22.40 3.09 -34.43
N VAL E 54 -21.57 3.47 -33.46
CA VAL E 54 -20.14 3.67 -33.67
C VAL E 54 -19.40 2.77 -32.70
N SER E 55 -18.60 1.85 -33.26
CA SER E 55 -17.88 0.89 -32.46
C SER E 55 -16.47 1.41 -32.20
N ARG E 56 -16.04 1.36 -30.95
CA ARG E 56 -14.72 1.82 -30.57
C ARG E 56 -13.73 0.66 -30.64
N THR E 57 -12.56 0.92 -31.18
CA THR E 57 -11.48 -0.02 -31.12
C THR E 57 -10.56 0.36 -29.97
N SER E 58 -9.54 -0.46 -29.76
CA SER E 58 -8.48 -0.17 -28.80
C SER E 58 -7.28 0.50 -29.47
N ILE E 59 -7.45 1.01 -30.69
CA ILE E 59 -6.41 1.70 -31.44
C ILE E 59 -6.45 3.18 -31.04
N TYR E 60 -5.33 3.69 -30.50
CA TYR E 60 -5.21 5.11 -30.16
C TYR E 60 -4.02 5.73 -30.90
N TYR E 61 -4.16 7.00 -31.29
CA TYR E 61 -3.11 7.72 -31.99
C TYR E 61 -2.88 9.08 -31.37
N TYR E 62 -1.63 9.54 -31.46
CA TYR E 62 -1.24 10.87 -31.02
C TYR E 62 -1.04 11.76 -32.24
N ALA E 63 -1.36 13.02 -32.07
CA ALA E 63 -1.10 14.02 -33.11
C ALA E 63 -0.89 15.35 -32.42
N GLY E 64 0.18 16.03 -32.78
CA GLY E 64 0.50 17.32 -32.20
C GLY E 64 0.87 18.35 -33.25
N SER E 65 0.50 19.59 -32.98
CA SER E 65 0.78 20.65 -33.94
C SER E 65 2.20 21.19 -33.87
N SER E 66 2.95 20.89 -32.80
CA SER E 66 4.17 21.61 -32.46
C SER E 66 3.87 23.09 -32.26
N ARG E 67 4.90 23.92 -32.17
CA ARG E 67 4.71 25.32 -31.79
C ARG E 67 3.92 26.06 -32.87
N LEU E 68 2.92 26.81 -32.43
CA LEU E 68 2.13 27.69 -33.28
C LEU E 68 2.39 29.12 -32.83
N LEU E 69 2.71 30.01 -33.78
CA LEU E 69 3.09 31.37 -33.42
C LEU E 69 2.38 32.37 -34.34
N THR E 70 1.91 33.47 -33.75
CA THR E 70 1.44 34.58 -34.58
C THR E 70 1.79 35.89 -33.87
N VAL E 71 2.30 36.85 -34.63
CA VAL E 71 2.71 38.15 -34.09
C VAL E 71 2.05 39.25 -34.90
N GLY E 72 1.57 40.27 -34.21
CA GLY E 72 0.88 41.32 -34.93
C GLY E 72 0.65 42.52 -34.04
N HIS E 73 -0.22 43.40 -34.51
CA HIS E 73 -0.58 44.62 -33.79
C HIS E 73 -1.82 44.37 -32.96
N PRO E 74 -1.87 44.80 -31.70
CA PRO E 74 -3.00 44.41 -30.84
C PRO E 74 -4.29 45.14 -31.15
N TYR E 75 -4.24 46.25 -31.91
CA TYR E 75 -5.41 47.08 -32.10
C TYR E 75 -5.97 47.06 -33.52
N PHE E 76 -5.14 46.91 -34.54
CA PHE E 76 -5.61 46.98 -35.91
C PHE E 76 -4.55 46.37 -36.82
N SER E 77 -4.97 45.93 -37.99
CA SER E 77 -3.99 45.52 -38.99
C SER E 77 -3.39 46.73 -39.70
N ILE E 78 -2.15 46.56 -40.13
CA ILE E 78 -1.42 47.57 -40.88
C ILE E 78 -1.33 47.05 -42.30
N LYS E 79 -1.95 47.78 -43.22
CA LYS E 79 -2.06 47.30 -44.59
C LYS E 79 -0.93 47.92 -45.42
N ASN E 80 -1.11 47.92 -46.74
CA ASN E 80 -0.08 48.37 -47.67
C ASN E 80 -0.46 49.72 -48.26
N THR E 81 -1.67 50.18 -47.97
CA THR E 81 -2.18 51.54 -48.17
C THR E 81 -2.55 51.83 -49.62
N GLY E 86 -3.94 48.59 -52.96
CA GLY E 86 -5.29 48.66 -52.40
C GLY E 86 -5.43 48.12 -50.99
N LYS E 87 -5.35 46.78 -50.83
CA LYS E 87 -5.79 46.18 -49.57
C LYS E 87 -4.91 45.03 -49.11
N LYS E 88 -3.59 45.10 -49.25
CA LYS E 88 -2.78 43.97 -48.80
C LYS E 88 -2.28 44.20 -47.37
N VAL E 89 -2.22 43.12 -46.60
CA VAL E 89 -1.90 43.18 -45.18
C VAL E 89 -0.42 42.89 -44.96
N LEU E 90 0.27 43.86 -44.37
CA LEU E 90 1.67 43.68 -43.95
C LEU E 90 1.80 43.11 -42.54
N VAL E 91 1.03 43.64 -41.60
CA VAL E 91 1.04 43.16 -40.21
C VAL E 91 -0.39 42.91 -39.81
N PRO E 92 -0.75 41.69 -39.40
CA PRO E 92 -2.13 41.41 -39.01
C PRO E 92 -2.45 41.93 -37.61
N LYS E 93 -3.76 41.96 -37.31
CA LYS E 93 -4.24 42.29 -35.98
C LYS E 93 -4.18 41.03 -35.12
N VAL E 94 -3.33 41.03 -34.08
CA VAL E 94 -3.16 39.89 -33.18
C VAL E 94 -3.33 40.37 -31.75
N SER E 95 -4.38 39.88 -31.07
CA SER E 95 -4.75 40.38 -29.75
C SER E 95 -5.18 39.24 -28.84
N GLY E 96 -4.86 39.35 -27.56
CA GLY E 96 -5.35 38.42 -26.57
C GLY E 96 -6.86 38.49 -26.37
N LEU E 97 -7.53 39.45 -26.99
CA LEU E 97 -8.97 39.60 -26.89
C LEU E 97 -9.67 39.02 -28.11
N GLN E 98 -8.96 38.23 -28.91
CA GLN E 98 -9.51 37.59 -30.09
C GLN E 98 -9.84 36.12 -29.81
N TYR E 99 -10.89 35.64 -30.46
CA TYR E 99 -11.11 34.22 -30.58
C TYR E 99 -10.02 33.60 -31.45
N ARG E 100 -9.47 32.49 -31.00
CA ARG E 100 -8.65 31.61 -31.82
C ARG E 100 -9.51 30.39 -32.12
N VAL E 101 -9.85 30.21 -33.39
CA VAL E 101 -10.69 29.11 -33.83
C VAL E 101 -9.86 28.27 -34.78
N PHE E 102 -9.40 27.12 -34.26
CA PHE E 102 -8.54 26.18 -34.97
C PHE E 102 -9.39 25.13 -35.68
N ARG E 103 -9.19 24.99 -36.99
CA ARG E 103 -9.77 23.91 -37.76
C ARG E 103 -8.70 22.85 -37.97
N ILE E 104 -8.80 21.76 -37.21
CA ILE E 104 -7.80 20.70 -37.24
C ILE E 104 -8.23 19.68 -38.27
N LYS E 105 -7.37 19.44 -39.26
CA LYS E 105 -7.67 18.48 -40.31
C LYS E 105 -6.90 17.18 -40.04
N LEU E 106 -7.62 16.07 -39.98
CA LEU E 106 -7.16 14.72 -39.68
C LEU E 106 -7.01 13.90 -40.97
N PRO E 107 -6.13 12.88 -40.94
CA PRO E 107 -6.07 11.96 -42.08
C PRO E 107 -7.33 11.11 -42.17
N ASP E 108 -7.81 10.92 -43.40
CA ASP E 108 -8.93 10.03 -43.60
C ASP E 108 -8.48 8.64 -43.17
N PRO E 109 -9.06 8.08 -42.12
CA PRO E 109 -8.59 6.76 -41.66
C PRO E 109 -8.91 5.65 -42.66
N ASN E 110 -9.90 5.85 -43.53
CA ASN E 110 -10.21 4.89 -44.58
C ASN E 110 -9.16 4.89 -45.69
N LYS E 111 -8.29 5.90 -45.75
CA LYS E 111 -7.17 5.94 -46.68
C LYS E 111 -5.82 5.92 -45.99
N PHE E 112 -5.79 5.68 -44.68
CA PHE E 112 -4.56 5.76 -43.88
C PHE E 112 -3.78 4.45 -43.94
N GLY E 113 -2.46 4.57 -43.97
CA GLY E 113 -1.61 3.39 -44.06
C GLY E 113 -1.43 2.61 -42.77
N PHE E 114 -2.47 1.90 -42.34
CA PHE E 114 -2.36 1.06 -41.15
C PHE E 114 -1.46 -0.14 -41.44
N PRO E 115 -0.60 -0.53 -40.48
CA PRO E 115 0.23 -1.71 -40.70
C PRO E 115 -0.56 -3.01 -40.70
N ASP E 116 -1.71 -3.08 -40.04
CA ASP E 116 -2.53 -4.28 -39.97
C ASP E 116 -3.98 -3.84 -40.10
N THR E 117 -4.65 -4.25 -41.17
CA THR E 117 -6.02 -3.83 -41.46
C THR E 117 -7.05 -4.92 -41.13
N SER E 118 -6.75 -5.79 -40.18
CA SER E 118 -7.63 -6.90 -39.85
C SER E 118 -8.54 -6.61 -38.67
N PHE E 119 -8.51 -5.39 -38.15
CA PHE E 119 -9.40 -5.05 -37.04
C PHE E 119 -10.77 -4.63 -37.52
N TYR E 120 -10.92 -4.38 -38.83
CA TYR E 120 -12.21 -4.04 -39.40
C TYR E 120 -12.31 -4.66 -40.78
N ASN E 121 -13.52 -4.66 -41.32
CA ASN E 121 -13.82 -5.25 -42.61
C ASN E 121 -14.17 -4.13 -43.58
N PRO E 122 -13.26 -3.74 -44.47
CA PRO E 122 -13.56 -2.66 -45.41
C PRO E 122 -14.73 -2.96 -46.34
N GLU E 123 -15.22 -4.20 -46.36
CA GLU E 123 -16.38 -4.53 -47.19
C GLU E 123 -17.67 -4.00 -46.57
N THR E 124 -17.78 -4.01 -45.24
CA THR E 124 -19.03 -3.66 -44.58
C THR E 124 -18.89 -2.52 -43.58
N GLN E 125 -17.70 -1.97 -43.39
CA GLN E 125 -17.47 -0.99 -42.34
C GLN E 125 -16.65 0.17 -42.89
N ARG E 126 -16.81 1.33 -42.23
CA ARG E 126 -15.98 2.48 -42.50
C ARG E 126 -15.40 2.98 -41.19
N LEU E 127 -14.32 3.73 -41.27
CA LEU E 127 -13.59 4.21 -40.11
C LEU E 127 -13.80 5.70 -39.91
N VAL E 128 -13.65 6.13 -38.66
CA VAL E 128 -13.75 7.53 -38.27
C VAL E 128 -12.92 7.72 -37.01
N TRP E 129 -12.36 8.91 -36.84
CA TRP E 129 -11.63 9.22 -35.62
C TRP E 129 -12.57 9.77 -34.57
N ALA E 130 -12.32 9.40 -33.32
CA ALA E 130 -12.97 10.02 -32.17
C ALA E 130 -11.90 10.63 -31.31
N CYS E 131 -12.18 11.81 -30.76
CA CYS E 131 -11.23 12.50 -29.90
C CYS E 131 -11.39 12.05 -28.46
N THR E 132 -10.32 11.57 -27.84
CA THR E 132 -10.43 11.20 -26.44
C THR E 132 -9.68 12.11 -25.50
N GLY E 133 -8.70 12.86 -25.99
CA GLY E 133 -7.92 13.74 -25.15
C GLY E 133 -7.37 14.94 -25.89
N LEU E 134 -7.06 15.98 -25.12
CA LEU E 134 -6.71 17.28 -25.68
C LEU E 134 -5.91 18.02 -24.62
N GLU E 135 -4.77 18.59 -25.01
CA GLU E 135 -4.09 19.57 -24.18
C GLU E 135 -3.77 20.79 -25.04
N ILE E 136 -4.26 21.95 -24.61
CA ILE E 136 -4.06 23.22 -25.31
C ILE E 136 -2.85 23.89 -24.67
N GLY E 137 -1.70 23.77 -25.34
CA GLY E 137 -0.49 24.37 -24.80
C GLY E 137 -0.45 25.86 -25.06
N ARG E 138 0.04 26.59 -24.07
CA ARG E 138 0.14 28.04 -24.15
C ARG E 138 1.53 28.44 -23.69
N GLY E 139 2.28 29.07 -24.59
CA GLY E 139 3.52 29.71 -24.25
C GLY E 139 3.31 31.14 -23.81
N GLN E 140 4.43 31.86 -23.62
CA GLN E 140 4.46 33.28 -23.24
C GLN E 140 4.03 33.46 -21.79
N PRO E 141 4.51 34.49 -21.11
CA PRO E 141 4.17 34.69 -19.70
C PRO E 141 2.75 35.20 -19.52
N LEU E 142 2.24 34.98 -18.31
CA LEU E 142 0.96 35.58 -17.93
C LEU E 142 1.11 37.08 -17.86
N GLY E 143 0.09 37.80 -18.31
CA GLY E 143 0.15 39.25 -18.31
C GLY E 143 -1.18 39.80 -18.80
N VAL E 144 -1.33 41.11 -18.64
CA VAL E 144 -2.54 41.82 -19.02
C VAL E 144 -2.17 42.99 -19.90
N GLY E 145 -2.84 43.10 -21.05
CA GLY E 145 -2.69 44.23 -21.94
C GLY E 145 -3.79 45.25 -21.72
N ILE E 146 -3.62 46.41 -22.34
CA ILE E 146 -4.61 47.46 -22.23
C ILE E 146 -4.96 47.99 -23.61
N SER E 147 -6.21 48.40 -23.76
CA SER E 147 -6.73 49.01 -24.98
C SER E 147 -7.26 50.41 -24.65
N GLY E 148 -7.33 51.24 -25.68
CA GLY E 148 -7.79 52.59 -25.48
C GLY E 148 -8.30 53.22 -26.76
N HIS E 149 -8.51 54.52 -26.69
CA HIS E 149 -8.96 55.31 -27.82
C HIS E 149 -8.38 56.70 -27.64
N PRO E 150 -7.66 57.23 -28.62
CA PRO E 150 -7.17 58.60 -28.48
C PRO E 150 -8.29 59.62 -28.42
N LEU E 151 -9.47 59.30 -28.95
CA LEU E 151 -10.62 60.19 -28.95
C LEU E 151 -11.84 59.47 -28.38
N LEU E 152 -11.70 58.98 -27.15
CA LEU E 152 -12.80 58.29 -26.51
C LEU E 152 -13.84 59.28 -26.02
N ASN E 153 -15.11 58.97 -26.27
CA ASN E 153 -16.22 59.82 -25.87
C ASN E 153 -16.48 59.62 -24.37
N LYS E 154 -15.60 60.20 -23.57
CA LYS E 154 -15.82 60.41 -22.15
C LYS E 154 -15.98 61.92 -21.93
N PHE E 155 -16.98 62.30 -21.14
CA PHE E 155 -17.18 63.71 -20.83
C PHE E 155 -16.67 63.99 -19.42
N ASP E 156 -17.48 63.67 -18.42
CA ASP E 156 -17.13 63.87 -17.02
C ASP E 156 -16.93 62.54 -16.30
N ASP E 157 -16.18 62.60 -15.20
CA ASP E 157 -16.08 61.51 -14.25
C ASP E 157 -17.24 61.65 -13.26
N THR E 158 -18.16 60.67 -13.29
CA THR E 158 -19.40 60.76 -12.53
C THR E 158 -19.37 59.95 -11.23
N GLU E 159 -18.17 59.66 -10.71
CA GLU E 159 -18.06 58.82 -9.52
C GLU E 159 -18.17 59.60 -8.21
N THR E 160 -17.46 60.72 -8.07
CA THR E 160 -17.43 61.39 -6.78
C THR E 160 -17.85 62.84 -6.84
N SER E 161 -17.38 63.59 -7.84
CA SER E 161 -17.64 65.03 -7.90
C SER E 161 -17.93 65.39 -9.34
N ASN E 162 -19.17 65.83 -9.61
CA ASN E 162 -19.60 66.26 -10.94
C ASN E 162 -20.61 67.39 -10.76
N LYS E 163 -20.10 68.54 -10.30
CA LYS E 163 -20.93 69.69 -9.96
C LYS E 163 -21.44 70.40 -11.21
N TYR E 164 -22.55 71.12 -11.01
CA TYR E 164 -23.11 71.99 -12.05
C TYR E 164 -22.35 73.32 -12.00
N ALA E 165 -21.76 73.71 -13.12
CA ALA E 165 -22.20 73.22 -14.40
C ALA E 165 -21.00 72.91 -15.25
N GLY E 166 -21.24 72.83 -16.56
CA GLY E 166 -20.23 72.40 -17.49
C GLY E 166 -20.79 72.36 -18.89
N LYS E 167 -20.20 73.17 -19.76
CA LYS E 167 -20.74 73.31 -21.10
C LYS E 167 -20.16 72.22 -21.99
N PRO E 168 -21.00 71.42 -22.64
CA PRO E 168 -20.48 70.33 -23.48
C PRO E 168 -19.49 70.79 -24.52
N GLY E 169 -19.87 71.73 -25.36
CA GLY E 169 -19.01 72.11 -26.46
C GLY E 169 -19.05 71.14 -27.63
N ILE E 170 -18.14 71.34 -28.57
CA ILE E 170 -18.18 70.62 -29.84
C ILE E 170 -17.42 69.29 -29.80
N ASP E 171 -16.35 69.18 -29.02
CA ASP E 171 -15.53 67.98 -29.03
C ASP E 171 -14.74 67.92 -27.73
N ASN E 172 -15.14 67.02 -26.82
CA ASN E 172 -14.49 66.86 -25.53
C ASN E 172 -13.84 65.48 -25.38
N ARG E 173 -13.63 64.79 -26.49
CA ARG E 173 -13.11 63.44 -26.43
C ARG E 173 -11.71 63.43 -25.84
N GLU E 174 -11.41 62.39 -25.07
CA GLU E 174 -10.15 62.29 -24.34
C GLU E 174 -9.40 61.03 -24.76
N CYS E 175 -8.12 61.01 -24.41
CA CYS E 175 -7.20 59.91 -24.77
C CYS E 175 -7.08 58.98 -23.56
N LEU E 176 -7.94 57.98 -23.51
CA LEU E 176 -8.05 57.11 -22.35
C LEU E 176 -7.87 55.65 -22.74
N SER E 177 -7.42 54.85 -21.78
CA SER E 177 -7.25 53.42 -21.98
C SER E 177 -7.76 52.65 -20.76
N MET E 178 -7.83 51.33 -20.90
CA MET E 178 -8.44 50.49 -19.88
C MET E 178 -7.96 49.05 -20.06
N ASP E 179 -8.13 48.25 -19.02
CA ASP E 179 -7.92 46.81 -19.12
C ASP E 179 -9.27 46.11 -19.16
N TYR E 180 -9.38 45.12 -20.03
CA TYR E 180 -10.67 44.52 -20.36
C TYR E 180 -11.08 43.41 -19.39
N LYS E 181 -12.33 42.98 -19.52
CA LYS E 181 -12.81 41.82 -18.78
C LYS E 181 -11.99 40.58 -19.09
N GLN E 182 -11.63 39.84 -18.04
CA GLN E 182 -10.78 38.67 -18.22
C GLN E 182 -11.64 37.48 -18.66
N THR E 183 -11.18 36.77 -19.68
CA THR E 183 -11.93 35.64 -20.22
C THR E 183 -10.98 34.53 -20.60
N GLN E 184 -11.26 33.33 -20.09
CA GLN E 184 -10.70 32.09 -20.60
C GLN E 184 -11.85 31.18 -21.02
N LEU E 185 -11.70 30.56 -22.19
CA LEU E 185 -12.68 29.55 -22.57
C LEU E 185 -12.05 28.60 -23.58
N CYS E 186 -12.63 27.41 -23.65
CA CYS E 186 -12.22 26.40 -24.62
CA CYS E 186 -12.23 26.44 -24.67
C CYS E 186 -13.45 25.61 -25.02
N ILE E 187 -13.60 25.34 -26.32
CA ILE E 187 -14.74 24.61 -26.86
C ILE E 187 -14.21 23.64 -27.91
N LEU E 188 -14.74 22.42 -27.90
CA LEU E 188 -14.35 21.38 -28.84
C LEU E 188 -15.59 20.84 -29.54
N GLY E 189 -15.50 20.67 -30.85
CA GLY E 189 -16.58 20.05 -31.60
C GLY E 189 -16.08 19.68 -32.99
N CYS E 190 -16.92 19.00 -33.76
CA CYS E 190 -16.54 18.67 -35.13
C CYS E 190 -17.15 19.64 -36.15
N LYS E 191 -17.95 20.59 -35.70
CA LYS E 191 -18.43 21.73 -36.46
C LYS E 191 -18.04 23.02 -35.73
N PRO E 192 -17.89 24.12 -36.44
CA PRO E 192 -17.43 25.36 -35.80
C PRO E 192 -18.45 25.88 -34.79
N PRO E 193 -17.99 26.64 -33.80
CA PRO E 193 -18.90 27.12 -32.75
C PRO E 193 -19.80 28.25 -33.22
N ILE E 194 -20.88 28.45 -32.47
CA ILE E 194 -21.90 29.44 -32.80
C ILE E 194 -21.91 30.52 -31.74
N GLY E 195 -21.83 31.77 -32.16
CA GLY E 195 -21.82 32.89 -31.24
C GLY E 195 -23.12 33.67 -31.29
N GLU E 196 -23.25 34.57 -30.32
CA GLU E 196 -24.36 35.49 -30.26
C GLU E 196 -23.85 36.92 -30.09
N HIS E 197 -24.55 37.86 -30.70
CA HIS E 197 -24.25 39.28 -30.56
C HIS E 197 -25.47 40.08 -30.97
N TRP E 198 -25.55 41.31 -30.48
CA TRP E 198 -26.64 42.22 -30.83
C TRP E 198 -26.23 43.04 -32.06
N GLY E 199 -27.13 43.10 -33.04
CA GLY E 199 -26.91 43.90 -34.22
C GLY E 199 -28.12 44.79 -34.50
N LYS E 200 -27.97 45.65 -35.51
CA LYS E 200 -29.08 46.50 -35.91
C LYS E 200 -30.14 45.64 -36.58
N GLY E 201 -31.38 45.71 -36.08
CA GLY E 201 -32.46 44.93 -36.67
C GLY E 201 -33.06 45.55 -37.91
N THR E 202 -34.04 44.84 -38.47
CA THR E 202 -34.66 45.41 -39.67
C THR E 202 -35.91 46.20 -39.30
N PRO E 203 -36.09 47.37 -39.90
CA PRO E 203 -37.28 48.19 -39.61
C PRO E 203 -38.29 48.03 -40.74
N CYS E 204 -39.38 47.31 -40.51
CA CYS E 204 -40.25 46.85 -41.58
C CYS E 204 -41.57 47.60 -41.58
N ASN E 205 -42.04 47.94 -42.78
CA ASN E 205 -43.33 48.59 -43.00
C ASN E 205 -43.39 49.92 -42.23
N ASN E 206 -42.25 50.60 -42.15
CA ASN E 206 -42.15 51.84 -41.39
C ASN E 206 -40.85 52.52 -41.83
N ASN E 207 -40.97 53.46 -42.77
CA ASN E 207 -39.85 54.29 -43.21
C ASN E 207 -39.88 55.67 -42.56
N SER E 208 -40.81 55.92 -41.63
CA SER E 208 -40.93 57.20 -40.95
C SER E 208 -39.94 57.36 -39.79
N GLY E 209 -38.87 56.58 -39.78
CA GLY E 209 -37.87 56.70 -38.72
C GLY E 209 -36.95 57.88 -38.98
N ASN E 210 -36.66 58.61 -37.90
CA ASN E 210 -35.83 59.80 -38.04
C ASN E 210 -34.34 59.46 -37.97
N PRO E 211 -33.51 60.23 -38.67
CA PRO E 211 -32.07 60.08 -38.52
C PRO E 211 -31.64 60.40 -37.11
N GLY E 212 -30.96 59.44 -36.48
CA GLY E 212 -30.52 59.60 -35.11
C GLY E 212 -31.44 58.97 -34.12
N ASP E 213 -32.43 58.23 -34.57
CA ASP E 213 -33.25 57.46 -33.68
C ASP E 213 -32.49 56.23 -33.20
N CYS E 214 -32.89 55.72 -32.05
CA CYS E 214 -32.22 54.56 -31.50
C CYS E 214 -32.43 53.40 -32.46
N PRO E 215 -31.38 52.68 -32.84
CA PRO E 215 -31.55 51.57 -33.77
C PRO E 215 -32.31 50.44 -33.11
N PRO E 216 -33.12 49.69 -33.87
CA PRO E 216 -33.78 48.51 -33.29
C PRO E 216 -32.77 47.39 -33.09
N LEU E 217 -32.95 46.64 -32.01
CA LEU E 217 -31.99 45.62 -31.62
C LEU E 217 -32.47 44.23 -32.01
N GLN E 218 -31.52 43.37 -32.38
CA GLN E 218 -31.81 42.01 -32.80
C GLN E 218 -30.65 41.10 -32.43
N LEU E 219 -30.94 40.00 -31.74
CA LEU E 219 -29.91 39.06 -31.35
C LEU E 219 -29.57 38.17 -32.53
N ILE E 220 -28.29 38.17 -32.94
CA ILE E 220 -27.86 37.55 -34.18
C ILE E 220 -26.93 36.39 -33.86
N ASN E 221 -27.19 35.25 -34.48
CA ASN E 221 -26.29 34.10 -34.36
C ASN E 221 -25.39 33.98 -35.58
N SER E 222 -24.17 33.51 -35.34
CA SER E 222 -23.18 33.40 -36.41
C SER E 222 -22.13 32.37 -36.01
N VAL E 223 -21.38 31.92 -37.01
CA VAL E 223 -20.21 31.10 -36.76
C VAL E 223 -19.11 32.01 -36.23
N ILE E 224 -18.46 31.58 -35.15
CA ILE E 224 -17.33 32.33 -34.60
C ILE E 224 -16.09 31.97 -35.41
N GLN E 225 -15.48 32.95 -36.04
CA GLN E 225 -14.30 32.73 -36.85
C GLN E 225 -13.06 33.10 -36.05
N ASP E 226 -11.93 32.60 -36.53
CA ASP E 226 -10.64 32.99 -35.96
C ASP E 226 -10.39 34.47 -36.18
N GLY E 227 -10.07 35.17 -35.12
CA GLY E 227 -9.88 36.60 -35.20
C GLY E 227 -11.07 37.43 -34.78
N ASP E 228 -12.24 36.83 -34.63
CA ASP E 228 -13.38 37.55 -34.07
C ASP E 228 -13.04 38.02 -32.66
N MET E 229 -13.70 39.08 -32.23
CA MET E 229 -13.43 39.66 -30.93
C MET E 229 -14.38 39.10 -29.88
N VAL E 230 -13.84 38.79 -28.71
CA VAL E 230 -14.67 38.40 -27.59
C VAL E 230 -15.22 39.67 -26.92
N ASP E 231 -16.31 39.54 -26.18
CA ASP E 231 -16.82 40.70 -25.47
C ASP E 231 -15.82 41.12 -24.41
N THR E 232 -15.78 42.42 -24.12
CA THR E 232 -14.72 43.01 -23.33
C THR E 232 -15.21 43.69 -22.06
N GLY E 233 -16.49 43.66 -21.76
CA GLY E 233 -17.07 44.48 -20.72
C GLY E 233 -18.11 45.47 -21.21
N PHE E 234 -18.18 45.71 -22.53
CA PHE E 234 -19.20 46.54 -23.13
C PHE E 234 -20.29 45.72 -23.84
N GLY E 235 -20.33 44.41 -23.62
CA GLY E 235 -21.37 43.57 -24.20
C GLY E 235 -20.97 42.98 -25.54
N CYS E 236 -21.81 42.07 -26.01
CA CYS E 236 -21.63 41.41 -27.30
C CYS E 236 -22.50 42.11 -28.33
N MET E 237 -21.90 43.01 -29.11
CA MET E 237 -22.69 43.79 -30.05
C MET E 237 -21.86 44.12 -31.27
N ASP E 238 -22.56 44.48 -32.34
CA ASP E 238 -21.96 44.97 -33.57
C ASP E 238 -21.71 46.45 -33.37
N PHE E 239 -20.49 46.79 -32.93
CA PHE E 239 -20.17 48.19 -32.66
C PHE E 239 -20.12 49.01 -33.93
N ASN E 240 -19.78 48.40 -35.06
CA ASN E 240 -19.70 49.14 -36.32
C ASN E 240 -21.05 49.75 -36.68
N THR E 241 -22.15 49.08 -36.37
CA THR E 241 -23.47 49.54 -36.76
C THR E 241 -24.26 50.15 -35.60
N LEU E 242 -23.98 49.77 -34.37
CA LEU E 242 -24.74 50.25 -33.24
C LEU E 242 -24.06 51.43 -32.54
N GLN E 243 -22.83 51.75 -32.90
CA GLN E 243 -22.14 52.92 -32.35
C GLN E 243 -21.54 53.70 -33.53
N ALA E 244 -22.28 54.73 -33.96
CA ALA E 244 -21.95 55.45 -35.19
C ALA E 244 -20.78 56.42 -35.00
N SER E 245 -20.58 56.97 -33.81
CA SER E 245 -19.53 57.98 -33.68
C SER E 245 -18.14 57.38 -33.76
N LYS E 246 -18.00 56.06 -33.63
CA LYS E 246 -16.73 55.31 -33.59
C LYS E 246 -15.88 55.65 -32.38
N SER E 247 -16.43 56.33 -31.36
CA SER E 247 -15.61 56.82 -30.25
C SER E 247 -16.12 56.36 -28.88
N ASP E 248 -17.12 55.49 -28.82
CA ASP E 248 -17.69 55.12 -27.52
C ASP E 248 -16.99 53.93 -26.88
N VAL E 249 -16.21 53.16 -27.63
CA VAL E 249 -15.42 52.05 -27.10
C VAL E 249 -14.04 52.10 -27.73
N PRO E 250 -13.07 51.40 -27.14
CA PRO E 250 -11.68 51.49 -27.65
C PRO E 250 -11.56 51.03 -29.11
N ILE E 251 -10.47 51.43 -29.75
CA ILE E 251 -10.35 51.28 -31.19
C ILE E 251 -10.16 49.84 -31.63
N ASP E 252 -9.86 48.93 -30.71
CA ASP E 252 -9.71 47.53 -31.10
C ASP E 252 -11.04 46.78 -31.21
N ILE E 253 -12.18 47.40 -30.86
CA ILE E 253 -13.47 46.77 -31.04
C ILE E 253 -14.50 47.72 -31.66
N CYS E 254 -14.14 49.00 -31.82
CA CYS E 254 -15.15 50.01 -32.19
C CYS E 254 -15.65 49.84 -33.61
N SER E 255 -14.93 49.12 -34.47
CA SER E 255 -15.44 48.76 -35.78
C SER E 255 -15.44 47.24 -35.96
N SER E 256 -15.56 46.52 -34.85
CA SER E 256 -15.62 45.06 -34.79
C SER E 256 -16.98 44.62 -34.26
N VAL E 257 -17.20 43.31 -34.33
CA VAL E 257 -18.30 42.63 -33.64
C VAL E 257 -17.69 41.86 -32.48
N CYS E 258 -18.21 42.08 -31.28
CA CYS E 258 -17.86 41.29 -30.10
C CYS E 258 -18.92 40.21 -29.92
N LYS E 259 -18.49 38.96 -29.97
CA LYS E 259 -19.38 37.80 -29.91
C LYS E 259 -19.16 37.06 -28.61
N TYR E 260 -20.23 36.50 -28.08
CA TYR E 260 -20.23 35.62 -26.94
C TYR E 260 -20.80 34.29 -27.41
N PRO E 261 -20.26 33.15 -26.94
CA PRO E 261 -20.74 31.86 -27.43
C PRO E 261 -22.19 31.63 -27.03
N ASP E 262 -23.00 31.18 -27.98
CA ASP E 262 -24.39 30.83 -27.65
C ASP E 262 -24.36 29.42 -27.06
N TYR E 263 -23.93 29.33 -25.80
CA TYR E 263 -23.81 28.03 -25.14
C TYR E 263 -25.16 27.32 -25.05
N LEU E 264 -26.22 28.06 -24.70
CA LEU E 264 -27.54 27.45 -24.57
C LEU E 264 -27.99 26.84 -25.89
N GLN E 265 -27.82 27.59 -26.99
CA GLN E 265 -28.25 27.06 -28.29
C GLN E 265 -27.41 25.87 -28.71
N MET E 266 -26.08 25.95 -28.56
CA MET E 266 -25.25 24.85 -28.97
C MET E 266 -25.59 23.58 -28.18
N ALA E 267 -25.94 23.73 -26.90
CA ALA E 267 -26.24 22.56 -26.08
C ALA E 267 -27.53 21.87 -26.52
N SER E 268 -28.49 22.62 -27.07
CA SER E 268 -29.78 22.08 -27.43
C SER E 268 -29.85 21.60 -28.88
N GLU E 269 -28.77 21.70 -29.64
CA GLU E 269 -28.80 21.14 -30.99
C GLU E 269 -28.93 19.62 -30.93
N PRO E 270 -29.75 19.03 -31.79
CA PRO E 270 -30.02 17.58 -31.64
C PRO E 270 -28.77 16.71 -31.76
N TYR E 271 -27.95 16.92 -32.78
CA TYR E 271 -26.80 16.02 -32.95
C TYR E 271 -25.64 16.37 -32.04
N GLY E 272 -25.48 17.64 -31.67
CA GLY E 272 -24.43 18.06 -30.76
C GLY E 272 -23.03 18.09 -31.37
N ASP E 273 -22.90 18.50 -32.63
CA ASP E 273 -21.61 18.48 -33.27
C ASP E 273 -20.73 19.68 -32.90
N SER E 274 -21.33 20.78 -32.46
CA SER E 274 -20.57 21.98 -32.15
C SER E 274 -20.00 21.93 -30.73
N LEU E 275 -20.68 21.27 -29.81
CA LEU E 275 -20.30 21.24 -28.39
C LEU E 275 -20.06 19.80 -27.93
N PHE E 276 -18.81 19.34 -28.01
CA PHE E 276 -18.45 18.14 -27.25
C PHE E 276 -18.38 18.46 -25.77
N PHE E 277 -17.69 19.56 -25.43
CA PHE E 277 -17.56 20.06 -24.07
C PHE E 277 -17.07 21.49 -24.14
N PHE E 278 -17.11 22.17 -23.00
CA PHE E 278 -16.55 23.52 -22.92
C PHE E 278 -16.13 23.81 -21.49
N LEU E 279 -15.13 24.67 -21.35
CA LEU E 279 -14.73 25.25 -20.08
C LEU E 279 -14.73 26.76 -20.22
N ARG E 280 -15.11 27.49 -19.18
CA ARG E 280 -15.10 28.94 -19.24
C ARG E 280 -14.79 29.52 -17.87
N ARG E 281 -14.08 30.65 -17.87
CA ARG E 281 -13.81 31.39 -16.63
C ARG E 281 -13.73 32.87 -16.98
N GLU E 282 -14.77 33.63 -16.62
CA GLU E 282 -14.89 35.05 -16.88
C GLU E 282 -14.92 35.83 -15.58
N GLN E 283 -14.38 37.05 -15.61
CA GLN E 283 -14.49 37.93 -14.46
C GLN E 283 -14.24 39.38 -14.84
N MET E 284 -14.93 40.29 -14.17
CA MET E 284 -14.69 41.71 -14.32
C MET E 284 -15.36 42.45 -13.17
N PHE E 285 -14.86 43.66 -12.92
CA PHE E 285 -15.52 44.62 -12.04
C PHE E 285 -15.46 46.01 -12.69
N VAL E 286 -16.16 46.95 -12.08
CA VAL E 286 -16.28 48.30 -12.61
C VAL E 286 -15.18 49.17 -12.02
N ARG E 287 -14.31 49.69 -12.88
CA ARG E 287 -13.17 50.47 -12.43
C ARG E 287 -13.48 51.97 -12.40
N HIS E 288 -14.21 52.51 -13.38
CA HIS E 288 -14.52 53.93 -13.42
C HIS E 288 -15.95 54.16 -13.91
N PHE E 289 -16.46 55.35 -13.58
CA PHE E 289 -17.85 55.74 -13.81
C PHE E 289 -17.86 57.03 -14.63
N PHE E 290 -18.19 56.92 -15.90
CA PHE E 290 -18.15 58.06 -16.79
C PHE E 290 -19.53 58.30 -17.38
N ASN E 291 -19.66 59.41 -18.10
CA ASN E 291 -20.82 59.65 -18.95
C ASN E 291 -20.35 60.14 -20.32
N ARG E 292 -21.30 60.21 -21.24
CA ARG E 292 -21.04 60.48 -22.65
C ARG E 292 -21.30 61.94 -22.96
N ALA E 293 -20.57 62.47 -23.93
CA ALA E 293 -20.99 63.69 -24.61
C ALA E 293 -21.93 63.31 -25.75
N GLY E 294 -22.58 64.31 -26.31
CA GLY E 294 -23.64 64.09 -27.27
C GLY E 294 -25.02 64.24 -26.64
N THR E 295 -26.02 64.40 -27.50
CA THR E 295 -27.36 64.64 -26.99
C THR E 295 -27.95 63.32 -26.49
N LEU E 296 -28.51 63.38 -25.28
CA LEU E 296 -29.14 62.22 -24.67
C LEU E 296 -30.42 61.88 -25.42
N GLY E 297 -30.46 60.70 -26.05
CA GLY E 297 -31.59 60.37 -26.91
C GLY E 297 -32.89 60.14 -26.17
N ASP E 298 -32.82 59.49 -24.99
CA ASP E 298 -33.99 59.24 -24.15
C ASP E 298 -33.86 60.06 -22.88
N PRO E 299 -34.38 61.29 -22.86
CA PRO E 299 -34.23 62.12 -21.66
C PRO E 299 -35.01 61.56 -20.48
N VAL E 300 -34.50 61.83 -19.30
CA VAL E 300 -35.14 61.32 -18.08
C VAL E 300 -36.51 61.96 -17.93
N PRO E 301 -37.58 61.18 -17.80
CA PRO E 301 -38.94 61.74 -17.64
C PRO E 301 -39.08 62.56 -16.36
N GLY E 302 -39.99 63.54 -16.41
CA GLY E 302 -40.14 64.50 -15.33
C GLY E 302 -40.64 63.92 -14.01
N ASP E 303 -41.30 62.77 -14.04
CA ASP E 303 -41.78 62.15 -12.81
C ASP E 303 -40.66 61.48 -12.02
N LEU E 304 -39.43 61.49 -12.52
CA LEU E 304 -38.33 60.86 -11.83
C LEU E 304 -37.44 61.85 -11.08
N TYR E 305 -37.73 63.15 -11.16
CA TYR E 305 -36.94 64.13 -10.41
C TYR E 305 -37.71 65.43 -10.29
N ILE E 306 -37.31 66.24 -9.31
CA ILE E 306 -37.78 67.61 -9.18
C ILE E 306 -36.82 68.51 -9.95
N GLN E 307 -37.36 69.22 -10.94
CA GLN E 307 -36.54 70.04 -11.81
C GLN E 307 -35.91 71.19 -11.03
N GLY E 308 -34.76 71.66 -11.53
CA GLY E 308 -34.08 72.83 -11.00
C GLY E 308 -34.67 74.15 -11.49
N SER E 309 -34.21 75.23 -10.88
CA SER E 309 -34.68 76.57 -11.20
C SER E 309 -34.04 77.07 -12.49
N ASN E 310 -34.79 77.86 -13.25
CA ASN E 310 -34.34 78.34 -14.55
C ASN E 310 -33.10 79.23 -14.43
N SER E 311 -33.07 80.08 -13.42
CA SER E 311 -31.93 80.97 -13.21
C SER E 311 -30.97 80.35 -12.19
N GLY E 312 -30.67 79.08 -12.41
CA GLY E 312 -29.86 78.31 -11.49
C GLY E 312 -29.10 77.25 -12.26
N ASN E 313 -27.94 76.88 -11.73
CA ASN E 313 -27.01 76.01 -12.46
C ASN E 313 -27.63 74.69 -12.92
N THR E 314 -28.84 74.36 -12.48
CA THR E 314 -29.38 73.01 -12.63
C THR E 314 -30.49 72.90 -13.66
N ALA E 315 -30.81 73.95 -14.40
CA ALA E 315 -32.01 73.93 -15.23
C ALA E 315 -31.77 73.31 -16.60
N THR E 316 -30.60 72.75 -16.83
CA THR E 316 -30.38 71.84 -17.94
C THR E 316 -29.69 70.63 -17.36
N VAL E 317 -30.34 69.47 -17.42
CA VAL E 317 -29.80 68.31 -16.73
C VAL E 317 -28.58 67.81 -17.47
N GLN E 318 -27.57 67.37 -16.72
CA GLN E 318 -26.43 66.75 -17.38
C GLN E 318 -26.83 65.38 -17.91
N SER E 319 -26.03 64.88 -18.84
CA SER E 319 -26.33 63.61 -19.48
C SER E 319 -26.23 62.47 -18.47
N SER E 320 -27.29 61.69 -18.38
CA SER E 320 -27.29 60.45 -17.62
C SER E 320 -27.04 59.24 -18.52
N ALA E 321 -26.34 59.45 -19.63
CA ALA E 321 -25.85 58.38 -20.48
C ALA E 321 -24.54 57.88 -19.88
N PHE E 322 -24.67 57.09 -18.83
CA PHE E 322 -23.49 56.61 -18.11
C PHE E 322 -22.83 55.46 -18.86
N PHE E 323 -21.55 55.25 -18.60
CA PHE E 323 -20.90 54.04 -19.09
C PHE E 323 -19.72 53.70 -18.20
N PRO E 324 -19.52 52.44 -17.86
CA PRO E 324 -18.40 52.04 -17.01
C PRO E 324 -17.16 51.68 -17.80
N THR E 325 -16.01 51.82 -17.13
CA THR E 325 -14.93 51.03 -17.71
C THR E 325 -14.79 49.70 -16.97
N PRO E 326 -14.47 48.62 -17.66
CA PRO E 326 -14.24 47.34 -16.97
C PRO E 326 -12.82 47.22 -16.45
N SER E 327 -12.59 46.15 -15.67
CA SER E 327 -11.26 45.72 -15.26
C SER E 327 -11.27 44.23 -14.98
N GLY E 328 -10.28 43.52 -15.50
CA GLY E 328 -10.21 42.08 -15.35
C GLY E 328 -9.55 41.60 -14.08
N SER E 329 -9.05 42.50 -13.25
CA SER E 329 -8.38 42.15 -12.00
C SER E 329 -7.20 41.23 -12.25
N MET E 330 -6.80 40.46 -11.25
CA MET E 330 -5.57 39.68 -11.38
C MET E 330 -5.75 38.51 -12.34
N VAL E 331 -4.65 38.15 -13.00
CA VAL E 331 -4.49 36.88 -13.67
C VAL E 331 -3.58 36.03 -12.81
N THR E 332 -3.93 34.76 -12.61
CA THR E 332 -3.17 33.88 -11.73
C THR E 332 -2.98 32.53 -12.39
N SER E 333 -1.89 31.85 -12.00
CA SER E 333 -1.65 30.49 -12.46
C SER E 333 -2.72 29.53 -11.97
N GLU E 334 -3.15 29.67 -10.72
CA GLU E 334 -4.09 28.70 -10.16
C GLU E 334 -5.42 28.69 -10.90
N SER E 335 -5.69 29.71 -11.72
CA SER E 335 -6.91 29.86 -12.48
C SER E 335 -6.82 29.34 -13.91
N GLN E 336 -5.68 28.79 -14.31
CA GLN E 336 -5.50 28.49 -15.73
C GLN E 336 -6.40 27.35 -16.19
N LEU E 337 -7.01 27.52 -17.36
CA LEU E 337 -7.71 26.41 -18.00
C LEU E 337 -6.81 25.58 -18.91
N PHE E 338 -5.64 26.08 -19.26
CA PHE E 338 -4.81 25.47 -20.28
C PHE E 338 -3.55 24.87 -19.66
N ASN E 339 -2.70 24.30 -20.53
CA ASN E 339 -1.47 23.64 -20.13
C ASN E 339 -1.75 22.47 -19.17
N LYS E 340 -2.92 21.87 -19.28
CA LYS E 340 -3.30 20.68 -18.54
C LYS E 340 -4.17 19.85 -19.47
N PRO E 341 -4.04 18.52 -19.45
CA PRO E 341 -4.81 17.70 -20.38
C PRO E 341 -6.26 17.62 -19.95
N TYR E 342 -7.13 17.50 -20.96
CA TYR E 342 -8.56 17.28 -20.74
C TYR E 342 -8.96 16.00 -21.47
N TRP E 343 -9.58 15.08 -20.73
CA TRP E 343 -10.01 13.79 -21.26
C TRP E 343 -11.53 13.80 -21.45
N LEU E 344 -11.98 13.51 -22.66
CA LEU E 344 -13.40 13.36 -23.00
C LEU E 344 -13.89 11.97 -22.62
N GLN E 345 -14.62 11.86 -21.52
CA GLN E 345 -15.25 10.58 -21.22
C GLN E 345 -16.63 10.47 -21.87
N ARG E 346 -17.47 11.50 -21.72
CA ARG E 346 -18.83 11.41 -22.22
C ARG E 346 -19.27 12.82 -22.58
N ALA E 347 -19.47 13.08 -23.87
CA ALA E 347 -19.92 14.40 -24.28
C ALA E 347 -21.33 14.64 -23.75
N GLN E 348 -21.71 15.93 -23.72
CA GLN E 348 -23.02 16.28 -23.19
C GLN E 348 -24.12 15.95 -24.18
N GLY E 349 -23.81 15.98 -25.47
CA GLY E 349 -24.79 15.74 -26.52
C GLY E 349 -24.67 14.34 -27.10
N HIS E 350 -25.32 14.15 -28.26
CA HIS E 350 -25.35 12.84 -28.88
C HIS E 350 -24.07 12.52 -29.65
N ASN E 351 -23.35 13.52 -30.14
CA ASN E 351 -22.06 13.24 -30.77
C ASN E 351 -21.03 13.11 -29.66
N ASN E 352 -20.67 11.88 -29.33
CA ASN E 352 -19.72 11.63 -28.25
C ASN E 352 -18.28 11.67 -28.77
N GLY E 353 -17.92 12.83 -29.34
CA GLY E 353 -16.54 13.08 -29.75
C GLY E 353 -16.15 12.52 -31.10
N ILE E 354 -17.11 12.16 -31.93
CA ILE E 354 -16.81 11.61 -33.26
C ILE E 354 -16.47 12.77 -34.18
N CYS E 355 -15.32 12.67 -34.84
CA CYS E 355 -14.85 13.72 -35.74
C CYS E 355 -15.32 13.45 -37.16
N TRP E 356 -16.62 13.64 -37.36
CA TRP E 356 -17.21 13.47 -38.70
C TRP E 356 -16.49 14.35 -39.72
N GLY E 357 -16.31 13.81 -40.91
CA GLY E 357 -15.61 14.52 -41.95
C GLY E 357 -14.12 14.66 -41.71
N ASN E 358 -13.57 13.93 -40.73
CA ASN E 358 -12.13 13.94 -40.45
C ASN E 358 -11.61 15.34 -40.15
N GLN E 359 -12.36 16.09 -39.36
CA GLN E 359 -11.95 17.43 -38.95
C GLN E 359 -12.44 17.69 -37.55
N LEU E 360 -11.79 18.63 -36.88
CA LEU E 360 -12.11 18.97 -35.51
C LEU E 360 -11.95 20.48 -35.33
N PHE E 361 -12.79 21.08 -34.50
CA PHE E 361 -12.69 22.52 -34.22
C PHE E 361 -12.33 22.74 -32.76
N VAL E 362 -11.27 23.51 -32.52
CA VAL E 362 -10.84 23.90 -31.18
C VAL E 362 -10.96 25.42 -31.11
N THR E 363 -11.80 25.90 -30.21
CA THR E 363 -11.99 27.34 -30.00
C THR E 363 -11.40 27.74 -28.66
N VAL E 364 -10.56 28.77 -28.67
CA VAL E 364 -9.88 29.20 -27.46
C VAL E 364 -9.98 30.72 -27.36
N VAL E 365 -10.30 31.21 -26.16
CA VAL E 365 -10.08 32.60 -25.78
C VAL E 365 -9.22 32.59 -24.53
N ASP E 366 -8.17 33.41 -24.54
CA ASP E 366 -7.29 33.48 -23.37
C ASP E 366 -6.77 34.91 -23.24
N THR E 367 -7.40 35.70 -22.37
CA THR E 367 -6.92 37.06 -22.13
C THR E 367 -5.87 37.11 -21.02
N THR E 368 -5.42 35.96 -20.52
CA THR E 368 -4.51 35.91 -19.38
C THR E 368 -3.04 36.01 -19.76
N ARG E 369 -2.73 36.16 -21.05
CA ARG E 369 -1.38 36.34 -21.57
C ARG E 369 -1.36 37.46 -22.57
N SER E 370 -2.15 38.51 -22.30
CA SER E 370 -2.48 39.57 -23.26
C SER E 370 -1.51 40.73 -23.23
N THR E 371 -0.33 40.55 -22.63
CA THR E 371 0.69 41.59 -22.62
C THR E 371 1.04 42.07 -24.03
N ASN E 372 0.98 43.39 -24.21
CA ASN E 372 1.36 44.05 -25.46
C ASN E 372 2.77 44.59 -25.30
N MET E 373 3.68 44.16 -26.17
CA MET E 373 5.08 44.54 -26.05
C MET E 373 5.31 45.94 -26.57
N THR E 374 6.10 46.72 -25.84
CA THR E 374 6.50 48.04 -26.29
C THR E 374 7.77 47.93 -27.12
N LEU E 375 7.70 48.34 -28.39
CA LEU E 375 8.86 48.38 -29.25
C LEU E 375 9.20 49.82 -29.60
N CYS E 376 10.51 50.12 -29.58
CA CYS E 376 11.01 51.49 -29.73
C CYS E 376 12.25 51.47 -30.61
N ALA E 377 12.20 52.20 -31.72
CA ALA E 377 13.29 52.30 -32.68
C ALA E 377 13.91 53.70 -32.68
N GLU E 378 15.21 53.77 -32.96
CA GLU E 378 15.94 55.02 -32.92
C GLU E 378 15.93 55.64 -34.32
N VAL E 379 15.49 56.90 -34.42
CA VAL E 379 15.47 57.62 -35.69
C VAL E 379 16.81 58.30 -35.96
N LYS E 380 17.34 59.02 -34.97
CA LYS E 380 18.66 59.64 -35.04
C LYS E 380 19.37 59.36 -33.73
N LYS E 381 20.63 58.95 -33.81
CA LYS E 381 21.44 58.76 -32.61
C LYS E 381 22.06 60.10 -32.22
N GLU E 382 21.75 60.57 -31.01
CA GLU E 382 22.30 61.83 -30.52
C GLU E 382 22.76 61.61 -29.09
N SER E 383 23.67 62.45 -28.63
CA SER E 383 24.24 62.26 -27.30
C SER E 383 23.28 62.61 -26.19
N THR E 384 22.15 63.26 -26.52
CA THR E 384 21.12 63.59 -25.55
C THR E 384 19.76 63.17 -26.07
N TYR E 385 18.80 63.06 -25.15
CA TYR E 385 17.49 62.52 -25.46
C TYR E 385 16.58 63.58 -26.06
N LYS E 386 15.90 63.21 -27.15
CA LYS E 386 14.82 63.99 -27.74
C LYS E 386 13.70 63.05 -28.17
N ASN E 387 12.46 63.39 -27.79
CA ASN E 387 11.32 62.54 -28.14
C ASN E 387 11.23 62.31 -29.65
N GLU E 388 11.56 63.33 -30.45
CA GLU E 388 11.43 63.22 -31.90
C GLU E 388 12.43 62.23 -32.49
N ASN E 389 13.42 61.80 -31.74
CA ASN E 389 14.40 60.84 -32.23
C ASN E 389 13.96 59.39 -32.12
N PHE E 390 12.75 59.12 -31.61
CA PHE E 390 12.31 57.75 -31.39
C PHE E 390 10.90 57.56 -31.89
N LYS E 391 10.62 56.34 -32.34
CA LYS E 391 9.30 55.91 -32.72
C LYS E 391 8.85 54.79 -31.78
N GLU E 392 7.57 54.84 -31.39
CA GLU E 392 7.00 53.89 -30.46
C GLU E 392 6.01 53.00 -31.19
N TYR E 393 6.16 51.69 -31.01
CA TYR E 393 5.31 50.70 -31.65
C TYR E 393 4.72 49.76 -30.60
N LEU E 394 3.72 49.00 -31.03
CA LEU E 394 3.11 47.96 -30.21
C LEU E 394 3.09 46.67 -31.01
N ARG E 395 3.49 45.57 -30.38
CA ARG E 395 3.36 44.25 -30.99
C ARG E 395 2.91 43.24 -29.94
N HIS E 396 2.10 42.28 -30.38
CA HIS E 396 1.60 41.23 -29.49
C HIS E 396 1.84 39.87 -30.12
N GLY E 397 2.22 38.91 -29.29
CA GLY E 397 2.51 37.57 -29.75
C GLY E 397 1.72 36.54 -28.97
N GLU E 398 1.21 35.54 -29.68
CA GLU E 398 0.48 34.43 -29.09
C GLU E 398 1.18 33.14 -29.48
N GLU E 399 1.36 32.24 -28.49
CA GLU E 399 2.07 30.98 -28.69
C GLU E 399 1.18 29.81 -28.28
N PHE E 400 1.01 28.84 -29.18
CA PHE E 400 0.19 27.67 -28.92
C PHE E 400 0.93 26.39 -29.25
N ASP E 401 0.43 25.29 -28.66
CA ASP E 401 0.85 23.94 -29.03
C ASP E 401 -0.33 23.03 -28.77
N LEU E 402 -0.97 22.58 -29.85
CA LEU E 402 -2.16 21.75 -29.73
C LEU E 402 -1.75 20.29 -29.81
N GLN E 403 -2.11 19.52 -28.79
CA GLN E 403 -1.84 18.09 -28.73
C GLN E 403 -3.15 17.31 -28.58
N PHE E 404 -3.24 16.22 -29.32
CA PHE E 404 -4.45 15.41 -29.32
C PHE E 404 -4.10 13.94 -29.21
N ILE E 405 -5.08 13.17 -28.74
CA ILE E 405 -5.06 11.72 -28.77
C ILE E 405 -6.40 11.29 -29.35
N PHE E 406 -6.34 10.54 -30.45
CA PHE E 406 -7.52 10.13 -31.18
C PHE E 406 -7.69 8.62 -31.07
N GLN E 407 -8.95 8.20 -30.98
CA GLN E 407 -9.32 6.79 -30.91
C GLN E 407 -9.99 6.37 -32.22
N LEU E 408 -9.48 5.31 -32.83
CA LEU E 408 -10.05 4.82 -34.07
C LEU E 408 -11.37 4.11 -33.81
N CYS E 409 -12.35 4.38 -34.68
CA CYS E 409 -13.67 3.77 -34.56
C CYS E 409 -14.10 3.19 -35.89
N LYS E 410 -15.00 2.21 -35.81
CA LYS E 410 -15.56 1.56 -36.97
C LYS E 410 -17.07 1.62 -36.90
N ILE E 411 -17.69 1.70 -38.08
CA ILE E 411 -19.13 1.85 -38.23
C ILE E 411 -19.58 0.78 -39.21
N THR E 412 -20.42 -0.13 -38.74
CA THR E 412 -20.95 -1.16 -39.64
C THR E 412 -22.12 -0.54 -40.40
N LEU E 413 -22.02 -0.52 -41.72
CA LEU E 413 -22.99 0.23 -42.51
C LEU E 413 -24.15 -0.67 -42.94
N THR E 414 -24.97 -1.01 -41.94
CA THR E 414 -26.23 -1.69 -42.23
C THR E 414 -27.20 -0.69 -42.83
N ALA E 415 -28.39 -1.19 -43.21
CA ALA E 415 -29.35 -0.35 -43.90
C ALA E 415 -29.83 0.80 -43.02
N ASP E 416 -30.15 0.51 -41.75
CA ASP E 416 -30.63 1.54 -40.83
C ASP E 416 -29.57 2.60 -40.58
N VAL E 417 -28.29 2.20 -40.46
CA VAL E 417 -27.24 3.16 -40.19
C VAL E 417 -27.04 4.11 -41.37
N MET E 418 -27.04 3.57 -42.59
CA MET E 418 -26.86 4.43 -43.76
C MET E 418 -27.99 5.44 -43.88
N THR E 419 -29.21 5.02 -43.59
CA THR E 419 -30.33 5.96 -43.59
C THR E 419 -30.15 7.00 -42.50
N TYR E 420 -29.74 6.58 -41.30
CA TYR E 420 -29.57 7.52 -40.20
C TYR E 420 -28.49 8.55 -40.52
N ILE E 421 -27.33 8.07 -40.98
CA ILE E 421 -26.23 8.97 -41.30
C ILE E 421 -26.57 9.88 -42.48
N HIS E 422 -27.35 9.38 -43.45
CA HIS E 422 -27.71 10.23 -44.59
C HIS E 422 -28.59 11.41 -44.15
N LYS E 423 -29.54 11.17 -43.25
CA LYS E 423 -30.38 12.24 -42.72
C LYS E 423 -29.55 13.22 -41.90
N MET E 424 -28.52 12.72 -41.20
CA MET E 424 -27.68 13.57 -40.35
C MET E 424 -26.79 14.48 -41.19
N ASP E 425 -26.03 13.90 -42.12
CA ASP E 425 -25.13 14.67 -42.99
C ASP E 425 -24.76 13.78 -44.17
N ALA E 426 -25.41 14.00 -45.31
CA ALA E 426 -25.21 13.13 -46.44
C ALA E 426 -23.76 13.12 -46.94
N THR E 427 -23.00 14.19 -46.69
CA THR E 427 -21.62 14.23 -47.17
C THR E 427 -20.72 13.21 -46.49
N ILE E 428 -21.12 12.70 -45.32
CA ILE E 428 -20.32 11.68 -44.65
C ILE E 428 -20.29 10.40 -45.46
N LEU E 429 -21.46 9.95 -45.92
CA LEU E 429 -21.54 8.74 -46.73
C LEU E 429 -20.88 8.94 -48.08
N GLU E 430 -21.06 10.12 -48.67
CA GLU E 430 -20.52 10.41 -49.99
C GLU E 430 -18.99 10.38 -49.99
N ASP E 431 -18.38 10.91 -48.93
CA ASP E 431 -16.92 10.89 -48.84
C ASP E 431 -16.39 9.48 -48.62
N TRP E 432 -17.19 8.61 -47.99
CA TRP E 432 -16.76 7.24 -47.74
C TRP E 432 -16.81 6.38 -48.99
N GLN E 433 -17.55 6.80 -50.02
CA GLN E 433 -17.71 6.06 -51.28
C GLN E 433 -18.25 4.64 -51.03
N PHE E 434 -19.48 4.60 -50.54
CA PHE E 434 -20.11 3.35 -50.14
C PHE E 434 -21.54 3.22 -50.68
N ASP E 469 -16.56 21.88 -47.27
CA ASP E 469 -16.67 22.67 -48.49
C ASP E 469 -17.34 24.04 -48.24
N PRO E 470 -18.55 24.07 -47.65
CA PRO E 470 -19.21 25.37 -47.41
C PRO E 470 -18.54 26.23 -46.35
N LEU E 471 -17.64 25.70 -45.54
CA LEU E 471 -17.01 26.51 -44.49
C LEU E 471 -15.82 27.31 -44.98
N LYS E 472 -15.48 27.25 -46.27
CA LYS E 472 -14.31 27.96 -46.76
C LYS E 472 -14.57 29.45 -46.95
N ASP E 473 -15.79 29.92 -46.72
CA ASP E 473 -16.04 31.35 -46.66
C ASP E 473 -15.70 31.94 -45.30
N TYR E 474 -15.43 31.10 -44.30
CA TYR E 474 -15.11 31.51 -42.95
C TYR E 474 -13.59 31.45 -42.74
N MET E 475 -13.11 32.17 -41.73
CA MET E 475 -11.68 32.26 -41.43
C MET E 475 -11.34 31.39 -40.21
N PHE E 476 -10.47 30.42 -40.40
CA PHE E 476 -10.00 29.58 -39.31
C PHE E 476 -8.48 29.47 -39.37
N TRP E 477 -7.86 29.25 -38.22
CA TRP E 477 -6.43 28.94 -38.16
C TRP E 477 -6.29 27.46 -38.50
N GLU E 478 -5.89 27.18 -39.75
CA GLU E 478 -5.82 25.81 -40.27
C GLU E 478 -4.59 25.08 -39.74
N VAL E 479 -4.83 23.91 -39.14
CA VAL E 479 -3.77 23.07 -38.59
C VAL E 479 -3.83 21.74 -39.32
N ASP E 480 -2.82 21.46 -40.16
CA ASP E 480 -2.82 20.24 -40.96
C ASP E 480 -2.10 19.14 -40.18
N LEU E 481 -2.85 18.12 -39.77
CA LEU E 481 -2.28 17.01 -39.04
C LEU E 481 -2.29 15.71 -39.84
N LYS E 482 -2.53 15.79 -41.15
CA LYS E 482 -2.54 14.60 -41.99
C LYS E 482 -1.27 13.77 -41.83
N GLU E 483 -0.12 14.44 -41.84
CA GLU E 483 1.16 13.77 -41.77
C GLU E 483 1.73 13.76 -40.36
N LYS E 484 0.89 13.95 -39.34
CA LYS E 484 1.35 14.10 -37.97
C LYS E 484 0.86 13.03 -37.01
N PHE E 485 0.14 12.02 -37.48
CA PHE E 485 -0.37 10.96 -36.59
C PHE E 485 0.72 9.95 -36.27
N SER E 486 0.75 9.50 -35.01
CA SER E 486 1.71 8.50 -34.59
C SER E 486 1.07 7.52 -33.62
N ALA E 487 1.46 6.25 -33.74
CA ALA E 487 1.00 5.24 -32.80
C ALA E 487 1.96 5.05 -31.63
N ASP E 488 3.16 5.64 -31.70
CA ASP E 488 4.15 5.49 -30.64
C ASP E 488 3.77 6.51 -29.57
N LEU E 489 2.79 6.13 -28.75
CA LEU E 489 2.16 7.09 -27.87
C LEU E 489 3.15 7.71 -26.89
N ASP E 490 4.05 6.89 -26.34
CA ASP E 490 4.93 7.38 -25.29
C ASP E 490 6.11 8.21 -25.81
N GLN E 491 6.18 8.45 -27.13
CA GLN E 491 7.21 9.35 -27.63
C GLN E 491 6.88 10.83 -27.42
N PHE E 492 5.67 11.15 -26.96
CA PHE E 492 5.18 12.52 -26.97
C PHE E 492 4.58 12.90 -25.63
N PRO E 493 4.59 14.19 -25.30
CA PRO E 493 4.15 14.63 -23.96
C PRO E 493 2.75 14.19 -23.60
N LEU E 494 1.77 14.51 -24.44
CA LEU E 494 0.41 14.13 -24.12
C LEU E 494 0.22 12.63 -24.18
N GLY E 495 1.06 11.94 -24.96
CA GLY E 495 0.95 10.51 -25.11
C GLY E 495 1.40 9.81 -23.85
N ARG E 496 2.46 10.33 -23.20
CA ARG E 496 2.84 9.83 -21.89
C ARG E 496 1.73 10.04 -20.87
N LYS E 497 1.11 11.22 -20.88
CA LYS E 497 0.03 11.50 -19.95
C LYS E 497 -1.17 10.59 -20.20
N PHE E 498 -1.44 10.26 -21.47
CA PHE E 498 -2.53 9.36 -21.81
C PHE E 498 -2.29 7.95 -21.30
N LEU E 499 -1.08 7.42 -21.50
CA LEU E 499 -0.85 6.03 -21.10
C LEU E 499 -0.96 5.83 -19.60
N LEU E 500 -0.88 6.88 -18.80
CA LEU E 500 -1.02 6.72 -17.36
C LEU E 500 -2.48 6.85 -16.94
N GLN E 501 -3.16 7.85 -17.47
CA GLN E 501 -4.56 8.03 -17.12
C GLN E 501 -5.40 6.87 -17.63
N ALA E 502 -4.98 6.25 -18.75
CA ALA E 502 -5.67 5.11 -19.31
C ALA E 502 -5.26 3.78 -18.66
N GLY E 503 -4.16 3.78 -17.91
CA GLY E 503 -3.66 2.54 -17.33
C GLY E 503 -3.04 1.60 -18.33
N LEU E 504 -2.51 2.12 -19.43
CA LEU E 504 -1.86 1.36 -20.49
C LEU E 504 -0.34 1.34 -20.33
N GLN E 505 0.27 0.37 -21.00
CA GLN E 505 1.72 0.19 -20.99
C GLN E 505 2.20 0.11 -22.44
N ALA E 506 3.17 0.96 -22.78
CA ALA E 506 3.49 1.26 -24.18
C ALA E 506 3.73 0.00 -25.01
N ARG E 507 3.08 -0.04 -26.15
CA ARG E 507 3.24 -1.10 -27.07
C ARG E 507 4.68 -1.05 -27.43
N LYS F 46 30.90 -57.94 40.60
CA LYS F 46 31.05 -56.87 41.57
C LYS F 46 29.79 -56.04 41.71
N VAL F 47 29.42 -55.31 40.66
CA VAL F 47 28.17 -54.57 40.60
C VAL F 47 27.12 -55.50 40.00
N VAL F 48 25.94 -55.53 40.62
CA VAL F 48 24.91 -56.47 40.21
C VAL F 48 23.64 -55.71 39.87
N SER F 49 22.81 -56.36 39.06
CA SER F 49 21.48 -55.84 38.75
C SER F 49 20.63 -55.74 40.01
N THR F 50 19.75 -54.74 40.04
CA THR F 50 18.86 -54.61 41.18
C THR F 50 17.91 -55.80 41.29
N ASP F 51 17.73 -56.56 40.21
CA ASP F 51 16.87 -57.74 40.30
C ASP F 51 17.42 -58.80 41.23
N GLU F 52 18.71 -58.72 41.56
CA GLU F 52 19.34 -59.71 42.44
C GLU F 52 19.15 -59.42 43.91
N TYR F 53 18.74 -58.20 44.28
CA TYR F 53 18.57 -57.90 45.70
C TYR F 53 17.34 -57.06 46.01
N VAL F 54 16.45 -56.83 45.04
CA VAL F 54 15.25 -56.03 45.23
C VAL F 54 14.06 -56.87 44.77
N SER F 55 13.13 -57.13 45.69
CA SER F 55 11.97 -57.98 45.43
C SER F 55 10.78 -57.12 45.06
N ARG F 56 10.06 -57.51 44.02
CA ARG F 56 8.90 -56.76 43.55
C ARG F 56 7.63 -57.27 44.21
N THR F 57 6.77 -56.34 44.61
CA THR F 57 5.45 -56.68 45.10
C THR F 57 4.44 -56.49 43.99
N SER F 58 3.19 -56.84 44.28
CA SER F 58 2.07 -56.63 43.38
C SER F 58 1.34 -55.33 43.67
N ILE F 59 1.91 -54.47 44.52
CA ILE F 59 1.30 -53.18 44.85
C ILE F 59 1.79 -52.14 43.84
N TYR F 60 0.86 -51.52 43.13
CA TYR F 60 1.17 -50.48 42.16
C TYR F 60 0.47 -49.19 42.56
N TYR F 61 1.11 -48.07 42.24
CA TYR F 61 0.56 -46.75 42.51
C TYR F 61 0.69 -45.86 41.28
N TYR F 62 -0.30 -44.96 41.12
CA TYR F 62 -0.28 -43.92 40.10
C TYR F 62 0.01 -42.59 40.77
N ALA F 63 0.69 -41.72 40.02
CA ALA F 63 0.98 -40.36 40.47
C ALA F 63 1.04 -39.47 39.24
N GLY F 64 0.34 -38.35 39.31
CA GLY F 64 0.31 -37.40 38.20
C GLY F 64 0.53 -35.98 38.67
N SER F 65 1.25 -35.22 37.85
CA SER F 65 1.61 -33.85 38.22
C SER F 65 0.49 -32.87 38.00
N SER F 66 -0.55 -33.24 37.26
CA SER F 66 -1.54 -32.30 36.74
C SER F 66 -0.83 -31.28 35.84
N ARG F 67 -1.53 -30.22 35.44
CA ARG F 67 -0.98 -29.31 34.45
C ARG F 67 0.22 -28.54 34.98
N LEU F 68 1.28 -28.47 34.17
CA LEU F 68 2.45 -27.66 34.46
C LEU F 68 2.60 -26.59 33.37
N LEU F 69 2.75 -25.34 33.79
CA LEU F 69 2.78 -24.20 32.86
C LEU F 69 3.89 -23.23 33.20
N THR F 70 4.59 -22.75 32.17
CA THR F 70 5.50 -21.64 32.33
C THR F 70 5.46 -20.79 31.06
N VAL F 71 5.44 -19.48 31.24
CA VAL F 71 5.38 -18.51 30.14
C VAL F 71 6.50 -17.50 30.34
N GLY F 72 7.18 -17.15 29.25
CA GLY F 72 8.29 -16.23 29.34
C GLY F 72 8.72 -15.74 27.97
N HIS F 73 9.90 -15.12 27.95
CA HIS F 73 10.50 -14.60 26.74
C HIS F 73 11.43 -15.64 26.12
N PRO F 74 11.36 -15.84 24.80
CA PRO F 74 12.12 -16.95 24.18
C PRO F 74 13.61 -16.73 24.05
N TYR F 75 14.11 -15.50 24.18
CA TYR F 75 15.51 -15.22 23.91
C TYR F 75 16.30 -14.84 25.14
N PHE F 76 15.68 -14.17 26.11
CA PHE F 76 16.39 -13.70 27.29
C PHE F 76 15.37 -13.40 28.37
N SER F 77 15.82 -13.45 29.62
CA SER F 77 15.00 -13.03 30.75
C SER F 77 14.99 -11.52 30.86
N ILE F 78 13.91 -11.00 31.46
CA ILE F 78 13.72 -9.56 31.68
C ILE F 78 13.86 -9.28 33.17
N LYS F 79 14.81 -8.41 33.51
CA LYS F 79 15.25 -8.17 34.88
C LYS F 79 14.52 -6.96 35.48
N ASN F 80 14.63 -6.83 36.81
CA ASN F 80 13.79 -5.91 37.58
C ASN F 80 13.99 -4.45 37.15
N THR F 81 15.19 -3.92 37.35
CA THR F 81 15.48 -2.51 37.04
C THR F 81 14.63 -1.50 37.84
N GLY F 86 17.27 -4.80 41.56
CA GLY F 86 17.74 -4.81 40.19
C GLY F 86 18.11 -6.17 39.66
N LYS F 87 18.03 -7.20 40.51
CA LYS F 87 18.24 -8.58 40.09
C LYS F 87 16.99 -9.45 40.19
N LYS F 88 15.81 -8.87 40.14
CA LYS F 88 14.64 -9.73 40.24
C LYS F 88 14.19 -10.09 38.83
N VAL F 89 13.69 -11.30 38.67
CA VAL F 89 13.30 -11.81 37.37
C VAL F 89 11.81 -11.55 37.24
N LEU F 90 11.43 -10.66 36.33
CA LEU F 90 10.01 -10.42 36.07
C LEU F 90 9.45 -11.40 35.06
N VAL F 91 10.21 -11.66 33.99
CA VAL F 91 9.81 -12.62 32.95
C VAL F 91 11.00 -13.55 32.75
N PRO F 92 10.85 -14.85 32.97
CA PRO F 92 11.98 -15.77 32.79
C PRO F 92 12.19 -16.09 31.32
N LYS F 93 13.36 -16.69 31.03
CA LYS F 93 13.66 -17.17 29.69
C LYS F 93 13.03 -18.54 29.50
N VAL F 94 12.04 -18.63 28.62
CA VAL F 94 11.28 -19.85 28.36
C VAL F 94 11.33 -20.10 26.87
N SER F 95 11.98 -21.18 26.47
CA SER F 95 12.24 -21.45 25.07
C SER F 95 12.05 -22.93 24.79
N GLY F 96 11.54 -23.23 23.59
CA GLY F 96 11.49 -24.60 23.13
C GLY F 96 12.84 -25.22 22.91
N LEU F 97 13.90 -24.44 23.03
CA LEU F 97 15.26 -24.93 22.88
C LEU F 97 15.91 -25.19 24.22
N GLN F 98 15.13 -25.19 25.31
CA GLN F 98 15.64 -25.44 26.64
C GLN F 98 15.45 -26.89 27.02
N TYR F 99 16.40 -27.40 27.81
CA TYR F 99 16.16 -28.62 28.57
C TYR F 99 15.14 -28.34 29.66
N ARG F 100 14.16 -29.22 29.81
CA ARG F 100 13.28 -29.25 30.97
C ARG F 100 13.71 -30.45 31.81
N VAL F 101 14.22 -30.19 33.02
CA VAL F 101 14.73 -31.24 33.90
C VAL F 101 13.87 -31.25 35.16
N PHE F 102 13.00 -32.26 35.27
CA PHE F 102 12.07 -32.38 36.37
C PHE F 102 12.68 -33.25 37.47
N ARG F 103 12.75 -32.72 38.69
CA ARG F 103 13.10 -33.50 39.87
C ARG F 103 11.80 -33.86 40.57
N ILE F 104 11.35 -35.09 40.38
CA ILE F 104 10.08 -35.53 40.94
C ILE F 104 10.35 -36.15 42.30
N LYS F 105 9.73 -35.58 43.33
CA LYS F 105 9.93 -36.05 44.68
C LYS F 105 8.71 -36.89 45.07
N LEU F 106 8.96 -38.10 45.44
CA LEU F 106 8.00 -39.14 45.82
C LEU F 106 7.87 -39.22 47.33
N PRO F 107 6.72 -39.64 47.84
CA PRO F 107 6.59 -39.87 49.28
C PRO F 107 7.46 -41.03 49.73
N ASP F 108 8.09 -40.86 50.89
CA ASP F 108 8.89 -41.91 51.48
C ASP F 108 8.00 -43.11 51.77
N PRO F 109 8.21 -44.26 51.11
CA PRO F 109 7.32 -45.41 51.35
C PRO F 109 7.48 -46.01 52.73
N ASN F 110 8.63 -45.81 53.38
CA ASN F 110 8.82 -46.23 54.75
C ASN F 110 8.10 -45.35 55.75
N LYS F 111 7.63 -44.17 55.34
CA LYS F 111 6.78 -43.33 56.18
C LYS F 111 5.37 -43.16 55.61
N PHE F 112 5.01 -43.92 54.58
CA PHE F 112 3.72 -43.75 53.91
C PHE F 112 2.62 -44.53 54.62
N GLY F 113 1.43 -43.93 54.68
CA GLY F 113 0.29 -44.56 55.33
C GLY F 113 -0.39 -45.65 54.52
N PHE F 114 0.25 -46.81 54.39
CA PHE F 114 -0.35 -47.92 53.66
C PHE F 114 -1.55 -48.49 54.44
N PRO F 115 -2.62 -48.90 53.74
CA PRO F 115 -3.74 -49.52 54.45
C PRO F 115 -3.38 -50.87 55.06
N ASP F 116 -2.39 -51.56 54.49
CA ASP F 116 -1.95 -52.85 55.01
C ASP F 116 -0.43 -52.89 54.93
N THR F 117 0.22 -52.96 56.09
CA THR F 117 1.68 -52.94 56.19
C THR F 117 2.28 -54.31 56.51
N SER F 118 1.57 -55.40 56.16
CA SER F 118 2.00 -56.75 56.49
C SER F 118 2.64 -57.50 55.32
N PHE F 119 2.88 -56.82 54.19
CA PHE F 119 3.49 -57.41 53.00
C PHE F 119 5.02 -57.38 53.02
N TYR F 120 5.64 -56.65 53.96
CA TYR F 120 7.10 -56.53 54.06
C TYR F 120 7.48 -56.55 55.53
N ASN F 121 8.76 -56.74 55.82
CA ASN F 121 9.17 -56.87 57.22
C ASN F 121 10.02 -55.67 57.66
N PRO F 122 9.45 -54.70 58.37
CA PRO F 122 10.21 -53.51 58.77
C PRO F 122 11.38 -53.78 59.73
N GLU F 123 11.48 -54.98 60.30
CA GLU F 123 12.63 -55.32 61.13
C GLU F 123 13.86 -55.64 60.30
N THR F 124 13.67 -56.23 59.12
CA THR F 124 14.76 -56.68 58.29
C THR F 124 14.71 -56.12 56.87
N GLN F 125 13.70 -55.31 56.53
CA GLN F 125 13.50 -54.86 55.16
C GLN F 125 13.19 -53.37 55.16
N ARG F 126 13.48 -52.72 54.04
CA ARG F 126 13.06 -51.35 53.79
C ARG F 126 12.37 -51.28 52.43
N LEU F 127 11.57 -50.23 52.25
CA LEU F 127 10.77 -50.04 51.04
C LEU F 127 11.36 -48.96 50.14
N VAL F 128 11.12 -49.12 48.84
CA VAL F 128 11.53 -48.13 47.85
C VAL F 128 10.62 -48.29 46.65
N TRP F 129 10.38 -47.18 45.94
CA TRP F 129 9.56 -47.18 44.74
C TRP F 129 10.39 -47.53 43.51
N ALA F 130 9.77 -48.26 42.59
CA ALA F 130 10.32 -48.49 41.26
C ALA F 130 9.34 -47.96 40.23
N CYS F 131 9.88 -47.31 39.19
CA CYS F 131 9.04 -46.79 38.11
C CYS F 131 8.83 -47.87 37.05
N THR F 132 7.56 -48.17 36.76
CA THR F 132 7.24 -49.11 35.69
C THR F 132 6.61 -48.48 34.47
N GLY F 133 6.04 -47.27 34.61
CA GLY F 133 5.36 -46.64 33.49
C GLY F 133 5.43 -45.14 33.55
N LEU F 134 5.27 -44.54 32.37
CA LEU F 134 5.52 -43.12 32.20
C LEU F 134 4.82 -42.62 30.94
N GLU F 135 4.08 -41.52 31.05
CA GLU F 135 3.60 -40.79 29.88
C GLU F 135 3.91 -39.32 30.08
N ILE F 136 4.66 -38.73 29.16
CA ILE F 136 5.01 -37.31 29.22
C ILE F 136 3.99 -36.57 28.36
N GLY F 137 3.02 -35.95 29.02
CA GLY F 137 1.99 -35.23 28.30
C GLY F 137 2.49 -33.85 27.86
N ARG F 138 2.08 -33.45 26.66
CA ARG F 138 2.48 -32.16 26.12
C ARG F 138 1.23 -31.47 25.58
N GLY F 139 0.92 -30.31 26.14
CA GLY F 139 -0.09 -29.43 25.60
C GLY F 139 0.51 -28.53 24.54
N GLN F 140 -0.31 -27.57 24.07
CA GLN F 140 0.09 -26.60 23.05
C GLN F 140 0.17 -27.27 21.67
N PRO F 141 -0.06 -26.53 20.60
CA PRO F 141 0.01 -27.14 19.26
C PRO F 141 1.45 -27.36 18.84
N LEU F 142 1.64 -28.23 17.86
CA LEU F 142 2.93 -28.32 17.22
C LEU F 142 3.22 -27.03 16.48
N GLY F 143 4.47 -26.63 16.45
CA GLY F 143 4.86 -25.39 15.79
C GLY F 143 6.35 -25.23 15.86
N VAL F 144 6.85 -24.23 15.14
CA VAL F 144 8.28 -23.97 15.07
C VAL F 144 8.54 -22.52 15.45
N GLY F 145 9.50 -22.31 16.35
CA GLY F 145 9.94 -20.98 16.68
C GLY F 145 11.17 -20.58 15.85
N ILE F 146 11.50 -19.29 15.93
CA ILE F 146 12.58 -18.72 15.15
C ILE F 146 13.50 -17.96 16.09
N SER F 147 14.80 -17.99 15.80
CA SER F 147 15.78 -17.27 16.60
C SER F 147 16.62 -16.38 15.68
N GLY F 148 17.20 -15.34 16.28
CA GLY F 148 18.01 -14.45 15.48
C GLY F 148 18.95 -13.59 16.29
N HIS F 149 19.53 -12.61 15.61
CA HIS F 149 20.44 -11.69 16.18
C HIS F 149 20.30 -10.41 15.37
N PRO F 150 20.04 -9.27 16.01
CA PRO F 150 20.02 -8.02 15.24
C PRO F 150 21.37 -7.65 14.66
N LEU F 151 22.47 -8.16 15.21
CA LEU F 151 23.81 -7.89 14.72
C LEU F 151 24.60 -9.19 14.57
N LEU F 152 24.09 -10.08 13.72
CA LEU F 152 24.77 -11.34 13.45
C LEU F 152 25.96 -11.12 12.52
N ASN F 153 27.10 -11.74 12.84
CA ASN F 153 28.31 -11.62 12.04
C ASN F 153 28.18 -12.51 10.81
N LYS F 154 27.37 -12.05 9.86
CA LYS F 154 27.30 -12.63 8.53
C LYS F 154 27.92 -11.63 7.56
N PHE F 155 28.78 -12.13 6.68
CA PHE F 155 29.37 -11.21 5.73
C PHE F 155 28.68 -11.36 4.38
N ASP F 156 29.07 -12.36 3.60
CA ASP F 156 28.48 -12.63 2.29
C ASP F 156 27.70 -13.94 2.28
N ASP F 157 26.82 -14.05 1.30
CA ASP F 157 26.15 -15.30 0.96
C ASP F 157 27.06 -16.05 0.00
N THR F 158 27.57 -17.20 0.44
CA THR F 158 28.59 -17.95 -0.28
C THR F 158 28.02 -19.17 -1.01
N GLU F 159 26.72 -19.18 -1.31
CA GLU F 159 26.06 -20.32 -1.93
C GLU F 159 26.14 -20.30 -3.46
N THR F 160 25.85 -19.15 -4.08
CA THR F 160 25.77 -19.08 -5.54
C THR F 160 26.62 -17.97 -6.15
N SER F 161 26.64 -16.77 -5.58
CA SER F 161 27.35 -15.65 -6.20
C SER F 161 28.03 -14.82 -5.12
N ASN F 162 29.37 -14.82 -5.12
CA ASN F 162 30.17 -14.04 -4.19
C ASN F 162 31.46 -13.66 -4.90
N LYS F 163 31.35 -12.71 -5.83
CA LYS F 163 32.42 -12.26 -6.69
C LYS F 163 33.41 -11.38 -5.93
N TYR F 164 34.60 -11.29 -6.49
CA TYR F 164 35.63 -10.39 -5.96
C TYR F 164 35.37 -8.96 -6.43
N ALA F 165 35.31 -8.02 -5.49
CA ALA F 165 35.71 -8.27 -4.11
C ALA F 165 34.87 -7.46 -3.14
N GLY F 166 35.41 -7.31 -1.93
CA GLY F 166 34.73 -6.60 -0.87
C GLY F 166 35.47 -6.66 0.45
N LYS F 167 35.96 -5.55 0.90
CA LYS F 167 36.73 -5.54 2.14
C LYS F 167 35.77 -5.38 3.31
N PRO F 168 35.90 -6.20 4.36
CA PRO F 168 34.95 -6.12 5.48
C PRO F 168 34.67 -4.72 5.99
N GLY F 169 35.67 -3.89 6.21
CA GLY F 169 35.28 -2.64 6.85
C GLY F 169 35.06 -2.84 8.34
N ILE F 170 34.47 -1.84 8.97
CA ILE F 170 34.47 -1.86 10.43
C ILE F 170 33.30 -2.63 11.03
N ASP F 171 32.14 -2.69 10.37
CA ASP F 171 30.97 -3.37 10.93
C ASP F 171 30.00 -3.71 9.79
N ASN F 172 29.90 -5.01 9.46
CA ASN F 172 28.99 -5.48 8.42
C ASN F 172 27.93 -6.42 8.95
N ARG F 173 27.73 -6.41 10.27
CA ARG F 173 26.78 -7.32 10.88
C ARG F 173 25.36 -7.02 10.39
N GLU F 174 24.56 -8.06 10.21
CA GLU F 174 23.22 -7.95 9.67
C GLU F 174 22.20 -8.53 10.63
N CYS F 175 20.93 -8.19 10.42
CA CYS F 175 19.83 -8.59 11.31
C CYS F 175 19.12 -9.79 10.70
N LEU F 176 19.55 -10.99 11.11
CA LEU F 176 19.09 -12.25 10.52
C LEU F 176 18.48 -13.17 11.56
N SER F 177 17.65 -14.09 11.07
CA SER F 177 17.03 -15.10 11.90
C SER F 177 17.04 -16.44 11.17
N MET F 178 16.70 -17.51 11.91
CA MET F 178 16.82 -18.87 11.40
C MET F 178 15.97 -19.78 12.25
N ASP F 179 15.64 -20.96 11.71
CA ASP F 179 14.97 -22.01 12.48
C ASP F 179 15.97 -23.09 12.86
N TYR F 180 15.88 -23.56 14.09
CA TYR F 180 16.94 -24.39 14.64
C TYR F 180 16.79 -25.86 14.26
N LYS F 181 17.83 -26.62 14.57
CA LYS F 181 17.75 -28.07 14.48
C LYS F 181 16.66 -28.61 15.39
N GLN F 182 15.85 -29.52 14.86
CA GLN F 182 14.74 -30.10 15.60
C GLN F 182 15.25 -31.24 16.48
N THR F 183 14.80 -31.26 17.75
CA THR F 183 15.24 -32.27 18.70
C THR F 183 14.10 -32.69 19.61
N GLN F 184 13.86 -34.00 19.69
CA GLN F 184 13.05 -34.60 20.73
C GLN F 184 13.92 -35.58 21.49
N LEU F 185 13.82 -35.56 22.82
CA LEU F 185 14.49 -36.58 23.61
C LEU F 185 13.83 -36.65 24.97
N CYS F 186 13.95 -37.82 25.58
CA CYS F 186 13.52 -38.00 26.96
CA CYS F 186 13.50 -38.02 26.95
C CYS F 186 14.45 -39.00 27.62
N ILE F 187 14.92 -38.65 28.82
CA ILE F 187 15.81 -39.49 29.60
C ILE F 187 15.21 -39.65 30.98
N LEU F 188 15.23 -40.87 31.49
CA LEU F 188 14.66 -41.17 32.80
C LEU F 188 15.74 -41.84 33.64
N GLY F 189 15.90 -41.36 34.87
CA GLY F 189 16.82 -41.92 35.84
C GLY F 189 16.52 -41.36 37.21
N CYS F 190 17.22 -41.88 38.21
CA CYS F 190 17.06 -41.37 39.57
C CYS F 190 18.16 -40.39 39.98
N LYS F 191 19.18 -40.22 39.15
CA LYS F 191 20.13 -39.16 39.37
C LYS F 191 20.17 -38.29 38.11
N PRO F 192 20.53 -37.01 38.24
CA PRO F 192 20.37 -36.11 37.10
C PRO F 192 21.24 -36.51 35.95
N PRO F 193 20.85 -36.17 34.72
CA PRO F 193 21.61 -36.58 33.54
C PRO F 193 22.84 -35.70 33.32
N ILE F 194 23.77 -36.26 32.56
CA ILE F 194 25.09 -35.68 32.34
C ILE F 194 25.19 -35.25 30.88
N GLY F 195 25.61 -34.01 30.66
CA GLY F 195 25.79 -33.50 29.33
C GLY F 195 27.27 -33.30 29.00
N GLU F 196 27.53 -33.07 27.71
CA GLU F 196 28.85 -32.76 27.21
C GLU F 196 28.80 -31.49 26.37
N HIS F 197 29.88 -30.72 26.44
CA HIS F 197 30.00 -29.52 25.63
C HIS F 197 31.48 -29.14 25.54
N TRP F 198 31.81 -28.36 24.50
CA TRP F 198 33.16 -27.88 24.32
C TRP F 198 33.31 -26.54 25.04
N GLY F 199 34.38 -26.43 25.83
CA GLY F 199 34.68 -25.21 26.56
C GLY F 199 36.13 -24.81 26.35
N LYS F 200 36.49 -23.65 26.90
CA LYS F 200 37.86 -23.19 26.82
C LYS F 200 38.75 -24.06 27.69
N GLY F 201 39.82 -24.58 27.11
CA GLY F 201 40.80 -25.41 27.77
C GLY F 201 41.82 -24.63 28.58
N THR F 202 42.90 -25.35 28.97
CA THR F 202 44.03 -24.83 29.73
C THR F 202 45.03 -24.17 28.79
N PRO F 203 45.65 -23.04 29.20
CA PRO F 203 46.40 -22.22 28.23
C PRO F 203 47.65 -22.88 27.65
N CYS F 204 48.21 -23.89 28.30
CA CYS F 204 49.35 -24.65 27.75
C CYS F 204 50.54 -23.76 27.38
N ASN F 210 49.85 -13.61 20.04
CA ASN F 210 49.28 -14.31 21.20
C ASN F 210 47.86 -13.85 21.58
N PRO F 211 47.61 -12.53 21.67
CA PRO F 211 46.24 -12.08 21.95
C PRO F 211 45.35 -12.20 20.71
N GLY F 212 44.31 -13.01 20.84
CA GLY F 212 43.45 -13.28 19.71
C GLY F 212 43.77 -14.58 19.02
N ASP F 213 44.63 -15.38 19.61
CA ASP F 213 44.89 -16.70 19.09
C ASP F 213 43.71 -17.62 19.42
N CYS F 214 43.60 -18.66 18.63
CA CYS F 214 42.48 -19.58 18.75
C CYS F 214 42.51 -20.23 20.12
N PRO F 215 41.40 -20.23 20.85
CA PRO F 215 41.39 -20.84 22.17
C PRO F 215 41.53 -22.36 22.09
N PRO F 216 42.22 -22.96 23.06
CA PRO F 216 42.27 -24.42 23.11
C PRO F 216 40.93 -25.00 23.56
N LEU F 217 40.58 -26.15 22.98
CA LEU F 217 39.28 -26.76 23.24
C LEU F 217 39.44 -27.91 24.21
N GLN F 218 38.40 -28.12 25.01
CA GLN F 218 38.37 -29.17 26.03
C GLN F 218 36.94 -29.67 26.20
N LEU F 219 36.74 -30.98 26.17
CA LEU F 219 35.39 -31.54 26.31
C LEU F 219 35.01 -31.62 27.78
N ILE F 220 33.91 -30.97 28.15
CA ILE F 220 33.52 -30.75 29.54
C ILE F 220 32.24 -31.51 29.81
N ASN F 221 32.22 -32.25 30.93
CA ASN F 221 31.02 -32.90 31.42
C ASN F 221 30.38 -32.09 32.53
N SER F 222 29.05 -32.12 32.59
CA SER F 222 28.31 -31.38 33.60
C SER F 222 26.94 -32.00 33.76
N VAL F 223 26.30 -31.68 34.87
CA VAL F 223 24.91 -32.04 35.08
C VAL F 223 24.05 -31.11 34.25
N ILE F 224 23.07 -31.68 33.54
CA ILE F 224 22.15 -30.88 32.75
C ILE F 224 21.06 -30.33 33.67
N GLN F 225 20.95 -29.01 33.76
CA GLN F 225 19.99 -28.34 34.61
C GLN F 225 18.81 -27.83 33.80
N ASP F 226 17.70 -27.58 34.50
CA ASP F 226 16.53 -27.00 33.88
C ASP F 226 16.84 -25.60 33.37
N GLY F 227 16.54 -25.36 32.09
CA GLY F 227 16.85 -24.10 31.47
C GLY F 227 18.12 -24.10 30.64
N ASP F 228 18.94 -25.15 30.75
CA ASP F 228 20.09 -25.27 29.88
C ASP F 228 19.63 -25.31 28.43
N MET F 229 20.49 -24.85 27.53
CA MET F 229 20.15 -24.82 26.12
C MET F 229 20.61 -26.10 25.44
N VAL F 230 19.75 -26.64 24.58
CA VAL F 230 20.13 -27.77 23.76
C VAL F 230 20.96 -27.27 22.59
N ASP F 231 21.74 -28.16 21.98
CA ASP F 231 22.45 -27.75 20.77
C ASP F 231 21.45 -27.46 19.66
N THR F 232 21.79 -26.51 18.80
CA THR F 232 20.84 -25.96 17.85
C THR F 232 21.22 -26.14 16.40
N GLY F 233 22.36 -26.76 16.11
CA GLY F 233 22.92 -26.79 14.78
C GLY F 233 24.30 -26.17 14.68
N PHE F 234 24.70 -25.40 15.69
CA PHE F 234 26.05 -24.85 15.76
C PHE F 234 26.93 -25.61 16.76
N GLY F 235 26.48 -26.78 17.21
CA GLY F 235 27.26 -27.61 18.10
C GLY F 235 26.98 -27.33 19.57
N CYS F 236 27.53 -28.21 20.41
CA CYS F 236 27.40 -28.11 21.86
C CYS F 236 28.68 -27.46 22.40
N MET F 237 28.64 -26.15 22.63
CA MET F 237 29.84 -25.45 23.07
C MET F 237 29.45 -24.27 23.95
N ASP F 238 30.44 -23.78 24.69
CA ASP F 238 30.28 -22.59 25.52
C ASP F 238 30.49 -21.36 24.66
N PHE F 239 29.41 -20.80 24.13
CA PHE F 239 29.52 -19.65 23.27
C PHE F 239 29.97 -18.42 24.04
N ASN F 240 29.74 -18.38 25.34
CA ASN F 240 30.15 -17.23 26.14
C ASN F 240 31.68 -17.06 26.10
N THR F 241 32.43 -18.17 26.08
CA THR F 241 33.88 -18.13 26.15
C THR F 241 34.57 -18.41 24.81
N LEU F 242 33.92 -19.14 23.91
CA LEU F 242 34.54 -19.53 22.64
C LEU F 242 34.17 -18.62 21.49
N GLN F 243 33.23 -17.70 21.69
CA GLN F 243 32.86 -16.70 20.66
C GLN F 243 32.84 -15.34 21.34
N ALA F 244 33.95 -14.59 21.21
CA ALA F 244 34.11 -13.39 22.01
C ALA F 244 33.28 -12.21 21.52
N SER F 245 33.00 -12.12 20.22
CA SER F 245 32.28 -10.97 19.68
C SER F 245 30.81 -10.93 20.06
N LYS F 246 30.26 -12.02 20.60
CA LYS F 246 28.84 -12.18 20.94
C LYS F 246 27.92 -12.10 19.72
N SER F 247 28.46 -12.20 18.51
CA SER F 247 27.64 -11.99 17.31
C SER F 247 27.68 -13.14 16.30
N ASP F 248 28.27 -14.28 16.65
CA ASP F 248 28.40 -15.36 15.67
C ASP F 248 27.22 -16.33 15.67
N VAL F 249 26.42 -16.35 16.72
CA VAL F 249 25.21 -17.18 16.80
C VAL F 249 24.09 -16.33 17.39
N PRO F 250 22.83 -16.75 17.21
CA PRO F 250 21.71 -15.93 17.68
C PRO F 250 21.76 -15.64 19.18
N ILE F 251 21.00 -14.61 19.58
CA ILE F 251 21.16 -14.06 20.93
C ILE F 251 20.61 -14.96 22.04
N ASP F 252 19.81 -15.98 21.72
CA ASP F 252 19.34 -16.86 22.77
C ASP F 252 20.36 -17.93 23.15
N ILE F 253 21.50 -18.01 22.44
CA ILE F 253 22.56 -18.94 22.79
C ILE F 253 23.93 -18.30 22.79
N CYS F 254 24.05 -17.04 22.39
CA CYS F 254 25.39 -16.47 22.19
C CYS F 254 26.13 -16.23 23.51
N SER F 255 25.43 -16.20 24.64
CA SER F 255 26.11 -16.16 25.93
C SER F 255 25.70 -17.33 26.83
N SER F 256 25.26 -18.43 26.22
CA SER F 256 24.84 -19.63 26.94
C SER F 256 25.79 -20.78 26.61
N VAL F 257 25.64 -21.87 27.34
CA VAL F 257 26.29 -23.13 27.02
C VAL F 257 25.22 -24.05 26.44
N CYS F 258 25.49 -24.57 25.25
CA CYS F 258 24.64 -25.57 24.62
C CYS F 258 25.21 -26.94 24.95
N LYS F 259 24.40 -27.77 25.60
CA LYS F 259 24.83 -29.08 26.09
C LYS F 259 24.13 -30.19 25.31
N TYR F 260 24.87 -31.29 25.07
CA TYR F 260 24.35 -32.51 24.47
C TYR F 260 24.51 -33.69 25.43
N PRO F 261 23.53 -34.57 25.52
CA PRO F 261 23.61 -35.64 26.52
C PRO F 261 24.76 -36.59 26.23
N ASP F 262 25.58 -36.86 27.25
CA ASP F 262 26.68 -37.80 27.07
C ASP F 262 26.13 -39.22 27.23
N TYR F 263 25.44 -39.66 26.18
CA TYR F 263 24.82 -40.98 26.20
C TYR F 263 25.88 -42.05 26.44
N LEU F 264 27.05 -41.88 25.82
CA LEU F 264 28.12 -42.87 25.98
C LEU F 264 28.55 -43.00 27.43
N GLN F 265 28.79 -41.87 28.10
CA GLN F 265 29.25 -41.96 29.49
C GLN F 265 28.16 -42.50 30.40
N MET F 266 26.92 -42.03 30.22
CA MET F 266 25.81 -42.50 31.04
C MET F 266 25.55 -44.00 30.89
N ALA F 267 25.74 -44.55 29.69
CA ALA F 267 25.48 -45.97 29.51
C ALA F 267 26.53 -46.83 30.21
N SER F 268 27.77 -46.36 30.27
CA SER F 268 28.88 -47.15 30.79
C SER F 268 29.14 -46.92 32.27
N GLU F 269 28.39 -46.05 32.94
CA GLU F 269 28.55 -45.93 34.37
C GLU F 269 28.03 -47.22 35.04
N PRO F 270 28.73 -47.70 36.07
CA PRO F 270 28.43 -49.06 36.59
C PRO F 270 27.02 -49.26 37.11
N TYR F 271 26.48 -48.32 37.90
CA TYR F 271 25.18 -48.57 38.49
C TYR F 271 24.02 -48.27 37.54
N GLY F 272 24.18 -47.32 36.63
CA GLY F 272 23.12 -46.94 35.71
C GLY F 272 22.02 -46.11 36.34
N ASP F 273 22.39 -45.18 37.23
CA ASP F 273 21.41 -44.35 37.92
C ASP F 273 20.98 -43.13 37.11
N SER F 274 21.75 -42.73 36.10
CA SER F 274 21.37 -41.60 35.25
C SER F 274 20.47 -42.01 34.09
N LEU F 275 20.64 -43.22 33.57
CA LEU F 275 19.97 -43.70 32.35
C LEU F 275 19.22 -45.00 32.64
N PHE F 276 17.92 -44.90 32.99
CA PHE F 276 17.07 -46.09 32.91
C PHE F 276 16.80 -46.43 31.45
N PHE F 277 16.41 -45.44 30.67
CA PHE F 277 16.20 -45.56 29.23
C PHE F 277 16.20 -44.16 28.65
N PHE F 278 16.27 -44.09 27.31
CA PHE F 278 16.13 -42.83 26.62
C PHE F 278 15.56 -43.07 25.23
N LEU F 279 14.89 -42.04 24.72
CA LEU F 279 14.48 -41.96 23.33
C LEU F 279 15.01 -40.64 22.77
N ARG F 280 15.34 -40.65 21.49
CA ARG F 280 15.81 -39.42 20.87
C ARG F 280 15.42 -39.38 19.40
N ARG F 281 15.11 -38.19 18.90
CA ARG F 281 14.85 -38.02 17.48
C ARG F 281 15.31 -36.61 17.10
N GLU F 282 16.45 -36.52 16.43
CA GLU F 282 17.06 -35.27 16.00
C GLU F 282 17.07 -35.20 14.48
N GLN F 283 16.98 -33.98 13.95
CA GLN F 283 17.13 -33.79 12.50
C GLN F 283 17.46 -32.35 12.19
N MET F 284 18.22 -32.14 11.12
CA MET F 284 18.52 -30.81 10.59
C MET F 284 19.10 -30.95 9.19
N PHE F 285 19.02 -29.85 8.44
CA PHE F 285 19.73 -29.73 7.17
C PHE F 285 20.32 -28.33 7.06
N VAL F 286 21.12 -28.11 6.01
CA VAL F 286 21.77 -26.81 5.80
C VAL F 286 20.90 -25.95 4.90
N ARG F 287 20.43 -24.83 5.44
CA ARG F 287 19.56 -23.94 4.70
C ARG F 287 20.33 -22.86 3.95
N HIS F 288 21.36 -22.26 4.56
CA HIS F 288 22.13 -21.22 3.89
C HIS F 288 23.61 -21.37 4.22
N PHE F 289 24.42 -20.77 3.34
CA PHE F 289 25.88 -20.89 3.34
C PHE F 289 26.46 -19.48 3.40
N PHE F 290 27.03 -19.11 4.54
CA PHE F 290 27.57 -17.77 4.77
C PHE F 290 29.05 -17.84 5.10
N ASN F 291 29.69 -16.68 5.20
CA ASN F 291 31.04 -16.60 5.76
C ASN F 291 31.09 -15.45 6.76
N ARG F 292 32.18 -15.39 7.51
CA ARG F 292 32.30 -14.45 8.62
C ARG F 292 33.13 -13.22 8.25
N ALA F 293 32.78 -12.10 8.87
CA ALA F 293 33.68 -10.96 8.94
C ALA F 293 34.63 -11.10 10.13
N GLY F 294 35.65 -10.26 10.16
CA GLY F 294 36.73 -10.41 11.10
C GLY F 294 37.95 -11.02 10.43
N THR F 295 39.08 -10.95 11.14
CA THR F 295 40.31 -11.47 10.58
C THR F 295 40.26 -12.99 10.59
N LEU F 296 40.56 -13.60 9.45
CA LEU F 296 40.61 -15.05 9.37
C LEU F 296 41.83 -15.52 10.17
N GLY F 297 41.58 -16.28 11.23
CA GLY F 297 42.65 -16.62 12.15
C GLY F 297 43.66 -17.62 11.60
N ASP F 298 43.19 -18.59 10.81
CA ASP F 298 44.08 -19.56 10.18
C ASP F 298 44.00 -19.38 8.66
N PRO F 299 44.91 -18.62 8.07
CA PRO F 299 44.84 -18.40 6.62
C PRO F 299 45.06 -19.70 5.88
N VAL F 300 44.45 -19.79 4.70
CA VAL F 300 44.53 -21.01 3.88
C VAL F 300 45.98 -21.21 3.43
N PRO F 301 46.57 -22.39 3.62
CA PRO F 301 47.96 -22.61 3.16
C PRO F 301 48.09 -22.45 1.65
N GLY F 302 49.27 -21.99 1.23
CA GLY F 302 49.53 -21.63 -0.16
C GLY F 302 49.57 -22.79 -1.13
N ASP F 303 49.79 -24.02 -0.65
CA ASP F 303 49.81 -25.19 -1.53
C ASP F 303 48.43 -25.65 -1.96
N LEU F 304 47.37 -25.01 -1.48
CA LEU F 304 46.01 -25.41 -1.78
C LEU F 304 45.36 -24.54 -2.85
N TYR F 305 46.05 -23.53 -3.35
CA TYR F 305 45.49 -22.72 -4.44
C TYR F 305 46.59 -21.96 -5.14
N ILE F 306 46.31 -21.58 -6.37
CA ILE F 306 47.14 -20.66 -7.14
C ILE F 306 46.64 -19.24 -6.86
N GLN F 307 47.51 -18.41 -6.33
CA GLN F 307 47.17 -17.07 -5.94
C GLN F 307 46.75 -16.24 -7.16
N GLY F 308 45.91 -15.22 -6.91
CA GLY F 308 45.52 -14.33 -7.98
C GLY F 308 46.61 -13.35 -8.30
N SER F 309 46.49 -12.69 -9.45
CA SER F 309 47.59 -11.81 -9.85
C SER F 309 47.50 -10.53 -9.06
N ASN F 310 48.66 -10.04 -8.59
CA ASN F 310 48.66 -8.82 -7.80
C ASN F 310 48.26 -7.66 -8.69
N SER F 311 47.68 -6.62 -8.09
CA SER F 311 47.08 -5.53 -8.85
C SER F 311 46.05 -6.15 -9.80
N GLY F 312 45.26 -7.03 -9.22
CA GLY F 312 44.30 -7.83 -9.97
C GLY F 312 43.13 -8.11 -9.06
N ASN F 313 41.97 -8.35 -9.68
CA ASN F 313 40.69 -8.43 -9.00
C ASN F 313 40.66 -9.48 -7.88
N THR F 314 41.63 -10.40 -7.84
CA THR F 314 41.56 -11.59 -6.98
C THR F 314 42.71 -11.72 -5.99
N ALA F 315 43.61 -10.75 -5.89
CA ALA F 315 44.88 -10.97 -5.22
C ALA F 315 44.85 -10.77 -3.72
N THR F 316 43.68 -10.59 -3.13
CA THR F 316 43.55 -10.68 -1.69
C THR F 316 42.41 -11.65 -1.40
N VAL F 317 42.71 -12.72 -0.69
CA VAL F 317 41.77 -13.81 -0.53
C VAL F 317 40.60 -13.41 0.35
N GLN F 318 39.39 -13.84 -0.03
CA GLN F 318 38.25 -13.65 0.86
C GLN F 318 38.28 -14.66 1.99
N SER F 319 37.56 -14.33 3.07
CA SER F 319 37.54 -15.17 4.26
C SER F 319 36.84 -16.49 3.96
N SER F 320 37.52 -17.61 4.23
CA SER F 320 36.91 -18.92 4.14
C SER F 320 36.47 -19.42 5.51
N ALA F 321 36.14 -18.50 6.42
CA ALA F 321 35.50 -18.86 7.68
C ALA F 321 34.00 -19.04 7.40
N PHE F 322 33.67 -20.18 6.80
CA PHE F 322 32.29 -20.44 6.42
C PHE F 322 31.46 -20.88 7.63
N PHE F 323 30.15 -20.70 7.52
CA PHE F 323 29.26 -21.24 8.55
C PHE F 323 27.85 -21.47 8.01
N PRO F 324 27.21 -22.58 8.38
CA PRO F 324 25.85 -22.86 7.92
C PRO F 324 24.77 -22.29 8.82
N THR F 325 23.60 -22.02 8.20
CA THR F 325 22.51 -21.92 9.15
C THR F 325 21.76 -23.25 9.20
N PRO F 326 21.30 -23.70 10.36
CA PRO F 326 20.57 -24.97 10.43
C PRO F 326 19.11 -24.79 10.04
N SER F 327 18.41 -25.92 9.88
CA SER F 327 16.96 -25.93 9.68
C SER F 327 16.42 -27.29 10.10
N GLY F 328 15.35 -27.29 10.90
CA GLY F 328 14.74 -28.49 11.41
C GLY F 328 13.70 -29.15 10.54
N SER F 329 13.36 -28.56 9.41
CA SER F 329 12.33 -29.10 8.50
C SER F 329 11.00 -29.26 9.26
N MET F 330 10.14 -30.15 8.78
CA MET F 330 8.80 -30.24 9.31
C MET F 330 8.74 -30.87 10.69
N VAL F 331 7.77 -30.43 11.48
CA VAL F 331 7.34 -31.12 12.68
C VAL F 331 6.04 -31.83 12.37
N THR F 332 5.92 -33.09 12.74
CA THR F 332 4.77 -33.90 12.38
C THR F 332 4.29 -34.67 13.60
N SER F 333 2.99 -34.98 13.59
CA SER F 333 2.41 -35.78 14.65
C SER F 333 3.00 -37.19 14.70
N GLU F 334 3.19 -37.82 13.54
CA GLU F 334 3.64 -39.22 13.53
C GLU F 334 5.05 -39.39 14.12
N SER F 335 5.80 -38.31 14.28
CA SER F 335 7.15 -38.34 14.83
C SER F 335 7.20 -38.15 16.33
N GLN F 336 6.06 -37.96 16.98
CA GLN F 336 6.07 -37.57 18.38
C GLN F 336 6.56 -38.70 19.29
N LEU F 337 7.42 -38.33 20.24
CA LEU F 337 7.83 -39.22 21.31
C LEU F 337 6.90 -39.14 22.51
N PHE F 338 6.07 -38.10 22.58
CA PHE F 338 5.32 -37.80 23.80
C PHE F 338 3.82 -38.08 23.61
N ASN F 339 3.07 -37.83 24.69
CA ASN F 339 1.64 -38.08 24.71
C ASN F 339 1.30 -39.53 24.38
N LYS F 340 2.23 -40.45 24.69
CA LYS F 340 1.97 -41.88 24.58
C LYS F 340 2.76 -42.58 25.66
N PRO F 341 2.20 -43.62 26.27
CA PRO F 341 2.86 -44.23 27.43
C PRO F 341 4.08 -45.02 27.01
N TYR F 342 5.06 -45.06 27.93
CA TYR F 342 6.23 -45.90 27.79
C TYR F 342 6.38 -46.73 29.07
N TRP F 343 6.51 -48.04 28.93
CA TRP F 343 6.64 -48.96 30.04
C TRP F 343 8.11 -49.43 30.16
N LEU F 344 8.70 -49.23 31.34
CA LEU F 344 10.04 -49.75 31.64
C LEU F 344 9.93 -51.23 31.96
N GLN F 345 10.31 -52.06 31.01
CA GLN F 345 10.38 -53.50 31.22
C GLN F 345 11.73 -53.94 31.77
N ARG F 346 12.80 -53.44 31.15
CA ARG F 346 14.16 -53.83 31.46
C ARG F 346 15.07 -52.65 31.19
N ALA F 347 15.66 -52.09 32.24
CA ALA F 347 16.59 -50.98 32.05
C ALA F 347 17.82 -51.49 31.33
N GLN F 348 18.57 -50.55 30.74
CA GLN F 348 19.77 -50.94 30.02
C GLN F 348 20.91 -51.24 31.00
N GLY F 349 20.92 -50.58 32.16
CA GLY F 349 21.96 -50.75 33.14
C GLY F 349 21.54 -51.63 34.30
N HIS F 350 22.36 -51.60 35.36
CA HIS F 350 22.13 -52.46 36.51
C HIS F 350 20.99 -51.95 37.40
N ASN F 351 20.70 -50.65 37.37
CA ASN F 351 19.55 -50.12 38.10
C ASN F 351 18.33 -50.34 37.23
N ASN F 352 17.51 -51.33 37.58
CA ASN F 352 16.31 -51.63 36.80
C ASN F 352 15.12 -50.77 37.26
N GLY F 353 15.30 -49.46 37.16
CA GLY F 353 14.21 -48.53 37.42
C GLY F 353 13.96 -48.18 38.87
N ILE F 354 14.88 -48.51 39.77
CA ILE F 354 14.69 -48.24 41.20
C ILE F 354 14.94 -46.77 41.49
N CYS F 355 13.99 -46.12 42.18
CA CYS F 355 14.09 -44.70 42.51
C CYS F 355 14.72 -44.53 43.89
N TRP F 356 16.03 -44.74 43.93
CA TRP F 356 16.78 -44.56 45.17
C TRP F 356 16.58 -43.14 45.70
N GLY F 357 16.45 -43.02 47.01
CA GLY F 357 16.23 -41.73 47.62
C GLY F 357 14.87 -41.11 47.41
N ASN F 358 13.91 -41.88 46.88
CA ASN F 358 12.54 -41.39 46.69
C ASN F 358 12.50 -40.18 45.78
N GLN F 359 13.25 -40.25 44.68
CA GLN F 359 13.25 -39.15 43.73
C GLN F 359 13.42 -39.71 42.32
N LEU F 360 13.00 -38.92 41.34
CA LEU F 360 13.14 -39.31 39.95
C LEU F 360 13.44 -38.08 39.11
N PHE F 361 14.28 -38.24 38.10
CA PHE F 361 14.62 -37.17 37.17
C PHE F 361 14.08 -37.48 35.79
N VAL F 362 13.31 -36.54 35.24
CA VAL F 362 12.79 -36.62 33.88
C VAL F 362 13.37 -35.44 33.11
N THR F 363 14.16 -35.74 32.08
CA THR F 363 14.75 -34.73 31.24
C THR F 363 14.05 -34.75 29.89
N VAL F 364 13.61 -33.58 29.42
CA VAL F 364 12.82 -33.47 28.20
C VAL F 364 13.38 -32.36 27.32
N VAL F 365 13.55 -32.65 26.04
CA VAL F 365 13.74 -31.64 25.01
C VAL F 365 12.67 -31.82 23.95
N ASP F 366 11.97 -30.74 23.63
CA ASP F 366 10.90 -30.86 22.64
C ASP F 366 10.82 -29.55 21.88
N THR F 367 11.47 -29.50 20.71
CA THR F 367 11.43 -28.33 19.86
C THR F 367 10.29 -28.38 18.86
N THR F 368 9.40 -29.38 18.96
CA THR F 368 8.30 -29.53 18.03
C THR F 368 7.07 -28.70 18.39
N ARG F 369 7.14 -27.91 19.47
CA ARG F 369 6.09 -26.99 19.92
C ARG F 369 6.69 -25.63 20.26
N SER F 370 7.70 -25.19 19.52
CA SER F 370 8.48 -24.01 19.91
C SER F 370 7.92 -22.70 19.36
N THR F 371 6.65 -22.69 18.92
CA THR F 371 6.03 -21.47 18.43
C THR F 371 6.15 -20.34 19.45
N ASN F 372 6.64 -19.19 18.98
CA ASN F 372 6.76 -17.97 19.79
C ASN F 372 5.58 -17.05 19.44
N MET F 373 4.80 -16.66 20.45
CA MET F 373 3.63 -15.83 20.20
C MET F 373 4.00 -14.35 20.04
N THR F 374 3.38 -13.72 19.05
CA THR F 374 3.53 -12.29 18.83
C THR F 374 2.48 -11.55 19.66
N LEU F 375 2.92 -10.71 20.57
CA LEU F 375 2.01 -9.87 21.33
C LEU F 375 2.26 -8.44 20.92
N CYS F 376 1.17 -7.69 20.72
CA CYS F 376 1.23 -6.35 20.17
C CYS F 376 0.26 -5.47 20.93
N ALA F 377 0.79 -4.47 21.62
CA ALA F 377 0.02 -3.55 22.44
C ALA F 377 0.01 -2.15 21.81
N GLU F 378 -1.08 -1.44 22.04
CA GLU F 378 -1.31 -0.13 21.44
C GLU F 378 -0.84 0.97 22.40
N VAL F 379 0.01 1.87 21.92
CA VAL F 379 0.48 2.98 22.74
C VAL F 379 -0.49 4.16 22.69
N LYS F 380 -0.91 4.55 21.49
CA LYS F 380 -1.90 5.61 21.27
C LYS F 380 -2.92 5.10 20.27
N LYS F 381 -4.19 5.24 20.59
CA LYS F 381 -5.23 4.84 19.66
C LYS F 381 -5.49 5.99 18.68
N GLU F 382 -5.33 5.74 17.39
CA GLU F 382 -5.58 6.73 16.35
C GLU F 382 -6.37 6.08 15.23
N SER F 383 -7.06 6.90 14.44
CA SER F 383 -7.92 6.37 13.38
C SER F 383 -7.13 5.89 12.16
N THR F 384 -5.84 6.21 12.07
CA THR F 384 -4.97 5.76 10.99
C THR F 384 -3.72 5.13 11.59
N TYR F 385 -3.01 4.34 10.78
CA TYR F 385 -1.91 3.52 11.28
C TYR F 385 -0.59 4.28 11.33
N LYS F 386 0.13 4.11 12.45
CA LYS F 386 1.51 4.57 12.61
C LYS F 386 2.29 3.53 13.41
N ASN F 387 3.47 3.14 12.92
CA ASN F 387 4.30 2.15 13.60
C ASN F 387 4.60 2.55 15.04
N GLU F 388 4.82 3.85 15.28
CA GLU F 388 5.18 4.35 16.60
C GLU F 388 4.07 4.17 17.62
N ASN F 389 2.86 3.82 17.19
CA ASN F 389 1.74 3.64 18.09
C ASN F 389 1.68 2.24 18.71
N PHE F 390 2.59 1.34 18.36
CA PHE F 390 2.51 -0.03 18.83
C PHE F 390 3.86 -0.51 19.31
N LYS F 391 3.84 -1.40 20.30
CA LYS F 391 5.01 -2.09 20.79
C LYS F 391 4.87 -3.58 20.53
N GLU F 392 5.96 -4.22 20.12
CA GLU F 392 5.94 -5.63 19.75
C GLU F 392 6.65 -6.45 20.81
N TYR F 393 6.03 -7.55 21.23
CA TYR F 393 6.61 -8.41 22.23
C TYR F 393 6.66 -9.84 21.72
N LEU F 394 7.45 -10.66 22.41
CA LEU F 394 7.56 -12.09 22.15
C LEU F 394 7.33 -12.84 23.44
N ARG F 395 6.51 -13.89 23.38
CA ARG F 395 6.30 -14.77 24.53
C ARG F 395 6.21 -16.21 24.06
N HIS F 396 6.69 -17.12 24.90
CA HIS F 396 6.62 -18.56 24.63
C HIS F 396 6.04 -19.29 25.84
N GLY F 397 5.22 -20.29 25.58
CA GLY F 397 4.60 -21.06 26.65
C GLY F 397 4.84 -22.54 26.47
N GLU F 398 5.12 -23.20 27.59
CA GLU F 398 5.34 -24.65 27.60
C GLU F 398 4.34 -25.28 28.57
N GLU F 399 3.68 -26.35 28.13
CA GLU F 399 2.67 -27.04 28.91
C GLU F 399 3.00 -28.52 29.04
N PHE F 400 3.01 -29.04 30.28
CA PHE F 400 3.31 -30.44 30.54
C PHE F 400 2.24 -31.07 31.43
N ASP F 401 2.22 -32.40 31.38
CA ASP F 401 1.48 -33.21 32.35
C ASP F 401 2.21 -34.54 32.47
N LEU F 402 2.93 -34.75 33.57
CA LEU F 402 3.75 -35.94 33.79
C LEU F 402 2.95 -36.96 34.60
N GLN F 403 2.80 -38.18 34.04
CA GLN F 403 2.09 -39.26 34.70
C GLN F 403 3.00 -40.46 34.91
N PHE F 404 2.91 -41.08 36.08
CA PHE F 404 3.77 -42.21 36.41
C PHE F 404 2.98 -43.35 37.02
N ILE F 405 3.55 -44.55 36.92
CA ILE F 405 3.07 -45.70 37.66
C ILE F 405 4.25 -46.34 38.36
N PHE F 406 4.17 -46.44 39.67
CA PHE F 406 5.27 -46.93 40.49
C PHE F 406 4.88 -48.27 41.09
N GLN F 407 5.86 -49.16 41.20
CA GLN F 407 5.68 -50.46 41.81
C GLN F 407 6.40 -50.45 43.14
N LEU F 408 5.70 -50.87 44.19
CA LEU F 408 6.31 -50.92 45.50
C LEU F 408 7.26 -52.11 45.58
N CYS F 409 8.44 -51.89 46.14
CA CYS F 409 9.46 -52.92 46.28
C CYS F 409 10.01 -52.94 47.70
N LYS F 410 10.52 -54.10 48.09
CA LYS F 410 11.11 -54.30 49.40
C LYS F 410 12.51 -54.87 49.24
N ILE F 411 13.38 -54.52 50.17
CA ILE F 411 14.79 -54.92 50.16
C ILE F 411 15.12 -55.54 51.51
N THR F 412 15.50 -56.82 51.51
CA THR F 412 15.93 -57.49 52.73
C THR F 412 17.37 -57.12 53.04
N LEU F 413 17.60 -56.50 54.19
CA LEU F 413 18.91 -55.92 54.52
C LEU F 413 19.78 -56.93 55.26
N THR F 414 20.24 -57.92 54.49
CA THR F 414 21.21 -58.89 54.98
C THR F 414 22.59 -58.23 55.08
N ALA F 415 23.58 -59.02 55.49
CA ALA F 415 24.94 -58.48 55.65
C ALA F 415 25.53 -58.05 54.31
N ASP F 416 25.41 -58.92 53.30
CA ASP F 416 25.98 -58.59 51.99
C ASP F 416 25.25 -57.40 51.34
N VAL F 417 23.94 -57.35 51.47
CA VAL F 417 23.16 -56.28 50.84
C VAL F 417 23.51 -54.93 51.44
N MET F 418 23.62 -54.86 52.77
CA MET F 418 24.00 -53.59 53.39
C MET F 418 25.40 -53.17 52.98
N THR F 419 26.30 -54.14 52.82
CA THR F 419 27.63 -53.83 52.34
C THR F 419 27.58 -53.31 50.90
N TYR F 420 26.80 -53.98 50.04
CA TYR F 420 26.71 -53.57 48.65
C TYR F 420 26.08 -52.18 48.53
N ILE F 421 24.96 -51.96 49.23
CA ILE F 421 24.29 -50.67 49.16
C ILE F 421 25.17 -49.56 49.73
N HIS F 422 25.95 -49.87 50.78
CA HIS F 422 26.81 -48.85 51.35
C HIS F 422 27.93 -48.44 50.38
N LYS F 423 28.51 -49.41 49.67
CA LYS F 423 29.51 -49.07 48.66
C LYS F 423 28.89 -48.31 47.51
N MET F 424 27.63 -48.61 47.16
CA MET F 424 26.95 -47.92 46.07
C MET F 424 26.65 -46.47 46.41
N ASP F 425 25.97 -46.24 47.54
CA ASP F 425 25.59 -44.88 47.93
C ASP F 425 25.24 -44.91 49.42
N ALA F 426 26.16 -44.45 50.25
CA ALA F 426 25.95 -44.51 51.69
C ALA F 426 24.77 -43.67 52.14
N THR F 427 24.38 -42.66 51.35
CA THR F 427 23.25 -41.81 51.72
C THR F 427 21.93 -42.58 51.72
N ILE F 428 21.88 -43.74 51.05
CA ILE F 428 20.65 -44.53 51.01
C ILE F 428 20.33 -45.11 52.38
N LEU F 429 21.30 -45.79 53.00
CA LEU F 429 21.10 -46.39 54.32
C LEU F 429 20.96 -45.33 55.40
N GLU F 430 21.75 -44.24 55.30
CA GLU F 430 21.67 -43.20 56.33
C GLU F 430 20.28 -42.58 56.36
N ASP F 431 19.68 -42.38 55.18
CA ASP F 431 18.32 -41.85 55.15
C ASP F 431 17.33 -42.87 55.64
N TRP F 432 17.63 -44.17 55.49
CA TRP F 432 16.74 -45.22 55.98
C TRP F 432 16.84 -45.42 57.48
N GLN F 433 17.92 -44.95 58.12
CA GLN F 433 18.19 -45.16 59.54
C GLN F 433 18.25 -46.65 59.88
N PHE F 434 19.23 -47.32 59.28
CA PHE F 434 19.43 -48.76 59.42
C PHE F 434 20.91 -49.09 59.61
N GLU F 468 24.33 -30.53 53.14
CA GLU F 468 23.94 -31.93 53.06
C GLU F 468 23.76 -32.39 51.61
N ASP F 469 22.58 -32.14 51.06
CA ASP F 469 22.21 -32.57 49.71
C ASP F 469 23.16 -31.97 48.67
N PRO F 470 23.90 -32.79 47.93
CA PRO F 470 24.83 -32.24 46.91
C PRO F 470 24.13 -31.58 45.73
N LEU F 471 22.83 -31.79 45.54
CA LEU F 471 22.08 -31.22 44.42
C LEU F 471 21.53 -29.82 44.71
N LYS F 472 21.89 -29.22 45.85
CA LYS F 472 21.33 -27.92 46.22
C LYS F 472 21.94 -26.76 45.43
N ASP F 473 23.02 -27.01 44.70
CA ASP F 473 23.59 -26.03 43.80
C ASP F 473 22.97 -26.03 42.41
N TYR F 474 22.17 -27.03 42.07
CA TYR F 474 21.59 -27.18 40.74
C TYR F 474 20.15 -26.70 40.69
N MET F 475 19.71 -26.35 39.48
CA MET F 475 18.37 -25.86 39.20
C MET F 475 17.57 -26.94 38.51
N PHE F 476 16.46 -27.35 39.13
CA PHE F 476 15.53 -28.31 38.56
C PHE F 476 14.11 -27.78 38.69
N TRP F 477 13.22 -28.24 37.80
CA TRP F 477 11.79 -27.98 37.93
C TRP F 477 11.24 -28.97 38.95
N GLU F 478 11.02 -28.51 40.18
CA GLU F 478 10.60 -29.38 41.25
C GLU F 478 9.12 -29.72 41.09
N VAL F 479 8.80 -31.01 41.06
CA VAL F 479 7.43 -31.48 40.94
C VAL F 479 7.16 -32.32 42.18
N ASP F 480 6.27 -31.82 43.04
CA ASP F 480 6.01 -32.45 44.33
C ASP F 480 4.87 -33.46 44.18
N LEU F 481 5.18 -34.75 44.34
CA LEU F 481 4.17 -35.78 44.28
C LEU F 481 3.94 -36.45 45.63
N LYS F 482 4.42 -35.84 46.70
CA LYS F 482 4.29 -36.42 48.04
C LYS F 482 2.85 -36.80 48.37
N GLU F 483 1.93 -35.87 48.11
CA GLU F 483 0.52 -36.04 48.41
C GLU F 483 -0.30 -36.40 47.17
N LYS F 484 0.35 -36.93 46.13
CA LYS F 484 -0.32 -37.20 44.85
C LYS F 484 -0.37 -38.68 44.50
N PHE F 485 0.08 -39.57 45.36
CA PHE F 485 0.02 -41.00 45.07
C PHE F 485 -1.38 -41.53 45.35
N SER F 486 -1.84 -42.43 44.48
CA SER F 486 -3.17 -43.02 44.65
C SER F 486 -3.09 -44.49 44.31
N ALA F 487 -3.84 -45.30 45.06
CA ALA F 487 -3.87 -46.72 44.77
C ALA F 487 -4.98 -47.10 43.79
N ASP F 488 -5.90 -46.17 43.49
CA ASP F 488 -7.02 -46.45 42.60
C ASP F 488 -6.57 -46.20 41.18
N LEU F 489 -5.95 -47.22 40.57
CA LEU F 489 -5.29 -47.02 39.28
C LEU F 489 -6.26 -46.56 38.19
N ASP F 490 -7.45 -47.16 38.13
CA ASP F 490 -8.34 -46.91 37.00
C ASP F 490 -9.07 -45.58 37.08
N GLN F 491 -8.83 -44.77 38.11
CA GLN F 491 -9.41 -43.43 38.17
C GLN F 491 -8.68 -42.43 37.29
N PHE F 492 -7.57 -42.81 36.67
CA PHE F 492 -6.67 -41.87 36.00
C PHE F 492 -6.28 -42.41 34.63
N PRO F 493 -5.96 -41.52 33.69
CA PRO F 493 -5.67 -41.98 32.31
C PRO F 493 -4.57 -43.01 32.20
N LEU F 494 -3.37 -42.72 32.71
CA LEU F 494 -2.30 -43.70 32.57
C LEU F 494 -2.53 -44.94 33.41
N GLY F 495 -3.59 -44.97 34.19
CA GLY F 495 -3.78 -46.09 35.09
C GLY F 495 -4.72 -47.03 34.40
N ARG F 496 -5.68 -46.46 33.67
CA ARG F 496 -6.47 -47.29 32.78
C ARG F 496 -5.58 -47.94 31.73
N LYS F 497 -4.62 -47.18 31.18
CA LYS F 497 -3.74 -47.76 30.17
C LYS F 497 -2.88 -48.87 30.74
N PHE F 498 -2.43 -48.73 31.99
CA PHE F 498 -1.64 -49.80 32.59
C PHE F 498 -2.47 -51.06 32.81
N LEU F 499 -3.65 -50.92 33.40
CA LEU F 499 -4.49 -52.08 33.70
C LEU F 499 -4.92 -52.80 32.45
N LEU F 500 -4.78 -52.20 31.29
CA LEU F 500 -5.15 -52.85 30.04
C LEU F 500 -4.00 -53.66 29.48
N GLN F 501 -2.79 -53.10 29.42
CA GLN F 501 -1.65 -53.83 28.89
C GLN F 501 -1.20 -54.93 29.84
N ALA F 502 -0.77 -54.56 31.05
CA ALA F 502 -0.27 -55.53 32.00
C ALA F 502 -1.28 -56.62 32.29
N GLY F 503 -2.58 -56.30 32.18
CA GLY F 503 -3.61 -57.29 32.34
C GLY F 503 -4.14 -57.47 33.74
N LEU F 504 -3.89 -56.53 34.65
CA LEU F 504 -4.42 -56.61 36.02
C LEU F 504 -5.93 -56.33 36.03
N LYS G 46 -14.50 -45.22 42.74
CA LYS G 46 -15.65 -44.33 42.93
C LYS G 46 -16.40 -44.14 41.61
N VAL G 47 -15.70 -43.69 40.57
CA VAL G 47 -16.24 -43.63 39.22
C VAL G 47 -15.91 -44.95 38.53
N VAL G 48 -16.91 -45.57 37.90
CA VAL G 48 -16.72 -46.90 37.34
C VAL G 48 -17.07 -46.88 35.86
N SER G 49 -16.53 -47.88 35.15
CA SER G 49 -16.84 -48.05 33.75
C SER G 49 -18.33 -48.29 33.53
N THR G 50 -18.86 -47.73 32.44
CA THR G 50 -20.24 -47.97 32.06
C THR G 50 -20.49 -49.44 31.74
N ASP G 51 -19.43 -50.22 31.55
CA ASP G 51 -19.65 -51.65 31.31
C ASP G 51 -20.28 -52.32 32.53
N GLU G 52 -20.15 -51.72 33.71
CA GLU G 52 -20.61 -52.34 34.94
C GLU G 52 -22.06 -52.05 35.27
N TYR G 53 -22.68 -51.07 34.62
CA TYR G 53 -24.07 -50.75 34.95
C TYR G 53 -24.92 -50.47 33.72
N VAL G 54 -24.42 -50.75 32.51
CA VAL G 54 -25.19 -50.56 31.29
C VAL G 54 -25.17 -51.86 30.52
N SER G 55 -26.35 -52.42 30.29
CA SER G 55 -26.49 -53.73 29.69
C SER G 55 -26.65 -53.58 28.18
N ARG G 56 -25.88 -54.35 27.43
CA ARG G 56 -25.91 -54.33 25.97
C ARG G 56 -26.92 -55.35 25.44
N THR G 57 -27.65 -54.96 24.40
CA THR G 57 -28.49 -55.88 23.66
C THR G 57 -27.79 -56.27 22.36
N SER G 58 -28.46 -57.11 21.57
CA SER G 58 -28.01 -57.42 20.23
C SER G 58 -28.72 -56.58 19.16
N ILE G 59 -29.42 -55.52 19.58
CA ILE G 59 -30.17 -54.65 18.66
C ILE G 59 -29.25 -53.53 18.18
N TYR G 60 -29.01 -53.48 16.87
CA TYR G 60 -28.16 -52.45 16.26
C TYR G 60 -28.96 -51.63 15.26
N TYR G 61 -28.62 -50.33 15.17
CA TYR G 61 -29.26 -49.42 14.23
C TYR G 61 -28.23 -48.59 13.47
N TYR G 62 -28.60 -48.24 12.24
CA TYR G 62 -27.83 -47.35 11.37
C TYR G 62 -28.50 -45.99 11.28
N ALA G 63 -27.67 -44.94 11.16
CA ALA G 63 -28.16 -43.59 10.94
C ALA G 63 -27.11 -42.79 10.18
N GLY G 64 -27.55 -42.11 9.13
CA GLY G 64 -26.66 -41.26 8.34
C GLY G 64 -27.27 -39.91 8.08
N SER G 65 -26.41 -38.89 8.06
CA SER G 65 -26.87 -37.53 7.87
C SER G 65 -27.19 -37.19 6.42
N SER G 66 -26.76 -38.02 5.47
CA SER G 66 -26.71 -37.68 4.05
C SER G 66 -25.79 -36.49 3.81
N ARG G 67 -25.79 -35.94 2.59
CA ARG G 67 -24.79 -34.93 2.23
C ARG G 67 -24.98 -33.66 3.06
N LEU G 68 -23.89 -33.16 3.62
CA LEU G 68 -23.85 -31.89 4.35
C LEU G 68 -22.96 -30.92 3.61
N LEU G 69 -23.47 -29.72 3.36
CA LEU G 69 -22.79 -28.73 2.53
C LEU G 69 -22.81 -27.38 3.20
N THR G 70 -21.72 -26.64 3.08
CA THR G 70 -21.69 -25.24 3.47
C THR G 70 -20.75 -24.52 2.51
N VAL G 71 -21.17 -23.35 2.03
CA VAL G 71 -20.40 -22.54 1.09
C VAL G 71 -20.32 -21.13 1.65
N GLY G 72 -19.14 -20.52 1.56
CA GLY G 72 -19.00 -19.19 2.12
C GLY G 72 -17.71 -18.54 1.73
N HIS G 73 -17.40 -17.49 2.44
CA HIS G 73 -16.18 -16.73 2.23
C HIS G 73 -15.11 -17.22 3.20
N PRO G 74 -13.88 -17.44 2.75
CA PRO G 74 -12.87 -18.07 3.63
C PRO G 74 -12.28 -17.14 4.68
N TYR G 75 -12.47 -15.83 4.58
CA TYR G 75 -11.80 -14.88 5.47
C TYR G 75 -12.74 -14.16 6.43
N PHE G 76 -13.98 -13.89 6.01
CA PHE G 76 -14.90 -13.12 6.84
C PHE G 76 -16.32 -13.35 6.32
N SER G 77 -17.29 -13.15 7.21
CA SER G 77 -18.67 -13.15 6.76
C SER G 77 -19.01 -11.81 6.10
N ILE G 78 -19.94 -11.86 5.15
CA ILE G 78 -20.37 -10.68 4.41
C ILE G 78 -21.79 -10.31 4.84
N LYS G 79 -21.93 -9.08 5.35
CA LYS G 79 -23.11 -8.51 5.99
C LYS G 79 -23.88 -7.57 5.05
N ASN G 80 -25.04 -7.09 5.53
CA ASN G 80 -26.02 -6.30 4.78
C ASN G 80 -25.56 -4.90 4.36
N THR G 81 -24.50 -4.35 4.95
CA THR G 81 -24.15 -2.95 4.74
C THR G 81 -24.01 -2.60 3.26
N SER G 82 -24.66 -1.53 2.82
CA SER G 82 -25.54 -0.70 3.62
C SER G 82 -26.99 -0.91 3.17
N SER G 83 -27.16 -1.81 2.21
CA SER G 83 -28.48 -2.08 1.64
C SER G 83 -29.44 -2.58 2.70
N GLY G 84 -28.96 -3.42 3.63
CA GLY G 84 -29.70 -3.74 4.83
C GLY G 84 -29.08 -3.04 6.03
N ASN G 85 -29.74 -3.20 7.18
CA ASN G 85 -29.11 -2.80 8.44
C ASN G 85 -27.95 -3.75 8.72
N GLY G 86 -26.85 -3.21 9.22
CA GLY G 86 -25.54 -3.84 9.08
C GLY G 86 -25.36 -5.19 9.74
N LYS G 87 -26.35 -5.71 10.47
CA LYS G 87 -26.10 -6.78 11.43
C LYS G 87 -26.37 -8.20 10.90
N LYS G 88 -26.99 -8.34 9.73
CA LYS G 88 -27.39 -9.64 9.20
C LYS G 88 -26.31 -10.20 8.27
N VAL G 89 -26.18 -11.53 8.25
CA VAL G 89 -25.14 -12.22 7.49
C VAL G 89 -25.72 -12.70 6.16
N LEU G 90 -25.16 -12.22 5.06
CA LEU G 90 -25.54 -12.68 3.73
C LEU G 90 -24.74 -13.91 3.29
N VAL G 91 -23.43 -13.88 3.49
CA VAL G 91 -22.55 -14.99 3.16
C VAL G 91 -21.72 -15.28 4.40
N PRO G 92 -21.78 -16.49 4.96
CA PRO G 92 -21.03 -16.79 6.17
C PRO G 92 -19.55 -17.06 5.88
N LYS G 93 -18.76 -17.00 6.95
CA LYS G 93 -17.34 -17.33 6.88
C LYS G 93 -17.20 -18.84 6.91
N VAL G 94 -16.72 -19.43 5.81
CA VAL G 94 -16.56 -20.87 5.69
C VAL G 94 -15.12 -21.12 5.28
N SER G 95 -14.34 -21.76 6.16
CA SER G 95 -12.91 -21.92 5.96
C SER G 95 -12.45 -23.32 6.35
N GLY G 96 -11.50 -23.85 5.59
CA GLY G 96 -10.89 -25.12 5.96
C GLY G 96 -10.14 -25.07 7.26
N LEU G 97 -9.99 -23.89 7.84
CA LEU G 97 -9.31 -23.68 9.10
C LEU G 97 -10.26 -23.56 10.28
N GLN G 98 -11.53 -23.90 10.09
CA GLN G 98 -12.52 -23.82 11.15
C GLN G 98 -12.75 -25.20 11.77
N TYR G 99 -13.04 -25.22 13.06
CA TYR G 99 -13.62 -26.40 13.65
C TYR G 99 -15.03 -26.60 13.11
N ARG G 100 -15.34 -27.84 12.73
CA ARG G 100 -16.71 -28.24 12.44
C ARG G 100 -17.15 -29.08 13.64
N VAL G 101 -18.10 -28.56 14.41
CA VAL G 101 -18.58 -29.21 15.63
C VAL G 101 -20.04 -29.63 15.42
N PHE G 102 -20.25 -30.91 15.19
CA PHE G 102 -21.59 -31.44 14.91
C PHE G 102 -22.23 -31.91 16.21
N ARG G 103 -23.41 -31.38 16.50
CA ARG G 103 -24.26 -31.88 17.59
C ARG G 103 -25.33 -32.77 16.98
N ILE G 104 -25.17 -34.08 17.13
CA ILE G 104 -26.06 -35.06 16.53
C ILE G 104 -27.16 -35.42 17.53
N LYS G 105 -28.42 -35.28 17.11
CA LYS G 105 -29.55 -35.56 18.01
C LYS G 105 -30.13 -36.93 17.69
N LEU G 106 -30.18 -37.80 18.70
CA LEU G 106 -30.69 -39.14 18.51
C LEU G 106 -32.15 -39.24 18.97
N PRO G 107 -32.93 -40.15 18.41
CA PRO G 107 -34.28 -40.37 18.93
C PRO G 107 -34.25 -41.00 20.30
N ASP G 108 -35.10 -40.53 21.20
CA ASP G 108 -35.19 -41.11 22.52
C ASP G 108 -35.61 -42.58 22.44
N PRO G 109 -34.76 -43.53 22.86
CA PRO G 109 -35.14 -44.95 22.76
C PRO G 109 -36.24 -45.37 23.72
N ASN G 110 -36.46 -44.62 24.81
CA ASN G 110 -37.56 -44.92 25.72
C ASN G 110 -38.91 -44.54 25.12
N LYS G 111 -38.89 -43.69 24.08
CA LYS G 111 -40.07 -43.32 23.31
C LYS G 111 -39.98 -43.84 21.89
N PHE G 112 -39.00 -44.70 21.60
CA PHE G 112 -38.78 -45.19 20.25
C PHE G 112 -39.68 -46.38 19.97
N GLY G 113 -40.13 -46.46 18.73
CA GLY G 113 -40.95 -47.57 18.32
C GLY G 113 -40.25 -48.86 18.00
N PHE G 114 -39.78 -49.57 19.02
CA PHE G 114 -39.15 -50.86 18.79
C PHE G 114 -40.21 -51.88 18.36
N PRO G 115 -39.89 -52.76 17.42
CA PRO G 115 -40.89 -53.76 16.99
C PRO G 115 -41.28 -54.71 18.09
N ASP G 116 -40.43 -54.90 19.08
CA ASP G 116 -40.71 -55.76 20.22
C ASP G 116 -40.21 -55.05 21.47
N THR G 117 -41.11 -54.68 22.39
CA THR G 117 -40.75 -53.95 23.59
C THR G 117 -40.73 -54.83 24.84
N SER G 118 -40.53 -56.14 24.69
CA SER G 118 -40.54 -57.08 25.80
C SER G 118 -39.14 -57.45 26.28
N PHE G 119 -38.11 -56.80 25.76
CA PHE G 119 -36.76 -57.10 26.22
C PHE G 119 -36.42 -56.33 27.49
N TYR G 120 -37.24 -55.34 27.87
CA TYR G 120 -37.01 -54.59 29.10
C TYR G 120 -38.34 -54.22 29.75
N ASN G 121 -38.24 -53.81 31.01
CA ASN G 121 -39.37 -53.47 31.87
C ASN G 121 -39.33 -52.01 32.24
N PRO G 122 -40.19 -51.16 31.66
CA PRO G 122 -40.14 -49.71 31.95
C PRO G 122 -40.35 -49.37 33.41
N GLU G 123 -40.67 -50.36 34.22
CA GLU G 123 -40.90 -50.11 35.64
C GLU G 123 -39.60 -49.84 36.38
N THR G 124 -38.49 -50.52 36.00
CA THR G 124 -37.20 -50.36 36.66
C THR G 124 -36.05 -50.09 35.70
N GLN G 125 -36.29 -50.01 34.39
CA GLN G 125 -35.21 -49.93 33.42
C GLN G 125 -35.46 -48.79 32.44
N ARG G 126 -34.36 -48.22 31.94
CA ARG G 126 -34.39 -47.21 30.91
C ARG G 126 -33.44 -47.59 29.79
N LEU G 127 -33.68 -47.03 28.61
CA LEU G 127 -32.92 -47.34 27.42
C LEU G 127 -32.00 -46.17 27.05
N VAL G 128 -30.89 -46.50 26.40
CA VAL G 128 -29.95 -45.47 25.94
C VAL G 128 -29.17 -46.04 24.76
N TRP G 129 -28.76 -45.15 23.86
CA TRP G 129 -27.95 -45.56 22.72
C TRP G 129 -26.47 -45.50 23.07
N ALA G 130 -25.72 -46.44 22.51
CA ALA G 130 -24.27 -46.44 22.58
C ALA G 130 -23.73 -46.38 21.16
N CYS G 131 -22.66 -45.62 20.95
CA CYS G 131 -22.04 -45.55 19.64
C CYS G 131 -21.03 -46.68 19.50
N THR G 132 -21.18 -47.48 18.45
CA THR G 132 -20.20 -48.52 18.17
C THR G 132 -19.41 -48.29 16.89
N GLY G 133 -19.90 -47.45 16.00
CA GLY G 133 -19.24 -47.23 14.73
C GLY G 133 -19.48 -45.84 14.22
N LEU G 134 -18.59 -45.40 13.33
CA LEU G 134 -18.54 -44.03 12.87
C LEU G 134 -17.72 -43.96 11.59
N GLU G 135 -18.26 -43.31 10.56
CA GLU G 135 -17.47 -42.92 9.39
C GLU G 135 -17.75 -41.47 9.06
N ILE G 136 -16.69 -40.65 9.03
CA ILE G 136 -16.77 -39.22 8.75
C ILE G 136 -16.50 -39.04 7.26
N GLY G 137 -17.55 -38.87 6.47
CA GLY G 137 -17.39 -38.71 5.04
C GLY G 137 -16.94 -37.29 4.69
N ARG G 138 -16.05 -37.19 3.70
CA ARG G 138 -15.56 -35.92 3.21
C ARG G 138 -15.61 -35.94 1.69
N GLY G 139 -16.38 -35.01 1.11
CA GLY G 139 -16.35 -34.75 -0.31
C GLY G 139 -15.32 -33.69 -0.64
N GLN G 140 -15.30 -33.31 -1.94
CA GLN G 140 -14.40 -32.28 -2.49
C GLN G 140 -12.98 -32.82 -2.64
N PRO G 141 -12.21 -32.28 -3.57
CA PRO G 141 -10.86 -32.78 -3.80
C PRO G 141 -9.89 -32.31 -2.71
N LEU G 142 -8.78 -33.03 -2.60
CA LEU G 142 -7.69 -32.56 -1.76
C LEU G 142 -7.11 -31.29 -2.34
N GLY G 143 -6.74 -30.35 -1.48
CA GLY G 143 -6.23 -29.08 -1.94
C GLY G 143 -5.82 -28.24 -0.75
N VAL G 144 -5.13 -27.13 -1.04
CA VAL G 144 -4.60 -26.24 -0.02
C VAL G 144 -5.08 -24.83 -0.31
N GLY G 145 -5.61 -24.18 0.72
CA GLY G 145 -5.99 -22.79 0.62
C GLY G 145 -4.92 -21.86 1.17
N ILE G 146 -5.13 -20.57 0.91
CA ILE G 146 -4.18 -19.53 1.28
C ILE G 146 -4.91 -18.42 2.02
N SER G 147 -4.23 -17.84 3.01
CA SER G 147 -4.72 -16.70 3.76
C SER G 147 -3.69 -15.60 3.71
N GLY G 148 -4.15 -14.36 3.89
CA GLY G 148 -3.21 -13.26 3.82
C GLY G 148 -3.73 -11.99 4.48
N HIS G 149 -3.01 -10.90 4.21
CA HIS G 149 -3.41 -9.63 4.76
C HIS G 149 -2.92 -8.54 3.81
N PRO G 150 -3.80 -7.65 3.33
CA PRO G 150 -3.31 -6.55 2.48
C PRO G 150 -2.36 -5.61 3.20
N LEU G 151 -2.41 -5.55 4.53
CA LEU G 151 -1.53 -4.71 5.33
C LEU G 151 -0.90 -5.55 6.46
N LEU G 152 -0.16 -6.59 6.07
CA LEU G 152 0.53 -7.42 7.06
C LEU G 152 1.76 -6.69 7.57
N ASN G 153 1.97 -6.75 8.89
CA ASN G 153 3.12 -6.12 9.51
C ASN G 153 4.35 -6.97 9.26
N LYS G 154 4.85 -6.91 8.03
CA LYS G 154 6.17 -7.42 7.68
C LYS G 154 7.06 -6.21 7.42
N PHE G 155 8.25 -6.21 8.00
CA PHE G 155 9.19 -5.12 7.77
C PHE G 155 10.26 -5.60 6.81
N ASP G 156 11.24 -6.33 7.33
CA ASP G 156 12.32 -6.87 6.53
C ASP G 156 12.19 -8.38 6.42
N ASP G 157 12.79 -8.89 5.36
CA ASP G 157 13.05 -10.32 5.21
C ASP G 157 14.40 -10.58 5.89
N THR G 158 14.40 -11.37 6.96
CA THR G 158 15.60 -11.57 7.77
C THR G 158 16.26 -12.94 7.54
N GLU G 159 16.05 -13.55 6.38
CA GLU G 159 16.58 -14.89 6.13
C GLU G 159 18.02 -14.84 5.63
N THR G 160 18.31 -13.97 4.65
CA THR G 160 19.64 -14.00 4.03
C THR G 160 20.35 -12.67 4.05
N SER G 161 19.65 -11.58 3.77
CA SER G 161 20.28 -10.27 3.62
C SER G 161 19.40 -9.21 4.29
N ASN G 162 19.94 -8.56 5.31
CA ASN G 162 19.22 -7.49 5.97
C ASN G 162 20.25 -6.48 6.50
N LYS G 163 20.90 -5.77 5.59
CA LYS G 163 21.95 -4.85 6.01
C LYS G 163 21.34 -3.59 6.64
N TYR G 164 22.16 -2.89 7.41
CA TYR G 164 21.69 -1.70 8.10
C TYR G 164 21.60 -0.54 7.12
N ALA G 165 20.38 -0.04 6.93
CA ALA G 165 20.13 1.14 6.11
C ALA G 165 18.94 1.90 6.70
N GLY G 166 18.41 2.84 5.92
CA GLY G 166 17.31 3.69 6.34
C GLY G 166 16.10 3.54 5.45
N LYS G 167 15.07 2.94 5.99
CA LYS G 167 13.90 2.65 5.18
C LYS G 167 12.79 3.65 5.47
N PRO G 168 12.23 4.31 4.43
CA PRO G 168 11.15 5.29 4.64
C PRO G 168 9.89 4.82 5.37
N GLY G 169 8.91 5.73 5.49
CA GLY G 169 7.56 5.46 5.96
C GLY G 169 7.22 5.16 7.41
N ILE G 170 6.02 5.62 7.81
CA ILE G 170 5.42 5.37 9.12
C ILE G 170 4.52 4.14 8.98
N ASP G 171 4.52 3.56 7.79
CA ASP G 171 3.60 2.48 7.45
C ASP G 171 4.29 1.70 6.34
N ASN G 172 4.82 0.53 6.72
CA ASN G 172 5.53 -0.36 5.81
C ASN G 172 4.78 -1.66 5.62
N ARG G 173 3.51 -1.72 6.00
CA ARG G 173 2.78 -2.97 5.92
C ARG G 173 2.63 -3.42 4.46
N GLU G 174 2.68 -4.73 4.24
CA GLU G 174 2.71 -5.30 2.90
C GLU G 174 1.51 -6.21 2.68
N CYS G 175 1.28 -6.53 1.41
CA CYS G 175 0.19 -7.41 1.00
C CYS G 175 0.80 -8.78 0.77
N LEU G 176 0.76 -9.62 1.81
CA LEU G 176 1.38 -10.94 1.83
C LEU G 176 0.35 -12.01 2.14
N SER G 177 0.62 -13.23 1.67
CA SER G 177 -0.23 -14.38 1.95
C SER G 177 0.65 -15.59 2.24
N MET G 178 0.03 -16.67 2.69
CA MET G 178 0.77 -17.83 3.15
C MET G 178 -0.16 -19.02 3.22
N ASP G 179 0.42 -20.21 3.25
CA ASP G 179 -0.31 -21.45 3.50
C ASP G 179 -0.09 -21.86 4.95
N TYR G 180 -1.16 -22.29 5.62
CA TYR G 180 -1.17 -22.48 7.05
C TYR G 180 -0.66 -23.87 7.42
N LYS G 181 -0.45 -24.06 8.72
CA LYS G 181 -0.13 -25.38 9.26
C LYS G 181 -1.27 -26.36 8.96
N GLN G 182 -0.92 -27.56 8.50
CA GLN G 182 -1.90 -28.58 8.12
C GLN G 182 -2.39 -29.34 9.35
N THR G 183 -3.69 -29.54 9.45
CA THR G 183 -4.28 -30.21 10.61
C THR G 183 -5.46 -31.07 10.19
N GLN G 184 -5.45 -32.32 10.63
CA GLN G 184 -6.64 -33.17 10.66
C GLN G 184 -6.92 -33.57 12.09
N LEU G 185 -8.18 -33.52 12.49
CA LEU G 185 -8.49 -34.09 13.79
C LEU G 185 -9.96 -34.45 13.86
N CYS G 186 -10.25 -35.49 14.64
CA CYS G 186 -11.61 -35.91 14.89
CA CYS G 186 -11.61 -35.93 14.89
C CYS G 186 -11.76 -36.30 16.36
N ILE G 187 -12.85 -35.84 16.97
CA ILE G 187 -13.17 -36.11 18.36
C ILE G 187 -14.62 -36.56 18.44
N LEU G 188 -14.88 -37.60 19.23
CA LEU G 188 -16.21 -38.15 19.43
C LEU G 188 -16.53 -38.16 20.91
N GLY G 189 -17.71 -37.68 21.28
CA GLY G 189 -18.12 -37.74 22.67
C GLY G 189 -19.59 -37.41 22.75
N CYS G 190 -20.13 -37.52 23.96
CA CYS G 190 -21.50 -37.14 24.20
C CYS G 190 -21.61 -35.76 24.87
N LYS G 191 -20.47 -35.15 25.19
CA LYS G 191 -20.43 -33.76 25.58
C LYS G 191 -19.46 -33.02 24.65
N PRO G 192 -19.64 -31.72 24.43
CA PRO G 192 -18.82 -30.98 23.44
C PRO G 192 -17.36 -30.90 23.86
N PRO G 193 -16.44 -30.73 22.91
CA PRO G 193 -15.02 -30.73 23.23
C PRO G 193 -14.56 -29.42 23.86
N ILE G 194 -13.44 -29.51 24.57
CA ILE G 194 -12.88 -28.39 25.31
C ILE G 194 -11.55 -27.99 24.67
N GLY G 195 -11.39 -26.71 24.37
CA GLY G 195 -10.18 -26.20 23.80
C GLY G 195 -9.40 -25.35 24.78
N GLU G 196 -8.16 -25.03 24.39
CA GLU G 196 -7.29 -24.16 25.17
C GLU G 196 -6.76 -23.05 24.27
N HIS G 197 -6.58 -21.86 24.85
CA HIS G 197 -6.02 -20.74 24.12
C HIS G 197 -5.50 -19.69 25.08
N TRP G 198 -4.57 -18.87 24.59
CA TRP G 198 -4.01 -17.79 25.40
C TRP G 198 -4.83 -16.52 25.25
N GLY G 199 -5.18 -15.92 26.37
CA GLY G 199 -5.91 -14.67 26.37
C GLY G 199 -5.25 -13.69 27.31
N LYS G 200 -5.73 -12.44 27.25
CA LYS G 200 -5.24 -11.41 28.13
C LYS G 200 -5.71 -11.72 29.55
N GLY G 201 -4.77 -11.74 30.50
CA GLY G 201 -5.11 -12.00 31.88
C GLY G 201 -5.68 -10.78 32.58
N THR G 202 -5.89 -10.94 33.88
CA THR G 202 -6.38 -9.76 34.59
C THR G 202 -5.20 -8.94 35.10
N PRO G 203 -5.28 -7.60 35.01
CA PRO G 203 -4.10 -6.77 35.30
C PRO G 203 -3.70 -6.81 36.77
N ASN G 210 3.40 3.26 31.93
CA ASN G 210 3.22 1.86 31.51
C ASN G 210 2.07 1.58 30.51
N PRO G 211 1.90 2.43 29.47
CA PRO G 211 0.84 2.14 28.49
C PRO G 211 1.45 1.49 27.26
N GLY G 212 0.91 0.38 26.81
CA GLY G 212 1.56 -0.29 25.70
C GLY G 212 2.47 -1.37 26.21
N ASP G 213 2.32 -1.70 27.48
CA ASP G 213 3.04 -2.78 28.09
C ASP G 213 2.55 -4.11 27.55
N CYS G 214 3.41 -5.10 27.70
CA CYS G 214 3.06 -6.43 27.26
C CYS G 214 1.84 -6.92 28.04
N PRO G 215 0.80 -7.40 27.37
CA PRO G 215 -0.37 -7.87 28.09
C PRO G 215 -0.01 -9.10 28.91
N PRO G 216 -0.60 -9.28 30.08
CA PRO G 216 -0.38 -10.52 30.82
C PRO G 216 -1.10 -11.66 30.14
N LEU G 217 -0.49 -12.85 30.18
CA LEU G 217 -1.00 -14.03 29.48
C LEU G 217 -1.68 -14.98 30.44
N GLN G 218 -2.74 -15.63 29.96
CA GLN G 218 -3.49 -16.57 30.78
C GLN G 218 -4.05 -17.66 29.89
N LEU G 219 -3.84 -18.92 30.28
CA LEU G 219 -4.34 -20.06 29.51
C LEU G 219 -5.81 -20.29 29.84
N ILE G 220 -6.67 -20.22 28.81
CA ILE G 220 -8.12 -20.22 28.99
C ILE G 220 -8.70 -21.47 28.36
N ASN G 221 -9.57 -22.14 29.11
CA ASN G 221 -10.33 -23.28 28.60
C ASN G 221 -11.73 -22.82 28.20
N SER G 222 -12.25 -23.41 27.12
CA SER G 222 -13.57 -23.03 26.61
C SER G 222 -14.11 -24.17 25.76
N VAL G 223 -15.42 -24.12 25.51
CA VAL G 223 -16.04 -25.05 24.59
C VAL G 223 -15.69 -24.67 23.16
N ILE G 224 -15.27 -25.65 22.37
CA ILE G 224 -14.99 -25.42 20.95
C ILE G 224 -16.32 -25.48 20.20
N GLN G 225 -16.68 -24.37 19.57
CA GLN G 225 -17.93 -24.25 18.84
C GLN G 225 -17.71 -24.38 17.34
N ASP G 226 -18.78 -24.69 16.63
CA ASP G 226 -18.71 -24.75 15.18
C ASP G 226 -18.38 -23.36 14.62
N GLY G 227 -17.35 -23.29 13.80
CA GLY G 227 -16.90 -22.02 13.28
C GLY G 227 -15.73 -21.41 14.01
N ASP G 228 -15.40 -21.90 15.21
CA ASP G 228 -14.16 -21.51 15.87
C ASP G 228 -12.98 -21.86 14.98
N MET G 229 -11.90 -21.09 15.12
CA MET G 229 -10.69 -21.26 14.31
C MET G 229 -9.67 -22.15 15.00
N VAL G 230 -9.06 -23.04 14.21
CA VAL G 230 -7.95 -23.84 14.70
C VAL G 230 -6.66 -23.02 14.63
N ASP G 231 -5.65 -23.48 15.36
CA ASP G 231 -4.32 -22.89 15.28
C ASP G 231 -3.75 -23.03 13.87
N THR G 232 -2.96 -22.05 13.47
CA THR G 232 -2.52 -21.97 12.08
C THR G 232 -1.02 -21.89 11.91
N GLY G 233 -0.25 -21.89 12.98
CA GLY G 233 1.18 -21.63 12.93
C GLY G 233 1.62 -20.45 13.76
N PHE G 234 0.69 -19.58 14.16
CA PHE G 234 0.98 -18.46 15.04
C PHE G 234 0.50 -18.71 16.47
N GLY G 235 0.18 -19.96 16.79
CA GLY G 235 -0.20 -20.34 18.14
C GLY G 235 -1.70 -20.25 18.36
N CYS G 236 -2.12 -20.77 19.51
CA CYS G 236 -3.52 -20.74 19.93
C CYS G 236 -3.69 -19.57 20.89
N MET G 237 -4.18 -18.44 20.38
CA MET G 237 -4.31 -17.25 21.21
C MET G 237 -5.50 -16.42 20.75
N ASP G 238 -5.97 -15.55 21.63
CA ASP G 238 -7.00 -14.57 21.31
C ASP G 238 -6.30 -13.42 20.61
N PHE G 239 -6.31 -13.44 19.28
CA PHE G 239 -5.63 -12.39 18.53
C PHE G 239 -6.33 -11.06 18.66
N ASN G 240 -7.64 -11.07 18.94
CA ASN G 240 -8.41 -9.84 19.06
C ASN G 240 -7.85 -8.96 20.19
N THR G 241 -7.41 -9.57 21.28
CA THR G 241 -6.95 -8.82 22.44
C THR G 241 -5.44 -8.75 22.57
N LEU G 242 -4.71 -9.75 22.04
CA LEU G 242 -3.27 -9.78 22.23
C LEU G 242 -2.51 -9.16 21.07
N GLN G 243 -3.15 -8.87 19.95
CA GLN G 243 -2.49 -8.21 18.83
C GLN G 243 -3.34 -7.01 18.41
N ALA G 244 -2.97 -5.84 18.92
CA ALA G 244 -3.82 -4.66 18.80
C ALA G 244 -3.83 -4.04 17.41
N SER G 245 -2.76 -4.18 16.63
CA SER G 245 -2.72 -3.49 15.34
C SER G 245 -3.64 -4.12 14.30
N LYS G 246 -4.12 -5.34 14.54
CA LYS G 246 -4.91 -6.13 13.59
C LYS G 246 -4.12 -6.48 12.32
N SER G 247 -2.79 -6.32 12.34
CA SER G 247 -1.99 -6.51 11.13
C SER G 247 -0.86 -7.52 11.30
N ASP G 248 -0.78 -8.20 12.45
CA ASP G 248 0.36 -9.10 12.66
C ASP G 248 0.11 -10.50 12.14
N VAL G 249 -1.14 -10.88 11.90
CA VAL G 249 -1.50 -12.17 11.31
C VAL G 249 -2.58 -11.94 10.26
N PRO G 250 -2.77 -12.91 9.35
CA PRO G 250 -3.73 -12.70 8.25
C PRO G 250 -5.14 -12.41 8.74
N ILE G 251 -5.95 -11.84 7.84
CA ILE G 251 -7.21 -11.27 8.27
C ILE G 251 -8.22 -12.34 8.67
N ASP G 252 -8.04 -13.61 8.28
CA ASP G 252 -9.03 -14.60 8.66
C ASP G 252 -8.85 -15.09 10.09
N ILE G 253 -7.82 -14.64 10.81
CA ILE G 253 -7.67 -14.97 12.22
C ILE G 253 -7.35 -13.74 13.06
N CYS G 254 -7.15 -12.57 12.45
CA CYS G 254 -6.66 -11.42 13.20
C CYS G 254 -7.68 -10.85 14.17
N SER G 255 -8.97 -11.16 14.01
CA SER G 255 -9.98 -10.79 14.99
C SER G 255 -10.71 -12.02 15.53
N SER G 256 -10.08 -13.18 15.47
CA SER G 256 -10.62 -14.45 15.92
C SER G 256 -9.83 -14.98 17.11
N VAL G 257 -10.37 -16.02 17.73
CA VAL G 257 -9.65 -16.82 18.71
C VAL G 257 -9.32 -18.16 18.05
N CYS G 258 -8.04 -18.51 18.08
CA CYS G 258 -7.56 -19.80 17.60
C CYS G 258 -7.45 -20.74 18.80
N LYS G 259 -8.15 -21.86 18.73
CA LYS G 259 -8.18 -22.80 19.83
C LYS G 259 -7.51 -24.11 19.44
N TYR G 260 -6.87 -24.73 20.43
CA TYR G 260 -6.33 -26.07 20.31
C TYR G 260 -7.02 -26.98 21.32
N PRO G 261 -7.35 -28.22 20.94
CA PRO G 261 -8.08 -29.08 21.87
C PRO G 261 -7.25 -29.39 23.09
N ASP G 262 -7.84 -29.22 24.28
CA ASP G 262 -7.14 -29.56 25.51
C ASP G 262 -7.26 -31.07 25.74
N TYR G 263 -6.49 -31.81 24.93
CA TYR G 263 -6.49 -33.26 25.02
C TYR G 263 -6.11 -33.74 26.42
N LEU G 264 -5.15 -33.06 27.06
CA LEU G 264 -4.75 -33.49 28.40
C LEU G 264 -5.91 -33.38 29.37
N GLN G 265 -6.63 -32.25 29.36
CA GLN G 265 -7.72 -32.07 30.31
C GLN G 265 -8.88 -33.02 30.02
N MET G 266 -9.26 -33.16 28.74
CA MET G 266 -10.37 -34.05 28.40
C MET G 266 -10.11 -35.51 28.79
N ALA G 267 -8.86 -35.97 28.65
CA ALA G 267 -8.59 -37.36 29.03
C ALA G 267 -8.65 -37.54 30.54
N SER G 268 -8.40 -36.48 31.29
CA SER G 268 -8.35 -36.55 32.74
C SER G 268 -9.69 -36.27 33.41
N GLU G 269 -10.75 -35.99 32.65
CA GLU G 269 -12.06 -35.83 33.28
C GLU G 269 -12.51 -37.19 33.83
N PRO G 270 -13.11 -37.21 35.01
CA PRO G 270 -13.39 -38.52 35.65
C PRO G 270 -14.29 -39.43 34.83
N TYR G 271 -15.39 -38.92 34.30
CA TYR G 271 -16.36 -39.77 33.59
C TYR G 271 -15.99 -40.02 32.14
N GLY G 272 -15.21 -39.13 31.52
CA GLY G 272 -14.78 -39.29 30.15
C GLY G 272 -15.85 -39.05 29.10
N ASP G 273 -16.71 -38.04 29.31
CA ASP G 273 -17.82 -37.76 28.40
C ASP G 273 -17.41 -36.95 27.19
N SER G 274 -16.31 -36.19 27.27
CA SER G 274 -15.89 -35.36 26.14
C SER G 274 -15.08 -36.14 25.12
N LEU G 275 -14.31 -37.11 25.58
CA LEU G 275 -13.37 -37.86 24.75
C LEU G 275 -13.66 -39.36 24.80
N PHE G 276 -14.46 -39.86 23.87
CA PHE G 276 -14.46 -41.30 23.66
C PHE G 276 -13.15 -41.71 22.99
N PHE G 277 -12.76 -40.99 21.95
CA PHE G 277 -11.49 -41.20 21.28
C PHE G 277 -11.18 -39.98 20.42
N PHE G 278 -9.94 -39.93 19.92
CA PHE G 278 -9.56 -38.88 18.99
C PHE G 278 -8.45 -39.36 18.08
N LEU G 279 -8.40 -38.78 16.89
CA LEU G 279 -7.29 -38.89 15.96
C LEU G 279 -6.85 -37.49 15.57
N ARG G 280 -5.55 -37.32 15.34
CA ARG G 280 -5.01 -36.03 14.96
C ARG G 280 -3.80 -36.24 14.06
N ARG G 281 -3.60 -35.33 13.11
CA ARG G 281 -2.38 -35.35 12.30
C ARG G 281 -2.04 -33.92 11.93
N GLU G 282 -1.00 -33.38 12.56
CA GLU G 282 -0.53 -32.01 12.35
C GLU G 282 0.85 -32.02 11.70
N GLN G 283 1.13 -30.98 10.92
CA GLN G 283 2.47 -30.80 10.37
C GLN G 283 2.65 -29.37 9.88
N MET G 284 3.87 -28.87 10.01
CA MET G 284 4.22 -27.56 9.47
C MET G 284 5.73 -27.42 9.46
N PHE G 285 6.21 -26.51 8.61
CA PHE G 285 7.58 -26.04 8.65
C PHE G 285 7.58 -24.54 8.44
N VAL G 286 8.75 -23.93 8.63
CA VAL G 286 8.93 -22.49 8.51
C VAL G 286 9.33 -22.17 7.08
N ARG G 287 8.49 -21.38 6.40
CA ARG G 287 8.70 -21.05 5.00
C ARG G 287 9.47 -19.73 4.83
N HIS G 288 9.24 -18.73 5.70
CA HIS G 288 9.99 -17.48 5.62
C HIS G 288 10.25 -16.91 7.01
N PHE G 289 11.25 -16.02 7.06
CA PHE G 289 11.76 -15.43 8.30
C PHE G 289 11.68 -13.91 8.18
N PHE G 290 10.77 -13.29 8.93
CA PHE G 290 10.52 -11.86 8.84
C PHE G 290 10.74 -11.22 10.20
N ASN G 291 10.67 -9.88 10.23
CA ASN G 291 10.60 -9.16 11.49
C ASN G 291 9.52 -8.08 11.41
N ARG G 292 9.18 -7.51 12.56
CA ARG G 292 8.05 -6.60 12.70
C ARG G 292 8.48 -5.15 12.71
N ALA G 293 7.65 -4.30 12.12
CA ALA G 293 7.75 -2.87 12.38
C ALA G 293 7.02 -2.51 13.66
N GLY G 294 7.26 -1.30 14.14
CA GLY G 294 6.86 -0.89 15.47
C GLY G 294 8.03 -0.94 16.42
N THR G 295 7.87 -0.29 17.57
CA THR G 295 8.94 -0.24 18.54
C THR G 295 9.01 -1.56 19.30
N LEU G 296 10.21 -2.12 19.42
CA LEU G 296 10.42 -3.36 20.13
C LEU G 296 10.16 -3.15 21.61
N GLY G 297 9.20 -3.89 22.16
CA GLY G 297 8.81 -3.66 23.55
C GLY G 297 9.84 -4.10 24.57
N ASP G 298 10.53 -5.21 24.32
CA ASP G 298 11.58 -5.71 25.21
C ASP G 298 12.91 -5.60 24.49
N PRO G 299 13.64 -4.50 24.63
CA PRO G 299 14.91 -4.34 23.90
C PRO G 299 15.95 -5.35 24.35
N VAL G 300 16.85 -5.69 23.43
CA VAL G 300 17.88 -6.71 23.69
C VAL G 300 18.82 -6.23 24.79
N PRO G 301 19.04 -7.00 25.85
CA PRO G 301 19.97 -6.56 26.90
C PRO G 301 21.37 -6.40 26.32
N GLY G 302 22.09 -5.41 26.86
CA GLY G 302 23.39 -5.04 26.30
C GLY G 302 24.47 -6.08 26.45
N ASP G 303 24.32 -6.99 27.43
CA ASP G 303 25.30 -8.05 27.67
C ASP G 303 25.22 -9.17 26.64
N LEU G 304 24.33 -9.08 25.66
CA LEU G 304 24.18 -10.09 24.62
C LEU G 304 24.84 -9.69 23.29
N TYR G 305 25.44 -8.51 23.20
CA TYR G 305 26.13 -8.11 21.98
C TYR G 305 27.08 -6.97 22.27
N ILE G 306 28.04 -6.79 21.37
CA ILE G 306 28.89 -5.62 21.37
C ILE G 306 28.26 -4.60 20.43
N GLN G 307 27.90 -3.44 20.96
CA GLN G 307 27.22 -2.48 20.11
C GLN G 307 28.19 -1.92 19.07
N GLY G 308 27.65 -1.58 17.90
CA GLY G 308 28.45 -0.90 16.90
C GLY G 308 28.45 0.59 17.13
N SER G 309 29.43 1.26 16.57
CA SER G 309 29.46 2.72 16.67
C SER G 309 28.68 3.29 15.48
N ASN G 310 28.81 4.61 15.27
CA ASN G 310 28.10 5.36 14.23
C ASN G 310 28.43 4.90 12.81
N SER G 311 29.66 5.16 12.30
CA SER G 311 30.06 4.66 10.99
C SER G 311 29.58 3.23 10.78
N GLY G 312 29.03 2.93 9.61
CA GLY G 312 28.38 1.65 9.45
C GLY G 312 27.08 1.77 10.23
N ASN G 313 25.97 1.92 9.50
CA ASN G 313 24.70 2.35 10.07
C ASN G 313 24.21 1.53 11.26
N THR G 314 25.09 1.15 12.19
CA THR G 314 24.77 0.14 13.19
C THR G 314 24.54 0.70 14.59
N ALA G 315 24.46 2.03 14.75
CA ALA G 315 24.42 2.56 16.10
C ALA G 315 23.01 2.60 16.65
N THR G 316 22.03 2.14 15.88
CA THR G 316 20.69 1.88 16.38
C THR G 316 20.29 0.48 15.90
N VAL G 317 19.94 -0.37 16.86
CA VAL G 317 19.69 -1.77 16.58
C VAL G 317 18.39 -1.93 15.80
N GLN G 318 18.38 -2.83 14.82
CA GLN G 318 17.14 -3.19 14.14
C GLN G 318 16.28 -4.08 15.04
N SER G 319 15.00 -4.17 14.70
CA SER G 319 14.07 -4.93 15.53
C SER G 319 14.36 -6.43 15.43
N SER G 320 14.53 -7.07 16.58
CA SER G 320 14.61 -8.52 16.66
C SER G 320 13.28 -9.15 17.06
N ALA G 321 12.16 -8.50 16.73
CA ALA G 321 10.83 -9.06 16.87
C ALA G 321 10.54 -9.91 15.63
N PHE G 322 11.13 -11.09 15.59
CA PHE G 322 11.03 -11.96 14.43
C PHE G 322 9.71 -12.73 14.42
N PHE G 323 9.32 -13.20 13.22
CA PHE G 323 8.18 -14.11 13.15
C PHE G 323 8.25 -14.95 11.88
N PRO G 324 7.96 -16.24 11.96
CA PRO G 324 8.01 -17.10 10.75
C PRO G 324 6.69 -17.15 10.00
N THR G 325 6.81 -17.41 8.69
CA THR G 325 5.51 -17.83 8.18
C THR G 325 5.47 -19.35 8.16
N PRO G 326 4.31 -19.93 8.43
CA PRO G 326 4.19 -21.39 8.38
C PRO G 326 3.92 -21.87 6.96
N SER G 327 4.01 -23.20 6.81
CA SER G 327 3.64 -23.92 5.60
C SER G 327 3.27 -25.34 5.99
N GLY G 328 2.17 -25.84 5.44
CA GLY G 328 1.72 -27.18 5.75
C GLY G 328 2.28 -28.28 4.87
N SER G 329 3.05 -27.95 3.85
CA SER G 329 3.65 -28.91 2.91
C SER G 329 2.53 -29.71 2.21
N MET G 330 2.82 -30.91 1.73
CA MET G 330 1.88 -31.61 0.87
C MET G 330 0.67 -32.15 1.63
N VAL G 331 -0.45 -32.23 0.90
CA VAL G 331 -1.63 -32.98 1.30
C VAL G 331 -1.64 -34.27 0.50
N THR G 332 -1.87 -35.40 1.16
CA THR G 332 -1.79 -36.70 0.51
C THR G 332 -2.96 -37.60 0.89
N SER G 333 -3.31 -38.47 -0.05
CA SER G 333 -4.37 -39.45 0.18
C SER G 333 -4.01 -40.39 1.32
N GLU G 334 -2.76 -40.88 1.33
CA GLU G 334 -2.33 -41.88 2.29
C GLU G 334 -2.33 -41.37 3.74
N SER G 335 -2.43 -40.05 3.95
CA SER G 335 -2.44 -39.46 5.29
C SER G 335 -3.82 -39.26 5.86
N GLN G 336 -4.88 -39.56 5.10
CA GLN G 336 -6.23 -39.15 5.48
C GLN G 336 -6.71 -39.87 6.73
N LEU G 337 -7.34 -39.11 7.63
CA LEU G 337 -8.06 -39.68 8.77
C LEU G 337 -9.49 -40.06 8.44
N PHE G 338 -10.03 -39.57 7.33
CA PHE G 338 -11.45 -39.67 7.08
C PHE G 338 -11.75 -40.62 5.93
N ASN G 339 -13.04 -40.74 5.62
CA ASN G 339 -13.56 -41.64 4.59
C ASN G 339 -13.20 -43.09 4.87
N LYS G 340 -13.06 -43.43 6.15
CA LYS G 340 -12.84 -44.78 6.60
C LYS G 340 -13.52 -44.98 7.95
N PRO G 341 -14.11 -46.15 8.18
CA PRO G 341 -14.87 -46.36 9.40
C PRO G 341 -13.96 -46.53 10.61
N TYR G 342 -14.45 -46.10 11.76
CA TYR G 342 -13.78 -46.32 13.02
C TYR G 342 -14.74 -47.04 13.95
N TRP G 343 -14.33 -48.18 14.51
CA TRP G 343 -15.16 -48.94 15.43
C TRP G 343 -14.65 -48.68 16.84
N LEU G 344 -15.47 -48.06 17.67
CA LEU G 344 -15.03 -47.87 19.05
C LEU G 344 -15.38 -49.14 19.80
N GLN G 345 -14.39 -49.98 20.04
CA GLN G 345 -14.61 -51.13 20.89
C GLN G 345 -14.42 -50.79 22.35
N ARG G 346 -13.44 -49.93 22.68
CA ARG G 346 -13.29 -49.57 24.09
C ARG G 346 -12.76 -48.16 24.19
N ALA G 347 -13.57 -47.28 24.76
CA ALA G 347 -13.21 -45.88 24.95
C ALA G 347 -12.05 -45.75 25.94
N GLN G 348 -11.44 -44.56 25.92
CA GLN G 348 -10.28 -44.31 26.77
C GLN G 348 -10.70 -44.06 28.21
N GLY G 349 -11.90 -43.49 28.40
CA GLY G 349 -12.41 -43.15 29.71
C GLY G 349 -13.44 -44.15 30.21
N HIS G 350 -14.17 -43.74 31.24
CA HIS G 350 -15.15 -44.63 31.85
C HIS G 350 -16.44 -44.70 31.04
N ASN G 351 -16.76 -43.66 30.26
CA ASN G 351 -17.94 -43.69 29.39
C ASN G 351 -17.58 -44.46 28.11
N ASN G 352 -18.03 -45.70 28.01
CA ASN G 352 -17.70 -46.54 26.86
C ASN G 352 -18.70 -46.35 25.71
N GLY G 353 -18.79 -45.11 25.22
CA GLY G 353 -19.58 -44.80 24.04
C GLY G 353 -21.06 -44.58 24.31
N ILE G 354 -21.46 -44.40 25.55
CA ILE G 354 -22.86 -44.22 25.88
C ILE G 354 -23.25 -42.78 25.58
N CYS G 355 -24.31 -42.62 24.78
CA CYS G 355 -24.79 -41.30 24.37
C CYS G 355 -25.86 -40.83 25.36
N TRP G 356 -25.37 -40.41 26.52
CA TRP G 356 -26.25 -39.81 27.52
C TRP G 356 -26.98 -38.61 26.93
N GLY G 357 -28.24 -38.45 27.32
CA GLY G 357 -29.03 -37.36 26.78
C GLY G 357 -29.42 -37.52 25.32
N ASN G 358 -29.18 -38.70 24.73
CA ASN G 358 -29.59 -38.97 23.36
C ASN G 358 -29.00 -37.95 22.39
N GLN G 359 -27.72 -37.64 22.59
CA GLN G 359 -27.01 -36.68 21.77
C GLN G 359 -25.57 -37.13 21.63
N LEU G 360 -24.93 -36.68 20.55
CA LEU G 360 -23.55 -37.03 20.32
C LEU G 360 -22.86 -35.84 19.66
N PHE G 361 -21.59 -35.64 20.00
CA PHE G 361 -20.78 -34.55 19.45
C PHE G 361 -19.65 -35.12 18.61
N VAL G 362 -19.54 -34.64 17.37
CA VAL G 362 -18.42 -35.00 16.49
C VAL G 362 -17.71 -33.71 16.12
N THR G 363 -16.43 -33.62 16.50
CA THR G 363 -15.59 -32.47 16.20
C THR G 363 -14.61 -32.82 15.10
N VAL G 364 -14.53 -31.98 14.08
CA VAL G 364 -13.68 -32.26 12.93
C VAL G 364 -12.87 -31.01 12.60
N VAL G 365 -11.59 -31.19 12.35
CA VAL G 365 -10.79 -30.21 11.65
C VAL G 365 -10.16 -30.92 10.48
N ASP G 366 -10.29 -30.36 9.28
CA ASP G 366 -9.71 -30.97 8.09
C ASP G 366 -9.21 -29.85 7.18
N THR G 367 -7.91 -29.58 7.22
CA THR G 367 -7.36 -28.58 6.32
C THR G 367 -6.88 -29.15 5.01
N THR G 368 -7.09 -30.44 4.76
CA THR G 368 -6.56 -31.05 3.54
C THR G 368 -7.47 -30.87 2.34
N ARG G 369 -8.55 -30.13 2.49
CA ARG G 369 -9.49 -29.82 1.42
C ARG G 369 -9.81 -28.32 1.43
N SER G 370 -8.80 -27.49 1.68
CA SER G 370 -8.99 -26.06 1.93
C SER G 370 -8.92 -25.21 0.66
N THR G 371 -8.98 -25.81 -0.52
CA THR G 371 -8.99 -25.06 -1.77
C THR G 371 -10.08 -23.99 -1.76
N ASN G 372 -9.67 -22.76 -2.05
CA ASN G 372 -10.57 -21.62 -2.17
C ASN G 372 -10.80 -21.33 -3.64
N MET G 373 -12.05 -21.37 -4.07
CA MET G 373 -12.38 -21.20 -5.48
C MET G 373 -12.29 -19.73 -5.88
N THR G 374 -11.70 -19.50 -7.06
CA THR G 374 -11.63 -18.17 -7.64
C THR G 374 -12.86 -17.99 -8.51
N LEU G 375 -13.69 -17.00 -8.16
CA LEU G 375 -14.85 -16.66 -8.97
C LEU G 375 -14.64 -15.29 -9.57
N CYS G 376 -14.98 -15.15 -10.85
CA CYS G 376 -14.72 -13.94 -11.61
C CYS G 376 -15.95 -13.61 -12.43
N ALA G 377 -16.54 -12.45 -12.16
CA ALA G 377 -17.73 -12.00 -12.88
C ALA G 377 -17.44 -10.79 -13.77
N GLU G 378 -18.13 -10.74 -14.90
CA GLU G 378 -17.94 -9.68 -15.89
C GLU G 378 -18.90 -8.53 -15.58
N VAL G 379 -18.36 -7.33 -15.47
CA VAL G 379 -19.17 -6.13 -15.29
C VAL G 379 -19.60 -5.56 -16.63
N LYS G 380 -18.66 -5.42 -17.57
CA LYS G 380 -18.96 -4.95 -18.91
C LYS G 380 -18.29 -5.87 -19.89
N LYS G 381 -19.04 -6.35 -20.88
CA LYS G 381 -18.48 -7.16 -21.95
C LYS G 381 -17.88 -6.24 -23.01
N GLU G 382 -16.59 -6.36 -23.25
CA GLU G 382 -15.90 -5.56 -24.24
C GLU G 382 -14.99 -6.48 -25.05
N SER G 383 -14.65 -6.04 -26.26
CA SER G 383 -13.87 -6.88 -27.15
C SER G 383 -12.40 -6.95 -26.79
N THR G 384 -11.91 -6.09 -25.90
CA THR G 384 -10.53 -6.13 -25.43
C THR G 384 -10.54 -6.14 -23.90
N TYR G 385 -9.44 -6.60 -23.32
CA TYR G 385 -9.39 -6.84 -21.89
C TYR G 385 -9.05 -5.59 -21.08
N LYS G 386 -9.78 -5.38 -19.99
CA LYS G 386 -9.51 -4.36 -18.99
C LYS G 386 -9.81 -4.92 -17.61
N ASN G 387 -8.91 -4.72 -16.65
CA ASN G 387 -9.14 -5.22 -15.30
C ASN G 387 -10.44 -4.67 -14.70
N GLU G 388 -10.75 -3.40 -14.96
CA GLU G 388 -11.91 -2.77 -14.34
C GLU G 388 -13.23 -3.42 -14.74
N ASN G 389 -13.23 -4.26 -15.77
CA ASN G 389 -14.43 -4.91 -16.27
C ASN G 389 -14.79 -6.18 -15.52
N PHE G 390 -14.04 -6.57 -14.51
CA PHE G 390 -14.30 -7.82 -13.82
C PHE G 390 -14.21 -7.61 -12.32
N LYS G 391 -14.98 -8.38 -11.58
CA LYS G 391 -14.86 -8.42 -10.12
C LYS G 391 -14.43 -9.81 -9.72
N GLU G 392 -13.54 -9.88 -8.73
CA GLU G 392 -12.94 -11.12 -8.26
C GLU G 392 -13.49 -11.48 -6.89
N TYR G 393 -13.94 -12.73 -6.74
CA TYR G 393 -14.49 -13.21 -5.47
C TYR G 393 -13.79 -14.49 -5.04
N LEU G 394 -13.96 -14.82 -3.75
CA LEU G 394 -13.47 -16.05 -3.17
C LEU G 394 -14.61 -16.78 -2.48
N ARG G 395 -14.71 -18.10 -2.72
CA ARG G 395 -15.68 -18.95 -2.07
C ARG G 395 -15.03 -20.28 -1.72
N HIS G 396 -15.48 -20.86 -0.61
CA HIS G 396 -15.00 -22.17 -0.17
C HIS G 396 -16.17 -23.08 0.16
N GLY G 397 -16.04 -24.36 -0.17
CA GLY G 397 -17.09 -25.34 0.11
C GLY G 397 -16.58 -26.54 0.88
N GLU G 398 -17.36 -26.95 1.88
CA GLU G 398 -17.07 -28.12 2.69
C GLU G 398 -18.22 -29.10 2.58
N GLU G 399 -17.91 -30.38 2.34
CA GLU G 399 -18.89 -31.44 2.12
C GLU G 399 -18.66 -32.58 3.10
N PHE G 400 -19.69 -32.95 3.83
CA PHE G 400 -19.61 -34.00 4.84
C PHE G 400 -20.71 -35.03 4.61
N ASP G 401 -20.51 -36.20 5.20
CA ASP G 401 -21.57 -37.21 5.29
C ASP G 401 -21.24 -38.05 6.51
N LEU G 402 -21.97 -37.86 7.60
CA LEU G 402 -21.69 -38.56 8.85
C LEU G 402 -22.57 -39.80 8.94
N GLN G 403 -21.92 -40.96 9.12
CA GLN G 403 -22.63 -42.24 9.26
C GLN G 403 -22.28 -42.86 10.60
N PHE G 404 -23.29 -43.40 11.26
CA PHE G 404 -23.09 -43.96 12.59
C PHE G 404 -23.74 -45.33 12.65
N ILE G 405 -23.25 -46.13 13.59
CA ILE G 405 -23.88 -47.39 13.95
C ILE G 405 -24.05 -47.38 15.46
N PHE G 406 -25.30 -47.52 15.90
CA PHE G 406 -25.67 -47.42 17.31
C PHE G 406 -26.15 -48.75 17.85
N GLN G 407 -25.84 -49.01 19.12
CA GLN G 407 -26.25 -50.22 19.81
C GLN G 407 -27.22 -49.86 20.94
N LEU G 408 -28.35 -50.55 20.98
CA LEU G 408 -29.33 -50.33 22.04
C LEU G 408 -28.81 -50.90 23.36
N CYS G 409 -28.95 -50.12 24.43
CA CYS G 409 -28.53 -50.53 25.77
C CYS G 409 -29.66 -50.26 26.75
N LYS G 410 -29.70 -51.05 27.82
CA LYS G 410 -30.69 -50.87 28.87
C LYS G 410 -29.96 -50.76 30.20
N ILE G 411 -30.54 -50.00 31.13
CA ILE G 411 -29.94 -49.71 32.42
C ILE G 411 -30.94 -50.06 33.52
N THR G 412 -30.58 -51.03 34.37
CA THR G 412 -31.40 -51.39 35.52
C THR G 412 -31.12 -50.40 36.63
N LEU G 413 -32.15 -49.68 37.07
CA LEU G 413 -31.99 -48.57 38.00
C LEU G 413 -32.17 -49.03 39.45
N THR G 414 -31.16 -49.76 39.94
CA THR G 414 -31.15 -50.14 41.34
C THR G 414 -30.83 -48.92 42.21
N ALA G 415 -30.73 -49.13 43.53
CA ALA G 415 -30.43 -48.02 44.42
C ALA G 415 -29.07 -47.43 44.12
N ASP G 416 -28.07 -48.28 43.89
CA ASP G 416 -26.72 -47.80 43.62
C ASP G 416 -26.63 -47.04 42.31
N VAL G 417 -27.26 -47.57 41.27
CA VAL G 417 -27.14 -46.95 39.98
C VAL G 417 -27.80 -45.58 39.98
N MET G 418 -28.98 -45.45 40.61
CA MET G 418 -29.64 -44.16 40.64
C MET G 418 -28.84 -43.15 41.44
N THR G 419 -28.23 -43.58 42.54
CA THR G 419 -27.37 -42.67 43.28
C THR G 419 -26.16 -42.28 42.44
N TYR G 420 -25.54 -43.24 41.76
CA TYR G 420 -24.39 -42.95 40.91
C TYR G 420 -24.77 -42.01 39.77
N ILE G 421 -25.86 -42.31 39.07
CA ILE G 421 -26.28 -41.49 37.94
C ILE G 421 -26.66 -40.09 38.41
N HIS G 422 -27.29 -39.98 39.58
CA HIS G 422 -27.65 -38.66 40.07
C HIS G 422 -26.41 -37.84 40.38
N LYS G 423 -25.39 -38.49 40.95
CA LYS G 423 -24.11 -37.83 41.21
C LYS G 423 -23.41 -37.47 39.90
N MET G 424 -23.56 -38.32 38.89
CA MET G 424 -22.90 -38.09 37.59
C MET G 424 -23.54 -36.92 36.86
N ASP G 425 -24.86 -36.96 36.68
CA ASP G 425 -25.59 -35.89 35.98
C ASP G 425 -27.07 -36.05 36.32
N ALA G 426 -27.58 -35.19 37.19
CA ALA G 426 -28.95 -35.36 37.64
C ALA G 426 -29.96 -35.27 36.49
N THR G 427 -29.61 -34.57 35.39
CA THR G 427 -30.54 -34.44 34.28
C THR G 427 -30.85 -35.76 33.59
N ILE G 428 -30.00 -36.78 33.76
CA ILE G 428 -30.25 -38.07 33.11
C ILE G 428 -31.52 -38.72 33.67
N LEU G 429 -31.65 -38.75 35.01
CA LEU G 429 -32.87 -39.29 35.60
C LEU G 429 -34.05 -38.37 35.36
N GLU G 430 -33.84 -37.04 35.44
CA GLU G 430 -34.97 -36.14 35.27
C GLU G 430 -35.57 -36.25 33.88
N ASP G 431 -34.73 -36.41 32.85
CA ASP G 431 -35.24 -36.57 31.49
C ASP G 431 -35.92 -37.92 31.31
N TRP G 432 -35.52 -38.91 32.10
CA TRP G 432 -36.12 -40.23 32.06
C TRP G 432 -37.47 -40.28 32.78
N GLN G 433 -37.81 -39.26 33.56
CA GLN G 433 -39.05 -39.23 34.34
C GLN G 433 -39.14 -40.46 35.26
N PHE G 434 -38.19 -40.52 36.20
CA PHE G 434 -38.03 -41.69 37.04
C PHE G 434 -37.94 -41.32 38.53
N GLU G 468 -33.08 -23.77 28.93
CA GLU G 468 -32.77 -24.60 30.09
C GLU G 468 -31.48 -25.39 29.86
N ASP G 469 -31.32 -25.90 28.65
CA ASP G 469 -30.11 -26.59 28.21
C ASP G 469 -28.89 -25.69 28.36
N PRO G 470 -27.85 -26.11 29.09
CA PRO G 470 -26.67 -25.24 29.23
C PRO G 470 -25.92 -25.03 27.92
N LEU G 471 -26.16 -25.87 26.92
CA LEU G 471 -25.53 -25.77 25.61
C LEU G 471 -26.26 -24.86 24.65
N LYS G 472 -27.33 -24.18 25.09
CA LYS G 472 -28.11 -23.33 24.20
C LYS G 472 -27.47 -21.97 23.92
N ASP G 473 -26.41 -21.62 24.64
CA ASP G 473 -25.62 -20.45 24.32
C ASP G 473 -24.54 -20.70 23.29
N TYR G 474 -24.26 -21.96 22.96
CA TYR G 474 -23.16 -22.32 22.08
C TYR G 474 -23.63 -22.60 20.66
N MET G 475 -22.69 -22.48 19.71
CA MET G 475 -22.98 -22.64 18.29
C MET G 475 -22.49 -23.99 17.79
N PHE G 476 -23.41 -24.84 17.31
CA PHE G 476 -23.10 -26.15 16.75
C PHE G 476 -23.81 -26.36 15.42
N TRP G 477 -23.23 -27.22 14.58
CA TRP G 477 -23.89 -27.67 13.36
C TRP G 477 -24.88 -28.77 13.75
N GLU G 478 -26.16 -28.44 13.80
CA GLU G 478 -27.18 -29.37 14.27
C GLU G 478 -27.47 -30.41 13.20
N VAL G 479 -27.35 -31.68 13.56
CA VAL G 479 -27.63 -32.80 12.65
C VAL G 479 -28.73 -33.63 13.32
N ASP G 480 -29.92 -33.59 12.74
CA ASP G 480 -31.09 -34.26 13.31
C ASP G 480 -31.20 -35.67 12.72
N LEU G 481 -31.02 -36.69 13.57
CA LEU G 481 -31.16 -38.07 13.17
C LEU G 481 -32.36 -38.77 13.81
N LYS G 482 -33.25 -37.99 14.43
CA LYS G 482 -34.44 -38.58 15.05
C LYS G 482 -35.23 -39.47 14.12
N GLU G 483 -35.46 -39.01 12.90
CA GLU G 483 -36.25 -39.75 11.94
C GLU G 483 -35.37 -40.53 10.96
N LYS G 484 -34.11 -40.77 11.32
CA LYS G 484 -33.15 -41.36 10.41
C LYS G 484 -32.61 -42.73 10.82
N PHE G 485 -33.11 -43.33 11.90
CA PHE G 485 -32.62 -44.63 12.33
C PHE G 485 -33.25 -45.74 11.52
N SER G 486 -32.46 -46.77 11.22
CA SER G 486 -32.92 -47.95 10.49
C SER G 486 -32.29 -49.20 11.08
N ALA G 487 -33.06 -50.29 11.13
CA ALA G 487 -32.54 -51.55 11.61
C ALA G 487 -31.96 -52.43 10.51
N ASP G 488 -32.17 -52.08 9.25
CA ASP G 488 -31.67 -52.88 8.13
C ASP G 488 -30.27 -52.36 7.79
N LEU G 489 -29.28 -52.85 8.55
CA LEU G 489 -27.93 -52.29 8.44
C LEU G 489 -27.36 -52.46 7.04
N ASP G 490 -27.62 -53.61 6.40
CA ASP G 490 -26.93 -53.83 5.13
C ASP G 490 -27.51 -52.99 3.99
N GLN G 491 -28.51 -52.15 4.23
CA GLN G 491 -28.98 -51.25 3.19
C GLN G 491 -28.09 -50.02 3.02
N PHE G 492 -27.06 -49.86 3.83
CA PHE G 492 -26.32 -48.61 3.88
C PHE G 492 -24.81 -48.84 3.86
N PRO G 493 -24.01 -47.84 3.37
CA PRO G 493 -22.57 -48.06 3.20
C PRO G 493 -21.88 -48.46 4.49
N LEU G 494 -21.97 -47.61 5.50
CA LEU G 494 -21.49 -48.00 6.81
C LEU G 494 -22.50 -48.99 7.34
N GLY G 495 -22.06 -50.15 7.77
CA GLY G 495 -23.11 -51.04 8.17
C GLY G 495 -23.08 -52.27 7.32
N ARG G 496 -22.91 -52.13 6.00
CA ARG G 496 -22.33 -53.24 5.28
C ARG G 496 -20.93 -53.50 5.79
N LYS G 497 -20.18 -52.42 6.02
CA LYS G 497 -18.85 -52.52 6.59
C LYS G 497 -18.92 -53.04 8.01
N PHE G 498 -19.98 -52.68 8.74
CA PHE G 498 -20.14 -53.18 10.10
C PHE G 498 -20.37 -54.69 10.11
N LEU G 499 -21.22 -55.19 9.21
CA LEU G 499 -21.48 -56.61 9.15
C LEU G 499 -20.25 -57.43 8.74
N LEU G 500 -19.23 -56.82 8.14
CA LEU G 500 -17.99 -57.49 7.75
C LEU G 500 -16.86 -57.31 8.75
N GLN G 501 -16.62 -56.08 9.21
CA GLN G 501 -15.52 -55.76 10.11
C GLN G 501 -15.92 -55.80 11.58
N ALA G 502 -17.05 -55.19 11.93
CA ALA G 502 -17.53 -55.06 13.32
C ALA G 502 -16.55 -54.28 14.19
N LYS H 46 39.63 -74.53 -2.94
CA LYS H 46 40.64 -75.11 -2.06
C LYS H 46 40.74 -74.27 -0.78
N VAL H 47 40.11 -73.09 -0.79
CA VAL H 47 39.97 -72.25 0.40
C VAL H 47 38.69 -72.66 1.11
N VAL H 48 38.75 -72.83 2.43
CA VAL H 48 37.60 -73.34 3.17
C VAL H 48 37.25 -72.41 4.32
N SER H 49 36.01 -72.57 4.80
CA SER H 49 35.51 -71.86 5.97
C SER H 49 36.34 -72.15 7.21
N THR H 50 36.50 -71.13 8.07
CA THR H 50 37.20 -71.32 9.33
C THR H 50 36.47 -72.25 10.27
N ASP H 51 35.18 -72.48 10.05
CA ASP H 51 34.43 -73.42 10.90
C ASP H 51 34.92 -74.86 10.76
N GLU H 52 35.69 -75.17 9.72
CA GLU H 52 36.17 -76.54 9.50
C GLU H 52 37.45 -76.85 10.26
N TYR H 53 38.18 -75.82 10.74
CA TYR H 53 39.45 -76.06 11.43
C TYR H 53 39.66 -75.14 12.64
N VAL H 54 38.63 -74.45 13.11
CA VAL H 54 38.71 -73.60 14.29
C VAL H 54 37.58 -73.99 15.24
N SER H 55 37.91 -74.41 16.45
CA SER H 55 36.91 -74.85 17.40
C SER H 55 36.53 -73.70 18.33
N ARG H 56 35.23 -73.52 18.55
CA ARG H 56 34.73 -72.46 19.39
C ARG H 56 34.59 -72.95 20.82
N THR H 57 35.01 -72.13 21.77
CA THR H 57 34.81 -72.43 23.18
C THR H 57 33.59 -71.67 23.70
N SER H 58 33.25 -71.91 24.96
CA SER H 58 32.20 -71.16 25.63
C SER H 58 32.75 -69.98 26.42
N ILE H 59 34.02 -69.63 26.20
CA ILE H 59 34.66 -68.50 26.87
C ILE H 59 34.47 -67.24 26.04
N TYR H 60 33.84 -66.21 26.62
CA TYR H 60 33.68 -64.93 25.95
C TYR H 60 34.33 -63.83 26.76
N TYR H 61 34.86 -62.83 26.05
CA TYR H 61 35.48 -61.67 26.69
C TYR H 61 34.99 -60.38 26.03
N TYR H 62 34.91 -59.33 26.85
CA TYR H 62 34.54 -57.98 26.44
C TYR H 62 35.76 -57.08 26.43
N ALA H 63 35.76 -56.10 25.52
CA ALA H 63 36.84 -55.10 25.46
C ALA H 63 36.26 -53.79 24.98
N GLY H 64 36.61 -52.71 25.66
CA GLY H 64 36.12 -51.39 25.30
C GLY H 64 37.25 -50.37 25.19
N SER H 65 37.11 -49.47 24.22
CA SER H 65 38.14 -48.47 23.98
C SER H 65 38.04 -47.25 24.89
N SER H 66 36.92 -47.07 25.60
CA SER H 66 36.60 -45.80 26.27
C SER H 66 36.59 -44.65 25.27
N ARG H 67 36.52 -43.42 25.77
CA ARG H 67 36.31 -42.28 24.88
C ARG H 67 37.51 -42.09 23.97
N LEU H 68 37.25 -41.91 22.68
CA LEU H 68 38.27 -41.58 21.70
C LEU H 68 37.94 -40.21 21.13
N LEU H 69 38.94 -39.32 21.09
CA LEU H 69 38.71 -37.94 20.70
C LEU H 69 39.79 -37.43 19.76
N THR H 70 39.37 -36.66 18.76
CA THR H 70 40.30 -35.88 17.94
C THR H 70 39.65 -34.56 17.59
N VAL H 71 40.44 -33.50 17.71
CA VAL H 71 40.00 -32.14 17.46
C VAL H 71 41.01 -31.51 16.52
N GLY H 72 40.49 -30.77 15.54
CA GLY H 72 41.38 -30.15 14.57
C GLY H 72 40.63 -29.18 13.71
N HIS H 73 41.27 -28.80 12.63
CA HIS H 73 40.75 -27.92 11.59
C HIS H 73 40.10 -28.76 10.50
N PRO H 74 38.91 -28.37 10.03
CA PRO H 74 38.18 -29.24 9.09
C PRO H 74 38.72 -29.26 7.68
N TYR H 75 39.57 -28.30 7.28
CA TYR H 75 39.98 -28.19 5.88
C TYR H 75 41.44 -28.54 5.64
N PHE H 76 42.33 -28.29 6.60
CA PHE H 76 43.74 -28.55 6.35
C PHE H 76 44.44 -28.62 7.69
N SER H 77 45.59 -29.31 7.71
CA SER H 77 46.41 -29.32 8.90
C SER H 77 47.22 -28.02 8.99
N ILE H 78 47.52 -27.61 10.22
CA ILE H 78 48.28 -26.39 10.47
C ILE H 78 49.65 -26.76 10.98
N LYS H 79 50.65 -26.36 10.22
CA LYS H 79 52.03 -26.73 10.45
C LYS H 79 52.70 -25.59 11.20
N ASN H 80 53.98 -25.72 11.49
CA ASN H 80 54.65 -24.71 12.31
C ASN H 80 55.46 -23.83 11.37
N THR H 81 54.74 -22.92 10.71
CA THR H 81 55.27 -21.85 9.86
C THR H 81 56.13 -22.39 8.71
N GLY H 86 57.18 -26.51 6.05
CA GLY H 86 56.88 -26.55 7.47
C GLY H 86 57.38 -27.82 8.12
N LYS H 87 57.52 -27.76 9.44
CA LYS H 87 58.01 -28.93 10.16
C LYS H 87 56.85 -29.71 10.76
N LYS H 88 56.65 -29.56 12.06
CA LYS H 88 55.72 -30.42 12.77
C LYS H 88 54.31 -29.83 12.88
N VAL H 89 53.32 -30.72 12.93
CA VAL H 89 51.89 -30.38 12.87
C VAL H 89 51.40 -29.90 14.22
N LEU H 90 50.89 -28.66 14.25
CA LEU H 90 50.32 -28.07 15.46
C LEU H 90 48.85 -28.44 15.64
N VAL H 91 48.06 -28.35 14.56
CA VAL H 91 46.65 -28.73 14.58
C VAL H 91 46.41 -29.67 13.41
N PRO H 92 45.94 -30.89 13.64
CA PRO H 92 45.69 -31.81 12.54
C PRO H 92 44.40 -31.47 11.80
N LYS H 93 44.27 -32.06 10.61
CA LYS H 93 43.04 -31.97 9.82
C LYS H 93 42.05 -33.00 10.33
N VAL H 94 40.96 -32.53 10.94
CA VAL H 94 39.93 -33.41 11.49
C VAL H 94 38.59 -32.98 10.89
N SER H 95 38.00 -33.86 10.07
CA SER H 95 36.79 -33.54 9.34
C SER H 95 35.83 -34.71 9.40
N GLY H 96 34.54 -34.39 9.42
CA GLY H 96 33.55 -35.44 9.31
C GLY H 96 33.57 -36.16 7.98
N LEU H 97 34.39 -35.70 7.03
CA LEU H 97 34.50 -36.35 5.72
C LEU H 97 35.70 -37.28 5.62
N GLN H 98 36.34 -37.60 6.75
CA GLN H 98 37.49 -38.50 6.74
C GLN H 98 37.07 -39.91 7.09
N TYR H 99 37.79 -40.88 6.53
CA TYR H 99 37.74 -42.23 7.05
C TYR H 99 38.41 -42.26 8.42
N ARG H 100 37.79 -42.94 9.35
CA ARG H 100 38.42 -43.31 10.62
C ARG H 100 38.69 -44.81 10.52
N VAL H 101 39.97 -45.19 10.51
CA VAL H 101 40.37 -46.60 10.38
C VAL H 101 41.07 -47.00 11.67
N PHE H 102 40.37 -47.74 12.52
CA PHE H 102 40.89 -48.16 13.82
C PHE H 102 41.60 -49.50 13.67
N ARG H 103 42.86 -49.55 14.07
CA ARG H 103 43.61 -50.80 14.14
C ARG H 103 43.56 -51.25 15.59
N ILE H 104 42.73 -52.26 15.86
CA ILE H 104 42.46 -52.71 17.22
C ILE H 104 43.46 -53.79 17.61
N LYS H 105 44.08 -53.61 18.77
CA LYS H 105 45.13 -54.47 19.27
C LYS H 105 44.59 -55.47 20.29
N LEU H 106 44.71 -56.76 19.97
CA LEU H 106 44.24 -57.74 20.93
C LEU H 106 45.39 -58.40 21.68
N PRO H 107 45.17 -58.81 22.92
CA PRO H 107 46.20 -59.59 23.63
C PRO H 107 46.34 -60.96 23.01
N ASP H 108 47.57 -61.42 22.90
CA ASP H 108 47.85 -62.75 22.39
C ASP H 108 47.21 -63.79 23.29
N PRO H 109 46.25 -64.58 22.80
CA PRO H 109 45.61 -65.56 23.69
C PRO H 109 46.53 -66.69 24.12
N ASN H 110 47.60 -66.98 23.36
CA ASN H 110 48.53 -68.01 23.78
C ASN H 110 49.40 -67.56 24.96
N LYS H 111 49.46 -66.25 25.24
CA LYS H 111 50.18 -65.72 26.37
C LYS H 111 49.26 -65.07 27.41
N PHE H 112 47.94 -65.26 27.29
CA PHE H 112 47.01 -64.58 28.18
C PHE H 112 46.83 -65.37 29.47
N GLY H 113 46.76 -64.64 30.58
CA GLY H 113 46.62 -65.25 31.89
C GLY H 113 45.22 -65.72 32.23
N PHE H 114 44.78 -66.81 31.59
CA PHE H 114 43.46 -67.35 31.87
C PHE H 114 43.41 -67.94 33.27
N PRO H 115 42.28 -67.81 33.98
CA PRO H 115 42.20 -68.40 35.33
C PRO H 115 42.25 -69.91 35.32
N ASP H 116 41.85 -70.53 34.21
CA ASP H 116 41.89 -71.99 34.05
C ASP H 116 42.35 -72.28 32.63
N THR H 117 43.50 -72.94 32.51
CA THR H 117 44.10 -73.24 31.22
C THR H 117 43.90 -74.71 30.81
N SER H 118 42.79 -75.31 31.25
CA SER H 118 42.53 -76.73 31.00
C SER H 118 41.59 -76.96 29.83
N PHE H 119 41.21 -75.92 29.10
CA PHE H 119 40.34 -76.07 27.94
C PHE H 119 41.08 -76.38 26.64
N TYR H 120 42.42 -76.24 26.61
CA TYR H 120 43.18 -76.56 25.41
C TYR H 120 44.52 -77.16 25.80
N ASN H 121 45.20 -77.72 24.79
CA ASN H 121 46.49 -78.38 24.95
C ASN H 121 47.56 -77.57 24.23
N PRO H 122 48.40 -76.80 24.93
CA PRO H 122 49.42 -76.00 24.25
C PRO H 122 50.44 -76.80 23.47
N GLU H 123 50.46 -78.12 23.63
CA GLU H 123 51.40 -78.94 22.86
C GLU H 123 50.93 -79.14 21.42
N THR H 124 49.61 -79.22 21.20
CA THR H 124 49.07 -79.50 19.88
C THR H 124 48.08 -78.46 19.39
N GLN H 125 47.80 -77.42 20.18
CA GLN H 125 46.77 -76.45 19.83
C GLN H 125 47.27 -75.03 20.08
N ARG H 126 46.74 -74.10 19.31
CA ARG H 126 46.99 -72.68 19.52
C ARG H 126 45.66 -71.95 19.60
N LEU H 127 45.70 -70.78 20.22
CA LEU H 127 44.49 -70.01 20.45
C LEU H 127 44.45 -68.81 19.52
N VAL H 128 43.22 -68.36 19.22
CA VAL H 128 42.99 -67.17 18.41
C VAL H 128 41.64 -66.63 18.82
N TRP H 129 41.49 -65.31 18.72
CA TRP H 129 40.23 -64.67 19.05
C TRP H 129 39.31 -64.61 17.85
N ALA H 130 38.01 -64.75 18.12
CA ALA H 130 36.97 -64.53 17.12
C ALA H 130 36.07 -63.40 17.59
N CYS H 131 35.70 -62.53 16.66
CA CYS H 131 34.81 -61.41 16.95
C CYS H 131 33.37 -61.85 16.79
N THR H 132 32.55 -61.69 17.83
CA THR H 132 31.13 -62.00 17.70
C THR H 132 30.24 -60.76 17.82
N GLY H 133 30.75 -59.68 18.41
CA GLY H 133 29.93 -58.50 18.60
C GLY H 133 30.75 -57.23 18.56
N LEU H 134 30.04 -56.14 18.26
CA LEU H 134 30.65 -54.85 18.00
C LEU H 134 29.56 -53.80 18.11
N GLU H 135 29.82 -52.74 18.89
CA GLU H 135 28.98 -51.55 18.87
C GLU H 135 29.87 -50.33 18.69
N ILE H 136 29.62 -49.57 17.63
CA ILE H 136 30.43 -48.39 17.30
C ILE H 136 29.73 -47.19 17.93
N GLY H 137 30.23 -46.75 19.07
CA GLY H 137 29.64 -45.62 19.76
C GLY H 137 30.06 -44.31 19.12
N ARG H 138 29.13 -43.36 19.08
CA ARG H 138 29.39 -42.05 18.52
C ARG H 138 28.84 -40.99 19.47
N GLY H 139 29.72 -40.12 19.98
CA GLY H 139 29.31 -38.95 20.70
C GLY H 139 29.09 -37.79 19.76
N GLN H 140 28.80 -36.62 20.36
CA GLN H 140 28.55 -35.36 19.66
C GLN H 140 27.19 -35.40 18.97
N PRO H 141 26.53 -34.25 18.83
CA PRO H 141 25.21 -34.22 18.21
C PRO H 141 25.28 -34.38 16.69
N LEU H 142 24.16 -34.80 16.13
CA LEU H 142 24.02 -34.78 14.67
C LEU H 142 24.08 -33.34 14.16
N GLY H 143 24.69 -33.17 13.00
CA GLY H 143 24.86 -31.86 12.41
C GLY H 143 25.52 -31.99 11.05
N VAL H 144 25.56 -30.87 10.34
CA VAL H 144 26.13 -30.81 8.99
C VAL H 144 27.18 -29.72 8.94
N GLY H 145 28.38 -30.08 8.46
CA GLY H 145 29.43 -29.12 8.21
C GLY H 145 29.43 -28.70 6.76
N ILE H 146 30.17 -27.62 6.50
CA ILE H 146 30.19 -27.01 5.18
C ILE H 146 31.63 -26.80 4.73
N SER H 147 31.87 -27.01 3.43
CA SER H 147 33.19 -26.85 2.85
C SER H 147 33.14 -25.90 1.67
N GLY H 148 34.28 -25.26 1.41
CA GLY H 148 34.35 -24.31 0.33
C GLY H 148 35.77 -24.04 -0.13
N HIS H 149 35.90 -22.99 -0.94
CA HIS H 149 37.12 -22.53 -1.54
C HIS H 149 36.99 -21.02 -1.76
N PRO H 150 37.93 -20.22 -1.26
CA PRO H 150 37.87 -18.77 -1.56
C PRO H 150 38.05 -18.42 -3.03
N LEU H 151 38.66 -19.28 -3.84
CA LEU H 151 38.81 -19.02 -5.28
C LEU H 151 38.36 -20.25 -6.07
N LEU H 152 37.08 -20.62 -5.91
CA LEU H 152 36.53 -21.75 -6.64
C LEU H 152 36.26 -21.39 -8.09
N ASN H 153 36.60 -22.31 -9.00
CA ASN H 153 36.36 -22.10 -10.43
C ASN H 153 34.88 -22.34 -10.73
N LYS H 154 34.06 -21.38 -10.33
CA LYS H 154 32.68 -21.26 -10.79
C LYS H 154 32.60 -20.01 -11.64
N PHE H 155 32.00 -20.12 -12.83
CA PHE H 155 31.87 -18.96 -13.69
C PHE H 155 30.44 -18.43 -13.65
N ASP H 156 29.54 -19.07 -14.39
CA ASP H 156 28.14 -18.67 -14.44
C ASP H 156 27.26 -19.71 -13.74
N ASP H 157 26.08 -19.26 -13.32
CA ASP H 157 24.99 -20.12 -12.86
C ASP H 157 24.19 -20.53 -14.09
N THR H 158 24.13 -21.83 -14.36
CA THR H 158 23.51 -22.36 -15.57
C THR H 158 22.14 -22.98 -15.33
N GLU H 159 21.47 -22.62 -14.24
CA GLU H 159 20.19 -23.22 -13.88
C GLU H 159 19.00 -22.53 -14.56
N THR H 160 18.95 -21.20 -14.54
CA THR H 160 17.76 -20.49 -15.02
C THR H 160 18.06 -19.45 -16.09
N SER H 161 19.07 -18.61 -15.87
CA SER H 161 19.31 -17.49 -16.77
C SER H 161 20.80 -17.35 -17.00
N ASN H 162 21.22 -17.55 -18.24
CA ASN H 162 22.60 -17.44 -18.64
C ASN H 162 22.63 -16.95 -20.10
N LYS H 163 22.28 -15.68 -20.27
CA LYS H 163 22.20 -15.11 -21.60
C LYS H 163 23.59 -14.82 -22.17
N TYR H 164 23.66 -14.77 -23.50
CA TYR H 164 24.88 -14.40 -24.21
C TYR H 164 24.98 -12.88 -24.22
N ALA H 165 26.09 -12.34 -23.72
CA ALA H 165 27.29 -13.09 -23.37
C ALA H 165 27.98 -12.44 -22.16
N GLY H 166 29.27 -12.69 -22.03
CA GLY H 166 30.04 -12.20 -20.90
C GLY H 166 31.48 -12.62 -21.08
N LYS H 167 32.39 -11.76 -20.67
CA LYS H 167 33.79 -12.04 -20.99
C LYS H 167 34.43 -12.85 -19.89
N PRO H 168 35.03 -13.99 -20.20
CA PRO H 168 35.74 -14.74 -19.17
C PRO H 168 36.77 -13.86 -18.48
N GLY H 169 37.70 -13.26 -19.19
CA GLY H 169 38.72 -12.51 -18.51
C GLY H 169 39.75 -13.43 -17.85
N ILE H 170 40.56 -12.83 -16.97
CA ILE H 170 41.72 -13.54 -16.45
C ILE H 170 41.40 -14.38 -15.22
N ASP H 171 40.45 -13.95 -14.39
CA ASP H 171 40.23 -14.63 -13.12
C ASP H 171 38.84 -14.29 -12.62
N ASN H 172 37.95 -15.27 -12.67
CA ASN H 172 36.58 -15.06 -12.22
C ASN H 172 36.24 -15.90 -11.01
N ARG H 173 37.23 -16.46 -10.32
CA ARG H 173 36.97 -17.37 -9.22
C ARG H 173 36.24 -16.64 -8.10
N GLU H 174 35.33 -17.35 -7.42
CA GLU H 174 34.45 -16.79 -6.40
C GLU H 174 34.63 -17.55 -5.09
N CYS H 175 34.14 -16.95 -4.01
CA CYS H 175 34.29 -17.52 -2.66
C CYS H 175 32.99 -18.25 -2.30
N LEU H 176 32.95 -19.55 -2.59
CA LEU H 176 31.75 -20.35 -2.46
C LEU H 176 31.96 -21.53 -1.52
N SER H 177 30.86 -22.02 -0.96
CA SER H 177 30.90 -23.17 -0.08
C SER H 177 29.68 -24.05 -0.34
N MET H 178 29.67 -25.23 0.29
CA MET H 178 28.63 -26.21 0.00
C MET H 178 28.56 -27.24 1.12
N ASP H 179 27.44 -27.95 1.15
CA ASP H 179 27.32 -29.08 2.05
C ASP H 179 27.53 -30.35 1.26
N TYR H 180 28.28 -31.26 1.83
CA TYR H 180 28.74 -32.41 1.06
C TYR H 180 27.70 -33.53 1.08
N LYS H 181 27.94 -34.50 0.21
CA LYS H 181 27.14 -35.72 0.19
C LYS H 181 27.26 -36.44 1.52
N GLN H 182 26.12 -36.89 2.05
CA GLN H 182 26.07 -37.58 3.32
C GLN H 182 26.40 -39.06 3.14
N THR H 183 27.27 -39.58 4.01
CA THR H 183 27.73 -40.97 3.96
C THR H 183 27.89 -41.52 5.36
N GLN H 184 27.30 -42.69 5.61
CA GLN H 184 27.65 -43.53 6.75
C GLN H 184 28.11 -44.88 6.25
N LEU H 185 29.19 -45.41 6.82
CA LEU H 185 29.59 -46.78 6.50
C LEU H 185 30.43 -47.31 7.64
N CYS H 186 30.33 -48.61 7.88
CA CYS H 186 31.26 -49.35 8.74
C CYS H 186 31.69 -50.63 8.05
N ILE H 187 32.97 -50.95 8.17
CA ILE H 187 33.55 -52.18 7.63
C ILE H 187 34.37 -52.84 8.72
N LEU H 188 34.23 -54.16 8.88
CA LEU H 188 34.92 -54.89 9.93
C LEU H 188 35.66 -56.08 9.31
N GLY H 189 36.94 -56.23 9.65
CA GLY H 189 37.78 -57.31 9.17
C GLY H 189 39.08 -57.38 9.94
N CYS H 190 39.91 -58.37 9.60
CA CYS H 190 41.22 -58.50 10.23
C CYS H 190 42.38 -58.00 9.37
N LYS H 191 42.12 -57.62 8.12
CA LYS H 191 43.07 -56.93 7.26
C LYS H 191 42.48 -55.59 6.85
N PRO H 192 43.30 -54.59 6.55
CA PRO H 192 42.76 -53.26 6.30
C PRO H 192 41.91 -53.23 5.06
N PRO H 193 40.96 -52.30 4.96
CA PRO H 193 40.04 -52.29 3.81
C PRO H 193 40.69 -51.71 2.57
N ILE H 194 40.09 -52.04 1.43
CA ILE H 194 40.61 -51.68 0.12
C ILE H 194 39.66 -50.66 -0.51
N GLY H 195 40.22 -49.55 -1.00
CA GLY H 195 39.44 -48.55 -1.67
C GLY H 195 39.74 -48.52 -3.16
N GLU H 196 38.90 -47.79 -3.87
CA GLU H 196 39.10 -47.49 -5.27
C GLU H 196 39.04 -45.99 -5.44
N HIS H 197 39.81 -45.48 -6.40
CA HIS H 197 39.79 -44.08 -6.74
C HIS H 197 40.41 -43.95 -8.12
N TRP H 198 40.07 -42.86 -8.79
CA TRP H 198 40.62 -42.60 -10.11
C TRP H 198 41.92 -41.84 -9.94
N GLY H 199 42.97 -42.31 -10.61
CA GLY H 199 44.24 -41.64 -10.57
C GLY H 199 44.72 -41.37 -11.98
N LYS H 200 45.78 -40.57 -12.06
CA LYS H 200 46.36 -40.25 -13.36
C LYS H 200 47.16 -41.45 -13.84
N GLY H 201 46.83 -41.93 -15.04
CA GLY H 201 47.68 -42.90 -15.68
C GLY H 201 48.82 -42.14 -16.33
N THR H 202 49.63 -42.86 -17.09
CA THR H 202 50.65 -42.11 -17.81
C THR H 202 50.72 -42.44 -19.31
N PRO H 203 49.70 -43.09 -19.96
CA PRO H 203 49.90 -43.50 -21.36
C PRO H 203 49.89 -42.35 -22.35
N CYS H 204 48.77 -42.17 -23.05
CA CYS H 204 48.67 -41.22 -24.15
C CYS H 204 48.57 -39.78 -23.67
N ASN H 210 51.35 -32.47 -26.65
CA ASN H 210 50.25 -32.82 -25.73
C ASN H 210 50.20 -32.07 -24.35
N PRO H 211 50.63 -30.80 -24.29
CA PRO H 211 50.57 -30.05 -23.02
C PRO H 211 49.17 -29.53 -22.74
N GLY H 212 48.57 -29.99 -21.65
CA GLY H 212 47.24 -29.52 -21.33
C GLY H 212 46.17 -30.38 -21.92
N ASP H 213 46.54 -31.52 -22.47
CA ASP H 213 45.59 -32.49 -22.96
C ASP H 213 44.94 -33.20 -21.79
N CYS H 214 43.78 -33.81 -22.06
CA CYS H 214 43.04 -34.45 -20.99
C CYS H 214 43.90 -35.54 -20.35
N PRO H 215 44.00 -35.58 -19.03
CA PRO H 215 44.82 -36.59 -18.41
C PRO H 215 44.24 -37.96 -18.67
N PRO H 216 45.08 -38.95 -18.89
CA PRO H 216 44.57 -40.33 -19.02
C PRO H 216 44.17 -40.88 -17.67
N LEU H 217 43.08 -41.64 -17.65
CA LEU H 217 42.50 -42.10 -16.40
C LEU H 217 42.81 -43.57 -16.13
N GLN H 218 42.96 -43.89 -14.84
CA GLN H 218 43.28 -45.24 -14.42
C GLN H 218 42.65 -45.51 -13.06
N LEU H 219 41.96 -46.65 -12.93
CA LEU H 219 41.35 -47.03 -11.66
C LEU H 219 42.40 -47.67 -10.76
N ILE H 220 42.57 -47.11 -9.57
CA ILE H 220 43.65 -47.48 -8.68
C ILE H 220 43.06 -48.05 -7.39
N ASN H 221 43.58 -49.19 -6.97
CA ASN H 221 43.25 -49.81 -5.69
C ASN H 221 44.31 -49.44 -4.67
N SER H 222 43.88 -49.27 -3.42
CA SER H 222 44.80 -48.85 -2.38
C SER H 222 44.19 -49.21 -1.03
N VAL H 223 45.05 -49.21 -0.02
CA VAL H 223 44.60 -49.37 1.36
C VAL H 223 44.00 -48.06 1.86
N ILE H 224 42.83 -48.15 2.49
CA ILE H 224 42.22 -46.97 3.10
C ILE H 224 42.89 -46.75 4.44
N GLN H 225 43.52 -45.59 4.60
CA GLN H 225 44.18 -45.20 5.83
C GLN H 225 43.34 -44.22 6.64
N ASP H 226 43.65 -44.13 7.94
CA ASP H 226 43.03 -43.14 8.80
C ASP H 226 43.40 -41.74 8.32
N GLY H 227 42.38 -40.90 8.11
CA GLY H 227 42.56 -39.57 7.58
C GLY H 227 42.31 -39.43 6.09
N ASP H 228 42.20 -40.55 5.36
CA ASP H 228 41.82 -40.48 3.95
C ASP H 228 40.44 -39.84 3.80
N MET H 229 40.24 -39.18 2.66
CA MET H 229 38.99 -38.47 2.40
C MET H 229 38.01 -39.36 1.65
N VAL H 230 36.75 -39.30 2.08
CA VAL H 230 35.65 -39.98 1.38
C VAL H 230 35.21 -39.12 0.20
N ASP H 231 34.54 -39.76 -0.76
CA ASP H 231 33.94 -39.02 -1.85
C ASP H 231 32.85 -38.10 -1.30
N THR H 232 32.71 -36.94 -1.93
CA THR H 232 31.87 -35.89 -1.37
C THR H 232 30.76 -35.44 -2.31
N GLY H 233 30.64 -36.04 -3.50
CA GLY H 233 29.79 -35.55 -4.55
C GLY H 233 30.52 -35.24 -5.84
N PHE H 234 31.85 -35.12 -5.80
CA PHE H 234 32.67 -34.91 -6.98
C PHE H 234 33.43 -36.16 -7.44
N GLY H 235 33.05 -37.34 -6.93
CA GLY H 235 33.64 -38.58 -7.39
C GLY H 235 34.84 -39.01 -6.55
N CYS H 236 35.27 -40.25 -6.78
CA CYS H 236 36.44 -40.80 -6.08
C CYS H 236 37.64 -40.63 -6.99
N MET H 237 38.42 -39.56 -6.75
CA MET H 237 39.54 -39.27 -7.63
C MET H 237 40.66 -38.58 -6.85
N ASP H 238 41.85 -38.63 -7.44
CA ASP H 238 43.04 -37.93 -6.97
C ASP H 238 42.96 -36.52 -7.52
N PHE H 239 42.43 -35.61 -6.72
CA PHE H 239 42.30 -34.24 -7.18
C PHE H 239 43.65 -33.55 -7.33
N ASN H 240 44.66 -34.02 -6.58
CA ASN H 240 45.98 -33.40 -6.65
C ASN H 240 46.57 -33.50 -8.05
N THR H 241 46.31 -34.61 -8.74
CA THR H 241 46.85 -34.86 -10.07
C THR H 241 45.82 -34.71 -11.19
N LEU H 242 44.53 -34.88 -10.91
CA LEU H 242 43.56 -34.80 -12.00
C LEU H 242 42.92 -33.43 -12.15
N GLN H 243 43.12 -32.51 -11.20
CA GLN H 243 42.63 -31.14 -11.29
C GLN H 243 43.80 -30.21 -10.97
N ALA H 244 44.46 -29.72 -12.01
CA ALA H 244 45.72 -29.01 -11.85
C ALA H 244 45.55 -27.60 -11.29
N SER H 245 44.42 -26.95 -11.57
CA SER H 245 44.23 -25.56 -11.17
C SER H 245 44.06 -25.38 -9.66
N LYS H 246 43.81 -26.46 -8.92
CA LYS H 246 43.55 -26.47 -7.49
C LYS H 246 42.30 -25.71 -7.09
N SER H 247 41.44 -25.34 -8.05
CA SER H 247 40.29 -24.48 -7.79
C SER H 247 38.95 -25.05 -8.24
N ASP H 248 38.89 -26.30 -8.67
CA ASP H 248 37.63 -26.85 -9.16
C ASP H 248 36.77 -27.49 -8.07
N VAL H 249 37.36 -27.80 -6.92
CA VAL H 249 36.62 -28.34 -5.77
C VAL H 249 37.13 -27.67 -4.50
N PRO H 250 36.38 -27.75 -3.40
CA PRO H 250 36.79 -27.05 -2.17
C PRO H 250 38.16 -27.46 -1.67
N ILE H 251 38.73 -26.62 -0.81
CA ILE H 251 40.13 -26.77 -0.43
C ILE H 251 40.38 -27.98 0.47
N ASP H 252 39.34 -28.58 1.06
CA ASP H 252 39.57 -29.76 1.90
C ASP H 252 39.69 -31.04 1.10
N ILE H 253 39.53 -30.99 -0.23
CA ILE H 253 39.75 -32.17 -1.06
C ILE H 253 40.55 -31.83 -2.32
N CYS H 254 40.82 -30.55 -2.55
CA CYS H 254 41.40 -30.17 -3.84
C CYS H 254 42.83 -30.63 -3.99
N SER H 255 43.50 -30.97 -2.89
CA SER H 255 44.83 -31.58 -2.96
C SER H 255 44.87 -32.92 -2.24
N SER H 256 43.72 -33.58 -2.13
CA SER H 256 43.62 -34.88 -1.48
C SER H 256 43.18 -35.93 -2.49
N VAL H 257 43.20 -37.17 -2.04
CA VAL H 257 42.64 -38.30 -2.76
C VAL H 257 41.33 -38.68 -2.06
N CYS H 258 40.25 -38.74 -2.84
CA CYS H 258 38.96 -39.21 -2.34
C CYS H 258 38.80 -40.67 -2.74
N LYS H 259 38.66 -41.53 -1.74
CA LYS H 259 38.59 -42.96 -1.96
C LYS H 259 37.19 -43.46 -1.62
N TYR H 260 36.74 -44.46 -2.38
CA TYR H 260 35.51 -45.19 -2.16
C TYR H 260 35.84 -46.67 -1.96
N PRO H 261 35.17 -47.34 -1.03
CA PRO H 261 35.52 -48.74 -0.74
C PRO H 261 35.23 -49.64 -1.94
N ASP H 262 36.21 -50.46 -2.30
CA ASP H 262 36.00 -51.45 -3.37
C ASP H 262 35.32 -52.67 -2.76
N TYR H 263 34.01 -52.53 -2.51
CA TYR H 263 33.26 -53.62 -1.90
C TYR H 263 33.28 -54.88 -2.76
N LEU H 264 33.14 -54.71 -4.08
CA LEU H 264 33.12 -55.87 -4.99
C LEU H 264 34.40 -56.69 -4.89
N GLN H 265 35.56 -56.01 -4.91
CA GLN H 265 36.84 -56.72 -4.81
C GLN H 265 37.02 -57.34 -3.43
N MET H 266 36.69 -56.59 -2.37
CA MET H 266 36.80 -57.14 -1.02
C MET H 266 35.91 -58.36 -0.83
N ALA H 267 34.75 -58.40 -1.49
CA ALA H 267 33.88 -59.56 -1.35
C ALA H 267 34.44 -60.77 -2.10
N SER H 268 35.16 -60.55 -3.21
CA SER H 268 35.65 -61.62 -4.07
C SER H 268 37.05 -62.11 -3.71
N GLU H 269 37.68 -61.56 -2.68
CA GLU H 269 38.94 -62.09 -2.21
C GLU H 269 38.72 -63.49 -1.61
N PRO H 270 39.62 -64.44 -1.86
CA PRO H 270 39.34 -65.84 -1.48
C PRO H 270 39.17 -66.06 0.01
N TYR H 271 40.05 -65.51 0.85
CA TYR H 271 39.96 -65.79 2.28
C TYR H 271 38.93 -64.91 2.98
N GLY H 272 38.69 -63.71 2.47
CA GLY H 272 37.73 -62.79 3.08
C GLY H 272 38.22 -62.11 4.34
N ASP H 273 39.49 -61.70 4.39
CA ASP H 273 40.03 -61.09 5.60
C ASP H 273 39.66 -59.62 5.73
N SER H 274 39.33 -58.97 4.62
CA SER H 274 38.98 -57.56 4.61
C SER H 274 37.53 -57.33 4.95
N LEU H 275 36.64 -58.23 4.55
CA LEU H 275 35.21 -57.99 4.66
C LEU H 275 34.54 -59.09 5.48
N PHE H 276 34.41 -58.87 6.79
CA PHE H 276 33.46 -59.72 7.52
C PHE H 276 32.03 -59.31 7.20
N PHE H 277 31.74 -58.02 7.27
CA PHE H 277 30.45 -57.44 6.92
C PHE H 277 30.64 -55.94 6.72
N PHE H 278 29.62 -55.30 6.14
CA PHE H 278 29.63 -53.85 6.01
C PHE H 278 28.20 -53.33 5.97
N LEU H 279 28.04 -52.10 6.44
CA LEU H 279 26.80 -51.36 6.28
C LEU H 279 27.13 -50.02 5.63
N ARG H 280 26.24 -49.55 4.78
CA ARG H 280 26.50 -48.28 4.12
C ARG H 280 25.17 -47.57 3.92
N ARG H 281 25.20 -46.24 4.01
CA ARG H 281 24.02 -45.44 3.72
C ARG H 281 24.49 -44.10 3.17
N GLU H 282 24.34 -43.92 1.86
CA GLU H 282 24.75 -42.72 1.15
C GLU H 282 23.53 -42.01 0.57
N GLN H 283 23.62 -40.69 0.46
CA GLN H 283 22.58 -39.92 -0.22
C GLN H 283 23.11 -38.53 -0.59
N MET H 284 22.62 -38.02 -1.72
CA MET H 284 22.92 -36.66 -2.16
C MET H 284 21.94 -36.27 -3.25
N PHE H 285 21.80 -34.95 -3.44
CA PHE H 285 21.11 -34.40 -4.60
C PHE H 285 21.91 -33.21 -5.10
N VAL H 286 21.45 -32.68 -6.23
CA VAL H 286 22.10 -31.55 -6.90
C VAL H 286 21.47 -30.26 -6.41
N ARG H 287 22.26 -29.41 -5.77
CA ARG H 287 21.75 -28.17 -5.21
C ARG H 287 21.87 -27.00 -6.19
N HIS H 288 22.98 -26.90 -6.93
CA HIS H 288 23.17 -25.84 -7.91
C HIS H 288 23.87 -26.34 -9.17
N PHE H 289 23.70 -25.57 -10.25
CA PHE H 289 24.17 -25.92 -11.58
C PHE H 289 25.11 -24.83 -12.07
N PHE H 290 26.39 -25.14 -12.17
CA PHE H 290 27.43 -24.18 -12.53
C PHE H 290 28.14 -24.62 -13.80
N ASN H 291 29.01 -23.74 -14.31
CA ASN H 291 29.99 -24.10 -15.34
C ASN H 291 31.36 -23.57 -14.94
N ARG H 292 32.37 -24.02 -15.67
CA ARG H 292 33.76 -23.72 -15.35
C ARG H 292 34.30 -22.61 -16.24
N ALA H 293 35.17 -21.80 -15.65
CA ALA H 293 36.07 -20.99 -16.50
C ALA H 293 37.26 -21.85 -16.90
N GLY H 294 38.02 -21.33 -17.87
CA GLY H 294 39.05 -22.09 -18.56
C GLY H 294 38.61 -22.50 -19.95
N THR H 295 39.58 -22.92 -20.74
CA THR H 295 39.29 -23.30 -22.11
C THR H 295 38.59 -24.65 -22.13
N LEU H 296 37.49 -24.75 -22.87
CA LEU H 296 36.80 -26.03 -22.98
C LEU H 296 37.70 -26.97 -23.76
N GLY H 297 38.18 -28.03 -23.11
CA GLY H 297 39.14 -28.91 -23.74
C GLY H 297 38.53 -29.76 -24.84
N ASP H 298 37.29 -30.21 -24.66
CA ASP H 298 36.58 -31.02 -25.65
C ASP H 298 35.43 -30.19 -26.19
N PRO H 299 35.62 -29.49 -27.30
CA PRO H 299 34.54 -28.66 -27.82
C PRO H 299 33.35 -29.50 -28.27
N VAL H 300 32.17 -28.90 -28.18
CA VAL H 300 30.94 -29.60 -28.59
C VAL H 300 31.01 -29.86 -30.09
N PRO H 301 30.81 -31.08 -30.55
CA PRO H 301 30.86 -31.35 -32.00
C PRO H 301 29.78 -30.58 -32.75
N GLY H 302 30.11 -30.21 -34.00
CA GLY H 302 29.24 -29.34 -34.78
C GLY H 302 27.91 -29.95 -35.16
N ASP H 303 27.80 -31.28 -35.17
CA ASP H 303 26.53 -31.91 -35.52
C ASP H 303 25.53 -31.89 -34.37
N LEU H 304 25.89 -31.36 -33.21
CA LEU H 304 24.98 -31.33 -32.06
C LEU H 304 24.28 -29.98 -31.89
N TYR H 305 24.59 -28.99 -32.73
CA TYR H 305 23.90 -27.71 -32.65
C TYR H 305 24.07 -26.94 -33.95
N ILE H 306 23.15 -26.00 -34.15
CA ILE H 306 23.23 -25.03 -35.23
C ILE H 306 23.92 -23.79 -34.68
N GLN H 307 25.02 -23.41 -35.32
CA GLN H 307 25.83 -22.30 -34.86
C GLN H 307 25.11 -20.96 -34.99
N GLY H 308 25.50 -20.00 -34.15
CA GLY H 308 25.03 -18.65 -34.24
C GLY H 308 25.71 -17.89 -35.36
N SER H 309 25.18 -16.70 -35.66
CA SER H 309 25.67 -15.91 -36.78
C SER H 309 26.97 -15.22 -36.44
N ASN H 310 27.79 -14.97 -37.47
CA ASN H 310 29.13 -14.41 -37.26
C ASN H 310 29.04 -13.11 -36.48
N SER H 311 28.09 -12.26 -36.83
CA SER H 311 27.87 -10.95 -36.22
C SER H 311 26.70 -10.99 -35.25
N GLY H 312 26.70 -11.96 -34.35
CA GLY H 312 25.58 -12.14 -33.46
C GLY H 312 26.07 -12.65 -32.13
N ASN H 313 25.33 -12.29 -31.07
CA ASN H 313 25.78 -12.52 -29.71
C ASN H 313 26.12 -13.98 -29.42
N THR H 314 25.85 -14.90 -30.34
CA THR H 314 25.96 -16.32 -30.07
C THR H 314 27.13 -16.97 -30.78
N ALA H 315 27.99 -16.21 -31.45
CA ALA H 315 28.93 -16.86 -32.35
C ALA H 315 30.17 -17.33 -31.65
N THR H 316 30.21 -17.20 -30.33
CA THR H 316 31.24 -17.83 -29.52
C THR H 316 30.54 -18.64 -28.45
N VAL H 317 30.71 -19.96 -28.51
CA VAL H 317 29.94 -20.85 -27.65
C VAL H 317 30.45 -20.72 -26.22
N GLN H 318 29.52 -20.71 -25.28
CA GLN H 318 29.88 -20.73 -23.87
C GLN H 318 30.33 -22.14 -23.47
N SER H 319 31.02 -22.20 -22.35
CA SER H 319 31.59 -23.45 -21.88
C SER H 319 30.49 -24.41 -21.45
N SER H 320 30.53 -25.63 -21.99
CA SER H 320 29.67 -26.71 -21.54
C SER H 320 30.39 -27.61 -20.56
N ALA H 321 31.37 -27.05 -19.83
CA ALA H 321 32.01 -27.75 -18.71
C ALA H 321 31.16 -27.52 -17.46
N PHE H 322 30.05 -28.23 -17.38
CA PHE H 322 29.13 -28.08 -16.26
C PHE H 322 29.60 -28.88 -15.05
N PHE H 323 29.18 -28.42 -13.87
CA PHE H 323 29.43 -29.20 -12.67
C PHE H 323 28.39 -28.85 -11.61
N PRO H 324 27.88 -29.85 -10.88
CA PRO H 324 26.90 -29.60 -9.83
C PRO H 324 27.51 -29.34 -8.47
N THR H 325 26.75 -28.63 -7.67
CA THR H 325 27.21 -28.82 -6.30
C THR H 325 26.36 -29.88 -5.64
N PRO H 326 26.94 -30.69 -4.77
CA PRO H 326 26.17 -31.73 -4.09
C PRO H 326 25.43 -31.15 -2.89
N SER H 327 24.54 -31.98 -2.33
CA SER H 327 23.87 -31.63 -1.08
C SER H 327 23.42 -32.92 -0.44
N GLY H 328 23.69 -33.07 0.85
CA GLY H 328 23.37 -34.27 1.59
C GLY H 328 21.99 -34.34 2.21
N SER H 329 21.20 -33.27 2.11
CA SER H 329 19.85 -33.22 2.70
C SER H 329 19.92 -33.40 4.22
N MET H 330 18.84 -33.90 4.84
CA MET H 330 18.74 -33.97 6.29
C MET H 330 19.58 -35.10 6.87
N VAL H 331 20.04 -34.90 8.11
CA VAL H 331 20.57 -35.96 8.95
C VAL H 331 19.52 -36.25 10.03
N THR H 332 19.24 -37.53 10.27
CA THR H 332 18.16 -37.91 11.17
C THR H 332 18.60 -39.04 12.10
N SER H 333 17.95 -39.09 13.26
CA SER H 333 18.21 -40.17 14.21
C SER H 333 17.83 -41.52 13.63
N GLU H 334 16.67 -41.62 12.98
CA GLU H 334 16.20 -42.91 12.52
C GLU H 334 17.09 -43.55 11.44
N SER H 335 18.00 -42.79 10.85
CA SER H 335 18.89 -43.32 9.81
C SER H 335 20.24 -43.80 10.34
N GLN H 336 20.48 -43.69 11.64
CA GLN H 336 21.82 -43.94 12.18
C GLN H 336 22.22 -45.39 12.02
N LEU H 337 23.49 -45.60 11.64
CA LEU H 337 24.07 -46.93 11.66
C LEU H 337 24.70 -47.29 12.99
N PHE H 338 24.97 -46.30 13.85
CA PHE H 338 25.82 -46.48 15.02
C PHE H 338 25.02 -46.41 16.31
N ASN H 339 25.73 -46.57 17.43
CA ASN H 339 25.14 -46.64 18.76
C ASN H 339 24.13 -47.79 18.88
N LYS H 340 24.35 -48.85 18.10
CA LYS H 340 23.54 -50.04 18.19
C LYS H 340 24.45 -51.22 17.88
N PRO H 341 24.26 -52.35 18.54
CA PRO H 341 25.19 -53.49 18.37
C PRO H 341 24.96 -54.19 17.03
N TYR H 342 26.04 -54.74 16.49
CA TYR H 342 25.94 -55.62 15.33
C TYR H 342 26.66 -56.93 15.69
N TRP H 343 25.96 -58.05 15.51
CA TRP H 343 26.47 -59.36 15.87
C TRP H 343 26.88 -60.14 14.64
N LEU H 344 28.13 -60.60 14.61
CA LEU H 344 28.57 -61.47 13.52
C LEU H 344 28.01 -62.85 13.77
N GLN H 345 26.97 -63.20 13.02
CA GLN H 345 26.53 -64.58 13.10
C GLN H 345 27.29 -65.43 12.08
N ARG H 346 27.42 -64.94 10.86
CA ARG H 346 28.19 -65.64 9.84
C ARG H 346 28.68 -64.57 8.87
N ALA H 347 30.00 -64.38 8.81
CA ALA H 347 30.57 -63.39 7.91
C ALA H 347 30.35 -63.80 6.45
N GLN H 348 30.61 -62.85 5.55
CA GLN H 348 30.34 -63.11 4.14
C GLN H 348 31.39 -64.02 3.51
N GLY H 349 32.62 -64.00 4.02
CA GLY H 349 33.69 -64.77 3.45
C GLY H 349 34.00 -66.03 4.24
N HIS H 350 35.13 -66.63 3.91
CA HIS H 350 35.51 -67.87 4.56
C HIS H 350 36.02 -67.60 5.97
N ASN H 351 36.55 -66.41 6.21
CA ASN H 351 36.98 -66.02 7.55
C ASN H 351 35.76 -65.56 8.34
N ASN H 352 35.27 -66.43 9.22
CA ASN H 352 34.08 -66.13 10.02
C ASN H 352 34.48 -65.45 11.32
N GLY H 353 35.13 -64.29 11.17
CA GLY H 353 35.43 -63.43 12.30
C GLY H 353 36.71 -63.75 13.04
N ILE H 354 37.61 -64.53 12.45
CA ILE H 354 38.84 -64.89 13.12
C ILE H 354 39.81 -63.73 13.04
N CYS H 355 40.35 -63.32 14.19
CA CYS H 355 41.28 -62.19 14.26
C CYS H 355 42.71 -62.73 14.15
N TRP H 356 43.07 -63.12 12.92
CA TRP H 356 44.43 -63.57 12.69
C TRP H 356 45.41 -62.47 13.10
N GLY H 357 46.50 -62.87 13.74
CA GLY H 357 47.48 -61.89 14.21
C GLY H 357 47.04 -61.06 15.39
N ASN H 358 45.94 -61.42 16.03
CA ASN H 358 45.40 -60.72 17.21
C ASN H 358 45.12 -59.25 16.91
N GLN H 359 44.57 -58.98 15.72
CA GLN H 359 44.19 -57.63 15.35
C GLN H 359 42.96 -57.66 14.45
N LEU H 360 42.20 -56.59 14.47
CA LEU H 360 41.04 -56.43 13.61
C LEU H 360 40.91 -54.95 13.26
N PHE H 361 40.38 -54.70 12.07
CA PHE H 361 40.24 -53.35 11.56
C PHE H 361 38.76 -52.96 11.50
N VAL H 362 38.44 -51.81 12.07
CA VAL H 362 37.11 -51.22 12.04
C VAL H 362 37.21 -49.91 11.28
N THR H 363 36.52 -49.83 10.15
CA THR H 363 36.53 -48.63 9.32
C THR H 363 35.19 -47.92 9.46
N VAL H 364 35.23 -46.62 9.71
CA VAL H 364 34.02 -45.84 9.94
C VAL H 364 34.08 -44.59 9.08
N VAL H 365 33.00 -44.30 8.39
CA VAL H 365 32.76 -42.96 7.85
C VAL H 365 31.42 -42.51 8.39
N ASP H 366 31.39 -41.33 8.99
CA ASP H 366 30.14 -40.82 9.56
C ASP H 366 30.10 -39.31 9.29
N THR H 367 29.41 -38.91 8.24
CA THR H 367 29.28 -37.47 7.98
C THR H 367 28.08 -36.84 8.69
N THR H 368 27.34 -37.59 9.51
CA THR H 368 26.12 -37.07 10.13
C THR H 368 26.39 -36.28 11.41
N ARG H 369 27.66 -36.05 11.75
CA ARG H 369 28.03 -35.23 12.90
C ARG H 369 29.09 -34.21 12.51
N SER H 370 29.05 -33.71 11.29
CA SER H 370 30.15 -32.94 10.73
C SER H 370 30.06 -31.46 11.07
N THR H 371 29.28 -31.10 12.07
CA THR H 371 29.20 -29.71 12.51
C THR H 371 30.60 -29.16 12.79
N ASN H 372 30.93 -28.04 12.15
CA ASN H 372 32.20 -27.35 12.37
C ASN H 372 31.95 -26.15 13.26
N MET H 373 32.64 -26.12 14.39
CA MET H 373 32.43 -25.07 15.37
C MET H 373 33.11 -23.77 14.94
N THR H 374 32.41 -22.66 15.13
CA THR H 374 32.99 -21.35 14.92
C THR H 374 33.59 -20.89 16.23
N LEU H 375 34.90 -20.61 16.22
CA LEU H 375 35.59 -20.07 17.38
C LEU H 375 36.07 -18.65 17.04
N CYS H 376 35.90 -17.74 18.00
CA CYS H 376 36.18 -16.32 17.79
C CYS H 376 36.87 -15.79 19.03
N ALA H 377 38.09 -15.26 18.84
CA ALA H 377 38.90 -14.68 19.92
C ALA H 377 39.05 -13.18 19.71
N GLU H 378 39.16 -12.45 20.82
CA GLU H 378 39.22 -11.00 20.83
C GLU H 378 40.66 -10.52 20.80
N VAL H 379 40.98 -9.65 19.84
CA VAL H 379 42.32 -9.07 19.76
C VAL H 379 42.45 -7.86 20.68
N LYS H 380 41.49 -6.93 20.62
CA LYS H 380 41.48 -5.74 21.47
C LYS H 380 40.08 -5.57 22.04
N LYS H 381 40.00 -5.36 23.36
CA LYS H 381 38.73 -5.09 24.00
C LYS H 381 38.40 -3.62 23.85
N GLU H 382 37.28 -3.31 23.19
CA GLU H 382 36.84 -1.93 23.00
C GLU H 382 35.34 -1.85 23.28
N SER H 383 34.88 -0.63 23.54
CA SER H 383 33.47 -0.40 23.87
C SER H 383 32.57 -0.54 22.65
N THR H 384 33.13 -0.58 21.45
CA THR H 384 32.33 -0.75 20.25
C THR H 384 32.93 -1.83 19.37
N TYR H 385 32.13 -2.34 18.44
CA TYR H 385 32.52 -3.47 17.61
C TYR H 385 33.35 -3.03 16.42
N LYS H 386 34.45 -3.75 16.17
CA LYS H 386 35.25 -3.62 14.97
C LYS H 386 35.68 -5.00 14.50
N ASN H 387 35.56 -5.27 13.19
CA ASN H 387 35.96 -6.57 12.67
C ASN H 387 37.43 -6.87 12.97
N GLU H 388 38.30 -5.85 12.89
CA GLU H 388 39.73 -6.05 13.08
C GLU H 388 40.09 -6.44 14.50
N ASN H 389 39.16 -6.31 15.45
CA ASN H 389 39.40 -6.65 16.83
C ASN H 389 39.15 -8.13 17.12
N PHE H 390 38.80 -8.92 16.11
CA PHE H 390 38.51 -10.33 16.32
C PHE H 390 39.14 -11.16 15.22
N LYS H 391 39.53 -12.38 15.58
CA LYS H 391 39.99 -13.38 14.64
C LYS H 391 39.01 -14.55 14.67
N GLU H 392 38.71 -15.10 13.50
CA GLU H 392 37.73 -16.17 13.34
C GLU H 392 38.41 -17.49 13.01
N TYR H 393 38.04 -18.55 13.72
CA TYR H 393 38.62 -19.87 13.54
C TYR H 393 37.53 -20.94 13.36
N LEU H 394 37.94 -22.09 12.84
CA LEU H 394 37.09 -23.25 12.64
C LEU H 394 37.75 -24.46 13.31
N ARG H 395 36.97 -25.23 14.07
CA ARG H 395 37.48 -26.46 14.66
C ARG H 395 36.40 -27.52 14.61
N HIS H 396 36.82 -28.78 14.42
CA HIS H 396 35.89 -29.89 14.39
C HIS H 396 36.36 -31.02 15.31
N GLY H 397 35.41 -31.63 16.00
CA GLY H 397 35.73 -32.71 16.92
C GLY H 397 34.95 -33.97 16.61
N GLU H 398 35.63 -35.11 16.74
CA GLU H 398 35.05 -36.42 16.51
C GLU H 398 35.19 -37.26 17.77
N GLU H 399 34.10 -37.89 18.20
CA GLU H 399 34.06 -38.69 19.43
C GLU H 399 33.59 -40.11 19.13
N PHE H 400 34.37 -41.09 19.57
CA PHE H 400 34.04 -42.48 19.36
C PHE H 400 34.12 -43.23 20.68
N ASP H 401 33.49 -44.41 20.71
CA ASP H 401 33.64 -45.37 21.80
C ASP H 401 33.39 -46.75 21.21
N LEU H 402 34.43 -47.54 21.03
CA LEU H 402 34.33 -48.86 20.42
C LEU H 402 34.20 -49.94 21.48
N GLN H 403 33.16 -50.77 21.37
CA GLN H 403 32.96 -51.92 22.24
C GLN H 403 32.91 -53.18 21.40
N PHE H 404 33.56 -54.23 21.91
CA PHE H 404 33.69 -55.50 21.21
C PHE H 404 33.39 -56.65 22.16
N ILE H 405 33.02 -57.77 21.56
CA ILE H 405 32.91 -59.04 22.26
C ILE H 405 33.66 -60.10 21.46
N PHE H 406 34.60 -60.78 22.12
CA PHE H 406 35.45 -61.77 21.47
C PHE H 406 35.17 -63.15 22.04
N GLN H 407 35.24 -64.15 21.16
CA GLN H 407 35.04 -65.55 21.51
C GLN H 407 36.38 -66.26 21.39
N LEU H 408 36.78 -66.97 22.45
CA LEU H 408 38.04 -67.69 22.45
C LEU H 408 37.96 -68.93 21.57
N CYS H 409 38.96 -69.13 20.72
CA CYS H 409 38.96 -70.26 19.81
C CYS H 409 40.29 -70.99 19.88
N LYS H 410 40.23 -72.29 19.56
CA LYS H 410 41.39 -73.15 19.55
C LYS H 410 41.49 -73.82 18.18
N ILE H 411 42.73 -74.12 17.77
CA ILE H 411 43.00 -74.74 16.49
C ILE H 411 43.91 -75.93 16.74
N THR H 412 43.45 -77.13 16.39
CA THR H 412 44.30 -78.29 16.48
C THR H 412 45.23 -78.30 15.27
N LEU H 413 46.54 -78.26 15.53
CA LEU H 413 47.52 -78.07 14.47
C LEU H 413 48.00 -79.43 13.94
N THR H 414 47.09 -80.08 13.20
CA THR H 414 47.42 -81.31 12.50
C THR H 414 48.29 -80.99 11.29
N ALA H 415 48.64 -82.03 10.53
CA ALA H 415 49.50 -81.84 9.37
C ALA H 415 48.82 -81.00 8.30
N ASP H 416 47.56 -81.31 7.99
CA ASP H 416 46.87 -80.59 6.92
C ASP H 416 46.64 -79.12 7.29
N VAL H 417 46.28 -78.86 8.55
CA VAL H 417 46.00 -77.49 8.99
C VAL H 417 47.25 -76.63 8.91
N MET H 418 48.39 -77.17 9.34
CA MET H 418 49.64 -76.41 9.25
C MET H 418 50.00 -76.11 7.81
N THR H 419 49.74 -77.05 6.89
CA THR H 419 49.95 -76.77 5.48
C THR H 419 48.97 -75.70 4.98
N TYR H 420 47.68 -75.84 5.35
CA TYR H 420 46.67 -74.89 4.89
C TYR H 420 46.92 -73.49 5.45
N ILE H 421 47.20 -73.39 6.75
CA ILE H 421 47.48 -72.08 7.31
C ILE H 421 48.77 -71.51 6.74
N HIS H 422 49.76 -72.37 6.46
CA HIS H 422 51.02 -71.85 5.92
C HIS H 422 50.81 -71.24 4.54
N LYS H 423 50.02 -71.89 3.69
CA LYS H 423 49.75 -71.31 2.38
C LYS H 423 48.92 -70.05 2.50
N MET H 424 48.03 -69.98 3.49
CA MET H 424 47.21 -68.78 3.69
C MET H 424 48.08 -67.61 4.13
N ASP H 425 48.80 -67.78 5.23
CA ASP H 425 49.64 -66.71 5.76
C ASP H 425 50.63 -67.37 6.72
N ALA H 426 51.87 -67.54 6.26
CA ALA H 426 52.87 -68.25 7.06
C ALA H 426 53.16 -67.53 8.37
N THR H 427 52.91 -66.22 8.45
CA THR H 427 53.20 -65.46 9.67
C THR H 427 52.33 -65.89 10.85
N ILE H 428 51.19 -66.54 10.60
CA ILE H 428 50.36 -67.01 11.69
C ILE H 428 51.07 -68.11 12.48
N LEU H 429 51.65 -69.08 11.77
CA LEU H 429 52.41 -70.14 12.42
C LEU H 429 53.68 -69.59 13.05
N GLU H 430 54.34 -68.66 12.37
CA GLU H 430 55.59 -68.10 12.87
C GLU H 430 55.37 -67.29 14.16
N ASP H 431 54.27 -66.54 14.24
CA ASP H 431 53.98 -65.82 15.47
C ASP H 431 53.61 -66.77 16.61
N TRP H 432 53.03 -67.92 16.27
CA TRP H 432 52.64 -68.92 17.24
C TRP H 432 53.82 -69.74 17.75
N GLN H 433 54.97 -69.66 17.07
CA GLN H 433 56.16 -70.44 17.40
C GLN H 433 55.86 -71.95 17.34
N PHE H 434 55.45 -72.39 16.15
CA PHE H 434 55.05 -73.78 15.97
C PHE H 434 55.61 -74.34 14.64
N GLU H 468 59.51 -54.63 9.86
CA GLU H 468 59.07 -56.01 9.68
C GLU H 468 57.63 -56.06 9.17
N ASP H 469 56.75 -55.38 9.89
CA ASP H 469 55.33 -55.37 9.57
C ASP H 469 55.07 -54.58 8.29
N PRO H 470 54.42 -55.18 7.27
CA PRO H 470 54.17 -54.42 6.03
C PRO H 470 53.15 -53.29 6.21
N LEU H 471 52.39 -53.29 7.29
CA LEU H 471 51.43 -52.21 7.53
C LEU H 471 52.03 -51.02 8.25
N LYS H 472 53.33 -51.04 8.53
CA LYS H 472 53.92 -49.94 9.28
C LYS H 472 54.16 -48.69 8.43
N ASP H 473 53.97 -48.77 7.12
CA ASP H 473 53.95 -47.59 6.27
C ASP H 473 52.58 -46.90 6.23
N TYR H 474 51.54 -47.54 6.77
CA TYR H 474 50.19 -47.00 6.72
C TYR H 474 49.84 -46.31 8.03
N MET H 475 48.87 -45.41 7.94
CA MET H 475 48.44 -44.58 9.06
C MET H 475 47.12 -45.13 9.60
N PHE H 476 47.13 -45.52 10.87
CA PHE H 476 45.92 -46.00 11.52
C PHE H 476 45.77 -45.37 12.89
N TRP H 477 44.53 -45.28 13.34
CA TRP H 477 44.24 -44.91 14.72
C TRP H 477 44.37 -46.17 15.56
N GLU H 478 45.49 -46.29 16.27
CA GLU H 478 45.80 -47.49 17.04
C GLU H 478 44.95 -47.53 18.31
N VAL H 479 44.27 -48.65 18.54
CA VAL H 479 43.46 -48.82 19.74
C VAL H 479 44.02 -50.02 20.50
N ASP H 480 44.61 -49.75 21.67
CA ASP H 480 45.30 -50.75 22.48
C ASP H 480 44.31 -51.38 23.45
N LEU H 481 44.00 -52.66 23.23
CA LEU H 481 43.07 -53.39 24.08
C LEU H 481 43.71 -54.54 24.85
N LYS H 482 45.05 -54.62 24.93
CA LYS H 482 45.69 -55.74 25.65
C LYS H 482 45.20 -55.81 27.09
N GLU H 483 45.19 -54.66 27.78
CA GLU H 483 44.85 -54.57 29.19
C GLU H 483 43.39 -54.19 29.42
N LYS H 484 42.53 -54.41 28.42
CA LYS H 484 41.13 -54.03 28.48
C LYS H 484 40.18 -55.22 28.42
N PHE H 485 40.68 -56.45 28.39
CA PHE H 485 39.83 -57.64 28.34
C PHE H 485 39.33 -58.02 29.73
N SER H 486 38.06 -58.41 29.81
CA SER H 486 37.43 -58.85 31.05
C SER H 486 36.47 -60.00 30.75
N ALA H 487 36.39 -60.94 31.67
CA ALA H 487 35.47 -62.07 31.49
C ALA H 487 34.10 -61.82 32.09
N ASP H 488 33.94 -60.79 32.92
CA ASP H 488 32.64 -60.52 33.53
C ASP H 488 31.89 -59.57 32.61
N LEU H 489 31.15 -60.14 31.66
CA LEU H 489 30.54 -59.35 30.61
C LEU H 489 29.54 -58.35 31.17
N ASP H 490 28.77 -58.73 32.18
CA ASP H 490 27.65 -57.87 32.54
C ASP H 490 28.07 -56.59 33.27
N GLN H 491 29.37 -56.34 33.47
CA GLN H 491 29.78 -55.04 34.01
C GLN H 491 29.78 -53.93 32.97
N PHE H 492 29.47 -54.24 31.71
CA PHE H 492 29.67 -53.32 30.61
C PHE H 492 28.44 -53.28 29.71
N PRO H 493 28.22 -52.15 29.01
CA PRO H 493 27.00 -52.03 28.19
C PRO H 493 26.85 -53.12 27.14
N LEU H 494 27.86 -53.29 26.28
CA LEU H 494 27.73 -54.30 25.24
C LEU H 494 27.77 -55.71 25.79
N GLY H 495 27.92 -55.89 27.09
CA GLY H 495 28.07 -57.22 27.62
C GLY H 495 26.73 -57.66 28.16
N ARG H 496 26.00 -56.70 28.74
CA ARG H 496 24.61 -56.94 29.08
C ARG H 496 23.80 -57.26 27.82
N LYS H 497 24.09 -56.56 26.72
CA LYS H 497 23.40 -56.83 25.46
C LYS H 497 23.74 -58.21 24.90
N PHE H 498 24.97 -58.68 25.10
CA PHE H 498 25.32 -60.03 24.66
C PHE H 498 24.58 -61.08 25.49
N LEU H 499 24.57 -60.91 26.82
CA LEU H 499 23.92 -61.87 27.70
C LEU H 499 22.41 -61.93 27.50
N LEU H 500 21.84 -60.95 26.82
CA LEU H 500 20.42 -60.93 26.51
C LEU H 500 20.13 -61.55 25.15
N GLN H 501 20.95 -61.24 24.15
CA GLN H 501 20.74 -61.71 22.79
C GLN H 501 20.92 -63.23 22.66
N ALA H 502 21.79 -63.83 23.45
CA ALA H 502 21.97 -65.28 23.44
C ALA H 502 21.53 -65.86 24.77
N GLY H 503 21.36 -67.18 24.79
CA GLY H 503 20.99 -67.89 26.00
C GLY H 503 22.13 -68.65 26.63
N LYS I 46 -0.29 -73.89 -29.62
CA LYS I 46 -0.38 -73.98 -28.16
C LYS I 46 1.01 -73.87 -27.52
N VAL I 47 1.29 -72.73 -26.89
CA VAL I 47 2.55 -72.53 -26.16
C VAL I 47 2.35 -72.98 -24.71
N VAL I 48 3.32 -73.73 -24.18
CA VAL I 48 3.23 -74.28 -22.85
C VAL I 48 4.46 -73.85 -22.06
N SER I 49 4.33 -73.89 -20.74
CA SER I 49 5.45 -73.63 -19.85
C SER I 49 6.61 -74.57 -20.11
N THR I 50 7.85 -74.06 -19.99
CA THR I 50 9.00 -74.94 -20.15
C THR I 50 9.04 -76.01 -19.07
N ASP I 51 8.27 -75.86 -18.00
CA ASP I 51 8.25 -76.91 -16.98
C ASP I 51 7.69 -78.22 -17.52
N GLU I 52 6.95 -78.20 -18.63
CA GLU I 52 6.37 -79.44 -19.12
C GLU I 52 7.29 -80.26 -20.00
N TYR I 53 8.40 -79.70 -20.47
CA TYR I 53 9.31 -80.45 -21.32
C TYR I 53 10.79 -80.18 -21.00
N VAL I 54 11.09 -79.49 -19.89
CA VAL I 54 12.46 -79.23 -19.49
C VAL I 54 12.65 -79.73 -18.06
N SER I 55 13.54 -80.70 -17.88
CA SER I 55 13.74 -81.36 -16.59
C SER I 55 14.90 -80.73 -15.84
N ARG I 56 14.69 -80.48 -14.55
CA ARG I 56 15.69 -79.85 -13.72
C ARG I 56 16.55 -80.88 -13.00
N THR I 57 17.85 -80.64 -12.96
CA THR I 57 18.78 -81.40 -12.16
C THR I 57 19.08 -80.62 -10.88
N SER I 58 19.82 -81.22 -9.96
CA SER I 58 20.28 -80.50 -8.77
C SER I 58 21.71 -79.97 -8.93
N ILE I 59 22.22 -79.94 -10.16
CA ILE I 59 23.57 -79.44 -10.45
C ILE I 59 23.49 -77.93 -10.66
N TYR I 60 24.25 -77.18 -9.85
CA TYR I 60 24.30 -75.73 -9.98
C TYR I 60 25.73 -75.27 -10.26
N TYR I 61 25.86 -74.23 -11.06
CA TYR I 61 27.16 -73.70 -11.39
C TYR I 61 27.18 -72.19 -11.17
N TYR I 62 28.35 -71.69 -10.81
CA TYR I 62 28.58 -70.27 -10.62
C TYR I 62 29.38 -69.73 -11.79
N ALA I 63 29.10 -68.47 -12.13
CA ALA I 63 29.87 -67.76 -13.15
C ALA I 63 29.83 -66.26 -12.84
N GLY I 64 31.01 -65.64 -12.87
CA GLY I 64 31.13 -64.21 -12.63
C GLY I 64 32.01 -63.54 -13.67
N SER I 65 31.65 -62.31 -14.03
CA SER I 65 32.39 -61.58 -15.05
C SER I 65 33.65 -60.92 -14.50
N SER I 66 33.79 -60.85 -13.18
CA SER I 66 34.75 -59.97 -12.50
C SER I 66 34.51 -58.51 -12.91
N ARG I 67 35.40 -57.62 -12.50
CA ARG I 67 35.13 -56.19 -12.65
C ARG I 67 35.09 -55.79 -14.12
N LEU I 68 34.06 -55.01 -14.48
CA LEU I 68 33.87 -54.44 -15.82
C LEU I 68 33.92 -52.93 -15.76
N LEU I 69 34.70 -52.32 -16.66
CA LEU I 69 34.97 -50.89 -16.63
C LEU I 69 34.80 -50.28 -18.01
N THR I 70 34.22 -49.08 -18.07
CA THR I 70 34.22 -48.28 -19.28
C THR I 70 34.29 -46.82 -18.87
N VAL I 71 35.11 -46.03 -19.56
CA VAL I 71 35.32 -44.62 -19.27
C VAL I 71 35.13 -43.81 -20.55
N GLY I 72 34.49 -42.65 -20.44
CA GLY I 72 34.30 -41.86 -21.64
C GLY I 72 33.81 -40.47 -21.33
N HIS I 73 33.34 -39.82 -22.35
CA HIS I 73 32.76 -38.50 -22.22
C HIS I 73 31.26 -38.63 -22.03
N PRO I 74 30.65 -37.91 -21.08
CA PRO I 74 29.23 -38.17 -20.79
C PRO I 74 28.28 -37.62 -21.83
N TYR I 75 28.72 -36.71 -22.70
CA TYR I 75 27.79 -36.05 -23.60
C TYR I 75 27.94 -36.50 -25.05
N PHE I 76 29.14 -36.87 -25.47
CA PHE I 76 29.34 -37.23 -26.86
C PHE I 76 30.65 -37.97 -27.00
N SER I 77 30.74 -38.78 -28.05
CA SER I 77 32.03 -39.38 -28.35
C SER I 77 32.91 -38.36 -29.04
N ILE I 78 34.22 -38.54 -28.89
CA ILE I 78 35.22 -37.68 -29.49
C ILE I 78 35.80 -38.49 -30.65
N LYS I 79 35.56 -38.02 -31.88
CA LYS I 79 35.81 -38.83 -33.06
C LYS I 79 37.16 -38.56 -33.73
N ASN I 80 37.18 -38.43 -35.06
CA ASN I 80 38.41 -38.66 -35.79
C ASN I 80 39.17 -37.40 -36.13
N THR I 81 40.50 -37.56 -36.16
CA THR I 81 41.50 -36.51 -36.25
C THR I 81 41.74 -36.03 -37.68
N GLY I 86 35.79 -39.88 -40.12
CA GLY I 86 35.03 -40.12 -38.91
C GLY I 86 35.09 -41.56 -38.45
N LYS I 87 36.20 -42.22 -38.80
CA LYS I 87 36.31 -43.67 -38.62
C LYS I 87 36.57 -44.05 -37.16
N LYS I 88 37.60 -43.47 -36.54
CA LYS I 88 37.98 -43.88 -35.21
C LYS I 88 37.45 -42.99 -34.08
N VAL I 89 37.14 -43.64 -32.96
CA VAL I 89 36.66 -43.04 -31.74
C VAL I 89 37.84 -42.96 -30.77
N LEU I 90 38.21 -41.74 -30.34
CA LEU I 90 39.27 -41.65 -29.35
C LEU I 90 38.73 -41.82 -27.93
N VAL I 91 37.60 -41.20 -27.63
CA VAL I 91 36.94 -41.34 -26.34
C VAL I 91 35.48 -41.67 -26.62
N PRO I 92 34.96 -42.79 -26.11
CA PRO I 92 33.55 -43.13 -26.37
C PRO I 92 32.61 -42.30 -25.49
N LYS I 93 31.33 -42.33 -25.85
CA LYS I 93 30.28 -41.70 -25.04
C LYS I 93 29.84 -42.66 -23.94
N VAL I 94 30.16 -42.35 -22.68
CA VAL I 94 29.82 -43.21 -21.56
C VAL I 94 29.10 -42.36 -20.53
N SER I 95 27.82 -42.66 -20.30
CA SER I 95 26.95 -41.84 -19.48
C SER I 95 26.07 -42.72 -18.62
N GLY I 96 25.76 -42.22 -17.42
CA GLY I 96 24.77 -42.86 -16.56
C GLY I 96 23.34 -42.83 -17.11
N LEU I 97 23.11 -42.14 -18.23
CA LEU I 97 21.79 -42.12 -18.84
C LEU I 97 21.71 -43.11 -20.01
N GLN I 98 22.67 -44.02 -20.13
CA GLN I 98 22.69 -45.03 -21.18
C GLN I 98 22.18 -46.35 -20.66
N TYR I 99 21.53 -47.09 -21.56
CA TYR I 99 21.29 -48.51 -21.33
C TYR I 99 22.60 -49.28 -21.43
N ARG I 100 22.81 -50.17 -20.47
CA ARG I 100 23.84 -51.19 -20.57
C ARG I 100 23.14 -52.50 -20.89
N VAL I 101 23.43 -53.04 -22.07
CA VAL I 101 22.80 -54.28 -22.53
C VAL I 101 23.90 -55.33 -22.67
N PHE I 102 23.99 -56.21 -21.69
CA PHE I 102 25.01 -57.24 -21.67
C PHE I 102 24.49 -58.50 -22.36
N ARG I 103 25.24 -58.97 -23.36
CA ARG I 103 24.99 -60.27 -23.99
C ARG I 103 25.96 -61.27 -23.39
N ILE I 104 25.47 -62.10 -22.47
CA ILE I 104 26.31 -63.07 -21.78
C ILE I 104 26.28 -64.40 -22.52
N LYS I 105 27.46 -64.89 -22.91
CA LYS I 105 27.61 -66.16 -23.63
C LYS I 105 28.06 -67.24 -22.65
N LEU I 106 27.30 -68.33 -22.58
CA LEU I 106 27.48 -69.46 -21.70
C LEU I 106 28.18 -70.61 -22.42
N PRO I 107 28.93 -71.45 -21.71
CA PRO I 107 29.52 -72.62 -22.36
C PRO I 107 28.42 -73.58 -22.78
N ASP I 108 28.53 -74.12 -23.99
CA ASP I 108 27.57 -75.10 -24.44
C ASP I 108 27.66 -76.30 -23.49
N PRO I 109 26.61 -76.61 -22.73
CA PRO I 109 26.71 -77.72 -21.77
C PRO I 109 26.78 -79.09 -22.43
N ASN I 110 26.31 -79.23 -23.67
CA ASN I 110 26.44 -80.48 -24.42
C ASN I 110 27.85 -80.71 -24.93
N LYS I 111 28.70 -79.69 -24.94
CA LYS I 111 30.11 -79.86 -25.27
C LYS I 111 30.99 -79.60 -24.07
N PHE I 112 30.38 -79.42 -22.89
CA PHE I 112 31.11 -78.99 -21.72
C PHE I 112 31.77 -80.17 -21.02
N GLY I 113 32.97 -79.93 -20.51
CA GLY I 113 33.70 -81.01 -19.87
C GLY I 113 33.21 -81.34 -18.48
N PHE I 114 32.02 -81.92 -18.38
CA PHE I 114 31.53 -82.36 -17.09
C PHE I 114 32.33 -83.56 -16.60
N PRO I 115 32.69 -83.60 -15.31
CA PRO I 115 33.36 -84.79 -14.76
C PRO I 115 32.45 -85.99 -14.67
N ASP I 116 31.14 -85.77 -14.57
CA ASP I 116 30.15 -86.82 -14.40
C ASP I 116 28.96 -86.54 -15.31
N THR I 117 28.82 -87.37 -16.35
CA THR I 117 27.76 -87.22 -17.35
C THR I 117 26.69 -88.28 -17.18
N SER I 118 26.50 -88.78 -15.95
CA SER I 118 25.55 -89.86 -15.71
C SER I 118 24.22 -89.36 -15.19
N PHE I 119 24.03 -88.03 -15.14
CA PHE I 119 22.78 -87.42 -14.73
C PHE I 119 21.78 -87.29 -15.86
N TYR I 120 22.22 -87.52 -17.10
CA TYR I 120 21.37 -87.43 -18.28
C TYR I 120 21.81 -88.49 -19.27
N ASN I 121 21.00 -88.69 -20.30
CA ASN I 121 21.30 -89.68 -21.32
C ASN I 121 21.59 -88.93 -22.62
N PRO I 122 22.86 -88.78 -23.01
CA PRO I 122 23.18 -88.05 -24.25
C PRO I 122 22.59 -88.73 -25.48
N GLU I 123 22.08 -89.94 -25.29
CA GLU I 123 21.45 -90.66 -26.37
C GLU I 123 20.07 -90.08 -26.68
N THR I 124 19.37 -89.63 -25.64
CA THR I 124 17.99 -89.17 -25.76
C THR I 124 17.75 -87.77 -25.23
N GLN I 125 18.76 -87.11 -24.67
CA GLN I 125 18.56 -85.86 -23.98
C GLN I 125 19.65 -84.87 -24.37
N ARG I 126 19.33 -83.58 -24.27
CA ARG I 126 20.27 -82.50 -24.47
C ARG I 126 20.21 -81.58 -23.26
N LEU I 127 21.28 -80.80 -23.07
CA LEU I 127 21.42 -79.96 -21.90
C LEU I 127 21.24 -78.49 -22.26
N VAL I 128 20.81 -77.70 -21.27
CA VAL I 128 20.67 -76.25 -21.41
C VAL I 128 20.77 -75.64 -20.02
N TRP I 129 21.29 -74.43 -19.95
CA TRP I 129 21.42 -73.75 -18.67
C TRP I 129 20.14 -73.03 -18.35
N ALA I 130 19.79 -73.00 -17.08
CA ALA I 130 18.70 -72.15 -16.59
C ALA I 130 19.25 -71.20 -15.55
N CYS I 131 18.76 -69.97 -15.58
CA CYS I 131 19.20 -68.98 -14.61
C CYS I 131 18.37 -69.08 -13.35
N THR I 132 19.04 -69.24 -12.20
CA THR I 132 18.33 -69.23 -10.92
C THR I 132 18.70 -68.06 -10.04
N GLY I 133 19.85 -67.41 -10.28
CA GLY I 133 20.26 -66.31 -9.44
C GLY I 133 21.10 -65.29 -10.18
N LEU I 134 21.14 -64.08 -9.61
CA LEU I 134 21.77 -62.94 -10.28
C LEU I 134 22.08 -61.87 -9.25
N GLU I 135 23.30 -61.35 -9.27
CA GLU I 135 23.63 -60.13 -8.56
C GLU I 135 24.36 -59.19 -9.51
N ILE I 136 23.80 -57.99 -9.69
CA ILE I 136 24.36 -56.96 -10.55
C ILE I 136 25.18 -56.02 -9.67
N GLY I 137 26.49 -56.21 -9.69
CA GLY I 137 27.37 -55.39 -8.88
C GLY I 137 27.62 -54.02 -9.51
N ARG I 138 27.68 -53.01 -8.65
CA ARG I 138 27.91 -51.63 -9.09
C ARG I 138 29.01 -51.01 -8.23
N GLY I 139 30.12 -50.63 -8.87
CA GLY I 139 31.13 -49.83 -8.22
C GLY I 139 30.84 -48.35 -8.38
N GLN I 140 31.79 -47.54 -7.90
CA GLN I 140 31.72 -46.08 -7.95
C GLN I 140 30.70 -45.61 -6.92
N PRO I 141 30.85 -44.40 -6.39
CA PRO I 141 29.92 -43.92 -5.37
C PRO I 141 28.58 -43.53 -5.99
N LEU I 142 27.58 -43.44 -5.14
CA LEU I 142 26.33 -42.84 -5.57
C LEU I 142 26.57 -41.38 -5.91
N GLY I 143 25.89 -40.89 -6.94
CA GLY I 143 26.08 -39.51 -7.34
C GLY I 143 25.15 -39.16 -8.48
N VAL I 144 25.09 -37.86 -8.75
CA VAL I 144 24.18 -37.33 -9.77
C VAL I 144 24.99 -36.50 -10.76
N GLY I 145 24.83 -36.84 -12.05
CA GLY I 145 25.44 -36.08 -13.11
C GLY I 145 24.49 -35.05 -13.70
N ILE I 146 25.07 -34.19 -14.51
CA ILE I 146 24.36 -33.05 -15.09
C ILE I 146 24.58 -33.02 -16.59
N SER I 147 23.54 -32.65 -17.33
CA SER I 147 23.59 -32.48 -18.77
C SER I 147 23.14 -31.06 -19.09
N GLY I 148 23.58 -30.56 -20.24
CA GLY I 148 23.20 -29.22 -20.60
C GLY I 148 23.35 -28.91 -22.07
N HIS I 149 23.22 -27.64 -22.38
CA HIS I 149 23.36 -27.21 -23.75
C HIS I 149 23.86 -25.76 -23.76
N PRO I 150 24.98 -25.46 -24.43
CA PRO I 150 25.43 -24.06 -24.48
C PRO I 150 24.47 -23.15 -25.23
N LEU I 151 23.64 -23.71 -26.11
CA LEU I 151 22.66 -22.95 -26.88
C LEU I 151 21.29 -23.64 -26.75
N LEU I 152 20.80 -23.74 -25.52
CA LEU I 152 19.48 -24.33 -25.27
C LEU I 152 18.39 -23.33 -25.63
N ASN I 153 17.33 -23.82 -26.28
CA ASN I 153 16.22 -22.95 -26.68
C ASN I 153 15.31 -22.68 -25.48
N LYS I 154 15.84 -21.89 -24.56
CA LYS I 154 15.05 -21.32 -23.47
C LYS I 154 14.92 -19.83 -23.71
N PHE I 155 13.70 -19.32 -23.56
CA PHE I 155 13.48 -17.89 -23.71
C PHE I 155 13.29 -17.26 -22.33
N ASP I 156 12.09 -17.36 -21.77
CA ASP I 156 11.77 -16.77 -20.49
C ASP I 156 11.56 -17.81 -19.40
N ASP I 157 11.73 -17.38 -18.16
CA ASP I 157 11.33 -18.13 -16.98
C ASP I 157 9.86 -17.78 -16.70
N THR I 158 8.96 -18.76 -16.85
CA THR I 158 7.52 -18.52 -16.74
C THR I 158 6.94 -19.00 -15.41
N GLU I 159 7.75 -19.08 -14.35
CA GLU I 159 7.25 -19.58 -13.08
C GLU I 159 6.58 -18.50 -12.23
N THR I 160 7.22 -17.33 -12.07
CA THR I 160 6.71 -16.32 -11.14
C THR I 160 6.50 -14.97 -11.79
N SER I 161 7.42 -14.52 -12.62
CA SER I 161 7.37 -13.19 -13.18
C SER I 161 7.77 -13.28 -14.64
N ASN I 162 6.82 -13.01 -15.53
CA ASN I 162 7.07 -12.99 -16.96
C ASN I 162 6.18 -11.90 -17.54
N LYS I 163 6.55 -10.65 -17.25
CA LYS I 163 5.77 -9.49 -17.63
C LYS I 163 5.89 -9.21 -19.11
N TYR I 164 4.88 -8.54 -19.64
CA TYR I 164 4.90 -8.08 -21.01
C TYR I 164 5.69 -6.76 -21.06
N ALA I 165 6.67 -6.70 -21.95
CA ALA I 165 6.90 -7.74 -22.93
C ALA I 165 8.38 -7.89 -23.23
N GLY I 166 8.62 -8.57 -24.33
CA GLY I 166 9.94 -8.86 -24.81
C GLY I 166 9.80 -9.78 -26.00
N LYS I 167 10.10 -9.27 -27.17
CA LYS I 167 9.95 -10.08 -28.37
C LYS I 167 11.25 -10.83 -28.62
N PRO I 168 11.15 -12.10 -28.98
CA PRO I 168 12.35 -12.94 -29.07
C PRO I 168 13.52 -12.34 -29.85
N GLY I 169 13.40 -12.06 -31.13
CA GLY I 169 14.60 -11.69 -31.85
C GLY I 169 15.21 -12.83 -32.64
N ILE I 170 16.48 -12.67 -33.00
CA ILE I 170 17.08 -13.63 -33.93
C ILE I 170 17.62 -14.86 -33.22
N ASP I 171 18.12 -14.72 -31.99
CA ASP I 171 18.81 -15.82 -31.34
C ASP I 171 18.87 -15.51 -29.84
N ASN I 172 18.06 -16.20 -29.04
CA ASN I 172 18.04 -16.01 -27.59
C ASN I 172 18.48 -17.25 -26.83
N ARG I 173 19.13 -18.20 -27.51
CA ARG I 173 19.50 -19.44 -26.86
C ARG I 173 20.48 -19.17 -25.74
N GLU I 174 20.35 -19.95 -24.66
CA GLU I 174 21.12 -19.77 -23.44
C GLU I 174 21.84 -21.05 -23.08
N CYS I 175 22.80 -20.91 -22.18
CA CYS I 175 23.66 -21.99 -21.74
C CYS I 175 23.12 -22.51 -20.42
N LEU I 176 22.31 -23.58 -20.48
CA LEU I 176 21.66 -24.12 -19.30
C LEU I 176 22.02 -25.58 -19.14
N SER I 177 21.88 -26.05 -17.90
CA SER I 177 22.08 -27.45 -17.57
C SER I 177 21.00 -27.89 -16.59
N MET I 178 20.94 -29.18 -16.33
CA MET I 178 19.88 -29.75 -15.49
C MET I 178 20.31 -31.14 -15.07
N ASP I 179 19.66 -31.65 -14.02
CA ASP I 179 19.80 -33.03 -13.61
C ASP I 179 18.56 -33.78 -14.09
N TYR I 180 18.76 -35.00 -14.57
CA TYR I 180 17.71 -35.72 -15.27
C TYR I 180 16.79 -36.49 -14.32
N LYS I 181 15.72 -37.03 -14.89
CA LYS I 181 14.87 -37.97 -14.18
C LYS I 181 15.69 -39.20 -13.80
N GLN I 182 15.53 -39.65 -12.55
CA GLN I 182 16.31 -40.78 -12.04
C GLN I 182 15.67 -42.11 -12.42
N THR I 183 16.50 -43.05 -12.90
CA THR I 183 15.96 -44.32 -13.38
C THR I 183 16.89 -45.47 -13.02
N GLN I 184 16.33 -46.49 -12.35
CA GLN I 184 16.97 -47.79 -12.19
C GLN I 184 16.09 -48.87 -12.81
N LEU I 185 16.70 -49.79 -13.56
CA LEU I 185 15.94 -50.93 -14.03
C LEU I 185 16.87 -52.08 -14.38
N CYS I 186 16.35 -53.31 -14.24
CA CYS I 186 17.04 -54.49 -14.79
C CYS I 186 16.02 -55.41 -15.44
N ILE I 187 16.39 -55.92 -16.62
CA ILE I 187 15.55 -56.84 -17.38
C ILE I 187 16.42 -58.05 -17.72
N LEU I 188 15.89 -59.25 -17.50
CA LEU I 188 16.60 -60.49 -17.75
C LEU I 188 15.76 -61.37 -18.67
N GLY I 189 16.40 -61.91 -19.70
CA GLY I 189 15.77 -62.79 -20.66
C GLY I 189 16.85 -63.47 -21.48
N CYS I 190 16.42 -64.36 -22.38
CA CYS I 190 17.36 -65.02 -23.26
C CYS I 190 17.38 -64.41 -24.65
N LYS I 191 16.52 -63.45 -24.91
CA LYS I 191 16.52 -62.58 -26.08
C LYS I 191 16.61 -61.13 -25.62
N PRO I 192 17.15 -60.23 -26.44
CA PRO I 192 17.37 -58.83 -26.00
C PRO I 192 16.05 -58.11 -25.77
N PRO I 193 16.05 -57.08 -24.94
CA PRO I 193 14.81 -56.36 -24.64
C PRO I 193 14.38 -55.43 -25.77
N ILE I 194 13.09 -55.14 -25.77
CA ILE I 194 12.46 -54.32 -26.80
C ILE I 194 12.00 -53.03 -26.15
N GLY I 195 12.33 -51.91 -26.77
CA GLY I 195 11.91 -50.61 -26.30
C GLY I 195 10.90 -49.98 -27.23
N GLU I 196 10.32 -48.89 -26.74
CA GLU I 196 9.40 -48.07 -27.50
C GLU I 196 9.88 -46.63 -27.45
N HIS I 197 9.61 -45.90 -28.52
CA HIS I 197 9.91 -44.48 -28.57
C HIS I 197 9.07 -43.87 -29.68
N TRP I 198 8.88 -42.57 -29.60
CA TRP I 198 8.12 -41.85 -30.62
C TRP I 198 9.07 -41.43 -31.74
N GLY I 199 8.66 -41.71 -32.98
CA GLY I 199 9.43 -41.34 -34.15
C GLY I 199 8.59 -40.61 -35.17
N LYS I 200 9.26 -40.08 -36.18
CA LYS I 200 8.57 -39.36 -37.25
C LYS I 200 7.88 -40.35 -38.19
N GLY I 201 6.60 -40.14 -38.41
CA GLY I 201 5.81 -40.96 -39.31
C GLY I 201 6.02 -40.59 -40.76
N THR I 202 5.10 -41.08 -41.60
CA THR I 202 4.82 -40.97 -43.04
C THR I 202 3.98 -39.72 -43.28
N PRO I 203 4.24 -38.92 -44.34
CA PRO I 203 3.58 -37.61 -44.43
C PRO I 203 2.08 -37.64 -44.67
N CYS I 204 1.50 -38.79 -45.03
CA CYS I 204 0.05 -38.90 -45.27
C CYS I 204 -0.45 -37.87 -46.28
N GLY I 209 2.95 -32.87 -46.60
CA GLY I 209 2.31 -31.65 -47.03
C GLY I 209 2.67 -30.43 -46.17
N ASN I 210 3.39 -29.47 -46.78
CA ASN I 210 3.83 -28.16 -46.27
C ASN I 210 5.06 -28.24 -45.37
N PRO I 211 5.90 -27.16 -45.35
CA PRO I 211 7.15 -27.16 -44.56
C PRO I 211 7.09 -26.40 -43.25
N GLY I 212 7.54 -27.03 -42.17
CA GLY I 212 7.48 -26.42 -40.87
C GLY I 212 6.24 -26.82 -40.13
N ASP I 213 5.46 -27.74 -40.72
CA ASP I 213 4.30 -28.31 -40.09
C ASP I 213 4.74 -29.31 -39.04
N CYS I 214 3.84 -29.56 -38.11
CA CYS I 214 4.15 -30.47 -37.02
C CYS I 214 4.41 -31.88 -37.57
N PRO I 215 5.48 -32.56 -37.15
CA PRO I 215 5.76 -33.88 -37.69
C PRO I 215 4.67 -34.86 -37.27
N PRO I 216 4.34 -35.82 -38.12
CA PRO I 216 3.42 -36.88 -37.67
C PRO I 216 4.15 -37.82 -36.72
N LEU I 217 3.44 -38.29 -35.71
CA LEU I 217 4.04 -39.12 -34.68
C LEU I 217 3.69 -40.58 -34.89
N GLN I 218 4.63 -41.45 -34.54
CA GLN I 218 4.41 -42.88 -34.66
C GLN I 218 5.19 -43.62 -33.58
N LEU I 219 4.51 -44.53 -32.88
CA LEU I 219 5.17 -45.31 -31.84
C LEU I 219 5.98 -46.42 -32.48
N ILE I 220 7.28 -46.47 -32.19
CA ILE I 220 8.22 -47.36 -32.88
C ILE I 220 8.80 -48.36 -31.90
N ASN I 221 8.78 -49.64 -32.26
CA ASN I 221 9.42 -50.68 -31.48
C ASN I 221 10.80 -50.98 -32.06
N SER I 222 11.75 -51.26 -31.17
CA SER I 222 13.11 -51.54 -31.59
C SER I 222 13.78 -52.29 -30.47
N VAL I 223 14.87 -52.97 -30.81
CA VAL I 223 15.71 -53.61 -29.81
C VAL I 223 16.54 -52.56 -29.10
N ILE I 224 16.57 -52.64 -27.77
CA ILE I 224 17.42 -51.75 -26.99
C ILE I 224 18.85 -52.27 -27.08
N GLN I 225 19.74 -51.44 -27.61
CA GLN I 225 21.14 -51.78 -27.80
C GLN I 225 21.97 -51.16 -26.69
N ASP I 226 23.18 -51.68 -26.52
CA ASP I 226 24.11 -51.08 -25.57
C ASP I 226 24.49 -49.68 -26.01
N GLY I 227 24.36 -48.72 -25.10
CA GLY I 227 24.66 -47.33 -25.41
C GLY I 227 23.45 -46.47 -25.75
N ASP I 228 22.29 -47.05 -26.04
CA ASP I 228 21.08 -46.27 -26.27
C ASP I 228 20.73 -45.45 -25.04
N MET I 229 20.04 -44.33 -25.25
CA MET I 229 19.72 -43.42 -24.17
C MET I 229 18.36 -43.77 -23.57
N VAL I 230 18.30 -43.72 -22.23
CA VAL I 230 17.03 -43.85 -21.54
C VAL I 230 16.31 -42.50 -21.57
N ASP I 231 15.00 -42.53 -21.33
CA ASP I 231 14.26 -41.28 -21.21
C ASP I 231 14.72 -40.48 -19.99
N THR I 232 14.67 -39.15 -20.11
CA THR I 232 15.31 -38.24 -19.16
C THR I 232 14.35 -37.23 -18.53
N GLY I 233 13.06 -37.25 -18.88
CA GLY I 233 12.14 -36.20 -18.51
C GLY I 233 11.50 -35.49 -19.69
N PHE I 234 12.08 -35.62 -20.89
CA PHE I 234 11.50 -35.08 -22.11
C PHE I 234 10.80 -36.16 -22.95
N GLY I 235 10.59 -37.35 -22.39
CA GLY I 235 9.88 -38.40 -23.08
C GLY I 235 10.80 -39.31 -23.87
N CYS I 236 10.20 -40.38 -24.39
CA CYS I 236 10.91 -41.36 -25.21
C CYS I 236 10.61 -41.02 -26.67
N MET I 237 11.56 -40.32 -27.30
CA MET I 237 11.35 -39.90 -28.67
C MET I 237 12.68 -39.81 -29.41
N ASP I 238 12.58 -39.81 -30.74
CA ASP I 238 13.73 -39.63 -31.64
C ASP I 238 13.98 -38.13 -31.76
N PHE I 239 14.89 -37.61 -30.92
CA PHE I 239 15.13 -36.18 -30.94
C PHE I 239 15.79 -35.73 -32.23
N ASN I 240 16.56 -36.61 -32.87
CA ASN I 240 17.26 -36.23 -34.09
C ASN I 240 16.28 -35.78 -35.18
N THR I 241 15.11 -36.40 -35.23
CA THR I 241 14.14 -36.14 -36.28
C THR I 241 12.93 -35.32 -35.85
N LEU I 242 12.57 -35.33 -34.57
CA LEU I 242 11.40 -34.62 -34.09
C LEU I 242 11.72 -33.24 -33.54
N GLN I 243 12.99 -32.93 -33.33
CA GLN I 243 13.41 -31.62 -32.85
C GLN I 243 14.52 -31.13 -33.79
N ALA I 244 14.13 -30.31 -34.78
CA ALA I 244 15.02 -29.94 -35.89
C ALA I 244 16.05 -28.88 -35.49
N SER I 245 15.74 -28.02 -34.54
CA SER I 245 16.66 -26.95 -34.19
C SER I 245 17.91 -27.44 -33.45
N LYS I 246 17.89 -28.67 -32.95
CA LYS I 246 18.97 -29.27 -32.16
C LYS I 246 19.24 -28.54 -30.86
N SER I 247 18.33 -27.66 -30.41
CA SER I 247 18.56 -26.81 -29.25
C SER I 247 17.47 -26.93 -28.19
N ASP I 248 16.51 -27.85 -28.36
CA ASP I 248 15.39 -27.94 -27.43
C ASP I 248 15.67 -28.85 -26.25
N VAL I 249 16.68 -29.72 -26.35
CA VAL I 249 17.09 -30.57 -25.24
C VAL I 249 18.61 -30.59 -25.18
N PRO I 250 19.18 -30.98 -24.04
CA PRO I 250 20.64 -30.96 -23.91
C PRO I 250 21.34 -31.81 -24.96
N ILE I 251 22.65 -31.55 -25.12
CA ILE I 251 23.36 -32.09 -26.28
C ILE I 251 23.60 -33.59 -26.20
N ASP I 252 23.51 -34.20 -25.03
CA ASP I 252 23.75 -35.63 -24.99
C ASP I 252 22.55 -36.45 -25.43
N ILE I 253 21.42 -35.81 -25.74
CA ILE I 253 20.28 -36.56 -26.22
C ILE I 253 19.66 -35.88 -27.43
N CYS I 254 20.15 -34.69 -27.79
CA CYS I 254 19.49 -33.91 -28.83
C CYS I 254 19.65 -34.51 -30.22
N SER I 255 20.61 -35.41 -30.41
CA SER I 255 20.74 -36.16 -31.66
C SER I 255 20.68 -37.65 -31.41
N SER I 256 20.04 -38.06 -30.31
CA SER I 256 19.89 -39.43 -29.89
C SER I 256 18.43 -39.83 -29.94
N VAL I 257 18.18 -41.13 -29.77
CA VAL I 257 16.84 -41.66 -29.55
C VAL I 257 16.78 -42.09 -28.09
N CYS I 258 15.80 -41.59 -27.35
CA CYS I 258 15.56 -41.99 -25.98
C CYS I 258 14.49 -43.08 -26.00
N LYS I 259 14.83 -44.24 -25.46
CA LYS I 259 13.92 -45.37 -25.49
C LYS I 259 13.46 -45.72 -24.09
N TYR I 260 12.22 -46.19 -23.99
CA TYR I 260 11.61 -46.73 -22.79
C TYR I 260 11.25 -48.19 -23.03
N PRO I 261 11.44 -49.07 -22.06
CA PRO I 261 11.16 -50.49 -22.31
C PRO I 261 9.67 -50.74 -22.53
N ASP I 262 9.33 -51.45 -23.59
CA ASP I 262 7.95 -51.84 -23.86
C ASP I 262 7.63 -53.05 -23.01
N TYR I 263 7.38 -52.79 -21.71
CA TYR I 263 7.09 -53.86 -20.77
C TYR I 263 5.82 -54.63 -21.16
N LEU I 264 4.78 -53.92 -21.60
CA LEU I 264 3.51 -54.54 -21.98
C LEU I 264 3.69 -55.51 -23.15
N GLN I 265 4.42 -55.08 -24.18
CA GLN I 265 4.57 -55.95 -25.34
C GLN I 265 5.42 -57.18 -25.00
N MET I 266 6.53 -56.96 -24.27
CA MET I 266 7.39 -58.09 -23.92
C MET I 266 6.65 -59.10 -23.07
N ALA I 267 5.75 -58.64 -22.18
CA ALA I 267 5.01 -59.58 -21.33
C ALA I 267 4.00 -60.38 -22.14
N SER I 268 3.51 -59.82 -23.22
CA SER I 268 2.49 -60.48 -24.01
C SER I 268 3.07 -61.33 -25.13
N GLU I 269 4.38 -61.40 -25.25
CA GLU I 269 4.95 -62.29 -26.24
C GLU I 269 4.70 -63.74 -25.83
N PRO I 270 4.33 -64.60 -26.78
CA PRO I 270 3.88 -65.96 -26.39
C PRO I 270 4.94 -66.79 -25.65
N TYR I 271 6.18 -66.82 -26.13
CA TYR I 271 7.18 -67.67 -25.46
C TYR I 271 7.78 -67.02 -24.22
N GLY I 272 7.82 -65.69 -24.16
CA GLY I 272 8.38 -65.01 -23.00
C GLY I 272 9.89 -65.05 -22.91
N ASP I 273 10.58 -64.96 -24.05
CA ASP I 273 12.02 -65.04 -24.05
C ASP I 273 12.69 -63.72 -23.71
N SER I 274 11.98 -62.60 -23.87
CA SER I 274 12.57 -61.28 -23.60
C SER I 274 12.52 -60.91 -22.13
N LEU I 275 11.47 -61.30 -21.41
CA LEU I 275 11.23 -60.88 -20.02
C LEU I 275 11.12 -62.10 -19.12
N PHE I 276 12.21 -62.52 -18.48
CA PHE I 276 12.06 -63.41 -17.33
C PHE I 276 11.47 -62.66 -16.15
N PHE I 277 12.03 -61.49 -15.87
CA PHE I 277 11.55 -60.63 -14.80
C PHE I 277 12.11 -59.23 -15.05
N PHE I 278 11.57 -58.26 -14.33
CA PHE I 278 12.15 -56.93 -14.40
C PHE I 278 11.90 -56.21 -13.08
N LEU I 279 12.81 -55.29 -12.77
CA LEU I 279 12.62 -54.36 -11.67
C LEU I 279 12.84 -52.95 -12.20
N ARG I 280 12.07 -51.99 -11.69
CA ARG I 280 12.20 -50.63 -12.16
C ARG I 280 11.91 -49.67 -11.01
N ARG I 281 12.64 -48.57 -10.97
CA ARG I 281 12.37 -47.53 -9.98
C ARG I 281 12.75 -46.19 -10.61
N GLU I 282 11.73 -45.41 -11.00
CA GLU I 282 11.87 -44.12 -11.64
C GLU I 282 11.32 -43.03 -10.73
N GLN I 283 11.88 -41.83 -10.83
CA GLN I 283 11.27 -40.70 -10.14
C GLN I 283 11.77 -39.39 -10.73
N MET I 284 10.90 -38.37 -10.72
CA MET I 284 11.26 -37.04 -11.15
C MET I 284 10.21 -36.04 -10.70
N PHE I 285 10.62 -34.78 -10.63
CA PHE I 285 9.68 -33.67 -10.44
C PHE I 285 10.10 -32.53 -11.35
N VAL I 286 9.24 -31.53 -11.46
CA VAL I 286 9.49 -30.40 -12.34
C VAL I 286 10.26 -29.34 -11.55
N ARG I 287 11.48 -29.03 -11.99
CA ARG I 287 12.36 -28.12 -11.29
C ARG I 287 12.20 -26.67 -11.75
N HIS I 288 12.02 -26.45 -13.05
CA HIS I 288 11.79 -25.10 -13.56
C HIS I 288 10.77 -25.12 -14.69
N PHE I 289 10.19 -23.95 -14.92
CA PHE I 289 9.12 -23.76 -15.90
C PHE I 289 9.56 -22.71 -16.89
N PHE I 290 9.82 -23.13 -18.13
CA PHE I 290 10.31 -22.26 -19.19
C PHE I 290 9.35 -22.27 -20.38
N ASN I 291 9.61 -21.39 -21.34
CA ASN I 291 8.95 -21.46 -22.64
C ASN I 291 9.98 -21.32 -23.74
N ARG I 292 9.55 -21.62 -24.97
CA ARG I 292 10.44 -21.69 -26.12
C ARG I 292 10.36 -20.42 -26.95
N ALA I 293 11.50 -20.02 -27.53
CA ALA I 293 11.49 -19.12 -28.66
C ALA I 293 11.30 -19.93 -29.95
N GLY I 294 11.08 -19.24 -31.05
CA GLY I 294 10.60 -19.84 -32.27
C GLY I 294 9.12 -19.54 -32.46
N THR I 295 8.62 -19.80 -33.66
CA THR I 295 7.24 -19.52 -33.97
C THR I 295 6.32 -20.58 -33.35
N LEU I 296 5.31 -20.15 -32.63
CA LEU I 296 4.36 -21.09 -32.03
C LEU I 296 3.53 -21.73 -33.13
N GLY I 297 3.71 -23.03 -33.35
CA GLY I 297 3.11 -23.67 -34.51
C GLY I 297 1.60 -23.80 -34.43
N ASP I 298 1.06 -24.09 -33.25
CA ASP I 298 -0.39 -24.21 -33.03
C ASP I 298 -0.82 -23.04 -32.15
N PRO I 299 -1.20 -21.91 -32.72
CA PRO I 299 -1.55 -20.75 -31.90
C PRO I 299 -2.80 -20.99 -31.07
N VAL I 300 -2.83 -20.35 -29.91
CA VAL I 300 -3.94 -20.52 -28.96
C VAL I 300 -5.24 -20.03 -29.58
N PRO I 301 -6.29 -20.84 -29.60
CA PRO I 301 -7.54 -20.38 -30.20
C PRO I 301 -8.12 -19.20 -29.43
N GLY I 302 -8.81 -18.32 -30.17
CA GLY I 302 -9.29 -17.07 -29.62
C GLY I 302 -10.37 -17.22 -28.57
N ASP I 303 -11.07 -18.35 -28.54
CA ASP I 303 -12.11 -18.54 -27.53
C ASP I 303 -11.56 -18.88 -26.16
N LEU I 304 -10.24 -18.98 -26.00
CA LEU I 304 -9.64 -19.31 -24.71
C LEU I 304 -9.07 -18.09 -23.98
N TYR I 305 -9.18 -16.90 -24.56
CA TYR I 305 -8.74 -15.70 -23.84
C TYR I 305 -9.35 -14.46 -24.48
N ILE I 306 -9.38 -13.39 -23.69
CA ILE I 306 -9.74 -12.07 -24.15
C ILE I 306 -8.47 -11.35 -24.57
N GLN I 307 -8.42 -10.91 -25.82
CA GLN I 307 -7.22 -10.27 -26.35
C GLN I 307 -6.93 -8.97 -25.60
N GLY I 308 -5.64 -8.64 -25.52
CA GLY I 308 -5.22 -7.40 -24.90
C GLY I 308 -5.43 -6.22 -25.84
N SER I 309 -5.27 -5.02 -25.29
CA SER I 309 -5.51 -3.83 -26.06
C SER I 309 -4.44 -3.65 -27.13
N ASN I 310 -4.88 -3.18 -28.31
CA ASN I 310 -3.96 -2.98 -29.43
C ASN I 310 -2.96 -1.87 -29.17
N SER I 311 -3.22 -1.01 -28.18
CA SER I 311 -2.36 0.11 -27.86
C SER I 311 -1.51 -0.15 -26.63
N GLY I 312 -1.28 -1.41 -26.28
CA GLY I 312 -0.53 -1.68 -25.07
C GLY I 312 0.34 -2.93 -25.08
N ASN I 313 0.76 -3.32 -23.88
CA ASN I 313 1.72 -4.41 -23.66
C ASN I 313 1.32 -5.72 -24.30
N THR I 314 0.04 -6.06 -24.24
CA THR I 314 -0.41 -7.43 -24.41
C THR I 314 -0.99 -7.70 -25.79
N ALA I 315 -0.79 -6.81 -26.75
CA ALA I 315 -1.54 -7.00 -27.98
C ALA I 315 -0.95 -8.10 -28.85
N THR I 316 0.25 -8.57 -28.54
CA THR I 316 0.81 -9.73 -29.21
C THR I 316 1.15 -10.73 -28.14
N VAL I 317 0.52 -11.90 -28.20
CA VAL I 317 0.64 -12.86 -27.11
C VAL I 317 2.01 -13.51 -27.12
N GLN I 318 2.57 -13.73 -25.93
CA GLN I 318 3.82 -14.46 -25.80
C GLN I 318 3.61 -15.96 -26.07
N SER I 319 4.72 -16.64 -26.36
CA SER I 319 4.65 -18.06 -26.69
C SER I 319 4.23 -18.89 -25.48
N SER I 320 3.20 -19.72 -25.69
CA SER I 320 2.80 -20.71 -24.70
C SER I 320 3.35 -22.10 -25.06
N ALA I 321 4.50 -22.13 -25.74
CA ALA I 321 5.24 -23.37 -25.94
C ALA I 321 6.08 -23.62 -24.69
N PHE I 322 5.39 -24.07 -23.64
CA PHE I 322 6.05 -24.30 -22.36
C PHE I 322 6.82 -25.61 -22.38
N PHE I 323 7.82 -25.70 -21.49
CA PHE I 323 8.53 -26.95 -21.27
C PHE I 323 9.14 -26.92 -19.89
N PRO I 324 9.08 -28.02 -19.13
CA PRO I 324 9.67 -28.07 -17.80
C PRO I 324 11.08 -28.64 -17.82
N THR I 325 11.87 -28.26 -16.82
CA THR I 325 13.07 -29.10 -16.68
C THR I 325 12.84 -30.15 -15.60
N PRO I 326 13.34 -31.36 -15.79
CA PRO I 326 13.18 -32.39 -14.76
C PRO I 326 14.25 -32.27 -13.68
N SER I 327 14.02 -33.04 -12.62
CA SER I 327 15.00 -33.28 -11.56
C SER I 327 14.63 -34.60 -10.91
N GLY I 328 15.62 -35.46 -10.73
CA GLY I 328 15.44 -36.76 -10.16
C GLY I 328 15.50 -36.81 -8.66
N SER I 329 15.69 -35.67 -8.01
CA SER I 329 15.78 -35.62 -6.55
C SER I 329 16.91 -36.52 -6.03
N MET I 330 16.82 -36.96 -4.78
CA MET I 330 17.93 -37.63 -4.14
C MET I 330 18.15 -39.05 -4.68
N VAL I 331 19.41 -39.48 -4.66
CA VAL I 331 19.76 -40.88 -4.80
C VAL I 331 20.11 -41.41 -3.42
N THR I 332 19.58 -42.57 -3.08
CA THR I 332 19.73 -43.12 -1.73
C THR I 332 20.14 -44.58 -1.79
N SER I 333 20.84 -45.01 -0.75
CA SER I 333 21.26 -46.41 -0.64
C SER I 333 20.07 -47.34 -0.51
N GLU I 334 19.08 -46.99 0.33
CA GLU I 334 17.97 -47.90 0.58
C GLU I 334 17.09 -48.12 -0.64
N SER I 335 17.23 -47.31 -1.68
CA SER I 335 16.44 -47.42 -2.89
C SER I 335 17.11 -48.26 -3.96
N GLN I 336 18.30 -48.79 -3.68
CA GLN I 336 19.09 -49.45 -4.71
C GLN I 336 18.44 -50.75 -5.15
N LEU I 337 18.45 -50.99 -6.45
CA LEU I 337 18.07 -52.28 -7.01
C LEU I 337 19.23 -53.27 -7.09
N PHE I 338 20.48 -52.80 -6.98
CA PHE I 338 21.67 -53.57 -7.28
C PHE I 338 22.50 -53.88 -6.03
N ASN I 339 23.61 -54.59 -6.24
CA ASN I 339 24.51 -55.01 -5.17
C ASN I 339 23.78 -55.84 -4.12
N LYS I 340 22.73 -56.55 -4.56
CA LYS I 340 22.02 -57.49 -3.73
C LYS I 340 21.47 -58.59 -4.63
N PRO I 341 21.44 -59.84 -4.18
CA PRO I 341 21.07 -60.93 -5.06
C PRO I 341 19.57 -60.95 -5.35
N TYR I 342 19.25 -61.44 -6.53
CA TYR I 342 17.86 -61.67 -6.93
C TYR I 342 17.74 -63.11 -7.40
N TRP I 343 16.79 -63.85 -6.82
CA TRP I 343 16.56 -65.25 -7.18
C TRP I 343 15.30 -65.36 -8.05
N LEU I 344 15.45 -65.98 -9.22
CA LEU I 344 14.32 -66.30 -10.08
C LEU I 344 13.63 -67.57 -9.57
N GLN I 345 12.46 -67.42 -8.95
CA GLN I 345 11.72 -68.63 -8.62
C GLN I 345 10.88 -69.11 -9.79
N ARG I 346 10.14 -68.18 -10.40
CA ARG I 346 9.25 -68.49 -11.51
C ARG I 346 9.08 -67.27 -12.38
N ALA I 347 9.53 -67.36 -13.62
CA ALA I 347 9.43 -66.25 -14.55
C ALA I 347 7.97 -65.93 -14.83
N GLN I 348 7.74 -64.73 -15.40
CA GLN I 348 6.38 -64.26 -15.65
C GLN I 348 5.72 -64.96 -16.83
N GLY I 349 6.53 -65.36 -17.82
CA GLY I 349 6.02 -65.99 -19.02
C GLY I 349 6.26 -67.50 -19.03
N HIS I 350 6.11 -68.09 -20.23
CA HIS I 350 6.24 -69.53 -20.37
C HIS I 350 7.70 -69.99 -20.32
N ASN I 351 8.65 -69.14 -20.70
CA ASN I 351 10.07 -69.49 -20.57
C ASN I 351 10.49 -69.22 -19.14
N ASN I 352 10.63 -70.28 -18.34
CA ASN I 352 10.96 -70.14 -16.92
C ASN I 352 12.48 -70.14 -16.68
N GLY I 353 13.15 -69.15 -17.27
CA GLY I 353 14.55 -68.89 -17.02
C GLY I 353 15.52 -69.72 -17.83
N ILE I 354 15.03 -70.40 -18.87
CA ILE I 354 15.89 -71.26 -19.71
C ILE I 354 16.64 -70.39 -20.71
N CYS I 355 17.97 -70.56 -20.74
CA CYS I 355 18.88 -69.80 -21.61
C CYS I 355 19.10 -70.54 -22.92
N TRP I 356 18.09 -70.49 -23.78
CA TRP I 356 18.20 -71.11 -25.09
C TRP I 356 19.37 -70.50 -25.86
N GLY I 357 20.09 -71.35 -26.61
CA GLY I 357 21.24 -70.87 -27.33
C GLY I 357 22.43 -70.53 -26.46
N ASN I 358 22.38 -70.93 -25.18
CA ASN I 358 23.49 -70.75 -24.25
C ASN I 358 23.88 -69.27 -24.12
N GLN I 359 22.89 -68.40 -24.05
CA GLN I 359 23.12 -66.98 -23.87
C GLN I 359 21.97 -66.36 -23.10
N LEU I 360 22.26 -65.24 -22.43
CA LEU I 360 21.23 -64.48 -21.74
C LEU I 360 21.60 -63.01 -21.81
N PHE I 361 20.59 -62.15 -21.80
CA PHE I 361 20.77 -60.70 -21.87
C PHE I 361 20.40 -60.07 -20.54
N VAL I 362 21.28 -59.23 -20.03
CA VAL I 362 21.03 -58.46 -18.81
C VAL I 362 21.04 -56.99 -19.22
N THR I 363 19.90 -56.32 -19.06
CA THR I 363 19.76 -54.91 -19.39
C THR I 363 19.67 -54.09 -18.11
N VAL I 364 20.48 -53.05 -18.02
CA VAL I 364 20.58 -52.23 -16.82
C VAL I 364 20.50 -50.76 -17.21
N VAL I 365 19.72 -50.00 -16.44
CA VAL I 365 19.81 -48.54 -16.40
C VAL I 365 20.00 -48.15 -14.95
N ASP I 366 21.01 -47.32 -14.68
CA ASP I 366 21.29 -46.89 -13.31
C ASP I 366 21.84 -45.46 -13.36
N THR I 367 20.97 -44.49 -13.11
CA THR I 367 21.41 -43.11 -13.06
C THR I 367 21.86 -42.69 -11.66
N THR I 368 21.91 -43.62 -10.70
CA THR I 368 22.26 -43.25 -9.33
C THR I 368 23.76 -43.18 -9.12
N ARG I 369 24.55 -43.40 -10.17
CA ARG I 369 26.00 -43.31 -10.14
C ARG I 369 26.52 -42.47 -11.31
N SER I 370 25.78 -41.45 -11.71
CA SER I 370 26.04 -40.72 -12.95
C SER I 370 26.96 -39.52 -12.78
N THR I 371 27.68 -39.44 -11.66
CA THR I 371 28.63 -38.38 -11.42
C THR I 371 29.65 -38.25 -12.56
N ASN I 372 29.77 -37.05 -13.10
CA ASN I 372 30.73 -36.75 -14.14
C ASN I 372 31.92 -36.08 -13.49
N MET I 373 33.10 -36.67 -13.69
CA MET I 373 34.30 -36.14 -13.06
C MET I 373 34.81 -34.92 -13.83
N THR I 374 35.21 -33.89 -13.09
CA THR I 374 35.84 -32.72 -13.68
C THR I 374 37.35 -32.94 -13.74
N LEU I 375 37.89 -32.90 -14.95
CA LEU I 375 39.32 -33.01 -15.17
C LEU I 375 39.86 -31.68 -15.69
N CYS I 376 41.02 -31.29 -15.14
CA CYS I 376 41.61 -29.99 -15.40
C CYS I 376 43.10 -30.15 -15.58
N ALA I 377 43.60 -29.79 -16.77
CA ALA I 377 45.01 -29.90 -17.13
C ALA I 377 45.66 -28.52 -17.31
N GLU I 378 46.96 -28.45 -16.99
CA GLU I 378 47.68 -27.18 -17.00
C GLU I 378 48.36 -26.98 -18.35
N VAL I 379 48.07 -25.85 -19.00
CA VAL I 379 48.71 -25.52 -20.28
C VAL I 379 50.05 -24.83 -20.06
N LYS I 380 50.10 -23.83 -19.17
CA LYS I 380 51.32 -23.14 -18.79
C LYS I 380 51.37 -23.02 -17.29
N LYS I 381 52.51 -23.37 -16.70
CA LYS I 381 52.71 -23.18 -15.26
C LYS I 381 53.13 -21.74 -15.01
N GLU I 382 52.34 -21.00 -14.23
CA GLU I 382 52.67 -19.64 -13.85
C GLU I 382 52.38 -19.43 -12.37
N SER I 383 53.04 -18.43 -11.80
CA SER I 383 52.94 -18.15 -10.38
C SER I 383 51.60 -17.53 -10.00
N THR I 384 50.84 -17.02 -10.96
CA THR I 384 49.52 -16.47 -10.71
C THR I 384 48.51 -17.11 -11.64
N TYR I 385 47.24 -17.02 -11.25
CA TYR I 385 46.19 -17.74 -11.95
C TYR I 385 45.74 -16.99 -13.19
N LYS I 386 45.58 -17.73 -14.28
CA LYS I 386 44.94 -17.21 -15.50
C LYS I 386 44.09 -18.34 -16.07
N ASN I 387 42.84 -18.02 -16.41
CA ASN I 387 41.94 -19.03 -16.96
C ASN I 387 42.53 -19.69 -18.20
N GLU I 388 43.24 -18.92 -19.02
CA GLU I 388 43.78 -19.42 -20.28
C GLU I 388 44.85 -20.49 -20.08
N ASN I 389 45.36 -20.66 -18.86
CA ASN I 389 46.43 -21.60 -18.60
C ASN I 389 45.91 -23.01 -18.34
N PHE I 390 44.58 -23.22 -18.37
CA PHE I 390 44.00 -24.50 -18.01
C PHE I 390 42.93 -24.89 -19.02
N LYS I 391 42.79 -26.20 -19.21
CA LYS I 391 41.70 -26.75 -20.02
C LYS I 391 40.82 -27.65 -19.15
N GLU I 392 39.52 -27.57 -19.38
CA GLU I 392 38.52 -28.30 -18.61
C GLU I 392 37.92 -29.42 -19.44
N TYR I 393 37.88 -30.62 -18.86
CA TYR I 393 37.35 -31.80 -19.52
C TYR I 393 36.28 -32.46 -18.66
N LEU I 394 35.53 -33.37 -19.27
CA LEU I 394 34.53 -34.17 -18.56
C LEU I 394 34.77 -35.65 -18.85
N ARG I 395 34.79 -36.47 -17.82
CA ARG I 395 34.90 -37.92 -18.00
C ARG I 395 33.97 -38.62 -17.01
N HIS I 396 33.41 -39.75 -17.44
CA HIS I 396 32.51 -40.54 -16.62
C HIS I 396 32.93 -42.00 -16.62
N GLY I 397 32.78 -42.67 -15.48
CA GLY I 397 33.12 -44.08 -15.37
C GLY I 397 31.98 -44.92 -14.82
N GLU I 398 31.79 -46.09 -15.43
CA GLU I 398 30.79 -47.05 -15.00
C GLU I 398 31.48 -48.38 -14.69
N GLU I 399 31.17 -48.96 -13.53
CA GLU I 399 31.79 -50.19 -13.05
C GLU I 399 30.72 -51.23 -12.75
N PHE I 400 30.87 -52.43 -13.31
CA PHE I 400 29.92 -53.52 -13.11
C PHE I 400 30.67 -54.78 -12.67
N ASP I 401 29.91 -55.69 -12.07
CA ASP I 401 30.37 -57.05 -11.78
C ASP I 401 29.15 -57.95 -11.76
N LEU I 402 28.99 -58.75 -12.81
CA LEU I 402 27.81 -59.60 -12.97
C LEU I 402 28.07 -60.99 -12.40
N GLN I 403 27.22 -61.42 -11.46
CA GLN I 403 27.32 -62.74 -10.88
C GLN I 403 26.05 -63.53 -11.15
N PHE I 404 26.22 -64.80 -11.51
CA PHE I 404 25.11 -65.66 -11.87
C PHE I 404 25.24 -67.02 -11.19
N ILE I 405 24.11 -67.67 -11.07
CA ILE I 405 24.05 -69.07 -10.68
C ILE I 405 23.16 -69.79 -11.67
N PHE I 406 23.69 -70.83 -12.30
CA PHE I 406 22.96 -71.55 -13.33
C PHE I 406 22.66 -72.98 -12.86
N GLN I 407 21.49 -73.46 -13.25
CA GLN I 407 21.05 -74.81 -12.94
C GLN I 407 21.02 -75.61 -14.22
N LEU I 408 21.69 -76.76 -14.21
CA LEU I 408 21.74 -77.61 -15.39
C LEU I 408 20.39 -78.32 -15.61
N CYS I 409 19.92 -78.32 -16.86
CA CYS I 409 18.62 -78.89 -17.19
C CYS I 409 18.77 -79.82 -18.38
N LYS I 410 17.87 -80.80 -18.47
CA LYS I 410 17.88 -81.77 -19.54
C LYS I 410 16.53 -81.79 -20.24
N ILE I 411 16.58 -82.09 -21.54
CA ILE I 411 15.39 -82.12 -22.39
C ILE I 411 15.39 -83.44 -23.14
N THR I 412 14.37 -84.27 -22.90
CA THR I 412 14.20 -85.54 -23.58
C THR I 412 13.60 -85.29 -24.97
N LEU I 413 14.31 -85.72 -26.01
CA LEU I 413 13.95 -85.33 -27.37
C LEU I 413 13.02 -86.38 -28.00
N THR I 414 11.81 -86.45 -27.44
CA THR I 414 10.77 -87.27 -28.04
C THR I 414 10.21 -86.58 -29.28
N ALA I 415 9.27 -87.25 -29.97
CA ALA I 415 8.73 -86.68 -31.19
C ALA I 415 7.96 -85.39 -30.91
N ASP I 416 7.12 -85.40 -29.87
CA ASP I 416 6.31 -84.25 -29.52
C ASP I 416 7.18 -83.07 -29.12
N VAL I 417 8.24 -83.32 -28.34
CA VAL I 417 9.11 -82.24 -27.88
C VAL I 417 9.89 -81.63 -29.05
N MET I 418 10.39 -82.45 -29.96
CA MET I 418 11.13 -81.87 -31.09
C MET I 418 10.23 -81.01 -31.97
N THR I 419 8.97 -81.43 -32.15
CA THR I 419 8.04 -80.63 -32.92
C THR I 419 7.81 -79.28 -32.27
N TYR I 420 7.63 -79.27 -30.94
CA TYR I 420 7.41 -78.00 -30.25
C TYR I 420 8.64 -77.12 -30.36
N ILE I 421 9.83 -77.67 -30.08
CA ILE I 421 11.05 -76.86 -30.13
C ILE I 421 11.36 -76.39 -31.55
N HIS I 422 11.06 -77.20 -32.56
CA HIS I 422 11.28 -76.77 -33.95
C HIS I 422 10.37 -75.61 -34.31
N LYS I 423 9.11 -75.66 -33.86
CA LYS I 423 8.17 -74.57 -34.08
C LYS I 423 8.59 -73.31 -33.31
N MET I 424 9.13 -73.50 -32.10
CA MET I 424 9.53 -72.36 -31.26
C MET I 424 10.74 -71.64 -31.85
N ASP I 425 11.82 -72.40 -32.11
CA ASP I 425 13.07 -71.84 -32.64
C ASP I 425 13.85 -73.03 -33.19
N ALA I 426 13.85 -73.19 -34.52
CA ALA I 426 14.48 -74.38 -35.10
C ALA I 426 15.99 -74.44 -34.82
N THR I 427 16.63 -73.29 -34.55
CA THR I 427 18.06 -73.27 -34.28
C THR I 427 18.44 -73.99 -32.98
N ILE I 428 17.50 -74.21 -32.06
CA ILE I 428 17.85 -74.93 -30.84
C ILE I 428 18.18 -76.38 -31.16
N LEU I 429 17.31 -77.05 -31.93
CA LEU I 429 17.58 -78.42 -32.34
C LEU I 429 18.74 -78.48 -33.33
N GLU I 430 18.79 -77.52 -34.25
CA GLU I 430 19.83 -77.52 -35.29
C GLU I 430 21.21 -77.32 -34.69
N ASP I 431 21.35 -76.46 -33.67
CA ASP I 431 22.64 -76.31 -32.99
C ASP I 431 22.98 -77.52 -32.15
N TRP I 432 21.97 -78.27 -31.69
CA TRP I 432 22.19 -79.51 -30.93
C TRP I 432 22.63 -80.67 -31.81
N GLN I 433 22.50 -80.54 -33.13
CA GLN I 433 22.80 -81.60 -34.10
C GLN I 433 21.93 -82.82 -33.83
N PHE I 434 20.62 -82.62 -33.94
CA PHE I 434 19.65 -83.66 -33.63
C PHE I 434 18.54 -83.68 -34.68
N ASP I 469 22.97 -65.59 -37.67
CA ASP I 469 22.50 -64.92 -36.48
C ASP I 469 21.96 -63.52 -36.80
N PRO I 470 20.65 -63.33 -36.63
CA PRO I 470 20.05 -62.02 -36.92
C PRO I 470 20.48 -60.90 -35.98
N LEU I 471 21.11 -61.21 -34.85
CA LEU I 471 21.53 -60.22 -33.86
C LEU I 471 22.89 -59.59 -34.17
N LYS I 472 23.49 -59.91 -35.31
CA LYS I 472 24.84 -59.43 -35.62
C LYS I 472 24.88 -57.97 -36.08
N ASP I 473 23.73 -57.36 -36.34
CA ASP I 473 23.66 -55.93 -36.63
C ASP I 473 23.54 -55.05 -35.38
N TYR I 474 23.33 -55.63 -34.21
CA TYR I 474 23.09 -54.86 -33.00
C TYR I 474 24.37 -54.73 -32.17
N MET I 475 24.35 -53.73 -31.29
CA MET I 475 25.49 -53.42 -30.42
C MET I 475 25.16 -53.89 -29.00
N PHE I 476 25.97 -54.80 -28.47
CA PHE I 476 25.84 -55.30 -27.10
C PHE I 476 27.20 -55.28 -26.42
N TRP I 477 27.19 -55.15 -25.11
CA TRP I 477 28.41 -55.35 -24.32
C TRP I 477 28.59 -56.85 -24.10
N GLU I 478 29.49 -57.45 -24.87
CA GLU I 478 29.69 -58.90 -24.85
C GLU I 478 30.46 -59.31 -23.60
N VAL I 479 29.90 -60.26 -22.85
CA VAL I 479 30.55 -60.81 -21.66
C VAL I 479 30.69 -62.30 -21.87
N ASP I 480 31.92 -62.76 -22.05
CA ASP I 480 32.20 -64.17 -22.32
C ASP I 480 32.45 -64.90 -21.00
N LEU I 481 31.57 -65.84 -20.65
CA LEU I 481 31.72 -66.63 -19.45
C LEU I 481 32.05 -68.10 -19.74
N LYS I 482 32.45 -68.42 -20.98
CA LYS I 482 32.77 -69.79 -21.35
C LYS I 482 33.84 -70.41 -20.44
N GLU I 483 34.88 -69.67 -20.12
CA GLU I 483 35.92 -70.22 -19.26
C GLU I 483 35.74 -69.76 -17.81
N LYS I 484 34.55 -69.36 -17.42
CA LYS I 484 34.31 -68.80 -16.10
C LYS I 484 33.35 -69.62 -15.24
N PHE I 485 32.91 -70.78 -15.70
CA PHE I 485 31.99 -71.61 -14.92
C PHE I 485 32.74 -72.44 -13.87
N SER I 486 32.14 -72.53 -12.68
CA SER I 486 32.73 -73.32 -11.62
C SER I 486 31.65 -74.06 -10.85
N ALA I 487 31.96 -75.28 -10.42
CA ALA I 487 31.04 -76.06 -9.60
C ALA I 487 31.25 -75.84 -8.10
N ASP I 488 32.34 -75.16 -7.74
CA ASP I 488 32.67 -74.89 -6.33
C ASP I 488 31.97 -73.60 -5.96
N LEU I 489 30.70 -73.73 -5.55
CA LEU I 489 29.86 -72.56 -5.40
C LEU I 489 30.40 -71.63 -4.33
N ASP I 490 30.90 -72.17 -3.22
CA ASP I 490 31.24 -71.34 -2.08
C ASP I 490 32.56 -70.59 -2.22
N GLN I 491 33.28 -70.73 -3.34
CA GLN I 491 34.45 -69.90 -3.56
C GLN I 491 34.10 -68.47 -3.95
N PHE I 492 32.82 -68.19 -4.14
CA PHE I 492 32.43 -66.95 -4.78
C PHE I 492 31.31 -66.27 -4.00
N PRO I 493 31.20 -64.94 -4.12
CA PRO I 493 30.19 -64.22 -3.31
C PRO I 493 28.76 -64.68 -3.55
N LEU I 494 28.30 -64.67 -4.80
CA LEU I 494 26.91 -65.09 -5.00
C LEU I 494 26.71 -66.58 -4.81
N GLY I 495 27.76 -67.35 -4.55
CA GLY I 495 27.59 -68.78 -4.49
C GLY I 495 27.43 -69.18 -3.05
N ARG I 496 28.17 -68.49 -2.18
CA ARG I 496 27.91 -68.60 -0.76
C ARG I 496 26.49 -68.19 -0.41
N LYS I 497 26.00 -67.09 -1.03
CA LYS I 497 24.65 -66.64 -0.74
C LYS I 497 23.60 -67.65 -1.20
N PHE I 498 23.86 -68.34 -2.31
CA PHE I 498 22.95 -69.38 -2.75
C PHE I 498 22.88 -70.52 -1.75
N LEU I 499 24.04 -70.93 -1.24
CA LEU I 499 24.07 -72.05 -0.30
C LEU I 499 23.36 -71.75 1.02
N LEU I 500 23.09 -70.47 1.31
CA LEU I 500 22.33 -70.13 2.51
C LEU I 500 20.85 -70.08 2.20
N GLN I 501 20.49 -69.48 1.07
CA GLN I 501 19.10 -69.41 0.65
C GLN I 501 18.55 -70.80 0.31
N ALA I 502 19.41 -71.70 -0.16
CA ALA I 502 18.96 -73.06 -0.50
C ALA I 502 18.39 -73.77 0.72
N GLY I 503 19.16 -73.83 1.80
CA GLY I 503 18.71 -74.49 3.01
C GLY I 503 18.68 -76.01 2.88
N VAL J 44 -36.57 -59.02 -1.81
CA VAL J 44 -38.03 -58.94 -1.82
C VAL J 44 -38.47 -57.49 -1.98
N SER J 45 -38.50 -56.77 -0.86
CA SER J 45 -38.67 -55.32 -0.85
C SER J 45 -37.36 -54.57 -0.67
N LYS J 46 -36.44 -55.16 0.09
CA LYS J 46 -35.09 -54.64 0.26
C LYS J 46 -34.22 -54.95 -0.95
N VAL J 47 -33.03 -54.33 -0.97
CA VAL J 47 -32.00 -54.65 -1.95
C VAL J 47 -31.09 -55.71 -1.36
N VAL J 48 -30.71 -56.70 -2.17
CA VAL J 48 -29.96 -57.84 -1.67
C VAL J 48 -28.67 -58.00 -2.46
N SER J 49 -27.68 -58.64 -1.81
CA SER J 49 -26.42 -58.98 -2.45
C SER J 49 -26.69 -59.93 -3.60
N THR J 50 -25.95 -59.76 -4.68
CA THR J 50 -26.10 -60.70 -5.78
C THR J 50 -25.70 -62.11 -5.39
N ASP J 51 -24.97 -62.27 -4.29
CA ASP J 51 -24.60 -63.60 -3.83
C ASP J 51 -25.82 -64.41 -3.45
N GLU J 52 -26.95 -63.75 -3.25
CA GLU J 52 -28.17 -64.41 -2.82
C GLU J 52 -28.99 -64.92 -4.00
N TYR J 53 -28.71 -64.45 -5.23
CA TYR J 53 -29.43 -64.93 -6.40
C TYR J 53 -28.56 -65.18 -7.64
N VAL J 54 -27.22 -65.15 -7.51
CA VAL J 54 -26.32 -65.34 -8.63
C VAL J 54 -25.34 -66.45 -8.28
N SER J 55 -25.32 -67.52 -9.07
CA SER J 55 -24.49 -68.69 -8.81
C SER J 55 -23.18 -68.60 -9.59
N ARG J 56 -22.06 -68.85 -8.92
CA ARG J 56 -20.76 -68.79 -9.54
C ARG J 56 -20.35 -70.17 -10.06
N THR J 57 -19.80 -70.22 -11.26
CA THR J 57 -19.21 -71.43 -11.81
C THR J 57 -17.69 -71.37 -11.64
N SER J 58 -17.02 -72.45 -12.04
CA SER J 58 -15.56 -72.45 -12.07
C SER J 58 -14.99 -72.16 -13.46
N ILE J 59 -15.81 -71.68 -14.39
CA ILE J 59 -15.37 -71.32 -15.73
C ILE J 59 -14.87 -69.88 -15.71
N TYR J 60 -13.61 -69.65 -16.06
CA TYR J 60 -13.06 -68.31 -16.12
C TYR J 60 -12.58 -68.03 -17.53
N TYR J 61 -12.73 -66.79 -17.95
CA TYR J 61 -12.31 -66.37 -19.27
C TYR J 61 -11.40 -65.17 -19.15
N TYR J 62 -10.48 -65.06 -20.10
CA TYR J 62 -9.60 -63.91 -20.21
C TYR J 62 -10.05 -63.07 -21.39
N ALA J 63 -9.84 -61.76 -21.25
CA ALA J 63 -10.08 -60.82 -22.34
C ALA J 63 -9.07 -59.70 -22.18
N GLY J 64 -8.41 -59.36 -23.28
CA GLY J 64 -7.44 -58.29 -23.28
C GLY J 64 -7.65 -57.34 -24.45
N SER J 65 -7.44 -56.06 -24.21
CA SER J 65 -7.70 -55.04 -25.22
C SER J 65 -6.59 -54.91 -26.23
N SER J 66 -5.41 -55.47 -25.96
CA SER J 66 -4.16 -55.14 -26.65
C SER J 66 -3.87 -53.64 -26.47
N ARG J 67 -2.85 -53.13 -27.14
CA ARG J 67 -2.39 -51.76 -26.86
C ARG J 67 -3.38 -50.73 -27.38
N LEU J 68 -3.69 -49.75 -26.55
CA LEU J 68 -4.57 -48.63 -26.88
C LEU J 68 -3.77 -47.33 -26.83
N LEU J 69 -3.86 -46.53 -27.90
CA LEU J 69 -3.05 -45.33 -28.07
C LEU J 69 -3.89 -44.15 -28.48
N THR J 70 -3.58 -42.98 -27.92
CA THR J 70 -4.19 -41.74 -28.36
C THR J 70 -3.15 -40.63 -28.28
N VAL J 71 -3.06 -39.81 -29.33
CA VAL J 71 -2.08 -38.74 -29.42
C VAL J 71 -2.77 -37.44 -29.79
N GLY J 72 -2.35 -36.35 -29.15
CA GLY J 72 -2.98 -35.07 -29.41
C GLY J 72 -2.21 -33.93 -28.80
N HIS J 73 -2.89 -32.78 -28.70
CA HIS J 73 -2.39 -31.55 -28.10
C HIS J 73 -2.78 -31.49 -26.64
N PRO J 74 -1.87 -31.11 -25.75
CA PRO J 74 -2.17 -31.20 -24.31
C PRO J 74 -3.14 -30.15 -23.79
N TYR J 75 -3.39 -29.06 -24.53
CA TYR J 75 -4.14 -27.90 -24.04
C TYR J 75 -5.48 -27.66 -24.71
N PHE J 76 -5.62 -27.95 -26.00
CA PHE J 76 -6.86 -27.67 -26.72
C PHE J 76 -6.84 -28.48 -28.01
N SER J 77 -8.02 -28.76 -28.55
CA SER J 77 -8.08 -29.40 -29.85
C SER J 77 -7.85 -28.38 -30.97
N ILE J 78 -7.33 -28.88 -32.08
CA ILE J 78 -7.02 -28.10 -33.27
C ILE J 78 -8.02 -28.47 -34.35
N LYS J 79 -8.79 -27.48 -34.82
CA LYS J 79 -9.91 -27.65 -35.73
C LYS J 79 -9.52 -27.34 -37.17
N ASN J 80 -10.42 -27.70 -38.11
CA ASN J 80 -10.14 -27.58 -39.54
C ASN J 80 -10.49 -26.16 -40.01
N THR J 81 -10.12 -25.87 -41.25
CA THR J 81 -10.57 -24.64 -41.91
C THR J 81 -11.74 -24.90 -42.89
N GLY J 86 -15.72 -25.53 -40.89
CA GLY J 86 -14.98 -25.11 -39.72
C GLY J 86 -15.13 -26.01 -38.50
N LYS J 87 -15.69 -27.21 -38.70
CA LYS J 87 -16.27 -27.99 -37.61
C LYS J 87 -15.42 -29.14 -37.13
N LYS J 88 -14.60 -29.76 -37.99
CA LYS J 88 -13.96 -31.04 -37.71
C LYS J 88 -12.57 -30.90 -37.09
N VAL J 89 -12.20 -31.92 -36.32
CA VAL J 89 -10.98 -31.97 -35.50
C VAL J 89 -9.83 -32.64 -36.26
N LEU J 90 -8.73 -31.91 -36.41
CA LEU J 90 -7.52 -32.47 -37.01
C LEU J 90 -6.66 -33.13 -35.94
N VAL J 91 -6.50 -32.47 -34.80
CA VAL J 91 -5.74 -33.01 -33.68
C VAL J 91 -6.62 -32.87 -32.43
N PRO J 92 -6.98 -33.95 -31.75
CA PRO J 92 -7.79 -33.82 -30.54
C PRO J 92 -6.96 -33.38 -29.35
N LYS J 93 -7.66 -32.94 -28.32
CA LYS J 93 -7.06 -32.56 -27.05
C LYS J 93 -6.79 -33.84 -26.24
N VAL J 94 -5.52 -34.16 -26.01
CA VAL J 94 -5.10 -35.34 -25.26
C VAL J 94 -4.16 -34.90 -24.14
N SER J 95 -4.60 -35.08 -22.89
CA SER J 95 -3.85 -34.59 -21.74
C SER J 95 -3.87 -35.64 -20.65
N GLY J 96 -2.77 -35.72 -19.90
CA GLY J 96 -2.71 -36.56 -18.72
C GLY J 96 -3.63 -36.13 -17.60
N LEU J 97 -4.30 -34.99 -17.78
CA LEU J 97 -5.25 -34.45 -16.82
C LEU J 97 -6.69 -34.78 -17.21
N GLN J 98 -6.89 -35.66 -18.18
CA GLN J 98 -8.22 -36.03 -18.58
C GLN J 98 -8.60 -37.34 -17.90
N TYR J 99 -9.88 -37.46 -17.57
CA TYR J 99 -10.44 -38.76 -17.25
C TYR J 99 -10.44 -39.63 -18.51
N ARG J 100 -10.03 -40.86 -18.35
CA ARG J 100 -10.22 -41.87 -19.38
C ARG J 100 -11.33 -42.79 -18.88
N VAL J 101 -12.46 -42.79 -19.59
CA VAL J 101 -13.61 -43.58 -19.21
C VAL J 101 -13.82 -44.61 -20.31
N PHE J 102 -13.45 -45.85 -20.02
CA PHE J 102 -13.55 -46.95 -20.97
C PHE J 102 -14.89 -47.65 -20.79
N ARG J 103 -15.64 -47.76 -21.88
CA ARG J 103 -16.84 -48.58 -21.90
C ARG J 103 -16.48 -49.91 -22.53
N ILE J 104 -16.36 -50.93 -21.70
CA ILE J 104 -15.95 -52.25 -22.16
C ILE J 104 -17.20 -53.03 -22.51
N LYS J 105 -17.27 -53.51 -23.75
CA LYS J 105 -18.43 -54.23 -24.26
C LYS J 105 -18.07 -55.73 -24.27
N LEU J 106 -18.87 -56.54 -23.50
CA LEU J 106 -18.57 -57.98 -23.41
C LEU J 106 -19.52 -58.76 -24.31
N PRO J 107 -19.09 -59.93 -24.78
CA PRO J 107 -20.02 -60.79 -25.53
C PRO J 107 -21.11 -61.34 -24.61
N ASP J 108 -22.34 -61.36 -25.12
CA ASP J 108 -23.46 -61.96 -24.41
C ASP J 108 -23.19 -63.45 -24.18
N PRO J 109 -23.07 -63.92 -22.93
CA PRO J 109 -22.77 -65.35 -22.72
C PRO J 109 -23.92 -66.25 -23.10
N ASN J 110 -25.15 -65.72 -23.12
CA ASN J 110 -26.31 -66.50 -23.54
C ASN J 110 -26.32 -66.73 -25.05
N LYS J 111 -25.52 -65.99 -25.81
CA LYS J 111 -25.34 -66.25 -27.22
C LYS J 111 -23.91 -66.69 -27.55
N PHE J 112 -23.12 -66.98 -26.52
CA PHE J 112 -21.71 -67.31 -26.71
C PHE J 112 -21.56 -68.78 -27.08
N GLY J 113 -20.65 -69.07 -28.01
CA GLY J 113 -20.46 -70.44 -28.45
C GLY J 113 -19.64 -71.32 -27.53
N PHE J 114 -20.20 -71.73 -26.39
CA PHE J 114 -19.47 -72.59 -25.47
C PHE J 114 -19.30 -74.01 -26.04
N PRO J 115 -18.14 -74.64 -25.82
CA PRO J 115 -17.95 -76.02 -26.30
C PRO J 115 -18.82 -77.03 -25.58
N ASP J 116 -19.20 -76.74 -24.33
CA ASP J 116 -20.03 -77.61 -23.51
C ASP J 116 -21.03 -76.72 -22.79
N THR J 117 -22.31 -76.93 -23.06
CA THR J 117 -23.36 -76.12 -22.44
C THR J 117 -24.05 -76.84 -21.29
N SER J 118 -23.34 -77.74 -20.62
CA SER J 118 -23.94 -78.55 -19.55
C SER J 118 -23.67 -77.99 -18.16
N PHE J 119 -23.05 -76.82 -18.06
CA PHE J 119 -22.82 -76.22 -16.76
C PHE J 119 -24.04 -75.46 -16.24
N TYR J 120 -25.05 -75.26 -17.08
CA TYR J 120 -26.28 -74.61 -16.68
C TYR J 120 -27.47 -75.24 -17.38
N ASN J 121 -28.66 -74.83 -16.97
CA ASN J 121 -29.93 -75.29 -17.51
C ASN J 121 -30.57 -74.13 -18.26
N PRO J 122 -30.48 -74.08 -19.58
CA PRO J 122 -31.08 -72.95 -20.32
C PRO J 122 -32.60 -72.87 -20.20
N GLU J 123 -33.25 -73.90 -19.64
CA GLU J 123 -34.70 -73.86 -19.43
C GLU J 123 -35.08 -73.02 -18.22
N THR J 124 -34.19 -72.88 -17.23
CA THR J 124 -34.48 -72.14 -16.02
C THR J 124 -33.44 -71.07 -15.67
N GLN J 125 -32.37 -70.94 -16.44
CA GLN J 125 -31.29 -70.07 -16.03
C GLN J 125 -30.77 -69.23 -17.19
N ARG J 126 -30.21 -68.08 -16.84
CA ARG J 126 -29.53 -67.24 -17.82
C ARG J 126 -28.15 -66.93 -17.27
N LEU J 127 -27.24 -66.58 -18.18
CA LEU J 127 -25.84 -66.36 -17.85
C LEU J 127 -25.48 -64.88 -17.82
N VAL J 128 -24.44 -64.57 -17.03
CA VAL J 128 -23.90 -63.22 -16.94
C VAL J 128 -22.45 -63.33 -16.52
N TRP J 129 -21.62 -62.39 -16.98
CA TRP J 129 -20.22 -62.36 -16.59
C TRP J 129 -20.08 -61.53 -15.32
N ALA J 130 -19.18 -61.97 -14.45
CA ALA J 130 -18.75 -61.21 -13.29
C ALA J 130 -17.27 -60.94 -13.45
N CYS J 131 -16.86 -59.73 -13.09
CA CYS J 131 -15.45 -59.37 -13.17
C CYS J 131 -14.76 -59.82 -11.89
N THR J 132 -13.72 -60.64 -12.03
CA THR J 132 -12.96 -61.04 -10.86
C THR J 132 -11.57 -60.44 -10.81
N GLY J 133 -11.04 -60.01 -11.94
CA GLY J 133 -9.69 -59.47 -11.98
C GLY J 133 -9.54 -58.44 -13.08
N LEU J 134 -8.50 -57.63 -12.91
CA LEU J 134 -8.32 -56.45 -13.73
C LEU J 134 -6.86 -56.02 -13.62
N GLU J 135 -6.21 -55.73 -14.74
CA GLU J 135 -4.92 -55.05 -14.73
C GLU J 135 -4.97 -53.90 -15.72
N ILE J 136 -4.70 -52.69 -15.24
CA ILE J 136 -4.69 -51.50 -16.07
C ILE J 136 -3.24 -51.26 -16.51
N GLY J 137 -2.91 -51.66 -17.73
CA GLY J 137 -1.56 -51.45 -18.22
C GLY J 137 -1.37 -50.00 -18.68
N ARG J 138 -0.19 -49.48 -18.38
CA ARG J 138 0.18 -48.12 -18.76
C ARG J 138 1.57 -48.19 -19.39
N GLY J 139 1.66 -47.83 -20.66
CA GLY J 139 2.93 -47.62 -21.31
C GLY J 139 3.39 -46.19 -21.11
N GLN J 140 4.48 -45.85 -21.79
CA GLN J 140 5.09 -44.52 -21.73
C GLN J 140 5.78 -44.34 -20.38
N PRO J 141 6.84 -43.54 -20.32
CA PRO J 141 7.56 -43.36 -19.06
C PRO J 141 6.82 -42.47 -18.09
N LEU J 142 7.19 -42.59 -16.81
CA LEU J 142 6.72 -41.65 -15.81
C LEU J 142 7.23 -40.26 -16.15
N GLY J 143 6.41 -39.25 -15.88
CA GLY J 143 6.81 -37.88 -16.18
C GLY J 143 5.74 -36.90 -15.74
N VAL J 144 6.10 -35.62 -15.79
CA VAL J 144 5.21 -34.54 -15.39
C VAL J 144 5.15 -33.51 -16.50
N GLY J 145 3.94 -33.16 -16.92
CA GLY J 145 3.76 -32.07 -17.84
C GLY J 145 3.40 -30.78 -17.10
N ILE J 146 3.43 -29.68 -17.83
CA ILE J 146 3.08 -28.39 -17.25
C ILE J 146 2.07 -27.72 -18.16
N SER J 147 1.18 -26.93 -17.54
CA SER J 147 0.19 -26.13 -18.24
C SER J 147 0.35 -24.67 -17.86
N GLY J 148 -0.13 -23.81 -18.74
CA GLY J 148 0.00 -22.40 -18.48
C GLY J 148 -1.03 -21.58 -19.23
N HIS J 149 -0.80 -20.29 -19.22
CA HIS J 149 -1.67 -19.33 -19.86
C HIS J 149 -0.77 -18.18 -20.28
N PRO J 150 -0.75 -17.83 -21.56
CA PRO J 150 0.07 -16.67 -21.96
C PRO J 150 -0.41 -15.37 -21.35
N LEU J 151 -1.67 -15.32 -20.89
CA LEU J 151 -2.23 -14.14 -20.23
C LEU J 151 -2.90 -14.54 -18.91
N LEU J 152 -2.13 -15.11 -17.99
CA LEU J 152 -2.68 -15.51 -16.70
C LEU J 152 -2.88 -14.27 -15.84
N ASN J 153 -4.03 -14.20 -15.17
CA ASN J 153 -4.31 -13.06 -14.29
C ASN J 153 -3.61 -13.25 -12.94
N LYS J 154 -2.29 -13.04 -12.97
CA LYS J 154 -1.48 -12.87 -11.78
C LYS J 154 -1.07 -11.41 -11.74
N PHE J 155 -1.18 -10.77 -10.57
CA PHE J 155 -0.76 -9.39 -10.43
C PHE J 155 0.61 -9.34 -9.75
N ASP J 156 0.62 -9.45 -8.43
CA ASP J 156 1.83 -9.42 -7.63
C ASP J 156 2.14 -10.79 -7.04
N ASP J 157 3.42 -10.97 -6.69
CA ASP J 157 3.88 -12.08 -5.87
C ASP J 157 3.73 -11.67 -4.41
N THR J 158 2.87 -12.37 -3.67
CA THR J 158 2.50 -11.98 -2.31
C THR J 158 3.20 -12.83 -1.26
N GLU J 159 4.29 -13.48 -1.61
CA GLU J 159 4.99 -14.40 -0.72
C GLU J 159 5.99 -13.70 0.19
N THR J 160 6.82 -12.81 -0.34
CA THR J 160 7.87 -12.22 0.47
C THR J 160 7.85 -10.70 0.45
N SER J 161 7.66 -10.07 -0.71
CA SER J 161 7.76 -8.62 -0.80
C SER J 161 6.68 -8.09 -1.72
N ASN J 162 5.74 -7.33 -1.16
CA ASN J 162 4.69 -6.65 -1.94
C ASN J 162 4.31 -5.35 -1.25
N LYS J 163 5.25 -4.38 -1.26
CA LYS J 163 5.04 -3.09 -0.62
C LYS J 163 4.19 -2.13 -1.48
N TYR J 164 3.64 -1.14 -0.80
CA TYR J 164 2.83 -0.07 -1.37
C TYR J 164 3.73 0.98 -2.02
N ALA J 165 3.45 1.33 -3.27
CA ALA J 165 2.24 0.89 -3.96
C ALA J 165 2.48 0.69 -5.46
N GLY J 166 1.39 0.61 -6.21
CA GLY J 166 1.44 0.36 -7.64
C GLY J 166 0.05 0.20 -8.20
N LYS J 167 -0.38 1.09 -9.05
CA LYS J 167 -1.78 0.96 -9.48
C LYS J 167 -1.89 -0.02 -10.64
N PRO J 168 -2.89 -0.92 -10.57
CA PRO J 168 -3.02 -2.00 -11.56
C PRO J 168 -2.91 -1.56 -13.02
N GLY J 169 -3.61 -0.55 -13.43
CA GLY J 169 -3.68 -0.33 -14.85
C GLY J 169 -4.67 -1.34 -15.43
N ILE J 170 -4.74 -1.38 -16.75
CA ILE J 170 -5.82 -2.15 -17.36
C ILE J 170 -5.48 -3.61 -17.62
N ASP J 171 -4.20 -3.97 -17.72
CA ASP J 171 -3.84 -5.32 -18.13
C ASP J 171 -2.43 -5.64 -17.64
N ASN J 172 -2.35 -6.46 -16.59
CA ASN J 172 -1.09 -6.91 -16.00
C ASN J 172 -0.87 -8.40 -16.19
N ARG J 173 -1.60 -9.02 -17.10
CA ARG J 173 -1.50 -10.46 -17.26
C ARG J 173 -0.11 -10.84 -17.73
N GLU J 174 0.37 -12.00 -17.24
CA GLU J 174 1.72 -12.50 -17.46
C GLU J 174 1.66 -13.89 -18.09
N CYS J 175 2.77 -14.31 -18.67
CA CYS J 175 2.82 -15.60 -19.35
C CYS J 175 3.47 -16.60 -18.39
N LEU J 176 2.63 -17.33 -17.64
CA LEU J 176 3.06 -18.18 -16.55
C LEU J 176 2.61 -19.63 -16.77
N SER J 177 3.34 -20.56 -16.16
CA SER J 177 2.96 -21.97 -16.20
C SER J 177 3.18 -22.61 -14.83
N MET J 178 2.70 -23.85 -14.70
CA MET J 178 2.70 -24.54 -13.42
C MET J 178 2.53 -26.03 -13.66
N ASP J 179 2.89 -26.83 -12.64
CA ASP J 179 2.62 -28.26 -12.67
C ASP J 179 1.43 -28.56 -11.75
N TYR J 180 0.54 -29.40 -12.24
CA TYR J 180 -0.74 -29.53 -11.57
C TYR J 180 -0.66 -30.51 -10.40
N LYS J 181 -1.72 -30.50 -9.59
CA LYS J 181 -1.88 -31.50 -8.53
C LYS J 181 -1.86 -32.89 -9.14
N GLN J 182 -1.11 -33.79 -8.52
CA GLN J 182 -0.94 -35.16 -8.99
C GLN J 182 -2.10 -36.05 -8.53
N THR J 183 -2.65 -36.82 -9.46
CA THR J 183 -3.78 -37.68 -9.18
C THR J 183 -3.64 -39.00 -9.91
N GLN J 184 -3.77 -40.09 -9.15
CA GLN J 184 -4.05 -41.41 -9.70
C GLN J 184 -5.37 -41.87 -9.14
N LEU J 185 -6.25 -42.38 -9.99
CA LEU J 185 -7.46 -43.00 -9.47
C LEU J 185 -7.95 -44.00 -10.49
N CYS J 186 -8.87 -44.84 -10.02
CA CYS J 186 -9.22 -46.06 -10.73
C CYS J 186 -10.58 -46.50 -10.20
N ILE J 187 -11.61 -46.43 -11.04
CA ILE J 187 -12.97 -46.82 -10.65
C ILE J 187 -13.48 -47.87 -11.62
N LEU J 188 -14.11 -48.91 -11.07
CA LEU J 188 -14.67 -50.01 -11.84
C LEU J 188 -16.13 -50.18 -11.47
N GLY J 189 -17.00 -50.32 -12.47
CA GLY J 189 -18.41 -50.60 -12.24
C GLY J 189 -19.07 -51.03 -13.54
N CYS J 190 -20.36 -51.41 -13.44
CA CYS J 190 -21.12 -51.75 -14.64
C CYS J 190 -22.03 -50.62 -15.10
N LYS J 191 -22.11 -49.53 -14.36
CA LYS J 191 -22.72 -48.32 -14.84
C LYS J 191 -21.68 -47.21 -14.77
N PRO J 192 -21.79 -46.17 -15.62
CA PRO J 192 -20.72 -45.16 -15.69
C PRO J 192 -20.62 -44.39 -14.38
N PRO J 193 -19.45 -43.80 -14.10
CA PRO J 193 -19.24 -43.12 -12.82
C PRO J 193 -19.85 -41.73 -12.77
N ILE J 194 -20.08 -41.27 -11.55
CA ILE J 194 -20.74 -40.00 -11.30
C ILE J 194 -19.76 -39.04 -10.63
N GLY J 195 -19.65 -37.83 -11.19
CA GLY J 195 -18.79 -36.81 -10.63
C GLY J 195 -19.59 -35.68 -9.99
N GLU J 196 -18.85 -34.84 -9.26
CA GLU J 196 -19.39 -33.63 -8.66
C GLU J 196 -18.51 -32.46 -9.08
N HIS J 197 -19.14 -31.30 -9.21
CA HIS J 197 -18.44 -30.05 -9.51
C HIS J 197 -19.36 -28.87 -9.17
N TRP J 198 -18.75 -27.70 -8.98
CA TRP J 198 -19.50 -26.48 -8.69
C TRP J 198 -19.85 -25.78 -9.99
N GLY J 199 -21.12 -25.40 -10.13
CA GLY J 199 -21.58 -24.69 -11.30
C GLY J 199 -22.33 -23.44 -10.86
N LYS J 200 -22.68 -22.61 -11.85
CA LYS J 200 -23.45 -21.41 -11.58
C LYS J 200 -24.86 -21.81 -11.15
N GLY J 201 -25.32 -21.27 -10.03
CA GLY J 201 -26.65 -21.58 -9.56
C GLY J 201 -27.74 -20.86 -10.32
N THR J 202 -28.98 -21.02 -9.83
CA THR J 202 -30.15 -20.42 -10.46
C THR J 202 -30.43 -19.03 -9.88
N PRO J 203 -30.74 -18.06 -10.75
CA PRO J 203 -30.93 -16.67 -10.32
C PRO J 203 -32.22 -16.48 -9.54
N GLY J 209 -30.10 -8.36 -8.17
CA GLY J 209 -28.69 -7.99 -8.23
C GLY J 209 -28.16 -7.78 -9.63
N ASN J 210 -27.18 -6.88 -9.75
CA ASN J 210 -26.70 -6.30 -10.99
C ASN J 210 -25.43 -6.99 -11.52
N PRO J 211 -24.85 -6.57 -12.67
CA PRO J 211 -23.74 -7.35 -13.23
C PRO J 211 -22.41 -7.19 -12.51
N GLY J 212 -21.70 -8.32 -12.43
CA GLY J 212 -20.44 -8.38 -11.74
C GLY J 212 -20.57 -8.82 -10.32
N ASP J 213 -21.76 -9.23 -9.91
CA ASP J 213 -21.96 -9.79 -8.60
C ASP J 213 -21.45 -11.24 -8.55
N CYS J 214 -21.12 -11.68 -7.35
CA CYS J 214 -20.58 -13.02 -7.20
C CYS J 214 -21.62 -14.04 -7.68
N PRO J 215 -21.26 -14.94 -8.58
CA PRO J 215 -22.24 -15.90 -9.09
C PRO J 215 -22.70 -16.84 -7.99
N PRO J 216 -23.95 -17.28 -8.03
CA PRO J 216 -24.40 -18.27 -7.04
C PRO J 216 -23.83 -19.64 -7.34
N LEU J 217 -23.49 -20.37 -6.29
CA LEU J 217 -22.82 -21.66 -6.44
C LEU J 217 -23.80 -22.81 -6.22
N GLN J 218 -23.62 -23.87 -6.99
CA GLN J 218 -24.49 -25.04 -6.87
C GLN J 218 -23.68 -26.27 -7.21
N LEU J 219 -23.73 -27.27 -6.34
CA LEU J 219 -23.00 -28.52 -6.55
C LEU J 219 -23.80 -29.37 -7.53
N ILE J 220 -23.17 -29.75 -8.63
CA ILE J 220 -23.85 -30.41 -9.74
C ILE J 220 -23.31 -31.83 -9.90
N ASN J 221 -24.19 -32.81 -10.03
CA ASN J 221 -23.80 -34.17 -10.32
C ASN J 221 -24.00 -34.47 -11.80
N SER J 222 -23.11 -35.29 -12.34
CA SER J 222 -23.09 -35.61 -13.75
C SER J 222 -22.28 -36.88 -13.96
N VAL J 223 -22.49 -37.48 -15.13
CA VAL J 223 -21.67 -38.60 -15.54
C VAL J 223 -20.30 -38.08 -15.94
N ILE J 224 -19.25 -38.75 -15.48
CA ILE J 224 -17.90 -38.44 -15.91
C ILE J 224 -17.68 -39.09 -17.26
N GLN J 225 -17.39 -38.28 -18.27
CA GLN J 225 -17.18 -38.78 -19.61
C GLN J 225 -15.70 -38.83 -19.95
N ASP J 226 -15.38 -39.63 -20.95
CA ASP J 226 -14.02 -39.68 -21.46
C ASP J 226 -13.63 -38.33 -22.04
N GLY J 227 -12.50 -37.81 -21.59
CA GLY J 227 -12.02 -36.50 -22.00
C GLY J 227 -12.33 -35.38 -21.03
N ASP J 228 -13.22 -35.61 -20.07
CA ASP J 228 -13.47 -34.61 -19.05
C ASP J 228 -12.18 -34.33 -18.27
N MET J 229 -12.08 -33.14 -17.71
CA MET J 229 -10.88 -32.75 -16.97
C MET J 229 -11.07 -33.05 -15.50
N VAL J 230 -10.01 -33.60 -14.88
CA VAL J 230 -9.98 -33.78 -13.44
C VAL J 230 -9.59 -32.47 -12.76
N ASP J 231 -9.87 -32.37 -11.46
CA ASP J 231 -9.43 -31.22 -10.71
C ASP J 231 -7.89 -31.15 -10.68
N THR J 232 -7.37 -29.93 -10.64
CA THR J 232 -5.96 -29.67 -10.84
C THR J 232 -5.29 -28.92 -9.70
N GLY J 233 -6.02 -28.59 -8.64
CA GLY J 233 -5.52 -27.70 -7.61
C GLY J 233 -6.35 -26.43 -7.45
N PHE J 234 -7.18 -26.11 -8.46
CA PHE J 234 -8.09 -24.98 -8.43
C PHE J 234 -9.54 -25.39 -8.15
N GLY J 235 -9.77 -26.60 -7.66
CA GLY J 235 -11.09 -27.02 -7.28
C GLY J 235 -11.83 -27.68 -8.43
N CYS J 236 -12.97 -28.27 -8.10
CA CYS J 236 -13.84 -28.90 -9.09
C CYS J 236 -14.97 -27.92 -9.39
N MET J 237 -14.82 -27.18 -10.47
CA MET J 237 -15.82 -26.17 -10.81
C MET J 237 -15.90 -26.01 -12.32
N ASP J 238 -17.02 -25.42 -12.74
CA ASP J 238 -17.26 -25.05 -14.15
C ASP J 238 -16.55 -23.72 -14.37
N PHE J 239 -15.31 -23.79 -14.86
CA PHE J 239 -14.55 -22.57 -15.07
C PHE J 239 -15.14 -21.74 -16.20
N ASN J 240 -15.84 -22.39 -17.14
CA ASN J 240 -16.42 -21.68 -18.28
C ASN J 240 -17.45 -20.65 -17.83
N THR J 241 -18.21 -20.94 -16.77
CA THR J 241 -19.24 -20.02 -16.31
C THR J 241 -18.85 -19.28 -15.03
N LEU J 242 -17.97 -19.84 -14.21
CA LEU J 242 -17.66 -19.23 -12.93
C LEU J 242 -16.46 -18.31 -12.99
N GLN J 243 -15.74 -18.29 -14.11
CA GLN J 243 -14.61 -17.39 -14.31
C GLN J 243 -14.81 -16.73 -15.68
N ALA J 244 -15.33 -15.51 -15.65
CA ALA J 244 -15.76 -14.85 -16.88
C ALA J 244 -14.60 -14.36 -17.73
N SER J 245 -13.48 -13.96 -17.11
CA SER J 245 -12.35 -13.32 -17.82
C SER J 245 -11.54 -14.28 -18.68
N LYS J 246 -11.69 -15.59 -18.52
CA LYS J 246 -10.93 -16.64 -19.21
C LYS J 246 -9.44 -16.60 -18.89
N SER J 247 -9.03 -15.86 -17.86
CA SER J 247 -7.61 -15.69 -17.60
C SER J 247 -7.20 -16.05 -16.17
N ASP J 248 -8.10 -16.64 -15.37
CA ASP J 248 -7.74 -16.94 -14.00
C ASP J 248 -7.11 -18.31 -13.81
N VAL J 249 -7.26 -19.21 -14.77
CA VAL J 249 -6.62 -20.52 -14.70
C VAL J 249 -6.05 -20.85 -16.09
N PRO J 250 -5.11 -21.80 -16.16
CA PRO J 250 -4.45 -22.09 -17.44
C PRO J 250 -5.43 -22.48 -18.53
N ILE J 251 -4.96 -22.39 -19.77
CA ILE J 251 -5.87 -22.48 -20.92
C ILE J 251 -6.43 -23.89 -21.13
N ASP J 252 -5.86 -24.91 -20.51
CA ASP J 252 -6.41 -26.26 -20.67
C ASP J 252 -7.58 -26.56 -19.74
N ILE J 253 -7.94 -25.66 -18.82
CA ILE J 253 -9.11 -25.88 -17.98
C ILE J 253 -10.01 -24.64 -17.91
N CYS J 254 -9.57 -23.52 -18.51
CA CYS J 254 -10.28 -22.25 -18.30
C CYS J 254 -11.63 -22.19 -19.02
N SER J 255 -11.87 -23.03 -20.01
CA SER J 255 -13.19 -23.15 -20.60
C SER J 255 -13.69 -24.60 -20.49
N SER J 256 -13.22 -25.32 -19.48
CA SER J 256 -13.59 -26.72 -19.21
C SER J 256 -14.36 -26.82 -17.90
N VAL J 257 -14.93 -28.00 -17.66
CA VAL J 257 -15.48 -28.36 -16.36
C VAL J 257 -14.53 -29.37 -15.73
N CYS J 258 -14.07 -29.08 -14.52
CA CYS J 258 -13.22 -30.01 -13.78
C CYS J 258 -14.09 -30.79 -12.80
N LYS J 259 -14.10 -32.11 -12.95
CA LYS J 259 -14.96 -32.97 -12.15
C LYS J 259 -14.11 -33.79 -11.20
N TYR J 260 -14.66 -34.03 -10.01
CA TYR J 260 -14.14 -34.92 -8.99
C TYR J 260 -15.17 -36.02 -8.72
N PRO J 261 -14.74 -37.26 -8.51
CA PRO J 261 -15.71 -38.35 -8.36
C PRO J 261 -16.56 -38.16 -7.11
N ASP J 262 -17.87 -38.35 -7.25
CA ASP J 262 -18.75 -38.31 -6.06
C ASP J 262 -18.74 -39.67 -5.39
N TYR J 263 -17.66 -39.95 -4.67
CA TYR J 263 -17.54 -41.23 -4.00
C TYR J 263 -18.65 -41.43 -2.98
N LEU J 264 -18.96 -40.39 -2.20
CA LEU J 264 -20.00 -40.54 -1.20
C LEU J 264 -21.34 -40.95 -1.83
N GLN J 265 -21.73 -40.29 -2.92
CA GLN J 265 -23.00 -40.61 -3.54
C GLN J 265 -22.98 -41.98 -4.20
N MET J 266 -21.90 -42.30 -4.92
CA MET J 266 -21.80 -43.61 -5.56
C MET J 266 -21.83 -44.75 -4.54
N ALA J 267 -21.28 -44.53 -3.35
CA ALA J 267 -21.26 -45.58 -2.34
C ALA J 267 -22.64 -45.81 -1.73
N SER J 268 -23.46 -44.78 -1.68
CA SER J 268 -24.76 -44.89 -1.03
C SER J 268 -25.87 -45.27 -2.02
N GLU J 269 -25.56 -45.49 -3.29
CA GLU J 269 -26.59 -45.93 -4.21
C GLU J 269 -27.07 -47.33 -3.80
N PRO J 270 -28.37 -47.59 -3.87
CA PRO J 270 -28.89 -48.85 -3.30
C PRO J 270 -28.29 -50.11 -3.93
N TYR J 271 -28.24 -50.19 -5.26
CA TYR J 271 -27.75 -51.42 -5.87
C TYR J 271 -26.22 -51.46 -5.95
N GLY J 272 -25.58 -50.30 -6.06
CA GLY J 272 -24.14 -50.24 -6.16
C GLY J 272 -23.58 -50.62 -7.52
N ASP J 273 -24.24 -50.23 -8.61
CA ASP J 273 -23.77 -50.60 -9.93
C ASP J 273 -22.64 -49.72 -10.42
N SER J 274 -22.47 -48.54 -9.83
CA SER J 274 -21.43 -47.60 -10.26
C SER J 274 -20.08 -47.87 -9.63
N LEU J 275 -20.04 -48.40 -8.41
CA LEU J 275 -18.81 -48.59 -7.64
C LEU J 275 -18.67 -50.04 -7.21
N PHE J 276 -17.96 -50.84 -7.98
CA PHE J 276 -17.49 -52.10 -7.40
C PHE J 276 -16.39 -51.83 -6.39
N PHE J 277 -15.40 -51.02 -6.78
CA PHE J 277 -14.29 -50.63 -5.92
C PHE J 277 -13.63 -49.40 -6.52
N PHE J 278 -12.74 -48.78 -5.74
CA PHE J 278 -11.97 -47.68 -6.26
C PHE J 278 -10.60 -47.64 -5.59
N LEU J 279 -9.64 -47.11 -6.32
CA LEU J 279 -8.33 -46.77 -5.77
C LEU J 279 -8.06 -45.32 -6.16
N ARG J 280 -7.44 -44.55 -5.27
CA ARG J 280 -7.12 -43.16 -5.55
C ARG J 280 -5.83 -42.76 -4.83
N ARG J 281 -5.07 -41.86 -5.44
CA ARG J 281 -3.90 -41.31 -4.76
C ARG J 281 -3.70 -39.88 -5.25
N GLU J 282 -4.02 -38.91 -4.38
CA GLU J 282 -3.93 -37.49 -4.71
C GLU J 282 -2.83 -36.85 -3.86
N GLN J 283 -2.19 -35.83 -4.43
CA GLN J 283 -1.23 -35.04 -3.66
C GLN J 283 -0.92 -33.70 -4.33
N MET J 284 -0.71 -32.69 -3.50
CA MET J 284 -0.29 -31.39 -3.99
C MET J 284 0.22 -30.57 -2.82
N PHE J 285 1.04 -29.55 -3.15
CA PHE J 285 1.39 -28.52 -2.19
C PHE J 285 1.32 -27.17 -2.91
N VAL J 286 1.45 -26.09 -2.15
CA VAL J 286 1.36 -24.75 -2.72
C VAL J 286 2.75 -24.29 -3.14
N ARG J 287 2.94 -24.00 -4.42
CA ARG J 287 4.25 -23.62 -4.91
C ARG J 287 4.45 -22.10 -4.88
N HIS J 288 3.43 -21.32 -5.25
CA HIS J 288 3.55 -19.87 -5.25
C HIS J 288 2.27 -19.22 -4.74
N PHE J 289 2.43 -17.97 -4.30
CA PHE J 289 1.39 -17.19 -3.64
C PHE J 289 1.21 -15.90 -4.42
N PHE J 290 0.09 -15.76 -5.11
CA PHE J 290 -0.17 -14.61 -5.97
C PHE J 290 -1.44 -13.89 -5.52
N ASN J 291 -1.69 -12.74 -6.16
CA ASN J 291 -2.99 -12.12 -6.04
C ASN J 291 -3.48 -11.75 -7.43
N ARG J 292 -4.77 -11.39 -7.53
CA ARG J 292 -5.45 -11.17 -8.79
C ARG J 292 -5.56 -9.69 -9.15
N ALA J 293 -5.52 -9.40 -10.45
CA ALA J 293 -6.03 -8.13 -10.91
C ALA J 293 -7.54 -8.22 -11.10
N GLY J 294 -8.17 -7.07 -11.29
CA GLY J 294 -9.61 -6.93 -11.26
C GLY J 294 -10.08 -6.33 -9.95
N THR J 295 -11.31 -5.81 -9.95
CA THR J 295 -11.82 -5.13 -8.77
C THR J 295 -12.14 -6.17 -7.71
N LEU J 296 -11.68 -5.93 -6.49
CA LEU J 296 -11.97 -6.86 -5.40
C LEU J 296 -13.46 -6.79 -5.07
N GLY J 297 -14.18 -7.90 -5.32
CA GLY J 297 -15.63 -7.87 -5.23
C GLY J 297 -16.18 -7.74 -3.82
N ASP J 298 -15.54 -8.42 -2.85
CA ASP J 298 -15.95 -8.33 -1.45
C ASP J 298 -14.83 -7.66 -0.67
N PRO J 299 -14.85 -6.34 -0.54
CA PRO J 299 -13.75 -5.66 0.15
C PRO J 299 -13.64 -6.05 1.61
N VAL J 300 -12.42 -6.00 2.12
CA VAL J 300 -12.13 -6.41 3.49
C VAL J 300 -12.87 -5.45 4.42
N PRO J 301 -13.74 -5.95 5.30
CA PRO J 301 -14.46 -5.07 6.22
C PRO J 301 -13.52 -4.31 7.15
N GLY J 302 -13.96 -3.11 7.56
CA GLY J 302 -13.11 -2.20 8.30
C GLY J 302 -12.71 -2.66 9.68
N ASP J 303 -13.45 -3.60 10.26
CA ASP J 303 -13.07 -4.09 11.58
C ASP J 303 -11.88 -5.03 11.55
N LEU J 304 -11.33 -5.36 10.38
CA LEU J 304 -10.22 -6.29 10.29
C LEU J 304 -8.87 -5.62 10.11
N TYR J 305 -8.82 -4.29 10.03
CA TYR J 305 -7.53 -3.62 9.93
C TYR J 305 -7.69 -2.16 10.29
N ILE J 306 -6.57 -1.56 10.64
CA ILE J 306 -6.46 -0.12 10.81
C ILE J 306 -6.06 0.44 9.46
N GLN J 307 -6.86 1.35 8.93
CA GLN J 307 -6.58 1.87 7.60
C GLN J 307 -5.31 2.69 7.61
N GLY J 308 -4.64 2.73 6.47
CA GLY J 308 -3.44 3.52 6.35
C GLY J 308 -3.78 4.98 6.27
N SER J 309 -2.76 5.82 6.42
CA SER J 309 -3.02 7.24 6.49
C SER J 309 -3.31 7.76 5.09
N ASN J 310 -4.35 8.60 4.99
CA ASN J 310 -4.71 9.17 3.70
C ASN J 310 -3.61 10.10 3.24
N SER J 311 -3.07 10.89 4.18
CA SER J 311 -1.94 11.78 3.95
C SER J 311 -0.90 11.11 3.07
N GLY J 312 -0.32 11.88 2.15
CA GLY J 312 0.64 11.29 1.25
C GLY J 312 0.03 10.23 0.35
N ASN J 313 0.94 9.43 -0.22
CA ASN J 313 0.55 8.48 -1.25
C ASN J 313 0.91 7.06 -0.79
N THR J 314 0.42 6.66 0.39
CA THR J 314 0.95 5.48 1.05
C THR J 314 0.03 4.26 0.96
N ALA J 315 -1.17 4.33 1.53
CA ALA J 315 -1.99 3.11 1.70
C ALA J 315 -3.43 3.29 1.24
N THR J 316 -3.76 2.61 0.13
CA THR J 316 -5.12 2.29 -0.32
C THR J 316 -5.07 0.80 -0.60
N VAL J 317 -6.05 0.05 -0.07
CA VAL J 317 -5.85 -1.38 0.16
C VAL J 317 -5.60 -2.13 -1.15
N GLN J 318 -4.56 -2.96 -1.16
CA GLN J 318 -4.28 -3.85 -2.27
C GLN J 318 -5.24 -5.02 -2.27
N SER J 319 -5.36 -5.67 -3.43
CA SER J 319 -6.32 -6.76 -3.57
C SER J 319 -5.87 -7.96 -2.76
N SER J 320 -6.76 -8.45 -1.87
CA SER J 320 -6.55 -9.70 -1.16
C SER J 320 -7.30 -10.86 -1.80
N ALA J 321 -7.50 -10.80 -3.12
CA ALA J 321 -8.00 -11.94 -3.90
C ALA J 321 -6.79 -12.82 -4.23
N PHE J 322 -6.33 -13.57 -3.22
CA PHE J 322 -5.13 -14.36 -3.37
C PHE J 322 -5.42 -15.67 -4.11
N PHE J 323 -4.36 -16.24 -4.69
CA PHE J 323 -4.51 -17.58 -5.23
C PHE J 323 -3.17 -18.31 -5.28
N PRO J 324 -3.17 -19.60 -4.96
CA PRO J 324 -1.94 -20.39 -4.98
C PRO J 324 -1.69 -21.02 -6.33
N THR J 325 -0.41 -21.27 -6.59
CA THR J 325 -0.30 -22.25 -7.66
C THR J 325 -0.04 -23.62 -7.06
N PRO J 326 -0.59 -24.69 -7.64
CA PRO J 326 -0.37 -26.03 -7.09
C PRO J 326 0.96 -26.58 -7.59
N SER J 327 1.33 -27.73 -7.01
CA SER J 327 2.44 -28.53 -7.49
C SER J 327 2.24 -29.96 -7.02
N GLY J 328 2.41 -30.91 -7.92
CA GLY J 328 2.23 -32.31 -7.64
C GLY J 328 3.44 -33.01 -7.08
N SER J 329 4.57 -32.32 -6.93
CA SER J 329 5.80 -32.92 -6.40
C SER J 329 6.18 -34.13 -7.27
N MET J 330 6.91 -35.08 -6.69
CA MET J 330 7.47 -36.19 -7.48
C MET J 330 6.45 -37.23 -7.89
N VAL J 331 6.69 -37.84 -9.04
CA VAL J 331 6.07 -39.09 -9.47
C VAL J 331 7.10 -40.19 -9.27
N THR J 332 6.67 -41.32 -8.69
CA THR J 332 7.54 -42.43 -8.35
C THR J 332 6.90 -43.77 -8.72
N SER J 333 7.77 -44.76 -8.96
CA SER J 333 7.34 -46.13 -9.22
C SER J 333 6.63 -46.76 -8.03
N GLU J 334 7.13 -46.51 -6.82
CA GLU J 334 6.56 -47.14 -5.63
C GLU J 334 5.12 -46.68 -5.37
N SER J 335 4.66 -45.60 -6.00
CA SER J 335 3.31 -45.08 -5.81
C SER J 335 2.31 -45.57 -6.85
N GLN J 336 2.75 -46.31 -7.85
CA GLN J 336 1.88 -46.57 -8.97
C GLN J 336 0.72 -47.47 -8.57
N LEU J 337 -0.48 -47.10 -9.02
CA LEU J 337 -1.66 -47.92 -8.90
C LEU J 337 -1.82 -48.88 -10.07
N PHE J 338 -1.07 -48.67 -11.15
CA PHE J 338 -1.30 -49.38 -12.40
C PHE J 338 -0.18 -50.36 -12.64
N ASN J 339 -0.30 -51.09 -13.75
CA ASN J 339 0.66 -52.13 -14.14
C ASN J 339 0.81 -53.21 -13.06
N LYS J 340 -0.25 -53.44 -12.27
CA LYS J 340 -0.29 -54.52 -11.30
C LYS J 340 -1.72 -55.01 -11.17
N PRO J 341 -1.94 -56.30 -10.99
CA PRO J 341 -3.31 -56.83 -10.99
C PRO J 341 -4.05 -56.50 -9.71
N TYR J 342 -5.36 -56.34 -9.84
CA TYR J 342 -6.28 -56.16 -8.72
C TYR J 342 -7.38 -57.23 -8.84
N TRP J 343 -7.56 -58.00 -7.77
CA TRP J 343 -8.56 -59.07 -7.70
C TRP J 343 -9.73 -58.63 -6.83
N LEU J 344 -10.94 -58.68 -7.37
CA LEU J 344 -12.14 -58.38 -6.60
C LEU J 344 -12.48 -59.52 -5.67
N GLN J 345 -12.27 -59.34 -4.37
CA GLN J 345 -12.80 -60.34 -3.45
C GLN J 345 -14.25 -60.03 -3.08
N ARG J 346 -14.53 -58.78 -2.74
CA ARG J 346 -15.85 -58.36 -2.26
C ARG J 346 -16.06 -56.90 -2.62
N ALA J 347 -17.01 -56.65 -3.51
CA ALA J 347 -17.35 -55.28 -3.88
C ALA J 347 -17.95 -54.53 -2.70
N GLN J 348 -18.01 -53.20 -2.81
CA GLN J 348 -18.48 -52.40 -1.68
C GLN J 348 -19.98 -52.42 -1.52
N GLY J 349 -20.72 -52.56 -2.62
CA GLY J 349 -22.16 -52.55 -2.62
C GLY J 349 -22.78 -53.92 -2.78
N HIS J 350 -24.06 -53.93 -3.11
CA HIS J 350 -24.75 -55.21 -3.27
C HIS J 350 -24.44 -55.87 -4.59
N ASN J 351 -24.04 -55.10 -5.61
CA ASN J 351 -23.63 -55.69 -6.87
C ASN J 351 -22.19 -56.14 -6.72
N ASN J 352 -21.99 -57.44 -6.52
CA ASN J 352 -20.66 -57.97 -6.27
C ASN J 352 -19.96 -58.31 -7.60
N GLY J 353 -19.76 -57.26 -8.41
CA GLY J 353 -18.96 -57.41 -9.62
C GLY J 353 -19.70 -57.96 -10.82
N ILE J 354 -21.04 -57.98 -10.78
CA ILE J 354 -21.82 -58.53 -11.90
C ILE J 354 -21.92 -57.49 -13.01
N CYS J 355 -21.59 -57.90 -14.23
CA CYS J 355 -21.63 -57.00 -15.38
C CYS J 355 -22.98 -57.10 -16.09
N TRP J 356 -23.99 -56.50 -15.46
CA TRP J 356 -25.31 -56.43 -16.07
C TRP J 356 -25.21 -55.75 -17.43
N GLY J 357 -25.99 -56.24 -18.39
CA GLY J 357 -25.95 -55.71 -19.73
C GLY J 357 -24.72 -56.09 -20.50
N ASN J 358 -23.90 -57.01 -19.98
CA ASN J 358 -22.70 -57.48 -20.66
C ASN J 358 -21.75 -56.32 -20.97
N GLN J 359 -21.62 -55.40 -20.02
CA GLN J 359 -20.76 -54.25 -20.19
C GLN J 359 -20.14 -53.89 -18.85
N LEU J 360 -18.99 -53.21 -18.94
CA LEU J 360 -18.23 -52.80 -17.77
C LEU J 360 -17.60 -51.45 -18.05
N PHE J 361 -17.49 -50.61 -17.03
CA PHE J 361 -16.87 -49.30 -17.16
C PHE J 361 -15.60 -49.25 -16.33
N VAL J 362 -14.51 -48.82 -16.96
CA VAL J 362 -13.25 -48.61 -16.25
C VAL J 362 -12.90 -47.13 -16.37
N THR J 363 -12.85 -46.44 -15.24
CA THR J 363 -12.50 -45.03 -15.17
C THR J 363 -11.10 -44.91 -14.60
N VAL J 364 -10.24 -44.17 -15.29
CA VAL J 364 -8.84 -44.03 -14.93
C VAL J 364 -8.48 -42.57 -14.95
N VAL J 365 -7.77 -42.11 -13.93
CA VAL J 365 -6.99 -40.88 -14.01
C VAL J 365 -5.56 -41.21 -13.63
N ASP J 366 -4.61 -40.79 -14.47
CA ASP J 366 -3.19 -41.02 -14.22
C ASP J 366 -2.43 -39.79 -14.75
N THR J 367 -2.10 -38.86 -13.86
CA THR J 367 -1.28 -37.72 -14.20
C THR J 367 0.22 -37.99 -14.07
N THR J 368 0.62 -39.24 -13.78
CA THR J 368 2.03 -39.55 -13.55
C THR J 368 2.79 -39.84 -14.84
N ARG J 369 2.13 -39.76 -15.98
CA ARG J 369 2.76 -39.99 -17.27
C ARG J 369 2.41 -38.90 -18.25
N SER J 370 2.28 -37.68 -17.74
CA SER J 370 1.74 -36.52 -18.45
C SER J 370 2.80 -35.70 -19.17
N THR J 371 4.00 -36.24 -19.34
CA THR J 371 5.06 -35.56 -20.07
C THR J 371 4.55 -35.15 -21.43
N ASN J 372 4.71 -33.86 -21.74
CA ASN J 372 4.32 -33.29 -23.03
C ASN J 372 5.55 -33.13 -23.90
N MET J 373 5.52 -33.75 -25.07
CA MET J 373 6.66 -33.76 -25.96
C MET J 373 6.79 -32.42 -26.67
N THR J 374 8.03 -31.96 -26.79
CA THR J 374 8.36 -30.78 -27.58
C THR J 374 8.67 -31.24 -29.00
N LEU J 375 7.92 -30.73 -29.97
CA LEU J 375 8.16 -30.98 -31.37
C LEU J 375 8.57 -29.68 -32.05
N CYS J 376 9.56 -29.77 -32.93
CA CYS J 376 10.16 -28.60 -33.56
C CYS J 376 10.45 -28.90 -35.02
N ALA J 377 9.82 -28.17 -35.93
CA ALA J 377 10.01 -28.37 -37.37
C ALA J 377 10.70 -27.18 -38.01
N GLU J 378 11.47 -27.45 -39.06
CA GLU J 378 12.30 -26.45 -39.73
C GLU J 378 11.54 -25.79 -40.87
N VAL J 379 11.43 -24.46 -40.82
CA VAL J 379 10.74 -23.72 -41.89
C VAL J 379 11.69 -23.43 -43.05
N LYS J 380 12.89 -22.94 -42.75
CA LYS J 380 13.93 -22.71 -43.75
C LYS J 380 15.25 -23.24 -43.21
N LYS J 381 15.96 -24.00 -44.02
CA LYS J 381 17.28 -24.48 -43.63
C LYS J 381 18.32 -23.42 -43.93
N GLU J 382 19.03 -22.97 -42.91
CA GLU J 382 20.11 -22.00 -43.05
C GLU J 382 21.30 -22.48 -42.23
N SER J 383 22.48 -21.98 -42.59
CA SER J 383 23.71 -22.41 -41.93
C SER J 383 23.87 -21.83 -40.53
N THR J 384 23.04 -20.87 -40.14
CA THR J 384 23.10 -20.26 -38.82
C THR J 384 21.70 -20.24 -38.21
N TYR J 385 21.65 -20.09 -36.88
CA TYR J 385 20.39 -20.22 -36.17
C TYR J 385 19.58 -18.92 -36.24
N LYS J 386 18.29 -19.05 -36.54
CA LYS J 386 17.34 -17.94 -36.46
C LYS J 386 16.03 -18.47 -35.91
N ASN J 387 15.45 -17.77 -34.93
CA ASN J 387 14.18 -18.19 -34.34
C ASN J 387 13.07 -18.32 -35.40
N GLU J 388 13.05 -17.40 -36.37
CA GLU J 388 11.99 -17.41 -37.37
C GLU J 388 12.03 -18.63 -38.28
N ASN J 389 13.12 -19.40 -38.23
CA ASN J 389 13.26 -20.58 -39.07
C ASN J 389 12.60 -21.82 -38.48
N PHE J 390 12.01 -21.73 -37.29
CA PHE J 390 11.48 -22.92 -36.64
C PHE J 390 10.10 -22.66 -36.06
N LYS J 391 9.29 -23.69 -36.07
CA LYS J 391 8.00 -23.69 -35.40
C LYS J 391 8.01 -24.72 -34.28
N GLU J 392 7.40 -24.36 -33.16
CA GLU J 392 7.37 -25.18 -31.96
C GLU J 392 5.96 -25.73 -31.77
N TYR J 393 5.86 -27.03 -31.52
CA TYR J 393 4.59 -27.69 -31.28
C TYR J 393 4.65 -28.48 -29.97
N LEU J 394 3.47 -28.83 -29.45
CA LEU J 394 3.35 -29.67 -28.27
C LEU J 394 2.44 -30.83 -28.59
N ARG J 395 2.86 -32.04 -28.23
CA ARG J 395 2.03 -33.23 -28.39
C ARG J 395 2.15 -34.11 -27.16
N HIS J 396 1.07 -34.82 -26.84
CA HIS J 396 1.06 -35.75 -25.72
C HIS J 396 0.48 -37.10 -26.13
N GLY J 397 1.05 -38.17 -25.58
CA GLY J 397 0.60 -39.53 -25.90
C GLY J 397 0.27 -40.33 -24.66
N GLU J 398 -0.81 -41.09 -24.75
CA GLU J 398 -1.26 -41.96 -23.67
C GLU J 398 -1.34 -43.40 -24.18
N GLU J 399 -0.80 -44.34 -23.40
CA GLU J 399 -0.79 -45.75 -23.80
C GLU J 399 -1.43 -46.61 -22.72
N PHE J 400 -2.39 -47.43 -23.12
CA PHE J 400 -3.10 -48.33 -22.21
C PHE J 400 -3.05 -49.75 -22.74
N ASP J 401 -3.28 -50.69 -21.82
CA ASP J 401 -3.55 -52.08 -22.16
C ASP J 401 -4.41 -52.62 -21.04
N LEU J 402 -5.69 -52.84 -21.34
CA LEU J 402 -6.64 -53.32 -20.33
C LEU J 402 -6.72 -54.84 -20.43
N GLN J 403 -6.47 -55.51 -19.31
CA GLN J 403 -6.59 -56.96 -19.18
C GLN J 403 -7.60 -57.30 -18.10
N PHE J 404 -8.45 -58.28 -18.38
CA PHE J 404 -9.54 -58.66 -17.50
C PHE J 404 -9.62 -60.17 -17.36
N ILE J 405 -10.20 -60.59 -16.24
CA ILE J 405 -10.59 -61.98 -16.04
C ILE J 405 -12.02 -62.01 -15.56
N PHE J 406 -12.88 -62.70 -16.28
CA PHE J 406 -14.29 -62.78 -16.00
C PHE J 406 -14.67 -64.19 -15.55
N GLN J 407 -15.63 -64.26 -14.64
CA GLN J 407 -16.16 -65.51 -14.12
C GLN J 407 -17.57 -65.69 -14.63
N LEU J 408 -17.83 -66.84 -15.24
CA LEU J 408 -19.14 -67.12 -15.78
C LEU J 408 -20.13 -67.42 -14.65
N CYS J 409 -21.32 -66.83 -14.71
CA CYS J 409 -22.33 -66.96 -13.67
C CYS J 409 -23.68 -67.32 -14.26
N LYS J 410 -24.49 -68.00 -13.47
CA LYS J 410 -25.83 -68.39 -13.89
C LYS J 410 -26.84 -67.93 -12.86
N ILE J 411 -28.04 -67.62 -13.33
CA ILE J 411 -29.11 -67.09 -12.49
C ILE J 411 -30.36 -67.92 -12.73
N THR J 412 -30.86 -68.55 -11.68
CA THR J 412 -32.09 -69.31 -11.77
C THR J 412 -33.27 -68.35 -11.72
N LEU J 413 -34.10 -68.36 -12.76
CA LEU J 413 -35.14 -67.35 -12.90
C LEU J 413 -36.45 -67.84 -12.27
N THR J 414 -36.46 -67.93 -10.95
CA THR J 414 -37.69 -68.23 -10.24
C THR J 414 -38.57 -66.98 -10.23
N ALA J 415 -39.78 -67.12 -9.67
CA ALA J 415 -40.72 -66.01 -9.64
C ALA J 415 -40.18 -64.87 -8.78
N ASP J 416 -39.66 -65.20 -7.60
CA ASP J 416 -39.14 -64.17 -6.70
C ASP J 416 -37.93 -63.46 -7.31
N VAL J 417 -37.02 -64.21 -7.93
CA VAL J 417 -35.83 -63.60 -8.55
C VAL J 417 -36.24 -62.73 -9.74
N MET J 418 -37.18 -63.21 -10.57
CA MET J 418 -37.64 -62.40 -11.70
C MET J 418 -38.32 -61.12 -11.24
N THR J 419 -39.05 -61.18 -10.12
CA THR J 419 -39.66 -59.98 -9.59
C THR J 419 -38.59 -58.99 -9.14
N TYR J 420 -37.55 -59.49 -8.46
CA TYR J 420 -36.49 -58.61 -7.99
C TYR J 420 -35.71 -57.97 -9.14
N ILE J 421 -35.32 -58.76 -10.14
CA ILE J 421 -34.56 -58.24 -11.28
C ILE J 421 -35.39 -57.25 -12.08
N HIS J 422 -36.70 -57.48 -12.17
CA HIS J 422 -37.55 -56.55 -12.91
C HIS J 422 -37.62 -55.19 -12.23
N LYS J 423 -37.68 -55.19 -10.90
CA LYS J 423 -37.67 -53.95 -10.14
C LYS J 423 -36.33 -53.22 -10.25
N MET J 424 -35.23 -53.98 -10.27
CA MET J 424 -33.90 -53.40 -10.35
C MET J 424 -33.63 -52.76 -11.70
N ASP J 425 -33.79 -53.55 -12.78
CA ASP J 425 -33.50 -53.06 -14.14
C ASP J 425 -34.22 -53.99 -15.12
N ALA J 426 -35.35 -53.52 -15.63
CA ALA J 426 -36.20 -54.34 -16.49
C ALA J 426 -35.51 -54.74 -17.79
N THR J 427 -34.56 -53.94 -18.26
CA THR J 427 -33.91 -54.29 -19.52
C THR J 427 -33.12 -55.59 -19.42
N ILE J 428 -32.76 -56.01 -18.21
CA ILE J 428 -32.00 -57.25 -18.03
C ILE J 428 -32.83 -58.46 -18.44
N LEU J 429 -34.07 -58.55 -17.95
CA LEU J 429 -34.92 -59.67 -18.35
C LEU J 429 -35.31 -59.57 -19.82
N GLU J 430 -35.56 -58.35 -20.31
CA GLU J 430 -35.99 -58.17 -21.70
C GLU J 430 -34.90 -58.61 -22.68
N ASP J 431 -33.62 -58.29 -22.39
CA ASP J 431 -32.54 -58.72 -23.29
C ASP J 431 -32.35 -60.22 -23.26
N TRP J 432 -32.72 -60.87 -22.16
CA TRP J 432 -32.64 -62.32 -22.06
C TRP J 432 -33.72 -63.02 -22.86
N GLN J 433 -34.70 -62.26 -23.37
CA GLN J 433 -35.88 -62.81 -24.04
C GLN J 433 -36.63 -63.72 -23.06
N PHE J 434 -37.02 -63.15 -21.94
CA PHE J 434 -37.66 -63.96 -20.92
C PHE J 434 -38.83 -63.23 -20.24
N ASP J 469 -28.65 -48.03 -23.83
CA ASP J 469 -29.42 -47.16 -24.71
C ASP J 469 -29.43 -45.69 -24.23
N PRO J 470 -29.74 -45.42 -22.96
CA PRO J 470 -29.73 -44.01 -22.51
C PRO J 470 -28.34 -43.40 -22.47
N LEU J 471 -27.29 -44.21 -22.57
CA LEU J 471 -25.91 -43.74 -22.55
C LEU J 471 -25.42 -43.29 -23.92
N LYS J 472 -26.31 -43.19 -24.90
CA LYS J 472 -25.95 -42.86 -26.27
C LYS J 472 -25.67 -41.37 -26.50
N ASP J 473 -25.94 -40.50 -25.52
CA ASP J 473 -25.49 -39.11 -25.56
C ASP J 473 -24.12 -38.86 -24.95
N TYR J 474 -23.52 -39.82 -24.25
CA TYR J 474 -22.27 -39.60 -23.55
C TYR J 474 -21.08 -40.10 -24.38
N MET J 475 -19.91 -39.57 -24.05
CA MET J 475 -18.67 -39.87 -24.76
C MET J 475 -17.83 -40.84 -23.91
N PHE J 476 -17.56 -42.02 -24.46
CA PHE J 476 -16.73 -43.00 -23.79
C PHE J 476 -15.72 -43.55 -24.79
N TRP J 477 -14.59 -44.01 -24.29
CA TRP J 477 -13.64 -44.74 -25.12
C TRP J 477 -14.13 -46.18 -25.24
N GLU J 478 -14.71 -46.52 -26.38
CA GLU J 478 -15.30 -47.83 -26.60
C GLU J 478 -14.21 -48.89 -26.80
N VAL J 479 -14.28 -49.96 -26.01
CA VAL J 479 -13.38 -51.10 -26.09
C VAL J 479 -14.25 -52.33 -26.33
N ASP J 480 -14.18 -52.89 -27.54
CA ASP J 480 -15.02 -54.02 -27.93
C ASP J 480 -14.28 -55.32 -27.62
N LEU J 481 -14.80 -56.10 -26.69
CA LEU J 481 -14.21 -57.38 -26.33
C LEU J 481 -15.07 -58.56 -26.77
N LYS J 482 -16.06 -58.31 -27.63
CA LYS J 482 -16.93 -59.39 -28.11
C LYS J 482 -16.15 -60.54 -28.71
N GLU J 483 -15.15 -60.25 -29.54
CA GLU J 483 -14.36 -61.27 -30.19
C GLU J 483 -13.03 -61.49 -29.49
N LYS J 484 -12.89 -61.08 -28.23
CA LYS J 484 -11.60 -61.13 -27.53
C LYS J 484 -11.60 -62.06 -26.32
N PHE J 485 -12.66 -62.81 -26.08
CA PHE J 485 -12.66 -63.73 -24.95
C PHE J 485 -11.94 -65.02 -25.27
N SER J 486 -11.18 -65.53 -24.30
CA SER J 486 -10.48 -66.80 -24.49
C SER J 486 -10.55 -67.61 -23.21
N ALA J 487 -10.70 -68.92 -23.36
CA ALA J 487 -10.76 -69.81 -22.20
C ALA J 487 -9.42 -70.38 -21.78
N ASP J 488 -8.37 -70.28 -22.61
CA ASP J 488 -7.06 -70.80 -22.26
C ASP J 488 -6.27 -69.71 -21.55
N LEU J 489 -6.43 -69.66 -20.23
CA LEU J 489 -5.97 -68.53 -19.45
C LEU J 489 -4.46 -68.31 -19.54
N ASP J 490 -3.67 -69.39 -19.52
CA ASP J 490 -2.24 -69.18 -19.36
C ASP J 490 -1.55 -68.69 -20.63
N GLN J 491 -2.28 -68.46 -21.73
CA GLN J 491 -1.64 -67.85 -22.89
C GLN J 491 -1.42 -66.35 -22.72
N PHE J 492 -1.87 -65.77 -21.62
CA PHE J 492 -1.92 -64.32 -21.48
C PHE J 492 -1.35 -63.89 -20.14
N PRO J 493 -0.79 -62.68 -20.06
CA PRO J 493 -0.14 -62.26 -18.80
C PRO J 493 -1.07 -62.28 -17.60
N LEU J 494 -2.21 -61.60 -17.68
CA LEU J 494 -3.08 -61.56 -16.50
C LEU J 494 -3.71 -62.92 -16.20
N GLY J 495 -3.50 -63.92 -17.06
CA GLY J 495 -4.18 -65.17 -16.84
C GLY J 495 -3.22 -66.10 -16.13
N ARG J 496 -1.93 -66.01 -16.47
CA ARG J 496 -0.90 -66.68 -15.71
C ARG J 496 -0.89 -66.21 -14.26
N LYS J 497 -1.06 -64.90 -14.05
CA LYS J 497 -1.12 -64.37 -12.70
C LYS J 497 -2.37 -64.86 -11.98
N PHE J 498 -3.47 -65.04 -12.71
CA PHE J 498 -4.69 -65.58 -12.08
C PHE J 498 -4.50 -67.04 -11.65
N LEU J 499 -3.90 -67.86 -12.51
CA LEU J 499 -3.70 -69.27 -12.16
C LEU J 499 -2.77 -69.47 -10.97
N LEU J 500 -2.00 -68.45 -10.58
CA LEU J 500 -1.14 -68.55 -9.41
C LEU J 500 -1.88 -68.15 -8.15
N GLN J 501 -2.60 -67.04 -8.20
CA GLN J 501 -3.32 -66.55 -7.05
C GLN J 501 -4.47 -67.50 -6.67
N ALA J 502 -5.01 -68.24 -7.65
CA ALA J 502 -6.02 -69.25 -7.33
C ALA J 502 -5.40 -70.49 -6.68
N GLY J 503 -4.17 -70.85 -7.06
CA GLY J 503 -3.50 -72.02 -6.51
C GLY J 503 -3.85 -73.30 -7.24
#